data_7LIH
#
_entry.id   7LIH
#
loop_
_entity.id
_entity.type
_entity.pdbx_description
1 polymer 'Capsid protein'
2 polymer 'E1 protein'
3 polymer 'E2 protein'
#
loop_
_entity_poly.entity_id
_entity_poly.type
_entity_poly.pdbx_seq_one_letter_code
_entity_poly.pdbx_strand_id
1 'polypeptide(L)'
;RERMCMKIEHDCIFEVKHEGKVTGYACLVGDKVMKPAHVPGVIDNADLARLSYKKSSKYDLECAQIPVAMKSDASKYTHE
KPEGHYNWHYGAVQYTGGRFTVPTGVGKPGDSGRPIFDNKGPVVAIVLGGANEGTRTALSVVTWNKDMVTKITPEGTVEW
;
F,A,B,C
2 'polypeptide(L)'
;YEHTAVIPNQVGFPYKAHVAREGYSPLTLQMQVVETSLEPTLNLEYITCDYKTKVPSPYVKCCGTAECRTQDKPEYKCAV
FTGVYPFMWGGAYCFCDSENTQMSEAYVERADVCKHDYAAAYRAHTASLRAKIKVTYGTVNQTVEAYVNGDHAVTLAGTK
FIFGPVSTAWTPFDTKIVVYKGEVYNQDFPPYGAGQPGRFGDIQSRTLDSKDLYANTGLKLARPAAGNIHVPYTQTPSGF
KTWQKDRDSPLNAKAPFGCTIQTNPVRAMNCAVGNIPVSMDIADSAFTRLTDAPIISELLCTVSTCTHSSDFGGVAVLSY
KVEKAGRCDVHSHSNVAVLQEVSIEAEGRSVIHFSTASAAPSFIVSVCSSRATCTAKCEPPKDHVVTYPANHNGITLPDL
SSTAMTWAQHLAGGVGLLIALAVLILVIVTCITLR
;
T,H,I,J
3 'polypeptide(L)'
;NAYKLTRPYVAYCADCGMGHSCHSPAMIENVQADATDGTLKIQFASQIGLTKTDTHDHTKIRYAEGHDIAEAARSTLKVH
SSSECAVTGTMGHFILAKCPPGEVISVSFVDSKNEQRTCRIAYHHEQRLIGRERFTVRPHHGIELPCTTYQLTTAETSEE
IDMHMPPDIPDRTILSQQSGNVKITVNGRTVKYSCSCGSKPSGTTTTDKTINSCTVDKCQAYVTSHTKWQFNSPFVPRAE
QAERKGKVHIPFPLINTTCRVPLAPEALVRSGKREATLSLHPIHPTLLSYRTLGREPVFDEQWITTQTEVTIPVPVEGVE
YRWGNHKPQRLWSQLTTEGRAHGWPHEIIEYYYGLHPTTTIVVVIRVSVVVLLSFAASVYMCVVARTKCLTPYALTPGAV
VPVTIGVLCC
;
M,D,E,G
#
# COMPACT_ATOMS: atom_id res chain seq x y z
N ARG A 1 -65.97 84.51 39.57
CA ARG A 1 -65.45 84.05 38.29
C ARG A 1 -64.60 82.81 38.46
N GLU A 2 -64.15 82.53 39.68
CA GLU A 2 -63.42 81.32 39.93
C GLU A 2 -64.25 80.30 40.68
N ARG A 3 -65.42 80.70 41.17
CA ARG A 3 -66.25 79.84 42.00
C ARG A 3 -66.92 78.73 41.19
N MET A 4 -66.92 78.84 39.87
CA MET A 4 -67.47 77.74 39.07
C MET A 4 -66.38 76.93 38.40
N CYS A 5 -65.18 77.48 38.28
CA CYS A 5 -64.22 76.88 37.36
C CYS A 5 -63.39 75.81 38.04
N MET A 6 -63.22 75.89 39.35
CA MET A 6 -62.06 75.29 39.99
C MET A 6 -62.18 73.78 40.08
N LYS A 7 -63.41 73.27 40.06
CA LYS A 7 -63.65 71.85 40.32
C LYS A 7 -63.30 71.03 39.10
N ILE A 8 -63.19 71.72 37.97
CA ILE A 8 -63.25 71.07 36.68
C ILE A 8 -61.90 70.44 36.34
N GLU A 9 -60.82 71.20 36.52
CA GLU A 9 -59.50 70.72 36.15
C GLU A 9 -59.04 69.60 37.06
N HIS A 10 -59.53 69.59 38.30
CA HIS A 10 -59.31 68.46 39.19
C HIS A 10 -59.95 67.20 38.65
N ASP A 11 -61.03 67.32 37.90
CA ASP A 11 -61.63 66.16 37.27
C ASP A 11 -61.00 65.83 35.94
N CYS A 12 -60.34 66.77 35.29
CA CYS A 12 -60.21 66.60 33.85
C CYS A 12 -58.79 66.87 33.37
N ILE A 13 -57.82 66.90 34.26
CA ILE A 13 -56.46 67.23 33.83
C ILE A 13 -55.51 66.15 34.29
N PHE A 14 -54.87 65.51 33.31
CA PHE A 14 -53.64 64.80 33.54
C PHE A 14 -52.55 65.60 32.83
N GLU A 15 -51.30 65.30 33.11
CA GLU A 15 -50.21 65.95 32.41
C GLU A 15 -49.20 64.92 31.95
N VAL A 16 -48.16 65.38 31.29
CA VAL A 16 -47.22 64.50 30.63
C VAL A 16 -45.95 64.46 31.46
N LYS A 17 -45.22 63.37 31.35
CA LYS A 17 -43.93 63.25 32.01
C LYS A 17 -42.90 62.73 31.04
N HIS A 18 -41.67 63.20 31.21
CA HIS A 18 -40.53 62.72 30.45
C HIS A 18 -39.30 62.86 31.31
N GLU A 19 -38.76 61.76 31.80
CA GLU A 19 -37.57 61.79 32.64
C GLU A 19 -37.89 62.40 34.00
N GLY A 20 -39.05 62.06 34.54
CA GLY A 20 -39.48 62.57 35.84
C GLY A 20 -39.49 64.08 35.88
N LYS A 21 -40.09 64.70 34.86
CA LYS A 21 -40.14 66.16 34.77
C LYS A 21 -41.30 66.61 33.89
N VAL A 22 -42.34 67.12 34.54
CA VAL A 22 -43.52 67.58 33.82
C VAL A 22 -43.19 68.76 32.91
N THR A 23 -43.89 68.85 31.78
CA THR A 23 -43.68 69.93 30.83
C THR A 23 -44.97 70.40 30.17
N GLY A 24 -45.84 69.45 29.83
CA GLY A 24 -47.10 69.77 29.20
C GLY A 24 -48.27 69.38 30.08
N TYR A 25 -49.44 69.35 29.47
CA TYR A 25 -50.69 68.96 30.11
C TYR A 25 -51.51 68.13 29.16
N ALA A 26 -52.62 67.58 29.66
CA ALA A 26 -53.45 66.71 28.85
C ALA A 26 -54.89 66.80 29.29
N CYS A 27 -55.80 66.76 28.32
CA CYS A 27 -57.21 66.82 28.63
C CYS A 27 -57.96 65.63 28.08
N LEU A 28 -59.19 65.52 28.54
CA LEU A 28 -60.10 64.43 28.29
C LEU A 28 -61.45 65.06 28.01
N VAL A 29 -61.82 65.07 26.74
CA VAL A 29 -62.95 65.85 26.27
C VAL A 29 -63.92 64.98 25.49
N GLY A 30 -65.18 64.96 25.92
CA GLY A 30 -66.20 64.28 25.15
C GLY A 30 -66.05 62.78 25.08
N ASP A 31 -65.54 62.33 23.95
CA ASP A 31 -65.32 60.91 23.71
C ASP A 31 -63.86 60.58 23.43
N LYS A 32 -63.04 61.57 23.11
CA LYS A 32 -61.69 61.34 22.66
C LYS A 32 -60.73 62.10 23.56
N VAL A 33 -59.61 61.47 23.89
CA VAL A 33 -58.68 62.06 24.83
C VAL A 33 -57.69 62.89 24.03
N MET A 34 -57.18 63.95 24.61
CA MET A 34 -56.51 64.95 23.82
C MET A 34 -55.07 65.14 24.27
N LYS A 35 -54.16 65.25 23.30
CA LYS A 35 -52.82 65.68 23.65
C LYS A 35 -52.20 66.52 22.54
N PRO A 36 -51.64 67.68 22.88
CA PRO A 36 -50.89 68.45 21.91
C PRO A 36 -49.51 67.87 21.72
N ALA A 37 -49.28 67.31 20.55
CA ALA A 37 -48.13 66.44 20.35
C ALA A 37 -46.80 67.17 20.25
N HIS A 38 -46.77 68.48 20.44
CA HIS A 38 -45.55 69.25 20.38
C HIS A 38 -44.52 68.80 21.39
N VAL A 39 -44.94 68.50 22.61
CA VAL A 39 -44.00 68.19 23.67
C VAL A 39 -43.75 66.69 23.69
N PRO A 40 -42.51 66.25 23.85
CA PRO A 40 -42.28 64.82 24.08
C PRO A 40 -42.64 64.43 25.49
N GLY A 41 -42.98 63.17 25.68
CA GLY A 41 -43.19 62.62 27.01
C GLY A 41 -44.20 61.51 27.03
N VAL A 42 -44.44 61.01 28.24
CA VAL A 42 -45.42 59.97 28.49
C VAL A 42 -46.44 60.53 29.49
N ILE A 43 -47.70 60.15 29.35
CA ILE A 43 -48.73 60.51 30.30
C ILE A 43 -48.43 59.84 31.64
N ASP A 44 -48.88 60.49 32.71
CA ASP A 44 -48.54 60.09 34.06
C ASP A 44 -49.61 59.16 34.62
N ASN A 45 -49.97 58.14 33.87
CA ASN A 45 -50.91 57.17 34.39
C ASN A 45 -50.44 55.81 33.92
N ALA A 46 -50.90 54.76 34.58
CA ALA A 46 -50.38 53.42 34.34
C ALA A 46 -50.82 52.92 32.98
N ASP A 47 -52.12 52.86 32.75
CA ASP A 47 -52.58 52.01 31.67
C ASP A 47 -52.78 52.71 30.34
N LEU A 48 -53.34 53.92 30.31
CA LEU A 48 -53.83 54.41 29.03
C LEU A 48 -52.73 54.92 28.13
N ALA A 49 -51.47 54.88 28.58
CA ALA A 49 -50.36 55.05 27.67
C ALA A 49 -50.18 53.87 26.73
N ARG A 50 -50.87 52.75 26.96
CA ARG A 50 -50.82 51.58 26.11
C ARG A 50 -51.73 51.68 24.91
N LEU A 51 -52.05 52.88 24.48
CA LEU A 51 -53.15 53.09 23.57
C LEU A 51 -52.67 53.42 22.17
N SER A 52 -53.61 53.36 21.24
CA SER A 52 -53.39 53.68 19.84
C SER A 52 -53.37 55.19 19.72
N TYR A 53 -52.60 55.68 18.79
CA TYR A 53 -52.53 57.12 18.55
C TYR A 53 -52.49 57.42 17.07
N LYS A 54 -53.10 58.53 16.69
CA LYS A 54 -53.17 58.88 15.27
C LYS A 54 -52.59 60.27 15.11
N LYS A 55 -51.52 60.38 14.34
CA LYS A 55 -50.78 61.62 14.36
C LYS A 55 -50.76 62.26 12.99
N SER A 56 -50.97 63.57 12.97
CA SER A 56 -50.69 64.36 11.78
C SER A 56 -49.90 65.57 12.23
N SER A 57 -48.72 65.75 11.68
CA SER A 57 -47.89 66.88 12.03
C SER A 57 -48.37 68.17 11.39
N LYS A 58 -49.33 68.08 10.49
CA LYS A 58 -49.94 69.24 9.90
C LYS A 58 -50.65 70.10 10.92
N TYR A 59 -51.24 69.49 11.93
CA TYR A 59 -51.88 70.26 12.97
C TYR A 59 -51.12 70.28 14.27
N ASP A 60 -50.25 69.30 14.50
CA ASP A 60 -49.56 69.06 15.79
C ASP A 60 -50.58 68.84 16.91
N LEU A 61 -51.42 67.83 16.69
CA LEU A 61 -52.37 67.41 17.71
C LEU A 61 -52.28 65.90 17.84
N GLU A 62 -52.94 65.36 18.86
CA GLU A 62 -52.95 63.91 19.01
C GLU A 62 -54.17 63.47 19.83
N CYS A 63 -54.89 62.49 19.32
CA CYS A 63 -56.03 61.94 20.04
C CYS A 63 -55.92 60.43 20.21
N ALA A 64 -56.78 59.95 21.09
CA ALA A 64 -57.10 58.54 21.22
C ALA A 64 -58.49 58.45 21.81
N GLN A 65 -58.98 57.24 21.92
CA GLN A 65 -60.33 57.04 22.42
C GLN A 65 -60.26 56.56 23.87
N ILE A 66 -61.17 57.04 24.69
CA ILE A 66 -61.12 56.72 26.12
C ILE A 66 -61.70 55.33 26.36
N PRO A 67 -61.01 54.46 27.07
CA PRO A 67 -61.62 53.19 27.47
C PRO A 67 -62.73 53.41 28.47
N VAL A 68 -63.63 52.43 28.55
CA VAL A 68 -64.97 52.68 29.09
C VAL A 68 -65.01 52.89 30.60
N ALA A 69 -63.89 52.80 31.29
CA ALA A 69 -63.92 52.90 32.74
C ALA A 69 -64.17 54.32 33.22
N MET A 70 -63.29 55.25 32.87
CA MET A 70 -63.42 56.64 33.28
C MET A 70 -63.92 57.49 32.11
N LYS A 71 -64.86 56.95 31.35
CA LYS A 71 -65.42 57.66 30.20
C LYS A 71 -66.39 58.75 30.64
N SER A 72 -66.98 58.58 31.82
CA SER A 72 -67.92 59.55 32.35
C SER A 72 -67.24 60.53 33.29
N ASP A 73 -66.16 61.16 32.81
CA ASP A 73 -65.42 62.12 33.61
C ASP A 73 -64.91 63.28 32.75
N ALA A 74 -65.50 63.44 31.58
CA ALA A 74 -65.10 64.51 30.67
C ALA A 74 -66.13 65.61 30.65
N SER A 75 -65.71 66.77 30.16
CA SER A 75 -66.55 67.94 30.26
C SER A 75 -67.54 67.98 29.12
N LYS A 76 -68.29 69.08 29.08
CA LYS A 76 -69.21 69.37 27.99
C LYS A 76 -68.56 70.38 27.07
N TYR A 77 -69.15 70.51 25.88
CA TYR A 77 -68.51 71.26 24.83
C TYR A 77 -69.54 71.68 23.80
N THR A 78 -69.27 72.79 23.12
CA THR A 78 -70.10 73.24 22.04
C THR A 78 -69.29 74.10 21.10
N HIS A 79 -69.97 74.65 20.11
CA HIS A 79 -69.29 75.39 19.06
C HIS A 79 -69.85 76.78 18.93
N GLU A 80 -70.91 77.06 19.66
CA GLU A 80 -71.54 78.36 19.60
C GLU A 80 -70.72 79.38 20.36
N LYS A 81 -70.27 80.38 19.66
CA LYS A 81 -69.34 81.27 20.33
C LYS A 81 -69.54 82.74 19.95
N PRO A 82 -70.41 83.41 20.63
CA PRO A 82 -70.50 84.86 20.46
C PRO A 82 -69.35 85.50 21.18
N GLU A 83 -69.09 86.77 20.91
CA GLU A 83 -67.95 87.45 21.48
C GLU A 83 -68.31 87.87 22.90
N GLY A 84 -67.32 87.92 23.77
CA GLY A 84 -67.57 88.30 25.15
C GLY A 84 -66.51 87.76 26.07
N HIS A 85 -66.80 87.83 27.36
CA HIS A 85 -65.82 87.41 28.36
C HIS A 85 -65.75 85.90 28.43
N TYR A 86 -64.54 85.41 28.64
CA TYR A 86 -64.32 84.00 28.89
C TYR A 86 -63.17 83.89 29.88
N ASN A 87 -62.89 82.68 30.30
CA ASN A 87 -62.12 82.47 31.52
C ASN A 87 -61.14 81.33 31.37
N TRP A 88 -60.11 81.33 32.20
CA TRP A 88 -59.09 80.30 32.13
C TRP A 88 -58.33 80.28 33.43
N HIS A 89 -57.25 79.48 33.45
CA HIS A 89 -56.53 79.16 34.66
C HIS A 89 -55.85 80.36 35.27
N TYR A 90 -55.60 81.39 34.49
CA TYR A 90 -55.02 82.59 35.07
C TYR A 90 -55.85 83.79 34.69
N GLY A 91 -57.14 83.70 34.90
CA GLY A 91 -57.93 84.89 34.85
C GLY A 91 -59.02 84.87 33.81
N ALA A 92 -59.30 86.04 33.24
CA ALA A 92 -60.42 86.20 32.34
C ALA A 92 -59.90 86.65 30.99
N VAL A 93 -60.41 86.05 29.93
CA VAL A 93 -59.93 86.36 28.59
C VAL A 93 -61.07 86.94 27.76
N GLN A 94 -60.71 87.85 26.88
CA GLN A 94 -61.66 88.52 26.03
C GLN A 94 -61.45 88.02 24.60
N TYR A 95 -62.52 88.02 23.82
CA TYR A 95 -62.46 87.50 22.46
C TYR A 95 -63.42 88.24 21.55
N THR A 96 -62.90 88.65 20.40
CA THR A 96 -63.71 89.17 19.31
C THR A 96 -62.90 89.13 18.03
N GLY A 97 -63.61 89.24 16.91
CA GLY A 97 -63.02 89.39 15.60
C GLY A 97 -62.14 88.24 15.18
N GLY A 98 -62.42 87.06 15.70
CA GLY A 98 -61.50 85.96 15.49
C GLY A 98 -60.19 86.13 16.21
N ARG A 99 -60.15 86.96 17.24
CA ARG A 99 -58.89 87.29 17.90
C ARG A 99 -59.08 87.18 19.40
N PHE A 100 -58.28 86.34 20.02
CA PHE A 100 -58.29 86.20 21.47
C PHE A 100 -57.24 87.08 22.11
N THR A 101 -57.55 87.63 23.28
CA THR A 101 -56.64 88.52 23.98
C THR A 101 -56.62 88.31 25.49
N VAL A 102 -55.47 88.58 26.08
CA VAL A 102 -55.25 88.67 27.52
C VAL A 102 -54.03 89.55 27.70
N PRO A 103 -53.92 90.30 28.79
CA PRO A 103 -52.74 91.15 28.95
C PRO A 103 -51.42 90.42 29.16
N THR A 104 -50.37 91.21 29.34
CA THR A 104 -49.00 90.81 29.01
C THR A 104 -48.45 89.72 29.90
N GLY A 105 -47.88 88.69 29.28
CA GLY A 105 -46.85 87.89 29.89
C GLY A 105 -47.27 87.03 31.06
N VAL A 106 -48.55 86.75 31.21
CA VAL A 106 -48.99 85.97 32.35
C VAL A 106 -49.00 84.50 31.97
N GLY A 107 -48.38 84.17 30.85
CA GLY A 107 -48.18 82.81 30.42
C GLY A 107 -46.73 82.53 30.13
N LYS A 108 -46.31 81.28 30.29
CA LYS A 108 -44.89 80.94 30.18
C LYS A 108 -44.68 79.83 29.17
N PRO A 109 -43.45 79.61 28.72
CA PRO A 109 -43.13 78.36 28.03
C PRO A 109 -43.19 77.20 29.01
N GLY A 110 -43.67 76.06 28.51
CA GLY A 110 -43.85 74.91 29.35
C GLY A 110 -45.28 74.88 29.87
N ASP A 111 -46.19 75.49 29.12
CA ASP A 111 -47.57 75.63 29.57
C ASP A 111 -48.61 75.30 28.51
N SER A 112 -48.33 74.41 27.59
CA SER A 112 -49.33 74.07 26.58
C SER A 112 -50.31 73.08 27.18
N GLY A 113 -51.58 73.22 26.84
CA GLY A 113 -52.53 72.23 27.25
C GLY A 113 -53.56 72.77 28.22
N ARG A 114 -53.87 74.01 28.08
CA ARG A 114 -54.78 74.64 29.02
C ARG A 114 -56.14 74.90 28.35
N PRO A 115 -57.18 74.21 28.75
CA PRO A 115 -58.49 74.43 28.15
C PRO A 115 -59.12 75.69 28.70
N ILE A 116 -60.03 76.25 27.92
CA ILE A 116 -60.64 77.54 28.21
C ILE A 116 -62.15 77.41 28.10
N PHE A 117 -62.88 78.16 28.91
CA PHE A 117 -64.29 77.91 29.11
C PHE A 117 -65.18 79.08 28.74
N ASP A 118 -66.45 78.92 29.08
CA ASP A 118 -67.48 79.94 29.00
C ASP A 118 -67.89 80.29 30.41
N ASN A 119 -69.01 80.99 30.53
CA ASN A 119 -69.62 81.10 31.83
C ASN A 119 -70.41 79.84 32.16
N LYS A 120 -71.26 79.39 31.24
CA LYS A 120 -72.33 78.49 31.67
C LYS A 120 -71.89 77.03 31.66
N GLY A 121 -70.60 76.78 31.42
CA GLY A 121 -70.07 75.49 31.78
C GLY A 121 -69.31 74.63 30.78
N PRO A 122 -69.74 74.52 29.49
CA PRO A 122 -68.98 73.68 28.56
C PRO A 122 -67.57 74.16 28.25
N VAL A 123 -66.73 73.25 27.80
CA VAL A 123 -65.35 73.63 27.49
C VAL A 123 -65.38 74.16 26.06
N VAL A 124 -64.39 74.96 25.71
CA VAL A 124 -64.46 75.65 24.43
C VAL A 124 -63.33 75.21 23.54
N ALA A 125 -62.10 75.51 23.93
CA ALA A 125 -60.96 75.29 23.04
C ALA A 125 -59.68 75.18 23.86
N ILE A 126 -58.55 75.23 23.17
CA ILE A 126 -57.29 74.73 23.71
C ILE A 126 -56.12 75.44 23.07
N VAL A 127 -55.13 75.80 23.90
CA VAL A 127 -54.11 76.80 23.61
C VAL A 127 -52.83 76.13 23.14
N LEU A 128 -51.95 76.87 22.46
CA LEU A 128 -50.66 76.30 22.07
C LEU A 128 -49.43 77.09 22.52
N GLY A 129 -49.38 78.39 22.25
CA GLY A 129 -48.20 79.20 22.53
C GLY A 129 -48.51 80.67 22.40
N GLY A 130 -47.51 81.55 22.49
CA GLY A 130 -47.77 82.97 22.64
C GLY A 130 -47.13 83.81 21.54
N ALA A 131 -47.41 85.11 21.60
CA ALA A 131 -46.93 86.06 20.60
C ALA A 131 -46.86 87.44 21.23
N ASN A 132 -45.78 88.16 20.95
CA ASN A 132 -45.55 89.46 21.57
C ASN A 132 -46.48 90.51 20.97
N GLU A 133 -46.79 91.52 21.78
CA GLU A 133 -47.91 92.38 21.48
C GLU A 133 -47.70 93.85 21.77
N GLY A 134 -46.76 94.18 22.66
CA GLY A 134 -46.87 95.42 23.41
C GLY A 134 -47.64 95.32 24.73
N THR A 135 -48.97 95.26 24.68
CA THR A 135 -49.77 95.31 25.90
C THR A 135 -50.63 94.08 26.15
N ARG A 136 -51.51 93.70 25.22
CA ARG A 136 -52.44 92.60 25.45
C ARG A 136 -52.19 91.52 24.43
N THR A 137 -51.94 90.31 24.91
CA THR A 137 -51.23 89.28 24.14
C THR A 137 -52.07 88.68 23.03
N ALA A 138 -51.38 88.03 22.11
CA ALA A 138 -51.98 87.19 21.09
C ALA A 138 -51.85 85.74 21.50
N LEU A 139 -52.79 84.94 21.05
CA LEU A 139 -52.86 83.56 21.47
C LEU A 139 -52.53 82.65 20.30
N SER A 140 -52.68 81.34 20.53
CA SER A 140 -52.48 80.36 19.48
C SER A 140 -53.32 79.15 19.86
N VAL A 141 -54.48 79.03 19.22
CA VAL A 141 -55.54 78.15 19.66
C VAL A 141 -55.98 77.33 18.44
N VAL A 142 -56.43 76.12 18.70
CA VAL A 142 -57.11 75.31 17.71
C VAL A 142 -58.56 75.13 18.17
N THR A 143 -59.50 75.19 17.23
CA THR A 143 -60.91 75.20 17.56
C THR A 143 -61.74 74.47 16.52
N TRP A 144 -63.06 74.64 16.64
CA TRP A 144 -64.02 73.78 15.97
C TRP A 144 -65.06 74.56 15.18
N ASN A 145 -65.51 73.94 14.08
CA ASN A 145 -66.68 74.41 13.36
C ASN A 145 -67.90 73.71 13.96
N LYS A 146 -69.03 73.76 13.28
CA LYS A 146 -70.06 72.75 13.48
C LYS A 146 -69.52 71.37 13.18
N ASP A 147 -68.65 71.27 12.17
CA ASP A 147 -68.22 69.96 11.73
C ASP A 147 -66.72 69.77 11.73
N MET A 148 -65.92 70.81 11.65
CA MET A 148 -64.53 70.54 11.38
C MET A 148 -63.66 71.18 12.47
N VAL A 149 -62.40 70.77 12.54
CA VAL A 149 -61.42 71.38 13.41
C VAL A 149 -60.68 72.41 12.58
N THR A 150 -60.08 73.39 13.23
CA THR A 150 -59.29 74.38 12.52
C THR A 150 -58.23 75.03 13.41
N LYS A 151 -57.08 75.26 12.82
CA LYS A 151 -56.01 76.00 13.45
C LYS A 151 -56.12 77.45 13.02
N ILE A 152 -55.74 78.36 13.90
CA ILE A 152 -55.43 79.72 13.52
C ILE A 152 -54.13 80.12 14.20
N THR A 153 -53.26 80.79 13.45
CA THR A 153 -51.91 81.08 13.90
C THR A 153 -51.56 82.47 13.42
N PRO A 154 -51.67 83.47 14.24
CA PRO A 154 -51.31 84.81 13.81
C PRO A 154 -49.81 84.99 13.74
N GLU A 155 -49.41 86.03 13.03
CA GLU A 155 -48.02 86.29 12.71
C GLU A 155 -47.21 86.58 13.96
N GLY A 156 -45.95 86.16 13.94
CA GLY A 156 -44.99 86.63 14.91
C GLY A 156 -45.18 85.97 16.24
N THR A 157 -45.30 84.65 16.22
CA THR A 157 -45.52 83.92 17.45
C THR A 157 -44.33 83.02 17.73
N VAL A 158 -44.35 82.47 18.93
CA VAL A 158 -43.38 81.47 19.37
C VAL A 158 -44.14 80.25 19.82
N GLU A 159 -43.72 79.09 19.34
CA GLU A 159 -44.34 77.88 19.78
C GLU A 159 -43.83 77.54 21.17
N TRP A 160 -44.69 77.73 22.16
CA TRP A 160 -44.44 77.16 23.46
C TRP A 160 -44.45 75.65 23.37
N TYR B 1 -19.95 60.36 -63.91
CA TYR B 1 -20.49 60.52 -62.58
C TYR B 1 -19.76 59.57 -61.65
N GLU B 2 -19.49 60.01 -60.43
CA GLU B 2 -18.68 59.27 -59.49
C GLU B 2 -19.49 58.86 -58.27
N HIS B 3 -19.05 57.80 -57.61
CA HIS B 3 -19.85 57.14 -56.58
C HIS B 3 -18.94 56.41 -55.61
N THR B 4 -19.45 56.12 -54.43
CA THR B 4 -18.72 55.36 -53.42
C THR B 4 -19.61 54.33 -52.75
N ALA B 5 -19.00 53.22 -52.32
CA ALA B 5 -19.74 52.13 -51.69
C ALA B 5 -18.78 51.28 -50.89
N VAL B 6 -19.34 50.31 -50.16
CA VAL B 6 -18.58 49.30 -49.41
C VAL B 6 -19.15 47.94 -49.70
N ILE B 7 -18.30 46.92 -49.79
CA ILE B 7 -18.77 45.56 -50.06
C ILE B 7 -18.21 44.59 -49.04
N PRO B 8 -18.98 43.57 -48.62
CA PRO B 8 -18.50 42.64 -47.60
C PRO B 8 -17.58 41.58 -48.19
N ASN B 9 -16.51 41.28 -47.46
CA ASN B 9 -15.47 40.36 -47.91
C ASN B 9 -15.85 38.96 -47.48
N GLN B 10 -16.62 38.28 -48.33
CA GLN B 10 -17.00 36.88 -48.09
C GLN B 10 -17.32 36.27 -49.44
N VAL B 11 -16.74 35.09 -49.71
CA VAL B 11 -16.79 34.53 -51.05
C VAL B 11 -18.20 34.07 -51.40
N GLY B 12 -18.64 34.34 -52.62
CA GLY B 12 -19.94 33.92 -53.09
C GLY B 12 -21.10 34.59 -52.38
N PHE B 13 -21.29 35.88 -52.60
CA PHE B 13 -22.29 36.63 -51.88
C PHE B 13 -22.70 37.82 -52.73
N PRO B 14 -23.99 38.07 -52.91
CA PRO B 14 -24.40 39.21 -53.73
C PRO B 14 -24.52 40.50 -52.92
N TYR B 15 -24.17 41.60 -53.58
CA TYR B 15 -24.33 42.93 -53.04
C TYR B 15 -24.57 43.87 -54.20
N LYS B 16 -25.39 44.89 -53.99
CA LYS B 16 -25.78 45.76 -55.08
C LYS B 16 -26.00 47.19 -54.61
N ALA B 17 -25.76 48.14 -55.52
CA ALA B 17 -25.83 49.56 -55.19
C ALA B 17 -26.29 50.34 -56.41
N HIS B 18 -26.54 51.64 -56.22
CA HIS B 18 -27.14 52.47 -57.23
C HIS B 18 -26.21 53.52 -57.81
N VAL B 19 -26.73 54.13 -58.88
CA VAL B 19 -26.66 55.57 -59.08
C VAL B 19 -28.07 56.04 -59.36
N ALA B 20 -28.37 57.27 -58.97
CA ALA B 20 -29.62 57.94 -59.33
C ALA B 20 -29.22 59.34 -59.78
N ARG B 21 -29.07 59.54 -61.09
CA ARG B 21 -28.25 60.64 -61.57
C ARG B 21 -28.99 61.97 -61.48
N GLU B 22 -29.88 62.21 -62.44
CA GLU B 22 -31.01 63.13 -62.50
C GLU B 22 -31.56 62.97 -63.90
N GLY B 23 -32.86 63.15 -64.09
CA GLY B 23 -33.41 63.02 -65.43
C GLY B 23 -33.51 61.61 -65.99
N TYR B 24 -32.38 60.91 -66.03
CA TYR B 24 -32.26 59.60 -66.63
C TYR B 24 -32.93 58.54 -65.76
N SER B 25 -33.02 57.33 -66.30
CA SER B 25 -33.52 56.21 -65.54
C SER B 25 -32.45 55.79 -64.53
N PRO B 26 -32.86 55.14 -63.43
CA PRO B 26 -31.86 54.64 -62.46
C PRO B 26 -31.03 53.51 -63.03
N LEU B 27 -29.95 53.18 -62.31
CA LEU B 27 -29.03 52.14 -62.74
C LEU B 27 -28.51 51.41 -61.50
N THR B 28 -28.54 50.08 -61.55
CA THR B 28 -28.17 49.22 -60.43
C THR B 28 -27.01 48.32 -60.80
N LEU B 29 -25.95 48.39 -60.01
CA LEU B 29 -24.73 47.61 -60.19
C LEU B 29 -24.73 46.50 -59.16
N GLN B 30 -24.14 45.34 -59.51
CA GLN B 30 -23.86 44.39 -58.45
C GLN B 30 -22.39 43.98 -58.49
N MET B 31 -21.86 43.70 -57.30
CA MET B 31 -20.45 43.46 -57.05
C MET B 31 -20.35 42.14 -56.32
N GLN B 32 -19.44 41.27 -56.73
CA GLN B 32 -19.33 39.97 -56.09
C GLN B 32 -17.91 39.45 -56.17
N VAL B 33 -17.35 39.06 -55.03
CA VAL B 33 -15.94 38.66 -54.98
C VAL B 33 -15.86 37.15 -55.13
N VAL B 34 -14.81 36.67 -55.81
CA VAL B 34 -14.64 35.25 -56.04
C VAL B 34 -13.36 34.71 -55.41
N GLU B 35 -12.34 35.54 -55.22
CA GLU B 35 -11.10 35.07 -54.64
C GLU B 35 -10.47 36.19 -53.82
N THR B 36 -9.69 35.81 -52.81
CA THR B 36 -9.01 36.80 -51.97
C THR B 36 -7.71 36.17 -51.48
N SER B 37 -6.59 36.64 -52.00
CA SER B 37 -5.31 36.15 -51.52
C SER B 37 -4.87 36.97 -50.30
N LEU B 38 -3.65 36.69 -49.84
CA LEU B 38 -2.96 37.51 -48.83
C LEU B 38 -1.48 37.13 -48.90
N GLU B 39 -0.61 38.11 -48.71
CA GLU B 39 0.80 37.83 -48.92
C GLU B 39 1.69 38.67 -48.02
N PRO B 40 2.50 38.06 -47.17
CA PRO B 40 3.45 38.80 -46.35
C PRO B 40 4.80 38.94 -47.07
N THR B 41 5.69 39.67 -46.41
CA THR B 41 7.05 39.85 -46.90
C THR B 41 8.03 39.10 -46.01
N LEU B 42 9.07 38.53 -46.62
CA LEU B 42 9.98 37.66 -45.91
C LEU B 42 11.42 38.11 -46.12
N ASN B 43 12.30 37.64 -45.23
CA ASN B 43 13.74 37.69 -45.43
C ASN B 43 14.37 36.56 -44.64
N LEU B 44 15.28 35.84 -45.28
CA LEU B 44 15.77 34.59 -44.73
C LEU B 44 16.76 34.84 -43.61
N GLU B 45 16.84 33.91 -42.67
CA GLU B 45 17.80 34.17 -41.59
C GLU B 45 18.78 33.03 -41.38
N TYR B 46 18.34 31.77 -41.45
CA TYR B 46 19.22 30.61 -41.63
C TYR B 46 18.39 29.42 -42.08
N ILE B 47 19.08 28.30 -42.31
CA ILE B 47 18.46 27.02 -42.63
C ILE B 47 18.98 25.96 -41.67
N THR B 48 18.46 24.75 -41.79
CA THR B 48 19.07 23.59 -41.14
C THR B 48 18.80 22.35 -41.97
N CYS B 49 19.68 21.36 -41.85
CA CYS B 49 19.46 20.07 -42.49
C CYS B 49 20.21 19.01 -41.70
N ASP B 50 20.10 17.77 -42.17
CA ASP B 50 20.71 16.63 -41.51
C ASP B 50 22.22 16.62 -41.79
N TYR B 51 22.97 15.96 -40.92
CA TYR B 51 24.43 15.92 -41.08
C TYR B 51 24.92 14.48 -41.08
N LYS B 52 26.24 14.34 -41.20
CA LYS B 52 26.92 13.07 -41.33
C LYS B 52 28.36 13.25 -40.85
N THR B 53 28.91 12.21 -40.24
CA THR B 53 30.27 12.26 -39.72
C THR B 53 31.25 11.59 -40.67
N LYS B 54 32.53 11.85 -40.45
CA LYS B 54 33.59 11.18 -41.18
C LYS B 54 34.74 10.84 -40.23
N VAL B 55 35.25 9.62 -40.38
CA VAL B 55 36.35 9.08 -39.56
C VAL B 55 37.46 8.55 -40.47
N PRO B 56 38.28 9.40 -41.05
CA PRO B 56 39.21 8.93 -42.08
C PRO B 56 40.44 8.17 -41.59
N SER B 57 40.32 6.85 -41.43
CA SER B 57 41.42 5.88 -41.47
C SER B 57 42.58 6.14 -40.52
N PRO B 58 42.50 5.69 -39.27
CA PRO B 58 43.44 6.13 -38.23
C PRO B 58 44.86 5.66 -38.50
N TYR B 59 45.79 6.30 -37.82
CA TYR B 59 47.21 6.21 -38.12
C TYR B 59 47.95 5.44 -37.06
N VAL B 60 48.74 4.45 -37.48
CA VAL B 60 49.69 3.75 -36.62
C VAL B 60 51.08 3.88 -37.21
N LYS B 61 52.04 4.19 -36.34
CA LYS B 61 53.44 3.93 -36.60
C LYS B 61 54.02 3.52 -35.26
N CYS B 62 54.90 2.53 -35.28
CA CYS B 62 55.30 1.86 -34.06
C CYS B 62 56.79 2.00 -33.80
N CYS B 63 57.12 1.91 -32.51
CA CYS B 63 58.35 2.43 -31.88
C CYS B 63 58.78 3.76 -32.48
N GLY B 64 57.85 4.71 -32.38
CA GLY B 64 58.00 6.13 -32.69
C GLY B 64 56.68 6.77 -32.36
N THR B 65 56.66 7.89 -31.63
CA THR B 65 55.45 8.18 -30.85
C THR B 65 54.33 8.80 -31.68
N ALA B 66 54.39 10.11 -31.96
CA ALA B 66 53.35 10.84 -32.69
C ALA B 66 53.66 12.32 -32.77
N GLU B 67 52.89 13.04 -33.60
CA GLU B 67 52.24 14.31 -33.28
C GLU B 67 51.24 14.65 -34.39
N CYS B 68 50.01 14.99 -34.02
CA CYS B 68 49.06 15.43 -35.02
C CYS B 68 49.03 16.96 -35.08
N ARG B 69 48.54 17.46 -36.22
CA ARG B 69 48.51 18.89 -36.50
C ARG B 69 47.07 19.35 -36.56
N THR B 70 46.83 20.62 -36.27
CA THR B 70 45.50 21.18 -36.40
C THR B 70 45.26 21.64 -37.83
N GLN B 71 43.97 21.81 -38.16
CA GLN B 71 43.57 22.29 -39.47
C GLN B 71 42.16 22.86 -39.40
N ASP B 72 41.85 23.73 -40.35
CA ASP B 72 40.60 24.48 -40.35
C ASP B 72 39.48 23.65 -40.98
N LYS B 73 38.48 23.30 -40.16
CA LYS B 73 37.25 22.60 -40.52
C LYS B 73 36.39 22.63 -39.25
N PRO B 74 35.06 22.68 -39.34
CA PRO B 74 34.25 22.79 -38.11
C PRO B 74 34.28 21.51 -37.28
N GLU B 75 34.57 21.67 -35.99
CA GLU B 75 34.56 20.61 -34.98
C GLU B 75 35.58 19.52 -35.31
N TYR B 76 36.83 19.92 -35.38
CA TYR B 76 37.92 18.96 -35.55
C TYR B 76 38.50 18.63 -34.19
N LYS B 77 38.60 17.34 -33.88
CA LYS B 77 39.22 16.93 -32.62
C LYS B 77 40.17 15.77 -32.89
N CYS B 78 41.42 15.94 -32.49
CA CYS B 78 42.45 14.91 -32.59
C CYS B 78 42.83 14.42 -31.20
N ALA B 79 43.34 13.19 -31.14
CA ALA B 79 43.70 12.60 -29.86
C ALA B 79 45.00 11.81 -30.03
N VAL B 80 45.50 11.28 -28.90
CA VAL B 80 46.77 10.56 -28.87
C VAL B 80 46.76 9.57 -27.70
N PHE B 81 47.02 8.30 -28.00
CA PHE B 81 46.81 7.20 -27.06
C PHE B 81 48.08 6.37 -26.99
N THR B 82 48.55 6.10 -25.78
CA THR B 82 49.80 5.38 -25.59
C THR B 82 49.57 3.95 -25.12
N GLY B 83 50.50 3.06 -25.46
CA GLY B 83 50.46 1.69 -25.00
C GLY B 83 49.51 0.78 -25.74
N VAL B 84 49.30 1.00 -27.02
CA VAL B 84 48.37 0.20 -27.80
C VAL B 84 49.14 -0.94 -28.46
N TYR B 85 48.53 -2.12 -28.52
CA TYR B 85 49.12 -3.27 -29.19
C TYR B 85 48.03 -3.94 -30.01
N PRO B 86 47.93 -3.60 -31.30
CA PRO B 86 46.91 -4.21 -32.14
C PRO B 86 47.26 -5.64 -32.51
N PHE B 87 46.30 -6.29 -33.15
CA PHE B 87 46.49 -7.66 -33.63
C PHE B 87 45.59 -7.83 -34.85
N MET B 88 46.17 -7.64 -36.02
CA MET B 88 45.42 -7.52 -37.26
C MET B 88 45.16 -8.94 -37.78
N TRP B 89 44.75 -9.06 -39.05
CA TRP B 89 44.25 -10.32 -39.59
C TRP B 89 45.33 -11.38 -39.69
N GLY B 90 46.46 -11.06 -40.34
CA GLY B 90 47.44 -12.08 -40.67
C GLY B 90 48.20 -12.60 -39.46
N GLY B 91 48.64 -11.69 -38.59
CA GLY B 91 49.33 -12.08 -37.37
C GLY B 91 49.40 -10.88 -36.44
N ALA B 92 50.48 -10.75 -35.70
CA ALA B 92 50.67 -9.53 -34.93
C ALA B 92 51.33 -8.49 -35.83
N TYR B 93 50.86 -7.23 -35.72
CA TYR B 93 51.17 -6.19 -36.68
C TYR B 93 52.63 -5.76 -36.60
N CYS B 94 53.03 -5.12 -35.49
CA CYS B 94 54.45 -4.84 -35.28
C CYS B 94 54.79 -4.90 -33.80
N PHE B 95 56.09 -5.07 -33.51
CA PHE B 95 56.53 -5.71 -32.27
C PHE B 95 57.22 -4.79 -31.28
N CYS B 96 57.25 -3.48 -31.50
CA CYS B 96 57.85 -2.56 -30.54
C CYS B 96 56.86 -2.33 -29.39
N ASP B 97 56.78 -3.34 -28.52
CA ASP B 97 55.54 -3.66 -27.80
C ASP B 97 55.13 -2.58 -26.80
N SER B 98 56.07 -2.11 -25.98
CA SER B 98 55.71 -1.19 -24.91
C SER B 98 55.45 0.21 -25.44
N GLU B 99 56.37 0.75 -26.22
CA GLU B 99 56.28 2.13 -26.70
C GLU B 99 55.61 2.12 -28.07
N ASN B 100 54.28 2.10 -28.07
CA ASN B 100 53.50 2.38 -29.26
C ASN B 100 52.48 3.44 -28.95
N THR B 101 52.17 4.25 -29.97
CA THR B 101 51.27 5.38 -29.80
C THR B 101 50.39 5.43 -31.05
N GLN B 102 49.20 6.01 -30.91
CA GLN B 102 48.22 5.99 -32.00
C GLN B 102 47.33 7.22 -31.90
N MET B 103 46.97 7.79 -33.05
CA MET B 103 46.17 9.02 -33.08
C MET B 103 44.82 8.74 -33.72
N SER B 104 43.90 9.69 -33.54
CA SER B 104 42.56 9.59 -34.10
C SER B 104 42.01 10.99 -34.33
N GLU B 105 41.22 11.12 -35.41
CA GLU B 105 40.52 12.36 -35.70
C GLU B 105 39.23 12.03 -36.43
N ALA B 106 38.31 12.98 -36.43
CA ALA B 106 37.00 12.85 -37.06
C ALA B 106 36.40 14.24 -37.20
N TYR B 107 35.43 14.38 -38.11
CA TYR B 107 34.71 15.65 -38.17
C TYR B 107 33.28 15.45 -38.66
N VAL B 108 32.58 16.58 -38.78
CA VAL B 108 31.14 16.63 -39.06
C VAL B 108 30.90 17.51 -40.28
N GLU B 109 30.07 17.03 -41.20
CA GLU B 109 29.72 17.81 -42.38
C GLU B 109 28.27 17.55 -42.73
N ARG B 110 27.78 18.31 -43.70
CA ARG B 110 26.39 18.15 -44.11
C ARG B 110 26.25 16.96 -45.06
N ALA B 111 25.03 16.41 -45.09
CA ALA B 111 24.79 15.15 -45.79
C ALA B 111 24.63 15.40 -47.28
N ASP B 112 24.21 14.37 -48.00
CA ASP B 112 24.09 14.45 -49.44
C ASP B 112 22.69 14.81 -49.90
N VAL B 113 21.71 14.86 -48.99
CA VAL B 113 20.33 15.11 -49.37
C VAL B 113 19.85 16.47 -48.89
N CYS B 114 20.78 17.39 -48.56
CA CYS B 114 20.35 18.70 -48.11
C CYS B 114 19.78 19.54 -49.25
N LYS B 115 20.26 19.34 -50.48
CA LYS B 115 19.76 20.20 -51.55
C LYS B 115 18.45 19.70 -52.16
N HIS B 116 17.81 18.70 -51.57
CA HIS B 116 16.41 18.43 -51.81
C HIS B 116 15.56 18.53 -50.55
N ASP B 117 16.16 18.52 -49.37
CA ASP B 117 15.44 18.37 -48.11
C ASP B 117 16.09 19.31 -47.10
N TYR B 118 15.36 20.33 -46.68
CA TYR B 118 15.82 21.24 -45.65
C TYR B 118 14.61 21.87 -44.99
N ALA B 119 14.87 22.65 -43.95
CA ALA B 119 13.81 23.30 -43.19
C ALA B 119 14.32 24.66 -42.79
N ALA B 120 13.78 25.71 -43.38
CA ALA B 120 14.33 27.04 -43.23
C ALA B 120 13.49 27.89 -42.30
N ALA B 121 14.13 28.92 -41.73
CA ALA B 121 13.46 29.91 -40.91
C ALA B 121 13.27 31.19 -41.71
N TYR B 122 12.49 32.11 -41.15
CA TYR B 122 12.10 33.34 -41.85
C TYR B 122 11.73 34.39 -40.82
N ARG B 123 11.08 35.46 -41.28
CA ARG B 123 10.59 36.55 -40.46
C ARG B 123 9.52 37.29 -41.26
N ALA B 124 8.47 37.78 -40.59
CA ALA B 124 7.35 38.42 -41.26
C ALA B 124 7.29 39.91 -40.94
N HIS B 125 6.48 40.61 -41.72
CA HIS B 125 6.32 42.06 -41.62
C HIS B 125 4.88 42.40 -42.01
N THR B 126 4.66 43.67 -42.36
CA THR B 126 3.37 44.12 -42.88
C THR B 126 3.09 43.44 -44.22
N ALA B 127 1.81 43.24 -44.52
CA ALA B 127 1.38 42.45 -45.67
C ALA B 127 0.35 43.18 -46.51
N SER B 128 0.26 42.81 -47.78
CA SER B 128 -0.73 43.36 -48.70
C SER B 128 -1.57 42.23 -49.30
N LEU B 129 -2.77 42.59 -49.77
CA LEU B 129 -3.72 41.57 -50.20
C LEU B 129 -4.35 42.01 -51.52
N ARG B 130 -4.72 41.03 -52.35
CA ARG B 130 -5.31 41.34 -53.65
C ARG B 130 -6.52 40.44 -53.90
N ALA B 131 -7.51 40.99 -54.61
CA ALA B 131 -8.80 40.34 -54.78
C ALA B 131 -9.14 40.19 -56.26
N LYS B 132 -10.15 39.36 -56.53
CA LYS B 132 -10.72 39.22 -57.86
C LYS B 132 -12.23 39.37 -57.76
N ILE B 133 -12.77 40.34 -58.50
CA ILE B 133 -14.14 40.81 -58.34
C ILE B 133 -14.87 40.70 -59.67
N LYS B 134 -16.06 40.11 -59.64
CA LYS B 134 -16.96 40.04 -60.78
C LYS B 134 -18.01 41.13 -60.59
N VAL B 135 -18.08 42.04 -61.55
CA VAL B 135 -18.97 43.20 -61.48
C VAL B 135 -19.90 43.16 -62.68
N THR B 136 -21.21 43.31 -62.46
CA THR B 136 -22.09 43.28 -63.62
C THR B 136 -23.27 44.22 -63.45
N TYR B 137 -23.74 44.69 -64.62
CA TYR B 137 -24.70 45.75 -64.83
C TYR B 137 -24.93 45.87 -66.32
N GLY B 138 -25.95 46.67 -66.68
CA GLY B 138 -26.19 47.10 -68.05
C GLY B 138 -26.42 45.96 -69.02
N THR B 139 -25.44 45.74 -69.90
CA THR B 139 -25.42 44.61 -70.81
C THR B 139 -24.10 43.86 -70.75
N VAL B 140 -23.45 43.78 -69.58
CA VAL B 140 -22.09 43.27 -69.58
C VAL B 140 -21.70 42.45 -68.34
N ASN B 141 -21.21 41.24 -68.57
CA ASN B 141 -20.54 40.43 -67.55
C ASN B 141 -19.02 40.63 -67.64
N GLN B 142 -18.40 41.04 -66.54
CA GLN B 142 -16.96 41.20 -66.49
C GLN B 142 -16.42 40.83 -65.12
N THR B 143 -15.15 40.44 -65.13
CA THR B 143 -14.37 40.17 -63.93
C THR B 143 -13.05 40.91 -64.03
N VAL B 144 -12.43 41.15 -62.87
CA VAL B 144 -11.28 42.05 -62.80
C VAL B 144 -10.48 41.74 -61.54
N GLU B 145 -9.17 41.61 -61.69
CA GLU B 145 -8.27 41.44 -60.56
C GLU B 145 -7.72 42.79 -60.13
N ALA B 146 -7.43 42.93 -58.85
CA ALA B 146 -7.11 44.25 -58.35
C ALA B 146 -6.32 44.16 -57.06
N TYR B 147 -5.32 45.03 -56.93
CA TYR B 147 -4.71 45.31 -55.66
C TYR B 147 -5.67 46.09 -54.78
N VAL B 148 -5.42 46.06 -53.47
CA VAL B 148 -6.36 46.63 -52.52
C VAL B 148 -5.77 47.82 -51.75
N ASN B 149 -4.45 48.00 -51.72
CA ASN B 149 -3.90 49.29 -51.30
C ASN B 149 -4.30 50.36 -52.31
N GLY B 150 -4.76 51.49 -51.79
CA GLY B 150 -5.53 52.42 -52.60
C GLY B 150 -4.75 53.21 -53.62
N ASP B 151 -4.16 52.52 -54.60
CA ASP B 151 -3.46 53.21 -55.67
C ASP B 151 -3.71 52.66 -57.06
N HIS B 152 -4.28 51.47 -57.21
CA HIS B 152 -4.27 50.75 -58.47
C HIS B 152 -5.65 50.86 -59.13
N ALA B 153 -5.71 51.57 -60.25
CA ALA B 153 -6.90 51.67 -61.05
C ALA B 153 -6.99 50.52 -62.02
N VAL B 154 -8.13 50.42 -62.71
CA VAL B 154 -8.33 49.40 -63.73
C VAL B 154 -9.44 49.88 -64.65
N THR B 155 -9.35 49.49 -65.92
CA THR B 155 -10.20 50.04 -66.97
C THR B 155 -11.16 48.98 -67.46
N LEU B 156 -12.45 49.23 -67.30
CA LEU B 156 -13.49 48.57 -68.06
C LEU B 156 -13.77 49.41 -69.30
N ALA B 157 -14.92 49.22 -69.95
CA ALA B 157 -15.27 50.00 -71.14
C ALA B 157 -15.61 51.44 -70.74
N GLY B 158 -14.56 52.22 -70.46
CA GLY B 158 -14.69 53.63 -70.18
C GLY B 158 -14.66 54.02 -68.71
N THR B 159 -14.73 53.07 -67.78
CA THR B 159 -14.92 53.38 -66.37
C THR B 159 -13.67 53.08 -65.56
N LYS B 160 -13.57 53.70 -64.38
CA LYS B 160 -12.42 53.57 -63.49
C LYS B 160 -12.88 53.06 -62.13
N PHE B 161 -12.24 52.00 -61.65
CA PHE B 161 -12.48 51.48 -60.31
C PHE B 161 -11.19 51.65 -59.52
N ILE B 162 -11.27 52.32 -58.36
CA ILE B 162 -10.18 52.25 -57.39
C ILE B 162 -10.77 51.88 -56.03
N PHE B 163 -10.04 51.04 -55.30
CA PHE B 163 -10.55 50.39 -54.11
C PHE B 163 -9.96 51.01 -52.86
N GLY B 164 -10.75 50.99 -51.79
CA GLY B 164 -10.33 51.53 -50.52
C GLY B 164 -9.23 50.68 -49.92
N PRO B 165 -8.39 51.28 -49.06
CA PRO B 165 -7.17 50.58 -48.60
C PRO B 165 -7.40 49.29 -47.81
N VAL B 166 -8.01 49.34 -46.63
CA VAL B 166 -8.35 48.15 -45.86
C VAL B 166 -9.28 48.59 -44.74
N SER B 167 -10.01 47.65 -44.15
CA SER B 167 -10.57 47.88 -42.82
C SER B 167 -9.45 47.88 -41.79
N THR B 168 -8.74 46.76 -41.66
CA THR B 168 -7.54 46.64 -40.83
C THR B 168 -6.70 45.51 -41.37
N ALA B 169 -5.38 45.60 -41.14
CA ALA B 169 -4.41 44.75 -41.81
C ALA B 169 -3.69 43.81 -40.85
N TRP B 170 -4.42 43.18 -39.94
CA TRP B 170 -3.86 42.11 -39.14
C TRP B 170 -3.68 40.86 -40.01
N THR B 171 -2.92 39.90 -39.49
CA THR B 171 -2.62 38.68 -40.24
C THR B 171 -2.69 37.49 -39.29
N PRO B 172 -2.91 36.28 -39.82
CA PRO B 172 -2.73 35.06 -39.04
C PRO B 172 -1.28 34.56 -39.03
N PHE B 173 -0.35 35.46 -38.73
CA PHE B 173 1.05 35.14 -38.55
C PHE B 173 1.58 36.04 -37.45
N ASP B 174 2.58 35.57 -36.75
CA ASP B 174 3.38 36.46 -35.92
C ASP B 174 4.79 36.50 -36.48
N THR B 175 5.70 37.16 -35.76
CA THR B 175 6.92 37.66 -36.37
C THR B 175 7.91 36.57 -36.76
N LYS B 176 7.78 35.35 -36.26
CA LYS B 176 8.73 34.29 -36.60
C LYS B 176 7.99 33.03 -37.04
N ILE B 177 8.20 32.61 -38.27
CA ILE B 177 7.59 31.40 -38.82
C ILE B 177 8.70 30.51 -39.36
N VAL B 178 8.42 29.22 -39.51
CA VAL B 178 9.37 28.25 -40.04
C VAL B 178 8.66 27.32 -41.01
N VAL B 179 9.23 27.16 -42.21
CA VAL B 179 8.56 26.54 -43.35
C VAL B 179 9.29 25.27 -43.74
N TYR B 180 8.56 24.17 -43.81
CA TYR B 180 9.10 22.88 -44.25
C TYR B 180 8.05 22.17 -45.08
N LYS B 181 8.18 22.29 -46.41
CA LYS B 181 7.55 21.43 -47.42
C LYS B 181 6.02 21.42 -47.32
N GLY B 182 5.42 22.57 -47.60
CA GLY B 182 4.00 22.61 -47.83
C GLY B 182 3.14 22.89 -46.62
N GLU B 183 3.74 23.13 -45.46
CA GLU B 183 2.96 23.66 -44.35
C GLU B 183 3.86 24.53 -43.50
N VAL B 184 3.28 25.52 -42.85
CA VAL B 184 4.02 26.52 -42.11
C VAL B 184 3.75 26.27 -40.63
N TYR B 185 4.73 26.52 -39.77
CA TYR B 185 4.57 26.27 -38.33
C TYR B 185 4.65 27.59 -37.60
N ASN B 186 4.70 27.51 -36.28
CA ASN B 186 4.79 28.74 -35.50
C ASN B 186 5.67 28.45 -34.28
N GLN B 187 6.97 28.68 -34.44
CA GLN B 187 7.96 28.32 -33.44
C GLN B 187 8.55 29.59 -32.84
N ASP B 188 9.59 29.40 -32.01
CA ASP B 188 10.41 30.49 -31.51
C ASP B 188 11.84 29.94 -31.46
N PHE B 189 12.57 30.16 -32.51
CA PHE B 189 13.82 29.50 -32.82
C PHE B 189 15.02 30.24 -32.21
N PRO B 190 16.10 29.52 -31.89
CA PRO B 190 17.24 30.16 -31.23
C PRO B 190 17.96 31.11 -32.18
N PRO B 191 18.64 32.17 -31.65
CA PRO B 191 19.05 33.30 -32.49
C PRO B 191 20.06 33.01 -33.58
N TYR B 192 21.29 32.65 -33.18
CA TYR B 192 22.34 32.18 -34.08
C TYR B 192 23.50 31.71 -33.22
N GLY B 193 24.05 30.54 -33.52
CA GLY B 193 25.23 30.09 -32.81
C GLY B 193 25.04 29.79 -31.35
N ALA B 194 23.80 29.54 -30.91
CA ALA B 194 23.54 29.23 -29.52
C ALA B 194 22.65 28.01 -29.40
N GLY B 195 22.69 27.14 -30.41
CA GLY B 195 21.89 25.94 -30.36
C GLY B 195 22.51 24.90 -29.46
N GLN B 196 21.92 24.69 -28.29
CA GLN B 196 22.37 23.63 -27.41
C GLN B 196 21.97 22.29 -28.01
N PRO B 197 22.76 21.23 -27.76
CA PRO B 197 22.61 20.01 -28.56
C PRO B 197 21.32 19.25 -28.32
N GLY B 198 20.77 18.70 -29.40
CA GLY B 198 19.65 17.79 -29.31
C GLY B 198 18.35 18.30 -29.90
N ARG B 199 18.02 19.55 -29.64
CA ARG B 199 16.76 20.12 -30.08
C ARG B 199 16.95 20.80 -31.43
N PHE B 200 15.95 21.57 -31.86
CA PHE B 200 15.96 22.17 -33.19
C PHE B 200 17.04 23.23 -33.32
N GLY B 201 17.59 23.35 -34.53
CA GLY B 201 18.58 24.37 -34.80
C GLY B 201 19.95 23.94 -34.32
N ASP B 202 20.31 22.70 -34.61
CA ASP B 202 21.58 22.18 -34.15
C ASP B 202 22.68 22.39 -35.15
N ILE B 203 22.35 22.49 -36.44
CA ILE B 203 23.30 22.83 -37.49
C ILE B 203 22.75 24.03 -38.23
N GLN B 204 23.50 25.12 -38.26
CA GLN B 204 23.04 26.29 -38.98
C GLN B 204 23.88 26.53 -40.21
N SER B 205 23.36 27.40 -41.06
CA SER B 205 23.97 27.95 -42.25
C SER B 205 23.07 29.04 -42.79
N ARG B 206 23.68 30.08 -43.36
CA ARG B 206 22.95 30.98 -44.24
C ARG B 206 22.94 30.38 -45.64
N THR B 207 22.62 31.20 -46.66
CA THR B 207 22.19 30.81 -48.01
C THR B 207 22.97 29.63 -48.57
N LEU B 208 22.24 28.68 -49.12
CA LEU B 208 22.53 27.27 -48.88
C LEU B 208 23.72 26.72 -49.65
N ASP B 209 24.63 27.54 -50.19
CA ASP B 209 25.68 26.95 -51.01
C ASP B 209 26.75 26.21 -50.19
N SER B 210 27.59 26.91 -49.40
CA SER B 210 28.72 26.28 -48.71
C SER B 210 29.52 27.21 -47.79
N LYS B 211 30.63 26.67 -47.29
CA LYS B 211 31.84 27.27 -46.70
C LYS B 211 31.69 27.72 -45.24
N ASP B 212 30.50 27.72 -44.66
CA ASP B 212 30.33 28.18 -43.29
C ASP B 212 29.34 27.30 -42.55
N LEU B 213 29.71 26.86 -41.36
CA LEU B 213 28.87 26.01 -40.54
C LEU B 213 28.82 26.52 -39.11
N TYR B 214 28.05 25.81 -38.31
CA TYR B 214 28.11 25.90 -36.86
C TYR B 214 27.68 24.54 -36.34
N ALA B 215 28.44 23.97 -35.43
CA ALA B 215 28.20 22.60 -35.02
C ALA B 215 28.75 22.37 -33.63
N ASN B 216 27.87 22.08 -32.68
CA ASN B 216 28.29 21.73 -31.33
C ASN B 216 27.44 20.57 -30.85
N THR B 217 27.91 19.36 -31.14
CA THR B 217 27.21 18.14 -30.75
C THR B 217 27.96 17.36 -29.69
N GLY B 218 29.06 17.88 -29.17
CA GLY B 218 29.80 17.21 -28.12
C GLY B 218 30.53 15.95 -28.57
N LEU B 219 31.48 16.09 -29.50
CA LEU B 219 32.35 14.98 -29.85
C LEU B 219 33.35 14.74 -28.74
N LYS B 220 33.56 13.47 -28.39
CA LYS B 220 34.66 13.06 -27.53
C LYS B 220 35.24 11.79 -28.10
N LEU B 221 36.53 11.58 -27.88
CA LEU B 221 37.20 10.39 -28.39
C LEU B 221 37.51 9.45 -27.23
N ALA B 222 37.31 8.16 -27.46
CA ALA B 222 37.43 7.18 -26.39
C ALA B 222 38.60 6.26 -26.64
N ARG B 223 38.91 5.42 -25.65
CA ARG B 223 40.05 4.51 -25.76
C ARG B 223 39.65 3.28 -26.57
N PRO B 224 40.45 2.86 -27.55
CA PRO B 224 40.14 1.66 -28.32
C PRO B 224 40.27 0.40 -27.48
N ALA B 225 39.71 -0.69 -28.00
CA ALA B 225 39.61 -1.95 -27.29
C ALA B 225 40.99 -2.59 -27.09
N ALA B 226 41.01 -3.66 -26.30
CA ALA B 226 42.23 -4.38 -26.01
C ALA B 226 42.47 -5.40 -27.11
N GLY B 227 43.25 -5.03 -28.11
CA GLY B 227 43.63 -5.95 -29.15
C GLY B 227 42.78 -5.92 -30.41
N ASN B 228 42.30 -4.75 -30.81
CA ASN B 228 41.63 -4.59 -32.10
C ASN B 228 42.08 -3.27 -32.69
N ILE B 229 41.38 -2.79 -33.72
CA ILE B 229 41.96 -1.81 -34.62
C ILE B 229 41.02 -0.62 -34.85
N HIS B 230 39.82 -0.68 -34.28
CA HIS B 230 38.76 0.23 -34.69
C HIS B 230 38.95 1.62 -34.09
N VAL B 231 37.99 2.51 -34.40
CA VAL B 231 37.94 3.85 -33.85
C VAL B 231 36.65 4.04 -33.07
N PRO B 232 36.71 4.19 -31.75
CA PRO B 232 35.49 4.45 -30.98
C PRO B 232 35.06 5.89 -31.13
N TYR B 233 33.83 6.17 -30.70
CA TYR B 233 33.10 7.32 -31.18
C TYR B 233 31.85 7.52 -30.32
N THR B 234 31.62 8.73 -29.80
CA THR B 234 30.48 8.96 -28.91
C THR B 234 29.86 10.32 -29.17
N GLN B 235 28.52 10.37 -29.14
CA GLN B 235 27.81 11.52 -29.69
C GLN B 235 26.37 11.49 -29.22
N THR B 236 25.85 12.66 -28.83
CA THR B 236 24.41 12.78 -28.63
C THR B 236 23.75 12.74 -30.01
N PRO B 237 22.67 11.99 -30.19
CA PRO B 237 22.14 11.76 -31.54
C PRO B 237 21.55 13.02 -32.14
N SER B 238 21.28 12.95 -33.45
CA SER B 238 21.03 14.14 -34.25
C SER B 238 19.74 14.85 -33.84
N GLY B 239 19.65 16.10 -34.24
CA GLY B 239 18.60 16.97 -33.77
C GLY B 239 17.51 17.21 -34.79
N PHE B 240 17.83 17.06 -36.08
CA PHE B 240 16.81 17.25 -37.09
C PHE B 240 15.86 16.06 -37.13
N LYS B 241 16.40 14.85 -37.31
CA LYS B 241 15.53 13.69 -37.43
C LYS B 241 15.09 13.13 -36.06
N THR B 242 15.15 13.92 -35.00
CA THR B 242 14.36 13.68 -33.80
C THR B 242 13.26 14.71 -33.64
N TRP B 243 13.15 15.65 -34.58
CA TRP B 243 12.09 16.65 -34.58
C TRP B 243 10.92 16.25 -35.45
N GLN B 244 11.19 15.58 -36.58
CA GLN B 244 10.15 15.35 -37.56
C GLN B 244 9.38 14.05 -37.33
N LYS B 245 9.42 13.50 -36.11
CA LYS B 245 8.44 12.48 -35.74
C LYS B 245 7.62 12.83 -34.50
N ASP B 246 8.17 13.65 -33.61
CA ASP B 246 7.49 14.08 -32.39
C ASP B 246 7.35 15.59 -32.49
N ARG B 247 6.34 16.06 -33.22
CA ARG B 247 6.49 17.40 -33.76
C ARG B 247 5.59 18.44 -33.12
N ASP B 248 4.31 18.44 -33.49
CA ASP B 248 3.25 19.34 -33.04
C ASP B 248 2.02 19.00 -33.88
N SER B 249 0.94 19.76 -33.71
CA SER B 249 -0.04 19.85 -34.79
C SER B 249 0.27 21.06 -35.67
N PRO B 250 0.19 20.94 -37.00
CA PRO B 250 0.56 22.05 -37.88
C PRO B 250 -0.37 23.26 -37.83
N LEU B 251 -0.11 24.27 -38.66
CA LEU B 251 -0.95 25.46 -38.69
C LEU B 251 -2.10 25.36 -39.69
N ASN B 252 -2.10 24.33 -40.54
CA ASN B 252 -3.27 24.09 -41.37
C ASN B 252 -4.45 23.49 -40.60
N ALA B 253 -4.40 23.37 -39.28
CA ALA B 253 -5.51 22.88 -38.51
C ALA B 253 -5.95 23.83 -37.40
N LYS B 254 -5.21 24.88 -37.10
CA LYS B 254 -5.66 25.86 -36.12
C LYS B 254 -5.72 27.26 -36.71
N ALA B 255 -5.91 27.35 -38.01
CA ALA B 255 -6.04 28.65 -38.66
C ALA B 255 -7.37 29.31 -38.28
N PRO B 256 -7.38 30.62 -38.04
CA PRO B 256 -8.55 31.24 -37.40
C PRO B 256 -9.84 31.29 -38.22
N PHE B 257 -9.83 31.77 -39.45
CA PHE B 257 -11.09 32.05 -40.15
C PHE B 257 -11.29 31.20 -41.39
N GLY B 258 -10.89 29.93 -41.37
CA GLY B 258 -10.95 29.16 -42.58
C GLY B 258 -9.85 29.50 -43.54
N CYS B 259 -8.80 30.13 -43.05
CA CYS B 259 -7.80 30.74 -43.89
C CYS B 259 -6.82 29.66 -44.32
N THR B 260 -6.95 29.18 -45.56
CA THR B 260 -6.22 28.02 -46.00
C THR B 260 -4.88 28.40 -46.64
N ILE B 261 -3.92 27.49 -46.57
CA ILE B 261 -2.53 27.78 -46.93
C ILE B 261 -2.08 26.82 -48.02
N GLN B 262 -1.33 27.33 -48.98
CA GLN B 262 -0.44 26.49 -49.80
C GLN B 262 0.72 27.37 -50.26
N THR B 263 1.92 26.78 -50.35
CA THR B 263 3.09 27.66 -50.32
C THR B 263 4.29 27.10 -51.10
N ASN B 264 4.37 27.45 -52.38
CA ASN B 264 5.71 27.73 -52.90
C ASN B 264 6.03 29.22 -52.75
N PRO B 265 5.13 30.17 -53.05
CA PRO B 265 5.11 31.40 -52.25
C PRO B 265 4.05 31.29 -51.16
N VAL B 266 4.39 31.79 -49.97
CA VAL B 266 3.49 31.68 -48.84
C VAL B 266 2.28 32.58 -49.02
N ARG B 267 1.09 32.04 -48.79
CA ARG B 267 -0.17 32.75 -49.01
C ARG B 267 -1.14 32.43 -47.88
N ALA B 268 -2.35 32.98 -47.96
CA ALA B 268 -3.44 32.66 -47.05
C ALA B 268 -4.74 33.06 -47.75
N MET B 269 -5.52 32.08 -48.19
CA MET B 269 -6.57 32.34 -49.18
C MET B 269 -7.98 32.28 -48.59
N ASN B 270 -8.91 32.97 -49.27
CA ASN B 270 -10.35 33.00 -48.96
C ASN B 270 -10.66 33.43 -47.54
N CYS B 271 -9.82 34.30 -47.00
CA CYS B 271 -9.84 34.59 -45.58
C CYS B 271 -10.92 35.64 -45.33
N ALA B 272 -11.92 35.29 -44.53
CA ALA B 272 -13.21 35.97 -44.56
C ALA B 272 -13.43 36.82 -43.31
N VAL B 273 -12.90 38.05 -43.34
CA VAL B 273 -13.14 39.04 -42.29
C VAL B 273 -13.28 40.41 -42.94
N GLY B 274 -14.37 41.10 -42.65
CA GLY B 274 -14.40 42.55 -42.75
C GLY B 274 -15.07 43.08 -44.01
N ASN B 275 -14.79 44.35 -44.27
CA ASN B 275 -15.37 45.08 -45.37
C ASN B 275 -14.26 45.68 -46.22
N ILE B 276 -14.49 45.77 -47.52
CA ILE B 276 -13.55 46.47 -48.39
C ILE B 276 -14.28 47.60 -49.10
N PRO B 277 -13.77 48.83 -49.07
CA PRO B 277 -14.44 49.94 -49.74
C PRO B 277 -14.12 49.99 -51.21
N VAL B 278 -15.01 50.63 -51.96
CA VAL B 278 -14.90 50.73 -53.41
C VAL B 278 -15.33 52.13 -53.82
N SER B 279 -14.67 52.70 -54.84
CA SER B 279 -15.16 53.93 -55.42
C SER B 279 -15.21 53.79 -56.95
N MET B 280 -15.94 54.71 -57.57
CA MET B 280 -16.53 54.52 -58.88
C MET B 280 -16.37 55.78 -59.71
N ASP B 281 -15.83 55.62 -60.92
CA ASP B 281 -15.93 56.63 -61.96
C ASP B 281 -16.64 55.99 -63.15
N ILE B 282 -17.89 56.41 -63.38
CA ILE B 282 -18.79 55.74 -64.32
C ILE B 282 -18.86 56.55 -65.60
N ALA B 283 -18.80 55.86 -66.73
CA ALA B 283 -18.90 56.46 -68.06
C ALA B 283 -20.34 56.87 -68.34
N ASP B 284 -20.60 57.32 -69.57
CA ASP B 284 -21.89 57.90 -69.89
C ASP B 284 -22.68 57.11 -70.91
N SER B 285 -22.04 56.24 -71.69
CA SER B 285 -22.75 55.46 -72.69
C SER B 285 -23.33 54.17 -72.13
N ALA B 286 -23.60 54.11 -70.83
CA ALA B 286 -24.20 52.94 -70.22
C ALA B 286 -25.44 53.29 -69.40
N PHE B 287 -26.13 54.36 -69.80
CA PHE B 287 -27.44 54.71 -69.25
C PHE B 287 -28.49 54.64 -70.36
N THR B 288 -29.74 54.93 -69.98
CA THR B 288 -30.85 55.16 -70.89
C THR B 288 -31.46 56.50 -70.54
N ARG B 289 -31.80 57.32 -71.55
CA ARG B 289 -32.12 58.69 -71.18
C ARG B 289 -33.55 58.87 -70.70
N LEU B 290 -34.53 58.96 -71.62
CA LEU B 290 -35.94 58.82 -71.29
C LEU B 290 -36.73 58.16 -72.39
N THR B 291 -36.13 58.04 -73.58
CA THR B 291 -36.89 57.68 -74.78
C THR B 291 -37.42 56.25 -74.69
N ASP B 292 -36.57 55.30 -74.32
CA ASP B 292 -37.02 53.95 -74.02
C ASP B 292 -37.18 53.74 -72.53
N ALA B 293 -37.52 54.78 -71.79
CA ALA B 293 -37.86 54.61 -70.39
C ALA B 293 -39.37 54.52 -70.27
N PRO B 294 -39.92 53.39 -69.84
CA PRO B 294 -41.37 53.28 -69.68
C PRO B 294 -41.88 53.98 -68.43
N ILE B 295 -43.13 54.42 -68.50
CA ILE B 295 -43.77 55.12 -67.40
C ILE B 295 -44.68 54.14 -66.67
N ILE B 296 -44.47 53.99 -65.37
CA ILE B 296 -45.16 52.99 -64.56
C ILE B 296 -45.74 53.70 -63.34
N SER B 297 -47.03 53.47 -63.07
CA SER B 297 -47.70 54.11 -61.95
C SER B 297 -48.64 53.12 -61.28
N GLU B 298 -49.24 53.57 -60.17
CA GLU B 298 -50.11 52.82 -59.24
C GLU B 298 -49.59 51.40 -58.93
N LEU B 299 -48.42 51.36 -58.32
CA LEU B 299 -47.77 50.10 -57.98
C LEU B 299 -48.35 49.54 -56.69
N LEU B 300 -48.65 48.25 -56.67
CA LEU B 300 -49.22 47.61 -55.49
C LEU B 300 -48.63 46.22 -55.32
N CYS B 301 -48.01 45.97 -54.16
CA CYS B 301 -47.27 44.75 -53.88
C CYS B 301 -47.98 43.95 -52.78
N THR B 302 -48.05 42.64 -52.96
CA THR B 302 -48.59 41.71 -51.97
C THR B 302 -47.53 40.65 -51.69
N VAL B 303 -47.93 39.60 -50.98
CA VAL B 303 -47.02 38.53 -50.60
C VAL B 303 -47.83 37.24 -50.55
N SER B 304 -47.15 36.11 -50.69
CA SER B 304 -47.90 34.87 -50.55
C SER B 304 -47.23 33.85 -49.63
N THR B 305 -45.90 33.78 -49.63
CA THR B 305 -45.19 32.68 -48.99
C THR B 305 -43.90 33.21 -48.39
N CYS B 306 -43.51 32.70 -47.21
CA CYS B 306 -42.15 32.95 -46.75
C CYS B 306 -41.67 31.81 -45.85
N THR B 307 -40.35 31.73 -45.72
CA THR B 307 -39.64 30.99 -44.67
C THR B 307 -38.52 31.92 -44.19
N HIS B 308 -37.55 31.42 -43.40
CA HIS B 308 -36.49 32.36 -43.06
C HIS B 308 -35.46 32.48 -44.21
N SER B 309 -34.92 31.39 -44.80
CA SER B 309 -34.44 30.17 -44.18
C SER B 309 -32.92 30.12 -44.36
N SER B 310 -32.47 29.86 -45.57
CA SER B 310 -31.09 30.14 -45.96
C SER B 310 -30.95 30.44 -47.44
N ASP B 311 -32.03 30.47 -48.20
CA ASP B 311 -31.96 30.75 -49.61
C ASP B 311 -33.25 31.47 -50.00
N PHE B 312 -33.51 31.53 -51.30
CA PHE B 312 -34.51 32.44 -51.84
C PHE B 312 -35.90 31.85 -51.59
N GLY B 313 -36.37 32.04 -50.35
CA GLY B 313 -37.64 31.49 -49.92
C GLY B 313 -38.63 32.55 -49.53
N GLY B 314 -38.69 33.63 -50.28
CA GLY B 314 -39.80 34.56 -50.17
C GLY B 314 -40.20 35.04 -51.53
N VAL B 315 -41.49 34.95 -51.88
CA VAL B 315 -41.96 35.29 -53.22
C VAL B 315 -43.00 36.39 -53.13
N ALA B 316 -42.97 37.31 -54.09
CA ALA B 316 -43.98 38.36 -54.15
C ALA B 316 -44.32 38.68 -55.59
N VAL B 317 -45.56 39.15 -55.81
CA VAL B 317 -46.01 39.55 -57.12
C VAL B 317 -46.07 41.06 -57.16
N LEU B 318 -46.20 41.61 -58.36
CA LEU B 318 -46.36 43.05 -58.54
C LEU B 318 -47.47 43.35 -59.53
N SER B 319 -48.16 44.47 -59.30
CA SER B 319 -49.23 44.94 -60.16
C SER B 319 -48.98 46.39 -60.54
N TYR B 320 -49.15 46.70 -61.82
CA TYR B 320 -48.86 48.02 -62.35
C TYR B 320 -49.48 48.17 -63.73
N LYS B 321 -49.89 49.41 -64.04
CA LYS B 321 -50.42 49.75 -65.35
C LYS B 321 -49.30 50.32 -66.22
N VAL B 322 -49.20 49.79 -67.42
CA VAL B 322 -48.09 50.10 -68.30
C VAL B 322 -48.56 51.10 -69.34
N GLU B 323 -47.62 51.70 -70.05
CA GLU B 323 -47.89 52.42 -71.29
C GLU B 323 -46.96 52.04 -72.43
N LYS B 324 -45.79 51.46 -72.15
CA LYS B 324 -44.83 51.11 -73.19
C LYS B 324 -43.97 49.96 -72.70
N ALA B 325 -43.61 49.06 -73.60
CA ALA B 325 -42.76 47.93 -73.26
C ALA B 325 -41.32 48.38 -73.07
N GLY B 326 -40.48 47.47 -72.56
CA GLY B 326 -39.11 47.78 -72.25
C GLY B 326 -38.50 46.92 -71.16
N ARG B 327 -37.70 47.53 -70.28
CA ARG B 327 -37.04 46.80 -69.20
C ARG B 327 -36.70 47.79 -68.09
N CYS B 328 -37.31 47.63 -66.92
CA CYS B 328 -37.01 48.48 -65.78
C CYS B 328 -36.07 47.77 -64.81
N ASP B 329 -35.75 48.44 -63.70
CA ASP B 329 -34.79 47.98 -62.73
C ASP B 329 -35.41 47.98 -61.33
N VAL B 330 -34.98 47.07 -60.48
CA VAL B 330 -35.64 46.82 -59.20
C VAL B 330 -34.64 46.93 -58.05
N HIS B 331 -35.15 47.27 -56.87
CA HIS B 331 -34.35 47.40 -55.66
C HIS B 331 -35.26 47.50 -54.43
N SER B 332 -34.77 46.99 -53.29
CA SER B 332 -35.40 47.19 -51.99
C SER B 332 -34.47 48.01 -51.11
N HIS B 333 -34.94 49.16 -50.62
CA HIS B 333 -34.09 50.18 -50.02
C HIS B 333 -33.84 49.98 -48.54
N SER B 334 -33.83 48.74 -48.04
CA SER B 334 -33.50 48.53 -46.64
C SER B 334 -32.66 47.28 -46.49
N ASN B 335 -32.05 47.15 -45.32
CA ASN B 335 -31.02 46.16 -45.07
C ASN B 335 -31.59 44.86 -44.52
N VAL B 336 -32.90 44.67 -44.56
CA VAL B 336 -33.51 43.52 -43.91
C VAL B 336 -33.81 42.40 -44.91
N ALA B 337 -33.78 42.67 -46.21
CA ALA B 337 -34.12 41.66 -47.21
C ALA B 337 -33.53 42.07 -48.54
N VAL B 338 -32.74 41.19 -49.15
CA VAL B 338 -32.09 41.46 -50.42
C VAL B 338 -32.81 40.72 -51.52
N LEU B 339 -32.95 41.36 -52.67
CA LEU B 339 -33.66 40.75 -53.78
C LEU B 339 -32.74 39.85 -54.56
N GLN B 340 -33.25 39.26 -55.64
CA GLN B 340 -32.51 38.27 -56.42
C GLN B 340 -32.17 38.79 -57.81
N GLU B 341 -33.17 39.14 -58.59
CA GLU B 341 -32.94 39.46 -59.99
C GLU B 341 -32.67 40.94 -60.17
N VAL B 342 -31.92 41.25 -61.23
CA VAL B 342 -31.36 42.57 -61.44
C VAL B 342 -32.21 43.42 -62.37
N SER B 343 -33.09 42.81 -63.18
CA SER B 343 -33.97 43.59 -64.05
C SER B 343 -35.25 42.82 -64.31
N ILE B 344 -36.37 43.40 -63.87
CA ILE B 344 -37.69 42.86 -64.18
C ILE B 344 -37.97 43.00 -65.68
N GLU B 345 -38.98 42.30 -66.15
CA GLU B 345 -39.43 42.42 -67.52
C GLU B 345 -40.55 43.48 -67.56
N ALA B 346 -41.03 43.79 -68.76
CA ALA B 346 -42.08 44.75 -69.03
C ALA B 346 -43.47 44.18 -68.76
N GLU B 347 -44.48 44.72 -69.44
CA GLU B 347 -45.92 44.66 -69.21
C GLU B 347 -46.52 43.43 -68.53
N GLY B 348 -47.32 43.67 -67.50
CA GLY B 348 -48.16 42.65 -66.91
C GLY B 348 -47.96 42.55 -65.41
N ARG B 349 -48.01 41.33 -64.90
CA ARG B 349 -47.63 41.02 -63.53
C ARG B 349 -46.29 40.29 -63.56
N SER B 350 -45.47 40.53 -62.53
CA SER B 350 -44.19 39.85 -62.46
C SER B 350 -43.83 39.61 -61.00
N VAL B 351 -43.02 38.59 -60.77
CA VAL B 351 -42.70 38.15 -59.43
C VAL B 351 -41.23 38.42 -59.13
N ILE B 352 -40.94 38.56 -57.85
CA ILE B 352 -39.59 38.78 -57.36
C ILE B 352 -39.35 37.88 -56.15
N HIS B 353 -38.14 37.33 -56.05
CA HIS B 353 -37.71 36.51 -54.93
C HIS B 353 -36.89 37.35 -53.95
N PHE B 354 -36.91 36.95 -52.68
CA PHE B 354 -36.14 37.66 -51.66
C PHE B 354 -35.94 36.73 -50.47
N SER B 355 -35.05 37.14 -49.57
CA SER B 355 -34.74 36.35 -48.37
C SER B 355 -34.59 37.28 -47.18
N THR B 356 -35.05 36.82 -46.01
CA THR B 356 -35.03 37.68 -44.82
C THR B 356 -35.05 36.85 -43.55
N ALA B 357 -34.09 37.11 -42.67
CA ALA B 357 -33.95 36.33 -41.45
C ALA B 357 -34.65 37.02 -40.28
N SER B 358 -35.94 37.25 -40.42
CA SER B 358 -36.68 37.91 -39.36
C SER B 358 -38.12 37.41 -39.34
N ALA B 359 -38.82 37.71 -38.26
CA ALA B 359 -40.16 37.19 -38.08
C ALA B 359 -41.19 37.93 -38.92
N ALA B 360 -41.07 39.24 -39.02
CA ALA B 360 -42.08 40.06 -39.72
C ALA B 360 -41.38 41.25 -40.37
N PRO B 361 -41.05 41.16 -41.65
CA PRO B 361 -40.37 42.27 -42.31
C PRO B 361 -41.33 43.31 -42.87
N SER B 362 -40.79 44.51 -43.09
CA SER B 362 -41.46 45.55 -43.85
C SER B 362 -40.42 46.46 -44.46
N PHE B 363 -40.54 46.68 -45.77
CA PHE B 363 -39.55 47.43 -46.52
C PHE B 363 -40.25 48.11 -47.68
N ILE B 364 -39.52 48.93 -48.41
CA ILE B 364 -40.09 49.65 -49.55
C ILE B 364 -39.27 49.33 -50.79
N VAL B 365 -39.97 48.93 -51.85
CA VAL B 365 -39.39 48.43 -53.08
C VAL B 365 -39.80 49.37 -54.21
N SER B 366 -38.96 49.48 -55.24
CA SER B 366 -39.28 50.38 -56.35
C SER B 366 -38.69 49.86 -57.67
N VAL B 367 -39.49 49.06 -58.38
CA VAL B 367 -39.44 49.09 -59.84
C VAL B 367 -39.92 50.47 -60.24
N CYS B 368 -39.49 50.99 -61.41
CA CYS B 368 -38.80 52.28 -61.61
C CYS B 368 -39.15 53.44 -60.67
N SER B 369 -38.96 54.68 -61.12
CA SER B 369 -38.94 55.82 -60.20
C SER B 369 -40.17 56.08 -59.31
N SER B 370 -41.20 55.23 -59.37
CA SER B 370 -42.26 55.21 -58.37
C SER B 370 -42.01 54.13 -57.31
N ARG B 371 -42.49 54.38 -56.09
CA ARG B 371 -42.13 53.61 -54.92
C ARG B 371 -43.36 52.94 -54.31
N ALA B 372 -43.15 51.85 -53.58
CA ALA B 372 -44.26 51.14 -52.95
C ALA B 372 -43.75 50.31 -51.79
N THR B 373 -44.67 49.82 -50.97
CA THR B 373 -44.34 48.95 -49.84
C THR B 373 -45.18 47.69 -49.86
N CYS B 374 -44.67 46.64 -49.19
CA CYS B 374 -45.42 45.41 -48.90
C CYS B 374 -44.76 44.57 -47.80
N THR B 375 -45.55 44.14 -46.82
CA THR B 375 -45.07 43.46 -45.63
C THR B 375 -45.73 42.10 -45.49
N ALA B 376 -45.25 41.31 -44.52
CA ALA B 376 -45.59 39.90 -44.43
C ALA B 376 -45.31 39.38 -43.03
N LYS B 377 -45.83 38.18 -42.76
CA LYS B 377 -45.55 37.44 -41.54
C LYS B 377 -45.00 36.07 -41.92
N CYS B 378 -44.18 35.48 -41.04
CA CYS B 378 -43.31 34.40 -41.48
C CYS B 378 -43.28 33.29 -40.44
N GLU B 379 -42.61 32.17 -40.76
CA GLU B 379 -42.59 30.99 -39.91
C GLU B 379 -41.30 30.20 -40.16
N PRO B 380 -40.81 29.44 -39.17
CA PRO B 380 -39.48 28.80 -39.30
C PRO B 380 -39.53 27.54 -40.15
N PRO B 381 -38.38 27.06 -40.63
CA PRO B 381 -38.35 25.82 -41.40
C PRO B 381 -38.08 24.63 -40.48
N LYS B 382 -38.31 23.44 -41.02
CA LYS B 382 -38.07 22.19 -40.30
C LYS B 382 -36.82 21.57 -40.90
N ASP B 383 -35.67 22.03 -40.42
CA ASP B 383 -34.38 21.46 -40.77
C ASP B 383 -33.40 21.92 -39.71
N HIS B 384 -32.19 21.35 -39.73
CA HIS B 384 -31.17 21.78 -38.78
C HIS B 384 -29.80 22.00 -39.40
N VAL B 385 -29.50 21.37 -40.54
CA VAL B 385 -28.16 21.36 -41.12
C VAL B 385 -28.29 21.59 -42.62
N VAL B 386 -27.62 22.61 -43.13
CA VAL B 386 -27.62 22.90 -44.56
C VAL B 386 -26.18 22.73 -45.04
N THR B 387 -25.97 22.74 -46.36
CA THR B 387 -24.67 22.53 -46.97
C THR B 387 -24.12 23.79 -47.61
N TYR B 388 -24.89 24.87 -47.65
CA TYR B 388 -24.48 26.08 -48.35
C TYR B 388 -24.97 27.30 -47.58
N PRO B 389 -24.12 28.31 -47.40
CA PRO B 389 -24.39 29.33 -46.39
C PRO B 389 -25.05 30.62 -46.85
N ALA B 390 -25.71 31.27 -45.90
CA ALA B 390 -25.61 32.71 -45.64
C ALA B 390 -25.97 33.57 -46.85
N ASN B 391 -27.26 33.59 -47.18
CA ASN B 391 -27.75 34.47 -48.22
C ASN B 391 -28.66 35.54 -47.64
N HIS B 392 -28.25 36.12 -46.51
CA HIS B 392 -28.88 37.30 -45.93
C HIS B 392 -27.85 37.99 -45.03
N ASN B 393 -28.15 39.22 -44.66
CA ASN B 393 -27.25 40.00 -43.80
C ASN B 393 -27.03 39.30 -42.47
N GLY B 394 -28.12 38.88 -41.84
CA GLY B 394 -28.05 38.20 -40.55
C GLY B 394 -28.61 39.04 -39.42
N ILE B 395 -29.56 39.91 -39.74
CA ILE B 395 -30.18 40.78 -38.75
C ILE B 395 -31.61 40.32 -38.45
N THR B 396 -31.81 39.79 -37.25
CA THR B 396 -33.12 39.31 -36.84
C THR B 396 -33.72 40.20 -35.75
N LEU B 397 -34.19 41.38 -36.15
CA LEU B 397 -34.78 42.33 -35.22
C LEU B 397 -36.26 42.51 -35.47
N PRO B 398 -37.02 42.90 -34.43
CA PRO B 398 -38.47 43.10 -34.54
C PRO B 398 -38.81 44.37 -35.32
N ASP B 399 -40.02 44.43 -35.86
CA ASP B 399 -40.46 45.59 -36.63
C ASP B 399 -41.11 46.63 -35.72
N LEU B 400 -41.71 47.65 -36.34
CA LEU B 400 -42.36 48.71 -35.59
C LEU B 400 -43.87 48.46 -35.49
N SER B 401 -44.34 47.40 -36.13
CA SER B 401 -45.75 47.05 -36.11
C SER B 401 -45.97 45.59 -36.48
N SER B 402 -45.81 44.70 -35.49
CA SER B 402 -45.99 43.28 -35.71
C SER B 402 -47.09 42.80 -34.81
N THR B 403 -47.47 41.55 -35.03
CA THR B 403 -48.35 40.84 -34.12
C THR B 403 -47.70 40.70 -32.77
N ALA B 404 -46.38 40.57 -32.77
CA ALA B 404 -45.67 40.34 -31.52
C ALA B 404 -45.73 41.54 -30.62
N MET B 405 -45.39 42.71 -31.13
CA MET B 405 -45.32 43.83 -30.23
C MET B 405 -46.44 44.81 -30.44
N THR B 406 -47.49 44.45 -31.18
CA THR B 406 -48.74 45.15 -30.97
C THR B 406 -49.29 44.82 -29.59
N TRP B 407 -48.87 43.68 -29.06
CA TRP B 407 -49.14 43.34 -27.69
C TRP B 407 -48.39 44.29 -26.75
N ALA B 408 -47.28 44.86 -27.24
CA ALA B 408 -46.40 45.62 -26.36
C ALA B 408 -46.98 46.98 -26.01
N GLN B 409 -47.63 47.63 -26.97
CA GLN B 409 -48.09 48.98 -26.67
C GLN B 409 -49.33 48.94 -25.79
N HIS B 410 -50.09 47.86 -25.87
CA HIS B 410 -51.27 47.76 -25.04
C HIS B 410 -50.90 47.59 -23.58
N LEU B 411 -49.85 46.81 -23.31
CA LEU B 411 -49.47 46.62 -21.93
C LEU B 411 -48.76 47.85 -21.39
N ALA B 412 -47.93 48.47 -22.22
CA ALA B 412 -47.20 49.64 -21.74
C ALA B 412 -48.11 50.84 -21.67
N GLY B 413 -49.03 50.95 -22.63
CA GLY B 413 -50.03 51.98 -22.53
C GLY B 413 -51.01 51.70 -21.41
N GLY B 414 -51.30 50.43 -21.18
CA GLY B 414 -52.19 50.08 -20.09
C GLY B 414 -51.58 50.38 -18.74
N VAL B 415 -50.30 50.09 -18.59
CA VAL B 415 -49.64 50.42 -17.33
C VAL B 415 -49.33 51.92 -17.31
N GLY B 416 -49.29 52.53 -18.49
CA GLY B 416 -49.09 53.96 -18.53
C GLY B 416 -50.36 54.68 -18.15
N LEU B 417 -51.48 53.98 -18.25
CA LEU B 417 -52.78 54.63 -18.07
C LEU B 417 -53.18 54.67 -16.61
N LEU B 418 -52.92 53.61 -15.86
CA LEU B 418 -53.56 53.52 -14.56
C LEU B 418 -52.82 54.38 -13.55
N ILE B 419 -51.60 54.81 -13.87
CA ILE B 419 -51.02 55.86 -13.06
C ILE B 419 -51.65 57.20 -13.34
N ALA B 420 -52.25 57.36 -14.51
CA ALA B 420 -52.73 58.68 -14.89
C ALA B 420 -54.00 59.04 -14.15
N LEU B 421 -54.84 58.07 -13.80
CA LEU B 421 -55.90 58.46 -12.88
C LEU B 421 -55.38 58.62 -11.48
N ALA B 422 -54.26 58.00 -11.16
CA ALA B 422 -53.73 58.11 -9.82
C ALA B 422 -53.07 59.46 -9.60
N VAL B 423 -52.54 60.05 -10.66
CA VAL B 423 -51.73 61.25 -10.44
C VAL B 423 -52.63 62.44 -10.17
N LEU B 424 -53.78 62.52 -10.82
CA LEU B 424 -54.55 63.75 -10.69
C LEU B 424 -55.46 63.69 -9.48
N ILE B 425 -55.91 62.49 -9.12
CA ILE B 425 -56.82 62.35 -8.00
C ILE B 425 -56.07 62.58 -6.70
N LEU B 426 -54.75 62.49 -6.77
CA LEU B 426 -53.91 63.10 -5.77
C LEU B 426 -54.15 64.60 -5.71
N VAL B 427 -54.09 65.26 -6.87
CA VAL B 427 -53.90 66.70 -6.87
C VAL B 427 -55.20 67.41 -6.57
N ILE B 428 -56.34 66.78 -6.90
CA ILE B 428 -57.62 67.47 -6.87
C ILE B 428 -58.04 67.79 -5.44
N VAL B 429 -57.50 67.05 -4.48
CA VAL B 429 -57.74 67.41 -3.10
C VAL B 429 -56.56 68.19 -2.55
N THR B 430 -55.43 68.12 -3.26
CA THR B 430 -54.22 68.75 -2.77
C THR B 430 -54.36 70.27 -2.84
N CYS B 431 -55.22 70.76 -3.72
CA CYS B 431 -55.57 72.17 -3.65
C CYS B 431 -56.50 72.46 -2.48
N ILE B 432 -57.48 71.60 -2.23
CA ILE B 432 -58.57 72.01 -1.33
C ILE B 432 -58.15 71.88 0.12
N THR B 433 -56.96 71.38 0.38
CA THR B 433 -56.48 71.25 1.74
C THR B 433 -55.64 72.45 2.12
N LEU B 434 -55.80 73.51 1.35
CA LEU B 434 -55.21 74.77 1.71
C LEU B 434 -56.36 75.76 1.85
N ARG B 435 -57.43 75.26 2.45
CA ARG B 435 -58.58 76.08 2.78
C ARG B 435 -58.22 76.89 4.01
N ASN C 1 33.49 0.95 -65.04
CA ASN C 1 34.30 1.57 -66.08
C ASN C 1 35.54 2.21 -65.47
N ALA C 2 35.50 2.42 -64.15
CA ALA C 2 36.63 2.91 -63.39
C ALA C 2 37.06 1.93 -62.31
N TYR C 3 36.44 0.75 -62.25
CA TYR C 3 36.72 -0.24 -61.21
C TYR C 3 37.93 -1.10 -61.52
N LYS C 4 38.71 -0.77 -62.54
CA LYS C 4 39.93 -1.49 -62.86
C LYS C 4 41.13 -1.04 -62.04
N LEU C 5 40.88 -0.35 -60.92
CA LEU C 5 41.95 0.12 -60.06
C LEU C 5 41.77 -0.31 -58.61
N THR C 6 40.66 -0.96 -58.26
CA THR C 6 40.36 -1.31 -56.88
C THR C 6 40.22 -2.83 -56.75
N ARG C 7 40.00 -3.28 -55.53
CA ARG C 7 39.92 -4.71 -55.23
C ARG C 7 38.88 -4.94 -54.14
N PRO C 8 38.35 -6.17 -54.05
CA PRO C 8 37.65 -6.57 -52.83
C PRO C 8 38.63 -6.71 -51.67
N TYR C 9 38.11 -6.57 -50.45
CA TYR C 9 38.98 -6.67 -49.29
C TYR C 9 38.19 -7.26 -48.13
N VAL C 10 38.92 -7.59 -47.07
CA VAL C 10 38.35 -8.18 -45.88
C VAL C 10 38.59 -7.26 -44.70
N ALA C 11 37.78 -7.44 -43.66
CA ALA C 11 37.82 -6.57 -42.50
C ALA C 11 37.19 -7.29 -41.31
N TYR C 12 37.02 -6.55 -40.23
CA TYR C 12 36.38 -6.98 -38.99
C TYR C 12 34.86 -6.93 -39.16
N CYS C 13 34.14 -7.59 -38.27
CA CYS C 13 32.69 -7.56 -38.30
C CYS C 13 32.17 -7.65 -36.88
N ALA C 14 30.87 -7.43 -36.72
CA ALA C 14 30.28 -7.48 -35.39
C ALA C 14 30.15 -8.92 -34.92
N ASP C 15 29.33 -9.72 -35.61
CA ASP C 15 29.15 -11.13 -35.28
C ASP C 15 29.39 -11.96 -36.53
N CYS C 16 29.41 -13.27 -36.33
CA CYS C 16 29.74 -14.21 -37.39
C CYS C 16 28.54 -15.01 -37.84
N GLY C 17 27.43 -14.91 -37.12
CA GLY C 17 26.29 -15.79 -37.28
C GLY C 17 26.16 -16.80 -36.16
N MET C 18 27.24 -17.10 -35.47
CA MET C 18 27.25 -17.99 -34.33
C MET C 18 27.23 -17.28 -33.00
N GLY C 19 27.72 -16.05 -32.94
CA GLY C 19 27.88 -15.36 -31.67
C GLY C 19 29.33 -15.22 -31.26
N HIS C 20 30.18 -14.92 -32.21
CA HIS C 20 31.61 -14.72 -31.99
C HIS C 20 32.09 -13.63 -32.94
N SER C 21 33.40 -13.54 -33.13
CA SER C 21 34.04 -12.34 -33.68
C SER C 21 34.94 -12.68 -34.86
N CYS C 22 34.39 -13.37 -35.87
CA CYS C 22 35.17 -13.81 -37.02
C CYS C 22 35.69 -12.64 -37.84
N HIS C 23 36.53 -12.97 -38.83
CA HIS C 23 36.86 -12.08 -39.94
C HIS C 23 36.29 -12.71 -41.20
N SER C 24 35.58 -11.91 -42.00
CA SER C 24 34.81 -12.47 -43.10
C SER C 24 34.73 -11.45 -44.22
N PRO C 25 34.68 -11.90 -45.47
CA PRO C 25 34.75 -10.96 -46.59
C PRO C 25 33.46 -10.24 -46.91
N ALA C 26 32.47 -10.26 -46.01
CA ALA C 26 31.22 -9.54 -46.24
C ALA C 26 30.79 -8.90 -44.93
N MET C 27 31.09 -7.61 -44.77
CA MET C 27 30.56 -6.83 -43.66
C MET C 27 29.94 -5.55 -44.19
N ILE C 28 29.08 -4.96 -43.36
CA ILE C 28 28.18 -3.91 -43.79
C ILE C 28 28.50 -2.63 -43.02
N GLU C 29 28.31 -1.50 -43.68
CA GLU C 29 28.23 -0.21 -43.00
C GLU C 29 27.38 0.72 -43.85
N ASN C 30 26.88 1.80 -43.23
CA ASN C 30 26.15 2.87 -43.92
C ASN C 30 24.93 2.39 -44.67
N VAL C 31 23.87 2.05 -43.94
CA VAL C 31 22.67 1.45 -44.52
C VAL C 31 21.61 2.51 -44.79
N GLN C 32 22.06 3.75 -45.08
CA GLN C 32 21.21 4.93 -45.21
C GLN C 32 20.01 4.75 -46.13
N ALA C 33 18.89 5.36 -45.76
CA ALA C 33 17.60 5.11 -46.40
C ALA C 33 16.81 6.41 -46.58
N ASP C 34 17.42 7.43 -47.18
CA ASP C 34 16.77 8.74 -47.25
C ASP C 34 15.73 8.86 -48.37
N ALA C 35 15.18 7.77 -48.90
CA ALA C 35 14.03 7.89 -49.79
C ALA C 35 12.74 7.69 -49.00
N THR C 36 11.61 8.01 -49.65
CA THR C 36 10.32 7.98 -48.97
C THR C 36 9.43 6.81 -49.37
N ASP C 37 9.73 6.09 -50.44
CA ASP C 37 8.93 4.91 -50.76
C ASP C 37 9.30 3.69 -49.92
N GLY C 38 10.27 3.81 -49.03
CA GLY C 38 10.60 2.70 -48.17
C GLY C 38 11.45 1.65 -48.85
N THR C 39 12.62 2.06 -49.32
CA THR C 39 13.65 1.13 -49.76
C THR C 39 14.98 1.61 -49.23
N LEU C 40 15.91 0.68 -49.07
CA LEU C 40 17.15 1.01 -48.39
C LEU C 40 18.34 0.55 -49.20
N LYS C 41 19.35 1.41 -49.27
CA LYS C 41 20.58 1.19 -50.02
C LYS C 41 21.68 0.85 -49.04
N ILE C 42 22.09 -0.40 -49.00
CA ILE C 42 23.14 -0.78 -48.07
C ILE C 42 24.43 -1.00 -48.84
N GLN C 43 25.54 -0.67 -48.19
CA GLN C 43 26.87 -0.63 -48.78
C GLN C 43 27.66 -1.85 -48.32
N PHE C 44 28.34 -2.49 -49.25
CA PHE C 44 28.77 -3.86 -49.14
C PHE C 44 30.25 -3.94 -49.48
N ALA C 45 31.00 -4.70 -48.68
CA ALA C 45 32.47 -4.62 -48.72
C ALA C 45 33.05 -5.32 -49.93
N SER C 46 32.47 -6.45 -50.33
CA SER C 46 32.91 -7.11 -51.55
C SER C 46 32.34 -6.39 -52.77
N GLN C 47 32.69 -6.89 -53.94
CA GLN C 47 32.19 -6.32 -55.19
C GLN C 47 31.33 -7.35 -55.90
N ILE C 48 30.31 -6.87 -56.60
CA ILE C 48 29.43 -7.74 -57.37
C ILE C 48 29.53 -7.35 -58.84
N GLY C 49 28.78 -8.04 -59.68
CA GLY C 49 28.68 -7.64 -61.07
C GLY C 49 29.88 -8.05 -61.90
N LEU C 50 31.04 -7.51 -61.59
CA LEU C 50 32.22 -7.76 -62.40
C LEU C 50 32.81 -9.12 -62.07
N THR C 51 33.20 -9.86 -63.12
CA THR C 51 33.87 -11.15 -63.03
C THR C 51 35.36 -10.94 -62.79
N LYS C 52 36.18 -11.97 -63.03
CA LYS C 52 37.63 -11.84 -62.91
C LYS C 52 38.16 -10.84 -63.94
N THR C 53 39.48 -10.63 -63.92
CA THR C 53 40.12 -9.32 -63.92
C THR C 53 39.41 -8.18 -64.66
N ASP C 54 39.04 -8.35 -65.93
CA ASP C 54 38.39 -7.26 -66.64
C ASP C 54 37.53 -7.79 -67.80
N THR C 55 36.22 -7.92 -67.56
CA THR C 55 35.17 -7.78 -68.54
C THR C 55 33.84 -7.65 -67.80
N HIS C 56 32.83 -7.16 -68.51
CA HIS C 56 31.54 -6.91 -67.90
C HIS C 56 30.71 -8.19 -67.93
N ASP C 57 29.81 -8.31 -66.95
CA ASP C 57 29.15 -9.58 -66.68
C ASP C 57 27.95 -9.28 -65.80
N HIS C 58 26.96 -10.18 -65.83
CA HIS C 58 25.78 -10.07 -64.98
C HIS C 58 25.60 -11.30 -64.10
N THR C 59 26.63 -12.13 -63.94
CA THR C 59 26.39 -13.40 -63.26
C THR C 59 27.39 -13.69 -62.14
N LYS C 60 28.66 -13.33 -62.31
CA LYS C 60 29.69 -13.71 -61.34
C LYS C 60 30.07 -12.52 -60.47
N ILE C 61 30.11 -12.74 -59.16
CA ILE C 61 30.60 -11.72 -58.22
C ILE C 61 32.10 -11.92 -58.01
N ARG C 62 32.75 -10.93 -57.40
CA ARG C 62 34.20 -10.96 -57.17
C ARG C 62 34.47 -10.74 -55.69
N TYR C 63 35.09 -11.71 -55.03
CA TYR C 63 35.49 -11.51 -53.65
C TYR C 63 36.95 -11.89 -53.46
N ALA C 64 37.44 -11.68 -52.24
CA ALA C 64 38.86 -11.77 -51.94
C ALA C 64 39.12 -12.86 -50.91
N GLU C 65 40.34 -13.39 -50.95
CA GLU C 65 40.74 -14.48 -50.06
C GLU C 65 42.27 -14.45 -49.95
N GLY C 66 42.77 -14.05 -48.79
CA GLY C 66 44.15 -14.22 -48.46
C GLY C 66 45.05 -13.22 -49.16
N HIS C 67 45.33 -13.48 -50.43
CA HIS C 67 46.02 -12.53 -51.29
C HIS C 67 45.49 -12.50 -52.70
N ASP C 68 44.49 -13.32 -53.02
CA ASP C 68 44.14 -13.54 -54.42
C ASP C 68 42.66 -13.22 -54.62
N ILE C 69 42.15 -13.54 -55.80
CA ILE C 69 40.82 -13.13 -56.25
C ILE C 69 40.03 -14.38 -56.59
N ALA C 70 38.82 -14.49 -56.05
CA ALA C 70 37.97 -15.66 -56.32
C ALA C 70 36.68 -15.21 -56.99
N GLU C 71 35.74 -16.15 -57.16
CA GLU C 71 34.45 -15.80 -57.76
C GLU C 71 33.37 -16.72 -57.23
N ALA C 72 32.13 -16.25 -57.31
CA ALA C 72 30.97 -17.04 -56.95
C ALA C 72 29.77 -16.55 -57.77
N ALA C 73 28.64 -17.25 -57.62
CA ALA C 73 27.48 -17.05 -58.48
C ALA C 73 26.48 -16.13 -57.81
N ARG C 74 25.86 -15.25 -58.61
CA ARG C 74 24.97 -14.24 -58.06
C ARG C 74 23.64 -14.85 -57.61
N SER C 75 23.26 -16.00 -58.18
CA SER C 75 21.96 -16.59 -57.88
C SER C 75 21.86 -17.20 -56.50
N THR C 76 22.82 -17.04 -55.60
CA THR C 76 22.59 -17.44 -54.22
C THR C 76 22.94 -16.26 -53.31
N LEU C 77 22.39 -15.09 -53.61
CA LEU C 77 22.59 -13.89 -52.80
C LEU C 77 21.33 -13.69 -51.97
N LYS C 78 21.49 -13.71 -50.65
CA LYS C 78 20.35 -13.68 -49.73
C LYS C 78 20.48 -12.51 -48.77
N VAL C 79 19.35 -11.89 -48.42
CA VAL C 79 19.29 -10.97 -47.30
C VAL C 79 18.12 -11.35 -46.42
N HIS C 80 18.18 -10.89 -45.17
CA HIS C 80 17.12 -11.12 -44.20
C HIS C 80 16.99 -9.92 -43.28
N SER C 81 15.77 -9.53 -42.96
CA SER C 81 15.55 -8.50 -41.95
C SER C 81 14.82 -9.06 -40.74
N SER C 82 13.62 -9.58 -40.92
CA SER C 82 13.08 -10.59 -40.01
C SER C 82 12.40 -11.73 -40.73
N SER C 83 11.94 -11.51 -41.96
CA SER C 83 11.59 -12.53 -42.92
C SER C 83 12.47 -12.30 -44.15
N GLU C 84 12.17 -13.02 -45.23
CA GLU C 84 12.89 -12.78 -46.46
C GLU C 84 12.44 -11.48 -47.11
N CYS C 85 13.32 -10.90 -47.92
CA CYS C 85 12.98 -9.69 -48.67
C CYS C 85 13.83 -9.65 -49.93
N ALA C 86 13.22 -9.24 -51.03
CA ALA C 86 13.79 -9.43 -52.34
C ALA C 86 14.68 -8.26 -52.76
N VAL C 87 15.59 -8.54 -53.67
CA VAL C 87 16.50 -7.55 -54.22
C VAL C 87 15.94 -7.09 -55.56
N THR C 88 16.18 -5.82 -55.91
CA THR C 88 15.53 -5.21 -57.06
C THR C 88 16.51 -4.56 -58.04
N GLY C 89 17.72 -5.09 -58.16
CA GLY C 89 18.62 -4.61 -59.19
C GLY C 89 19.82 -3.90 -58.60
N THR C 90 21.03 -4.30 -59.00
CA THR C 90 22.26 -3.99 -58.25
C THR C 90 23.43 -3.90 -59.21
N MET C 91 24.47 -3.16 -58.79
CA MET C 91 25.80 -3.18 -59.38
C MET C 91 26.76 -2.46 -58.44
N GLY C 92 28.05 -2.68 -58.64
CA GLY C 92 29.07 -1.87 -57.95
C GLY C 92 29.41 -2.41 -56.58
N HIS C 93 29.52 -1.51 -55.60
CA HIS C 93 29.69 -1.86 -54.19
C HIS C 93 28.39 -1.95 -53.42
N PHE C 94 27.25 -1.75 -54.07
CA PHE C 94 26.02 -1.39 -53.39
C PHE C 94 24.94 -2.41 -53.71
N ILE C 95 24.07 -2.71 -52.73
CA ILE C 95 22.83 -3.40 -53.03
C ILE C 95 21.70 -2.60 -52.38
N LEU C 96 20.47 -2.84 -52.84
CA LEU C 96 19.34 -2.05 -52.36
C LEU C 96 18.06 -2.86 -52.39
N ALA C 97 17.26 -2.75 -51.33
CA ALA C 97 16.23 -3.74 -51.06
C ALA C 97 14.96 -3.10 -50.49
N LYS C 98 13.92 -3.95 -50.38
CA LYS C 98 12.58 -3.64 -49.90
C LYS C 98 12.26 -4.59 -48.75
N CYS C 99 12.38 -4.15 -47.50
CA CYS C 99 12.30 -5.16 -46.47
C CYS C 99 11.33 -4.81 -45.36
N PRO C 100 10.61 -5.81 -44.83
CA PRO C 100 9.66 -5.59 -43.72
C PRO C 100 10.37 -5.26 -42.42
N PRO C 101 9.67 -4.71 -41.41
CA PRO C 101 10.36 -4.16 -40.24
C PRO C 101 10.99 -5.22 -39.36
N GLY C 102 11.87 -4.73 -38.47
CA GLY C 102 12.64 -5.62 -37.60
C GLY C 102 13.73 -4.86 -36.89
N GLU C 103 14.78 -5.58 -36.50
CA GLU C 103 15.90 -4.99 -35.77
C GLU C 103 17.27 -5.33 -36.32
N VAL C 104 17.40 -6.28 -37.23
CA VAL C 104 18.69 -6.59 -37.84
C VAL C 104 18.51 -6.62 -39.35
N ILE C 105 19.64 -6.49 -40.05
CA ILE C 105 19.71 -6.70 -41.50
C ILE C 105 20.94 -7.53 -41.77
N SER C 106 20.76 -8.64 -42.46
CA SER C 106 21.84 -9.59 -42.71
C SER C 106 21.97 -9.84 -44.21
N VAL C 107 23.21 -9.91 -44.67
CA VAL C 107 23.56 -10.10 -46.07
C VAL C 107 24.49 -11.29 -46.18
N SER C 108 24.19 -12.24 -47.07
CA SER C 108 24.99 -13.44 -47.17
C SER C 108 24.97 -13.96 -48.59
N PHE C 109 25.91 -14.87 -48.87
CA PHE C 109 25.97 -15.61 -50.12
C PHE C 109 26.76 -16.89 -49.87
N VAL C 110 27.14 -17.58 -50.94
CA VAL C 110 27.88 -18.84 -50.88
C VAL C 110 29.23 -18.62 -51.53
N ASP C 111 30.30 -18.95 -50.81
CA ASP C 111 31.65 -18.84 -51.36
C ASP C 111 32.03 -20.08 -52.17
N SER C 112 33.34 -20.25 -52.41
CA SER C 112 33.84 -21.20 -53.40
C SER C 112 33.47 -22.64 -53.09
N LYS C 113 33.95 -23.18 -51.97
CA LYS C 113 33.87 -24.61 -51.70
C LYS C 113 32.69 -24.98 -50.82
N ASN C 114 31.55 -24.32 -51.06
CA ASN C 114 30.24 -24.59 -50.45
C ASN C 114 30.30 -24.39 -48.93
N GLU C 115 30.55 -23.13 -48.57
CA GLU C 115 30.38 -22.66 -47.19
C GLU C 115 29.58 -21.37 -47.23
N GLN C 116 29.35 -20.79 -46.06
CA GLN C 116 28.51 -19.60 -45.95
C GLN C 116 29.26 -18.48 -45.24
N ARG C 117 28.88 -17.24 -45.57
CA ARG C 117 29.52 -16.05 -45.05
C ARG C 117 28.43 -15.08 -44.58
N THR C 118 28.32 -14.88 -43.28
CA THR C 118 27.24 -14.04 -42.76
C THR C 118 27.81 -12.83 -42.03
N CYS C 119 26.90 -11.91 -41.70
CA CYS C 119 27.15 -10.70 -40.92
C CYS C 119 25.81 -10.13 -40.51
N ARG C 120 25.71 -9.68 -39.27
CA ARG C 120 24.47 -9.13 -38.73
C ARG C 120 24.77 -7.84 -37.97
N ILE C 121 24.19 -6.74 -38.42
CA ILE C 121 24.34 -5.48 -37.69
C ILE C 121 22.98 -5.05 -37.19
N ALA C 122 22.91 -3.92 -36.51
CA ALA C 122 21.68 -3.45 -35.89
C ALA C 122 21.19 -2.19 -36.59
N TYR C 123 19.88 -2.17 -36.89
CA TYR C 123 19.23 -1.02 -37.54
C TYR C 123 17.73 -1.13 -37.32
N HIS C 124 17.04 0.01 -37.35
CA HIS C 124 15.64 0.13 -36.93
C HIS C 124 14.88 1.05 -37.89
N HIS C 125 13.71 0.61 -38.38
CA HIS C 125 12.91 1.46 -39.26
C HIS C 125 11.45 1.03 -39.22
N GLU C 126 10.61 1.81 -39.91
CA GLU C 126 9.17 1.56 -40.05
C GLU C 126 8.75 2.07 -41.44
N GLN C 127 7.44 2.23 -41.66
CA GLN C 127 6.89 2.38 -43.00
C GLN C 127 6.62 3.80 -43.45
N ARG C 128 6.74 4.79 -42.56
CA ARG C 128 6.76 6.24 -42.82
C ARG C 128 5.42 6.87 -43.21
N LEU C 129 4.39 6.07 -43.52
CA LEU C 129 2.96 6.44 -43.51
C LEU C 129 2.65 7.67 -44.38
N ILE C 130 2.88 7.52 -45.68
CA ILE C 130 2.56 8.60 -46.61
C ILE C 130 1.10 8.54 -46.97
N GLY C 131 0.40 9.67 -46.80
CA GLY C 131 -1.05 9.67 -46.81
C GLY C 131 -1.61 9.87 -45.42
N ARG C 132 -2.85 9.42 -45.16
CA ARG C 132 -3.38 9.34 -43.79
C ARG C 132 -4.03 7.98 -43.59
N GLU C 133 -3.21 6.94 -43.38
CA GLU C 133 -3.62 5.54 -43.23
C GLU C 133 -2.38 4.69 -42.98
N ARG C 134 -2.53 3.36 -42.84
CA ARG C 134 -1.37 2.46 -42.75
C ARG C 134 -1.69 1.17 -43.52
N PHE C 135 -1.08 1.00 -44.70
CA PHE C 135 -1.25 -0.18 -45.54
C PHE C 135 0.06 -0.94 -45.66
N THR C 136 0.09 -1.98 -46.49
CA THR C 136 1.37 -2.58 -46.86
C THR C 136 1.62 -2.63 -48.35
N VAL C 137 0.63 -3.03 -49.16
CA VAL C 137 0.81 -3.15 -50.60
C VAL C 137 -0.18 -2.23 -51.30
N ARG C 138 0.22 -1.72 -52.47
CA ARG C 138 -0.58 -0.71 -53.14
C ARG C 138 -1.84 -1.32 -53.77
N PRO C 139 -3.00 -0.78 -53.51
CA PRO C 139 -4.23 -1.30 -54.12
C PRO C 139 -4.48 -0.76 -55.51
N HIS C 140 -5.68 -1.00 -56.04
CA HIS C 140 -5.96 -0.80 -57.46
C HIS C 140 -7.05 0.23 -57.75
N HIS C 141 -7.18 1.26 -56.90
CA HIS C 141 -7.85 2.52 -57.22
C HIS C 141 -7.52 3.52 -56.12
N GLY C 142 -7.50 4.80 -56.47
CA GLY C 142 -7.35 5.83 -55.48
C GLY C 142 -6.49 6.97 -55.96
N ILE C 143 -6.19 7.88 -55.02
CA ILE C 143 -5.47 9.10 -55.32
C ILE C 143 -3.98 8.81 -55.56
N GLU C 144 -3.35 9.66 -56.36
CA GLU C 144 -1.90 9.71 -56.48
C GLU C 144 -1.35 10.93 -55.78
N LEU C 145 -0.20 10.76 -55.13
CA LEU C 145 0.44 11.73 -54.26
C LEU C 145 1.88 11.91 -54.70
N PRO C 146 2.59 12.92 -54.21
CA PRO C 146 4.02 13.00 -54.49
C PRO C 146 4.87 12.15 -53.55
N CYS C 147 5.84 11.44 -54.14
CA CYS C 147 6.76 10.56 -53.42
C CYS C 147 8.14 10.71 -54.06
N THR C 148 9.17 10.12 -53.44
CA THR C 148 10.55 10.24 -53.93
C THR C 148 11.23 8.87 -53.94
N THR C 149 11.90 8.52 -55.04
CA THR C 149 12.42 7.15 -55.16
C THR C 149 13.75 7.13 -55.92
N TYR C 150 14.34 5.94 -55.98
CA TYR C 150 15.65 5.73 -56.60
C TYR C 150 15.55 5.36 -58.07
N GLN C 151 16.46 5.91 -58.88
CA GLN C 151 16.65 5.53 -60.26
C GLN C 151 17.43 4.23 -60.34
N LEU C 152 17.41 3.63 -61.54
CA LEU C 152 18.16 2.42 -61.84
C LEU C 152 19.03 2.62 -63.08
N THR C 153 19.70 3.77 -63.14
CA THR C 153 20.55 4.17 -64.26
C THR C 153 22.02 4.06 -63.80
N THR C 154 22.95 4.56 -64.62
CA THR C 154 24.39 4.43 -64.39
C THR C 154 25.12 5.76 -64.36
N ALA C 155 24.75 6.69 -65.23
CA ALA C 155 25.39 8.01 -65.25
C ALA C 155 24.98 8.81 -64.03
N GLU C 156 25.91 9.64 -63.55
CA GLU C 156 25.85 10.18 -62.20
C GLU C 156 26.00 11.70 -62.23
N THR C 157 25.48 12.35 -61.17
CA THR C 157 25.37 13.80 -61.12
C THR C 157 26.23 14.33 -59.95
N SER C 158 27.49 13.92 -59.94
CA SER C 158 28.57 14.53 -59.13
C SER C 158 28.35 14.39 -57.62
N GLU C 159 28.35 13.14 -57.15
CA GLU C 159 28.68 12.84 -55.76
C GLU C 159 29.42 11.50 -55.71
N GLU C 160 30.45 11.43 -54.87
CA GLU C 160 31.46 10.40 -54.98
C GLU C 160 31.92 9.96 -53.59
N ILE C 161 32.86 9.00 -53.55
CA ILE C 161 33.48 8.57 -52.31
C ILE C 161 35.00 8.57 -52.47
N ASP C 162 35.69 8.53 -51.34
CA ASP C 162 37.14 8.63 -51.33
C ASP C 162 37.77 7.30 -51.71
N MET C 163 39.08 7.35 -51.98
CA MET C 163 39.81 6.16 -52.42
C MET C 163 41.26 6.33 -51.98
N HIS C 164 41.97 5.22 -51.79
CA HIS C 164 43.26 5.27 -51.11
C HIS C 164 44.09 4.08 -51.56
N MET C 165 45.37 4.07 -51.19
CA MET C 165 46.29 2.99 -51.55
C MET C 165 46.58 2.11 -50.34
N PRO C 166 46.63 0.79 -50.52
CA PRO C 166 46.57 -0.13 -49.37
C PRO C 166 47.85 -0.15 -48.57
N PRO C 167 47.77 -0.52 -47.29
CA PRO C 167 48.99 -0.59 -46.47
C PRO C 167 49.64 -1.96 -46.53
N ASP C 168 50.74 -2.11 -45.80
CA ASP C 168 51.51 -3.33 -45.79
C ASP C 168 50.80 -4.40 -44.97
N ILE C 169 51.07 -5.66 -45.29
CA ILE C 169 50.45 -6.78 -44.60
C ILE C 169 51.51 -7.75 -44.10
N PRO C 170 51.47 -8.12 -42.81
CA PRO C 170 52.39 -9.13 -42.30
C PRO C 170 51.85 -10.53 -42.49
N ASP C 171 52.76 -11.51 -42.38
CA ASP C 171 52.42 -12.90 -42.60
C ASP C 171 53.43 -13.79 -41.88
N ARG C 172 52.96 -14.94 -41.41
CA ARG C 172 53.82 -15.94 -40.80
C ARG C 172 53.70 -17.32 -41.44
N THR C 173 53.10 -17.42 -42.62
CA THR C 173 53.22 -18.64 -43.41
C THR C 173 54.52 -18.66 -44.19
N ILE C 174 55.12 -17.47 -44.37
CA ILE C 174 56.40 -17.36 -45.06
C ILE C 174 57.52 -17.97 -44.24
N LEU C 175 57.50 -17.77 -42.93
CA LEU C 175 58.62 -18.11 -42.06
C LEU C 175 58.75 -19.62 -41.85
N SER C 176 60.00 -20.07 -41.68
CA SER C 176 60.34 -21.43 -41.30
C SER C 176 61.80 -21.45 -40.84
N GLN C 177 62.17 -22.52 -40.15
CA GLN C 177 63.55 -22.78 -39.75
C GLN C 177 64.21 -23.69 -40.77
N GLN C 178 65.51 -23.88 -40.61
CA GLN C 178 66.24 -24.85 -41.41
C GLN C 178 67.22 -25.60 -40.50
N SER C 179 66.77 -25.92 -39.28
CA SER C 179 67.57 -26.49 -38.18
C SER C 179 68.82 -25.65 -37.94
N GLY C 180 68.60 -24.42 -37.50
CA GLY C 180 69.68 -23.44 -37.55
C GLY C 180 69.24 -22.14 -38.17
N ASN C 181 69.78 -21.85 -39.36
CA ASN C 181 69.66 -20.55 -40.01
C ASN C 181 68.22 -20.28 -40.45
N VAL C 182 67.99 -19.03 -40.85
CA VAL C 182 66.66 -18.52 -41.10
C VAL C 182 66.49 -18.37 -42.61
N LYS C 183 65.27 -18.66 -43.11
CA LYS C 183 65.02 -18.47 -44.52
C LYS C 183 63.63 -17.90 -44.81
N ILE C 184 63.59 -16.84 -45.61
CA ILE C 184 62.35 -16.27 -46.11
C ILE C 184 61.94 -17.03 -47.36
N THR C 185 60.77 -17.65 -47.32
CA THR C 185 60.26 -18.45 -48.43
C THR C 185 59.21 -17.63 -49.17
N VAL C 186 59.62 -17.02 -50.28
CA VAL C 186 58.76 -16.17 -51.09
C VAL C 186 58.08 -17.04 -52.13
N ASN C 187 56.81 -16.72 -52.45
CA ASN C 187 56.11 -17.40 -53.51
C ASN C 187 55.90 -16.50 -54.73
N GLY C 188 56.72 -15.46 -54.86
CA GLY C 188 56.76 -14.73 -56.12
C GLY C 188 56.21 -13.32 -56.14
N ARG C 189 56.22 -12.63 -55.00
CA ARG C 189 55.87 -11.22 -54.94
C ARG C 189 56.83 -10.49 -54.01
N THR C 190 56.94 -9.18 -54.21
CA THR C 190 58.00 -8.40 -53.57
C THR C 190 57.78 -8.25 -52.06
N VAL C 191 58.85 -8.49 -51.30
CA VAL C 191 58.79 -8.59 -49.84
C VAL C 191 59.99 -7.85 -49.26
N LYS C 192 59.74 -6.90 -48.37
CA LYS C 192 60.79 -6.25 -47.60
C LYS C 192 60.43 -6.36 -46.13
N TYR C 193 61.41 -6.76 -45.32
CA TYR C 193 61.13 -7.34 -44.01
C TYR C 193 62.18 -6.87 -43.01
N SER C 194 62.20 -7.49 -41.83
CA SER C 194 63.13 -7.09 -40.77
C SER C 194 63.40 -8.21 -39.78
N CYS C 195 64.67 -8.33 -39.37
CA CYS C 195 65.10 -8.97 -38.13
C CYS C 195 66.28 -8.27 -37.48
N SER C 196 66.31 -8.36 -36.15
CA SER C 196 67.14 -7.56 -35.26
C SER C 196 67.84 -8.48 -34.27
N CYS C 197 68.46 -9.54 -34.81
CA CYS C 197 68.86 -10.69 -34.02
C CYS C 197 70.38 -10.87 -34.02
N PRO C 201 67.21 -7.03 -44.10
CA PRO C 201 66.16 -6.00 -44.22
C PRO C 201 66.43 -4.96 -45.31
N SER C 202 66.16 -5.31 -46.54
CA SER C 202 66.19 -4.37 -47.67
C SER C 202 65.27 -4.91 -48.76
N GLY C 203 65.09 -4.11 -49.80
CA GLY C 203 64.14 -4.46 -50.85
C GLY C 203 64.62 -5.54 -51.78
N THR C 204 64.06 -6.74 -51.63
CA THR C 204 64.50 -7.94 -52.35
C THR C 204 63.35 -8.45 -53.21
N THR C 205 63.24 -7.90 -54.43
CA THR C 205 62.16 -8.31 -55.33
C THR C 205 62.52 -9.59 -56.07
N THR C 206 61.58 -10.55 -56.04
CA THR C 206 61.60 -11.81 -56.79
C THR C 206 62.91 -12.59 -56.61
N THR C 207 63.35 -12.70 -55.35
CA THR C 207 64.59 -13.39 -55.04
C THR C 207 64.44 -14.06 -53.67
N ASP C 208 64.46 -15.39 -53.66
CA ASP C 208 64.29 -16.17 -52.45
C ASP C 208 65.63 -16.31 -51.72
N LYS C 209 65.84 -15.52 -50.65
CA LYS C 209 67.11 -15.45 -49.95
C LYS C 209 67.07 -16.21 -48.62
N THR C 210 68.24 -16.30 -47.99
CA THR C 210 68.44 -17.03 -46.74
C THR C 210 69.52 -16.33 -45.91
N ILE C 211 69.12 -15.73 -44.78
CA ILE C 211 70.05 -15.03 -43.91
C ILE C 211 70.22 -15.78 -42.59
N ASN C 212 71.46 -15.90 -42.12
CA ASN C 212 71.88 -16.95 -41.21
C ASN C 212 71.76 -16.55 -39.73
N SER C 213 71.75 -17.59 -38.88
CA SER C 213 72.06 -17.50 -37.44
C SER C 213 71.03 -16.71 -36.64
N CYS C 214 69.80 -17.23 -36.58
CA CYS C 214 68.82 -16.73 -35.62
C CYS C 214 67.75 -17.77 -35.38
N THR C 215 66.83 -17.45 -34.47
CA THR C 215 65.66 -18.25 -34.12
C THR C 215 64.43 -17.62 -34.78
N VAL C 216 63.32 -18.37 -34.85
CA VAL C 216 62.03 -17.75 -35.15
C VAL C 216 61.48 -17.25 -33.82
N ASP C 217 62.02 -16.13 -33.39
CA ASP C 217 61.45 -15.30 -32.34
C ASP C 217 61.72 -13.84 -32.64
N LYS C 218 62.43 -13.54 -33.73
CA LYS C 218 63.04 -12.24 -33.93
C LYS C 218 62.93 -11.69 -35.35
N CYS C 219 62.25 -12.36 -36.27
CA CYS C 219 62.23 -11.86 -37.65
C CYS C 219 60.81 -11.68 -38.15
N GLN C 220 60.62 -10.56 -38.86
CA GLN C 220 59.33 -9.91 -39.06
C GLN C 220 59.19 -9.61 -40.54
N ALA C 221 58.08 -10.01 -41.16
CA ALA C 221 57.92 -9.88 -42.61
C ALA C 221 56.74 -8.97 -42.97
N TYR C 222 56.81 -8.38 -44.17
CA TYR C 222 55.76 -7.52 -44.70
C TYR C 222 55.71 -7.62 -46.21
N VAL C 223 54.50 -7.68 -46.75
CA VAL C 223 54.27 -7.78 -48.19
C VAL C 223 53.54 -6.51 -48.63
N THR C 224 54.00 -5.91 -49.73
CA THR C 224 53.34 -4.73 -50.26
C THR C 224 52.48 -5.09 -51.47
N SER C 225 51.51 -4.22 -51.76
CA SER C 225 50.51 -4.44 -52.80
C SER C 225 50.32 -3.18 -53.63
N HIS C 226 51.41 -2.62 -54.12
CA HIS C 226 51.53 -1.31 -54.74
C HIS C 226 50.70 -1.14 -56.10
N THR C 227 49.93 -2.10 -56.62
CA THR C 227 49.30 -1.90 -57.93
C THR C 227 47.90 -1.28 -57.85
N LYS C 228 46.97 -1.89 -57.14
CA LYS C 228 45.58 -1.45 -57.13
C LYS C 228 45.27 -0.61 -55.88
N TRP C 229 44.02 -0.15 -55.75
CA TRP C 229 43.60 0.76 -54.70
C TRP C 229 42.53 0.09 -53.82
N GLN C 230 42.08 0.81 -52.79
CA GLN C 230 41.20 0.28 -51.76
C GLN C 230 40.45 1.44 -51.10
N PHE C 231 39.27 1.13 -50.55
CA PHE C 231 38.39 2.12 -49.93
C PHE C 231 39.05 2.75 -48.69
N ASN C 232 38.59 3.96 -48.36
CA ASN C 232 39.05 4.70 -47.18
C ASN C 232 38.17 4.31 -45.99
N SER C 233 38.43 3.08 -45.45
CA SER C 233 37.60 2.47 -44.41
C SER C 233 38.21 2.65 -43.03
N PRO C 234 37.39 2.74 -41.95
CA PRO C 234 37.95 2.89 -40.61
C PRO C 234 38.27 1.59 -39.90
N PHE C 235 38.34 0.46 -40.61
CA PHE C 235 38.71 -0.81 -39.99
C PHE C 235 40.06 -1.34 -40.45
N VAL C 236 40.80 -0.61 -41.27
CA VAL C 236 42.15 -1.02 -41.66
C VAL C 236 43.10 0.13 -41.37
N PRO C 237 44.39 -0.13 -41.11
CA PRO C 237 45.33 0.97 -40.88
C PRO C 237 45.59 1.75 -42.15
N ARG C 238 46.28 2.90 -41.99
CA ARG C 238 46.16 3.97 -42.97
C ARG C 238 47.19 3.93 -44.08
N ALA C 239 48.44 4.35 -43.79
CA ALA C 239 49.45 4.65 -44.78
C ALA C 239 50.65 5.25 -44.06
N GLU C 240 51.64 5.66 -44.84
CA GLU C 240 52.52 6.73 -44.41
C GLU C 240 51.71 7.99 -44.15
N GLN C 241 52.17 8.83 -43.20
CA GLN C 241 51.34 9.81 -42.52
C GLN C 241 50.85 10.97 -43.39
N ALA C 242 51.31 11.07 -44.63
CA ALA C 242 50.80 12.10 -45.52
C ALA C 242 49.38 11.77 -45.98
N GLU C 243 48.68 12.80 -46.48
CA GLU C 243 47.28 12.73 -46.85
C GLU C 243 47.15 12.62 -48.37
N ARG C 244 47.24 11.40 -48.87
CA ARG C 244 47.05 11.11 -50.29
C ARG C 244 45.79 10.27 -50.48
N LYS C 245 45.10 10.50 -51.59
CA LYS C 245 43.78 9.90 -51.83
C LYS C 245 43.46 10.00 -53.31
N GLY C 246 42.23 9.65 -53.66
CA GLY C 246 41.71 9.74 -55.01
C GLY C 246 40.18 9.87 -54.95
N LYS C 247 39.50 9.37 -55.98
CA LYS C 247 38.05 9.50 -56.06
C LYS C 247 37.46 8.53 -57.08
N VAL C 248 36.22 8.11 -56.82
CA VAL C 248 35.38 7.39 -57.78
C VAL C 248 33.93 7.59 -57.33
N HIS C 249 32.98 7.44 -58.25
CA HIS C 249 31.60 7.88 -58.07
C HIS C 249 30.71 6.76 -57.55
N ILE C 250 29.57 7.17 -56.99
CA ILE C 250 28.58 6.26 -56.41
C ILE C 250 27.31 6.30 -57.25
N PRO C 251 26.74 5.18 -57.64
CA PRO C 251 25.55 5.23 -58.50
C PRO C 251 24.27 5.50 -57.73
N PHE C 252 23.13 5.36 -58.43
CA PHE C 252 21.76 5.48 -57.96
C PHE C 252 21.42 6.87 -57.39
N PRO C 253 21.18 7.88 -58.25
CA PRO C 253 20.66 9.17 -57.77
C PRO C 253 19.18 9.12 -57.44
N LEU C 254 18.58 10.28 -57.17
CA LEU C 254 17.21 10.39 -56.72
C LEU C 254 16.39 11.24 -57.67
N ILE C 255 15.09 10.95 -57.75
CA ILE C 255 14.11 11.79 -58.45
C ILE C 255 12.76 11.68 -57.74
N ASN C 256 11.83 12.51 -58.19
CA ASN C 256 10.51 12.65 -57.59
C ASN C 256 9.46 12.05 -58.53
N THR C 257 8.56 11.25 -57.97
CA THR C 257 7.55 10.53 -58.74
C THR C 257 6.25 10.47 -57.96
N THR C 258 5.37 9.59 -58.40
CA THR C 258 4.05 9.39 -57.81
C THR C 258 3.95 7.97 -57.26
N CYS C 259 2.83 7.72 -56.58
CA CYS C 259 2.63 6.59 -55.70
C CYS C 259 1.14 6.53 -55.39
N ARG C 260 0.64 5.35 -55.02
CA ARG C 260 -0.81 5.16 -54.92
C ARG C 260 -1.20 4.87 -53.47
N VAL C 261 -2.43 5.24 -53.11
CA VAL C 261 -2.92 5.42 -51.74
C VAL C 261 -4.29 4.76 -51.61
N PRO C 262 -4.61 4.10 -50.47
CA PRO C 262 -5.78 3.20 -50.42
C PRO C 262 -7.17 3.83 -50.49
N LEU C 263 -7.40 5.04 -49.99
CA LEU C 263 -8.70 5.75 -50.03
C LEU C 263 -9.79 4.95 -49.29
N ALA C 264 -9.71 5.02 -47.95
CA ALA C 264 -10.65 4.49 -46.96
C ALA C 264 -12.11 4.84 -47.28
N PRO C 265 -13.10 3.97 -46.91
CA PRO C 265 -14.47 4.14 -47.42
C PRO C 265 -15.27 5.30 -46.86
N GLU C 266 -16.54 5.38 -47.25
CA GLU C 266 -17.35 6.57 -47.09
C GLU C 266 -17.82 6.73 -45.66
N ALA C 267 -18.00 7.97 -45.24
CA ALA C 267 -18.57 8.32 -43.95
C ALA C 267 -19.91 9.00 -44.18
N LEU C 268 -20.97 8.42 -43.65
CA LEU C 268 -22.32 8.95 -43.81
C LEU C 268 -22.75 9.70 -42.56
N VAL C 269 -23.43 10.82 -42.76
CA VAL C 269 -23.65 11.81 -41.72
C VAL C 269 -25.11 11.76 -41.27
N ARG C 270 -25.36 12.19 -40.03
CA ARG C 270 -26.70 12.23 -39.45
C ARG C 270 -26.81 13.51 -38.63
N SER C 271 -28.02 14.08 -38.61
CA SER C 271 -28.24 15.40 -38.04
C SER C 271 -29.00 15.33 -36.72
N GLY C 272 -28.81 16.37 -35.90
CA GLY C 272 -29.63 16.57 -34.72
C GLY C 272 -29.60 18.05 -34.41
N LYS C 273 -30.54 18.48 -33.58
CA LYS C 273 -30.73 19.92 -33.39
C LYS C 273 -29.54 20.49 -32.63
N ARG C 274 -28.83 21.38 -33.32
CA ARG C 274 -27.63 22.13 -32.98
C ARG C 274 -26.36 21.27 -33.05
N GLU C 275 -26.46 19.96 -33.32
CA GLU C 275 -25.21 19.21 -33.50
C GLU C 275 -25.35 18.05 -34.47
N ALA C 276 -24.33 17.86 -35.27
CA ALA C 276 -24.30 16.78 -36.25
C ALA C 276 -23.42 15.66 -35.74
N THR C 277 -23.88 14.42 -35.89
CA THR C 277 -23.12 13.28 -35.43
C THR C 277 -22.62 12.48 -36.63
N LEU C 278 -21.68 11.60 -36.38
CA LEU C 278 -21.07 10.81 -37.44
C LEU C 278 -21.23 9.32 -37.15
N SER C 279 -20.94 8.52 -38.17
CA SER C 279 -20.73 7.10 -38.01
C SER C 279 -19.62 6.68 -38.96
N LEU C 280 -18.77 5.77 -38.52
CA LEU C 280 -17.58 5.42 -39.28
C LEU C 280 -17.51 3.91 -39.43
N HIS C 281 -16.82 3.47 -40.48
CA HIS C 281 -16.57 2.04 -40.69
C HIS C 281 -15.21 1.87 -41.32
N PRO C 282 -14.16 1.80 -40.51
CA PRO C 282 -12.81 1.68 -41.05
C PRO C 282 -12.39 0.25 -41.33
N ILE C 283 -11.56 0.10 -42.36
CA ILE C 283 -10.95 -1.19 -42.66
C ILE C 283 -9.65 -1.35 -41.91
N HIS C 284 -8.87 -0.28 -41.89
CA HIS C 284 -7.52 -0.22 -41.32
C HIS C 284 -7.21 1.26 -41.11
N PRO C 285 -6.41 1.63 -40.09
CA PRO C 285 -6.62 2.89 -39.36
C PRO C 285 -6.56 4.17 -40.17
N THR C 286 -7.24 5.18 -39.66
CA THR C 286 -7.59 6.39 -40.43
C THR C 286 -7.35 7.58 -39.52
N LEU C 287 -7.88 8.75 -39.85
CA LEU C 287 -7.71 9.97 -39.05
C LEU C 287 -8.95 10.84 -39.16
N LEU C 288 -9.26 11.59 -38.11
CA LEU C 288 -10.22 12.68 -38.15
C LEU C 288 -9.57 13.98 -37.72
N SER C 289 -10.31 15.06 -37.95
CA SER C 289 -10.02 16.42 -37.51
C SER C 289 -11.23 17.27 -37.82
N TYR C 290 -11.35 18.41 -37.13
CA TYR C 290 -12.43 19.34 -37.40
C TYR C 290 -12.06 20.73 -36.91
N ARG C 291 -12.34 21.74 -37.71
CA ARG C 291 -12.14 23.11 -37.26
C ARG C 291 -13.47 23.75 -36.89
N THR C 292 -13.41 24.98 -36.43
CA THR C 292 -14.58 25.82 -36.26
C THR C 292 -14.24 27.19 -36.81
N LEU C 293 -15.17 27.77 -37.57
CA LEU C 293 -14.87 28.93 -38.39
C LEU C 293 -15.25 30.22 -37.69
N GLY C 294 -15.08 30.28 -36.37
CA GLY C 294 -15.22 31.50 -35.60
C GLY C 294 -13.90 32.21 -35.44
N ARG C 295 -13.67 32.79 -34.27
CA ARG C 295 -12.42 33.48 -34.03
C ARG C 295 -11.43 32.64 -33.21
N GLU C 296 -11.90 31.72 -32.38
CA GLU C 296 -11.02 30.82 -31.65
C GLU C 296 -11.49 29.38 -31.86
N PRO C 297 -10.68 28.53 -32.49
CA PRO C 297 -11.14 27.20 -32.86
C PRO C 297 -11.14 26.25 -31.68
N VAL C 298 -11.45 24.98 -31.95
CA VAL C 298 -11.44 23.96 -30.90
C VAL C 298 -10.56 22.76 -31.27
N PHE C 299 -10.38 22.53 -32.58
CA PHE C 299 -9.30 21.75 -33.23
C PHE C 299 -8.90 20.42 -32.57
N ASP C 300 -9.86 19.67 -32.05
CA ASP C 300 -9.51 18.34 -31.54
C ASP C 300 -9.42 17.33 -32.68
N GLU C 301 -8.53 16.36 -32.53
CA GLU C 301 -8.30 15.35 -33.56
C GLU C 301 -7.62 14.13 -32.96
N GLN C 302 -7.94 12.94 -33.47
CA GLN C 302 -7.54 11.69 -32.82
C GLN C 302 -7.71 10.50 -33.75
N TRP C 303 -6.81 9.52 -33.62
CA TRP C 303 -6.77 8.32 -34.45
C TRP C 303 -7.83 7.33 -34.04
N ILE C 304 -8.40 6.61 -35.01
CA ILE C 304 -9.38 5.57 -34.72
C ILE C 304 -8.97 4.29 -35.42
N THR C 305 -9.38 3.15 -34.84
CA THR C 305 -9.02 1.84 -35.40
C THR C 305 -10.22 0.93 -35.61
N THR C 306 -11.20 0.99 -34.72
CA THR C 306 -12.37 0.12 -34.78
C THR C 306 -13.62 0.98 -34.88
N GLN C 307 -14.73 0.39 -35.29
CA GLN C 307 -15.87 1.20 -35.71
C GLN C 307 -16.63 1.69 -34.49
N THR C 308 -16.77 3.01 -34.41
CA THR C 308 -17.44 3.69 -33.31
C THR C 308 -18.21 4.86 -33.91
N GLU C 309 -18.60 5.81 -33.07
CA GLU C 309 -19.16 7.06 -33.55
C GLU C 309 -18.67 8.19 -32.66
N VAL C 310 -18.48 9.35 -33.26
CA VAL C 310 -18.05 10.54 -32.54
C VAL C 310 -18.93 11.70 -32.96
N THR C 311 -19.07 12.68 -32.08
CA THR C 311 -19.92 13.83 -32.32
C THR C 311 -19.08 15.10 -32.38
N ILE C 312 -19.58 16.06 -33.16
CA ILE C 312 -18.93 17.36 -33.34
C ILE C 312 -19.88 18.35 -32.69
N PRO C 313 -19.48 19.57 -32.37
CA PRO C 313 -20.48 20.63 -32.27
C PRO C 313 -20.57 21.38 -33.59
N VAL C 314 -21.64 22.15 -33.80
CA VAL C 314 -21.71 22.99 -34.99
C VAL C 314 -22.47 24.28 -34.70
N PRO C 315 -21.78 25.41 -34.67
CA PRO C 315 -22.42 26.69 -34.38
C PRO C 315 -23.12 27.27 -35.61
N VAL C 316 -23.53 28.52 -35.50
CA VAL C 316 -24.23 29.21 -36.58
C VAL C 316 -23.22 29.88 -37.50
N GLU C 317 -21.93 29.58 -37.31
CA GLU C 317 -20.89 30.11 -38.18
C GLU C 317 -20.25 29.08 -39.09
N GLY C 318 -20.20 27.81 -38.69
CA GLY C 318 -19.80 26.77 -39.61
C GLY C 318 -18.61 25.94 -39.19
N VAL C 319 -18.60 24.63 -39.46
CA VAL C 319 -17.46 23.78 -39.15
C VAL C 319 -17.19 22.88 -40.33
N GLU C 320 -16.04 22.22 -40.30
CA GLU C 320 -15.66 21.34 -41.39
C GLU C 320 -14.69 20.27 -40.89
N TYR C 321 -14.87 19.05 -41.41
CA TYR C 321 -14.14 17.86 -41.05
C TYR C 321 -13.38 17.34 -42.27
N ARG C 322 -12.59 16.29 -42.05
CA ARG C 322 -11.80 15.68 -43.12
C ARG C 322 -11.47 14.25 -42.73
N TRP C 323 -12.02 13.28 -43.45
CA TRP C 323 -11.96 11.86 -43.13
C TRP C 323 -11.11 11.15 -44.16
N GLY C 324 -9.85 10.86 -43.82
CA GLY C 324 -9.03 10.05 -44.68
C GLY C 324 -8.36 10.85 -45.76
N ASN C 325 -8.29 10.29 -46.96
CA ASN C 325 -7.66 10.95 -48.10
C ASN C 325 -8.70 11.60 -49.00
N HIS C 326 -9.54 12.46 -48.45
CA HIS C 326 -10.63 13.10 -49.18
C HIS C 326 -10.50 14.62 -49.13
N LYS C 327 -11.00 15.27 -50.14
CA LYS C 327 -11.08 16.71 -50.07
C LYS C 327 -12.22 17.13 -49.13
N PRO C 328 -12.03 18.19 -48.35
CA PRO C 328 -12.86 18.39 -47.16
C PRO C 328 -14.27 18.84 -47.48
N GLN C 329 -15.13 18.72 -46.47
CA GLN C 329 -16.55 19.01 -46.60
C GLN C 329 -16.96 20.03 -45.55
N ARG C 330 -17.45 21.19 -46.00
CA ARG C 330 -17.89 22.24 -45.10
C ARG C 330 -19.34 22.02 -44.72
N LEU C 331 -19.76 22.56 -43.58
CA LEU C 331 -21.04 22.17 -43.00
C LEU C 331 -21.47 23.25 -42.02
N TRP C 332 -22.53 23.99 -42.35
CA TRP C 332 -23.07 25.06 -41.51
C TRP C 332 -24.26 24.57 -40.70
N SER C 333 -24.97 25.49 -40.07
CA SER C 333 -26.19 25.17 -39.35
C SER C 333 -27.24 26.25 -39.59
N GLN C 334 -28.50 25.84 -39.64
CA GLN C 334 -29.58 26.68 -40.12
C GLN C 334 -30.40 27.18 -38.95
N LEU C 335 -31.04 28.33 -39.13
CA LEU C 335 -31.72 29.00 -38.03
C LEU C 335 -33.08 28.36 -37.81
N THR C 336 -33.19 27.57 -36.74
CA THR C 336 -34.44 26.89 -36.42
C THR C 336 -34.83 27.12 -34.97
N THR C 337 -36.14 27.08 -34.70
CA THR C 337 -36.65 27.28 -33.35
C THR C 337 -37.28 26.00 -32.81
N GLU C 338 -38.44 26.14 -32.18
CA GLU C 338 -39.15 24.99 -31.62
C GLU C 338 -40.63 25.31 -31.40
N GLY C 339 -40.94 26.59 -31.25
CA GLY C 339 -42.31 27.01 -31.03
C GLY C 339 -42.93 27.66 -32.26
N ARG C 340 -43.97 28.45 -32.04
CA ARG C 340 -44.66 29.14 -33.13
C ARG C 340 -44.07 30.52 -33.38
N ALA C 341 -44.92 31.46 -33.77
CA ALA C 341 -44.49 32.83 -34.03
C ALA C 341 -45.65 33.81 -33.96
N HIS C 342 -46.79 33.34 -33.46
CA HIS C 342 -47.97 34.18 -33.34
C HIS C 342 -48.86 33.53 -32.30
N GLY C 343 -49.50 34.33 -31.47
CA GLY C 343 -50.53 33.79 -30.60
C GLY C 343 -50.54 34.31 -29.18
N TRP C 344 -50.52 33.39 -28.23
CA TRP C 344 -50.58 33.79 -26.85
C TRP C 344 -49.18 34.13 -26.35
N PRO C 345 -49.05 35.17 -25.54
CA PRO C 345 -47.72 35.69 -25.22
C PRO C 345 -46.91 34.81 -24.30
N HIS C 346 -47.46 33.69 -23.85
CA HIS C 346 -46.65 32.73 -23.12
C HIS C 346 -45.72 32.09 -24.12
N GLU C 347 -46.15 32.01 -25.37
CA GLU C 347 -45.42 31.26 -26.35
C GLU C 347 -44.37 32.10 -27.03
N ILE C 348 -44.61 33.40 -27.16
CA ILE C 348 -43.73 34.21 -27.98
C ILE C 348 -42.42 34.41 -27.27
N ILE C 349 -42.45 34.51 -25.95
CA ILE C 349 -41.23 34.77 -25.21
C ILE C 349 -40.29 33.58 -25.25
N GLU C 350 -40.82 32.38 -25.24
CA GLU C 350 -39.93 31.25 -25.32
C GLU C 350 -39.52 30.95 -26.73
N TYR C 351 -40.23 31.50 -27.72
CA TYR C 351 -39.79 31.40 -29.09
C TYR C 351 -38.44 32.06 -29.29
N TYR C 352 -38.19 33.18 -28.62
CA TYR C 352 -36.87 33.79 -28.70
C TYR C 352 -35.84 33.05 -27.88
N TYR C 353 -36.26 32.32 -26.84
CA TYR C 353 -35.34 31.64 -25.96
C TYR C 353 -34.52 30.56 -26.66
N GLY C 354 -35.06 29.97 -27.71
CA GLY C 354 -34.24 29.12 -28.54
C GLY C 354 -33.33 29.84 -29.49
N LEU C 355 -33.26 31.16 -29.42
CA LEU C 355 -32.45 31.89 -30.35
C LEU C 355 -31.37 32.75 -29.72
N HIS C 356 -31.69 33.52 -28.71
CA HIS C 356 -30.69 34.36 -28.06
C HIS C 356 -30.76 34.17 -26.57
N PRO C 357 -30.49 32.97 -26.08
CA PRO C 357 -30.98 32.59 -24.74
C PRO C 357 -30.32 33.34 -23.60
N THR C 358 -29.38 34.22 -23.87
CA THR C 358 -28.83 35.11 -22.88
C THR C 358 -29.77 36.26 -22.64
N THR C 359 -29.98 37.06 -23.67
CA THR C 359 -30.63 38.35 -23.52
C THR C 359 -32.12 38.23 -23.32
N THR C 360 -32.64 37.03 -23.57
CA THR C 360 -34.03 36.69 -23.27
C THR C 360 -34.35 36.94 -21.81
N ILE C 361 -33.40 36.64 -20.95
CA ILE C 361 -33.58 36.94 -19.54
C ILE C 361 -33.49 38.43 -19.34
N VAL C 362 -32.53 39.04 -20.03
CA VAL C 362 -32.17 40.43 -19.81
C VAL C 362 -33.30 41.36 -20.18
N VAL C 363 -34.17 40.94 -21.08
CA VAL C 363 -35.37 41.72 -21.26
C VAL C 363 -36.41 41.41 -20.20
N VAL C 364 -36.58 40.15 -19.83
CA VAL C 364 -37.82 39.76 -19.18
C VAL C 364 -37.81 40.19 -17.73
N ILE C 365 -36.63 40.40 -17.17
CA ILE C 365 -36.60 40.74 -15.77
C ILE C 365 -36.78 42.24 -15.60
N ARG C 366 -36.31 43.01 -16.57
CA ARG C 366 -36.44 44.46 -16.44
C ARG C 366 -37.87 44.90 -16.69
N VAL C 367 -38.59 44.19 -17.55
CA VAL C 367 -39.97 44.59 -17.78
C VAL C 367 -40.83 44.19 -16.60
N SER C 368 -40.41 43.17 -15.87
CA SER C 368 -41.18 42.76 -14.70
C SER C 368 -41.00 43.74 -13.57
N VAL C 369 -39.88 44.43 -13.54
CA VAL C 369 -39.64 45.27 -12.38
C VAL C 369 -40.10 46.69 -12.64
N VAL C 370 -40.20 47.08 -13.90
CA VAL C 370 -40.73 48.41 -14.17
C VAL C 370 -42.25 48.41 -14.04
N VAL C 371 -42.86 47.23 -14.08
CA VAL C 371 -44.31 47.22 -13.99
C VAL C 371 -44.77 47.22 -12.54
N LEU C 372 -44.03 46.53 -11.68
CA LEU C 372 -44.61 46.23 -10.38
C LEU C 372 -44.41 47.40 -9.43
N LEU C 373 -43.38 48.21 -9.66
CA LEU C 373 -43.16 49.32 -8.74
C LEU C 373 -44.15 50.40 -9.04
N SER C 374 -44.62 50.45 -10.28
CA SER C 374 -45.63 51.42 -10.65
C SER C 374 -46.99 50.99 -10.11
N PHE C 375 -47.22 49.68 -10.12
CA PHE C 375 -48.27 49.10 -9.29
C PHE C 375 -48.07 49.47 -7.85
N ALA C 376 -46.83 49.37 -7.37
CA ALA C 376 -46.55 49.73 -6.00
C ALA C 376 -46.64 51.23 -5.80
N ALA C 377 -46.34 52.00 -6.85
CA ALA C 377 -46.46 53.45 -6.74
C ALA C 377 -47.91 53.84 -6.64
N SER C 378 -48.74 53.24 -7.49
CA SER C 378 -50.12 53.66 -7.66
C SER C 378 -50.92 53.47 -6.38
N VAL C 379 -50.63 52.41 -5.67
CA VAL C 379 -51.33 52.18 -4.42
C VAL C 379 -50.76 53.06 -3.33
N TYR C 380 -49.52 53.53 -3.53
CA TYR C 380 -48.83 54.20 -2.43
C TYR C 380 -49.37 55.60 -2.22
N MET C 381 -49.77 56.28 -3.29
CA MET C 381 -50.21 57.64 -3.08
C MET C 381 -51.72 57.74 -3.00
N CYS C 382 -52.42 56.69 -3.41
CA CYS C 382 -53.89 56.78 -3.37
C CYS C 382 -54.37 56.70 -1.94
N VAL C 383 -53.61 56.02 -1.10
CA VAL C 383 -54.04 55.84 0.28
C VAL C 383 -53.81 57.10 1.08
N VAL C 384 -52.74 57.83 0.78
CA VAL C 384 -52.42 58.99 1.58
C VAL C 384 -53.36 60.12 1.24
N ALA C 385 -53.93 60.07 0.04
CA ALA C 385 -55.06 60.92 -0.24
C ALA C 385 -56.26 60.54 0.59
N ARG C 386 -56.54 59.25 0.70
CA ARG C 386 -57.62 58.77 1.55
C ARG C 386 -57.34 59.10 2.99
N THR C 387 -56.07 59.11 3.37
CA THR C 387 -55.71 59.58 4.69
C THR C 387 -56.07 61.04 4.89
N LYS C 388 -55.57 61.93 4.03
CA LYS C 388 -55.84 63.34 4.20
C LYS C 388 -57.30 63.69 3.98
N CYS C 389 -58.00 62.93 3.13
CA CYS C 389 -59.41 63.22 2.94
C CYS C 389 -60.21 62.77 4.14
N LEU C 390 -59.70 61.81 4.88
CA LEU C 390 -60.42 61.35 6.05
C LEU C 390 -60.02 62.07 7.32
N THR C 391 -58.73 62.32 7.52
CA THR C 391 -58.22 62.47 8.88
C THR C 391 -58.75 63.60 9.76
N PRO C 392 -59.22 64.79 9.27
CA PRO C 392 -59.73 65.75 10.25
C PRO C 392 -61.05 65.29 10.81
N TYR C 393 -61.78 64.47 10.06
CA TYR C 393 -63.03 63.92 10.53
C TYR C 393 -62.81 62.97 11.69
N ALA C 394 -61.60 62.43 11.81
CA ALA C 394 -61.30 61.53 12.92
C ALA C 394 -61.17 62.28 14.23
N LEU C 395 -60.95 63.59 14.14
CA LEU C 395 -60.40 64.30 15.28
C LEU C 395 -61.44 64.90 16.20
N THR C 396 -62.56 65.31 15.65
CA THR C 396 -63.57 66.02 16.43
C THR C 396 -64.20 65.11 17.46
N PRO C 397 -64.71 65.65 18.53
CA PRO C 397 -65.64 64.88 19.36
C PRO C 397 -67.03 64.90 18.77
N GLY C 398 -67.20 64.17 17.67
CA GLY C 398 -68.48 64.08 17.02
C GLY C 398 -68.30 63.32 15.73
N ALA C 399 -69.18 62.35 15.49
CA ALA C 399 -68.91 61.37 14.45
C ALA C 399 -69.76 61.62 13.23
N VAL C 400 -69.99 62.89 12.93
CA VAL C 400 -70.87 63.21 11.81
C VAL C 400 -70.07 63.15 10.52
N VAL C 401 -69.85 61.93 10.05
CA VAL C 401 -69.25 61.74 8.75
C VAL C 401 -70.36 61.86 7.71
N PRO C 402 -70.16 62.63 6.66
CA PRO C 402 -71.22 62.78 5.64
C PRO C 402 -71.30 61.54 4.76
N VAL C 403 -72.26 61.55 3.84
CA VAL C 403 -72.37 60.44 2.91
C VAL C 403 -71.38 60.65 1.78
N THR C 404 -70.13 60.28 2.04
CA THR C 404 -69.09 60.41 1.06
C THR C 404 -68.46 59.02 0.94
N ILE C 405 -69.31 58.02 1.03
CA ILE C 405 -68.80 56.66 0.98
C ILE C 405 -68.53 56.31 -0.47
N GLY C 406 -67.32 56.58 -0.87
CA GLY C 406 -66.73 56.00 -2.03
C GLY C 406 -65.29 55.81 -1.60
N VAL C 407 -65.05 56.00 -0.32
CA VAL C 407 -63.70 56.17 0.16
C VAL C 407 -63.51 55.28 1.39
N LEU C 408 -64.40 54.29 1.54
CA LEU C 408 -64.33 53.22 2.54
C LEU C 408 -64.36 53.78 3.96
N CYS C 409 -65.48 54.40 4.27
CA CYS C 409 -65.65 55.13 5.52
C CYS C 409 -65.73 54.15 6.69
N CYS C 410 -65.24 54.57 7.84
CA CYS C 410 -65.34 53.76 9.05
C CYS C 410 -66.75 53.76 9.61
N ARG D 1 -27.97 75.48 69.94
CA ARG D 1 -26.97 74.69 69.23
C ARG D 1 -27.59 73.93 68.09
N GLU D 2 -28.90 73.77 68.11
CA GLU D 2 -29.58 73.14 66.99
C GLU D 2 -30.33 74.14 66.12
N ARG D 3 -30.44 75.38 66.59
CA ARG D 3 -31.22 76.38 65.90
C ARG D 3 -30.55 76.87 64.63
N MET D 4 -29.27 76.58 64.44
CA MET D 4 -28.63 76.95 63.18
C MET D 4 -28.42 75.75 62.29
N CYS D 5 -28.45 74.54 62.83
CA CYS D 5 -27.94 73.41 62.08
C CYS D 5 -28.99 72.77 61.20
N MET D 6 -30.26 72.90 61.57
CA MET D 6 -31.26 71.93 61.17
C MET D 6 -31.66 72.10 59.71
N LYS D 7 -31.46 73.29 59.17
CA LYS D 7 -31.96 73.60 57.83
C LYS D 7 -31.06 73.00 56.78
N ILE D 8 -29.86 72.61 57.21
CA ILE D 8 -28.78 72.39 56.30
C ILE D 8 -28.90 71.02 55.65
N GLU D 9 -29.14 70.00 56.47
CA GLU D 9 -29.18 68.64 55.97
C GLU D 9 -30.41 68.41 55.10
N HIS D 10 -31.47 69.17 55.34
CA HIS D 10 -32.61 69.17 54.43
C HIS D 10 -32.24 69.69 53.06
N ASP D 11 -31.25 70.57 52.98
CA ASP D 11 -30.77 71.04 51.69
C ASP D 11 -29.73 70.12 51.10
N CYS D 12 -29.05 69.31 51.90
CA CYS D 12 -27.75 68.86 51.42
C CYS D 12 -27.54 67.37 51.63
N ILE D 13 -28.61 66.62 51.89
CA ILE D 13 -28.44 65.21 52.16
C ILE D 13 -29.31 64.40 51.24
N PHE D 14 -28.68 63.57 50.44
CA PHE D 14 -29.33 62.42 49.84
C PHE D 14 -28.73 61.19 50.50
N GLU D 15 -29.35 60.04 50.31
CA GLU D 15 -28.78 58.82 50.83
C GLU D 15 -28.80 57.75 49.75
N VAL D 16 -28.31 56.57 50.10
CA VAL D 16 -28.09 55.52 49.13
C VAL D 16 -29.16 54.47 49.32
N LYS D 17 -29.48 53.75 48.26
CA LYS D 17 -30.41 52.65 48.33
C LYS D 17 -29.83 51.43 47.63
N HIS D 18 -30.17 50.28 48.18
CA HIS D 18 -29.81 48.99 47.58
C HIS D 18 -30.88 47.99 47.96
N GLU D 19 -31.70 47.58 47.00
CA GLU D 19 -32.77 46.63 47.26
C GLU D 19 -33.85 47.24 48.14
N GLY D 20 -34.17 48.50 47.87
CA GLY D 20 -35.19 49.19 48.64
C GLY D 20 -34.90 49.19 50.13
N LYS D 21 -33.67 49.53 50.49
CA LYS D 21 -33.25 49.54 51.88
C LYS D 21 -32.05 50.47 52.10
N VAL D 22 -32.31 51.62 52.71
CA VAL D 22 -31.27 52.61 52.96
C VAL D 22 -30.22 52.05 53.92
N THR D 23 -28.98 52.48 53.74
CA THR D 23 -27.88 52.03 54.59
C THR D 23 -26.87 53.13 54.87
N GLY D 24 -26.56 53.91 53.84
CA GLY D 24 -25.61 55.00 53.97
C GLY D 24 -26.26 56.33 53.74
N TYR D 25 -25.42 57.34 53.53
CA TYR D 25 -25.83 58.71 53.25
C TYR D 25 -24.92 59.31 52.20
N ALA D 26 -25.27 60.51 51.75
CA ALA D 26 -24.50 61.14 50.70
C ALA D 26 -24.57 62.64 50.82
N CYS D 27 -23.46 63.31 50.54
CA CYS D 27 -23.42 64.75 50.62
C CYS D 27 -22.98 65.38 49.31
N LEU D 28 -23.17 66.69 49.26
CA LEU D 28 -22.97 67.52 48.11
C LEU D 28 -22.25 68.77 48.62
N VAL D 29 -20.96 68.85 48.34
CA VAL D 29 -20.09 69.83 48.97
C VAL D 29 -19.33 70.60 47.90
N GLY D 30 -19.45 71.93 47.94
CA GLY D 30 -18.64 72.77 47.08
C GLY D 30 -18.93 72.61 45.61
N ASP D 31 -18.07 71.86 44.93
CA ASP D 31 -18.21 71.63 43.51
C ASP D 31 -18.34 70.15 43.17
N LYS D 32 -18.02 69.27 44.10
CA LYS D 32 -17.95 67.84 43.82
C LYS D 32 -18.84 67.10 44.79
N VAL D 33 -19.54 66.10 44.29
CA VAL D 33 -20.52 65.40 45.10
C VAL D 33 -19.80 64.23 45.77
N MET D 34 -20.24 63.86 46.95
CA MET D 34 -19.42 63.00 47.78
C MET D 34 -20.13 61.70 48.11
N LYS D 35 -19.39 60.59 48.04
CA LYS D 35 -19.93 59.35 48.59
C LYS D 35 -18.84 58.50 49.19
N PRO D 36 -19.04 58.01 50.40
CA PRO D 36 -18.11 57.04 50.97
C PRO D 36 -18.37 55.67 50.41
N ALA D 37 -17.43 55.18 49.62
CA ALA D 37 -17.68 54.03 48.77
C ALA D 37 -17.73 52.70 49.50
N HIS D 38 -17.63 52.70 50.82
CA HIS D 38 -17.69 51.48 51.61
C HIS D 38 -18.97 50.72 51.43
N VAL D 39 -20.10 51.41 51.38
CA VAL D 39 -21.39 50.74 51.34
C VAL D 39 -21.80 50.53 49.88
N PRO D 40 -22.33 49.36 49.53
CA PRO D 40 -22.90 49.21 48.19
C PRO D 40 -24.25 49.89 48.12
N GLY D 41 -24.63 50.29 46.91
CA GLY D 41 -25.96 50.79 46.65
C GLY D 41 -26.00 51.82 45.53
N VAL D 42 -27.21 52.32 45.30
CA VAL D 42 -27.45 53.36 44.31
C VAL D 42 -28.04 54.56 45.04
N ILE D 43 -27.71 55.76 44.59
CA ILE D 43 -28.30 56.97 45.12
C ILE D 43 -29.77 57.00 44.76
N ASP D 44 -30.55 57.67 45.61
CA ASP D 44 -32.01 57.66 45.52
C ASP D 44 -32.49 58.84 44.70
N ASN D 45 -31.93 59.03 43.53
CA ASN D 45 -32.42 60.08 42.67
C ASN D 45 -32.37 59.54 41.25
N ALA D 46 -33.13 60.16 40.36
CA ALA D 46 -33.31 59.61 39.02
C ALA D 46 -32.03 59.74 38.21
N ASP D 47 -31.53 60.95 38.06
CA ASP D 47 -30.59 61.18 36.98
C ASP D 47 -29.13 61.06 37.37
N LEU D 48 -28.71 61.58 38.53
CA LEU D 48 -27.27 61.75 38.70
C LEU D 48 -26.56 60.46 39.06
N ALA D 49 -27.28 59.35 39.15
CA ALA D 49 -26.62 58.06 39.16
C ALA D 49 -26.03 57.69 37.81
N ARG D 50 -26.33 58.44 36.75
CA ARG D 50 -25.81 58.20 35.42
C ARG D 50 -24.43 58.81 35.23
N LEU D 51 -23.68 59.01 36.30
CA LEU D 51 -22.53 59.88 36.27
C LEU D 51 -21.24 59.08 36.30
N SER D 52 -20.16 59.78 36.01
CA SER D 52 -18.82 59.24 36.03
C SER D 52 -18.36 59.18 37.48
N TYR D 53 -17.56 58.20 37.79
CA TYR D 53 -17.04 58.06 39.13
C TYR D 53 -15.57 57.67 39.11
N LYS D 54 -14.83 58.17 40.09
CA LYS D 54 -13.38 57.90 40.12
C LYS D 54 -13.06 57.28 41.47
N LYS D 55 -12.55 56.07 41.43
CA LYS D 55 -12.46 55.34 42.67
C LYS D 55 -11.02 54.99 43.00
N SER D 56 -10.67 55.17 44.27
CA SER D 56 -9.43 54.61 44.80
C SER D 56 -9.78 53.92 46.10
N SER D 57 -9.48 52.64 46.20
CA SER D 57 -9.75 51.89 47.41
C SER D 57 -8.75 52.19 48.50
N LYS D 58 -7.71 52.93 48.19
CA LYS D 58 -6.75 53.36 49.18
C LYS D 58 -7.38 54.27 50.22
N TYR D 59 -8.33 55.10 49.82
CA TYR D 59 -9.01 55.94 50.77
C TYR D 59 -10.41 55.50 51.10
N ASP D 60 -11.04 54.72 50.22
CA ASP D 60 -12.46 54.34 50.29
C ASP D 60 -13.34 55.59 50.27
N LEU D 61 -13.17 56.39 49.23
CA LEU D 61 -14.03 57.53 49.00
C LEU D 61 -14.48 57.51 47.56
N GLU D 62 -15.42 58.39 47.23
CA GLU D 62 -15.88 58.47 45.85
C GLU D 62 -16.48 59.83 45.55
N CYS D 63 -16.06 60.44 44.45
CA CYS D 63 -16.59 61.72 44.04
C CYS D 63 -17.11 61.69 42.62
N ALA D 64 -17.86 62.73 42.30
CA ALA D 64 -18.22 63.08 40.94
C ALA D 64 -18.49 64.58 40.93
N GLN D 65 -18.74 65.11 39.75
CA GLN D 65 -18.96 66.53 39.62
C GLN D 65 -20.45 66.80 39.48
N ILE D 66 -20.93 67.87 40.09
CA ILE D 66 -22.36 68.16 40.09
C ILE D 66 -22.75 68.80 38.77
N PRO D 67 -23.78 68.30 38.09
CA PRO D 67 -24.30 69.00 36.92
C PRO D 67 -24.96 70.30 37.31
N VAL D 68 -25.05 71.21 36.34
CA VAL D 68 -25.21 72.64 36.66
C VAL D 68 -26.57 73.01 37.19
N ALA D 69 -27.50 72.09 37.29
CA ALA D 69 -28.84 72.44 37.70
C ALA D 69 -28.94 72.78 39.17
N MET D 70 -28.60 71.82 40.03
CA MET D 70 -28.65 72.03 41.47
C MET D 70 -27.25 72.23 42.04
N LYS D 71 -26.43 72.98 41.32
CA LYS D 71 -25.06 73.25 41.74
C LYS D 71 -25.01 74.28 42.86
N SER D 72 -26.04 75.12 42.93
CA SER D 72 -26.12 76.15 43.97
C SER D 72 -26.95 75.68 45.15
N ASP D 73 -26.60 74.52 45.69
CA ASP D 73 -27.32 73.95 46.82
C ASP D 73 -26.37 73.24 47.79
N ALA D 74 -25.09 73.55 47.68
CA ALA D 74 -24.08 72.94 48.53
C ALA D 74 -23.59 73.92 49.58
N SER D 75 -22.96 73.37 50.61
CA SER D 75 -22.61 74.20 51.75
C SER D 75 -21.30 74.91 51.50
N LYS D 76 -20.85 75.61 52.53
CA LYS D 76 -19.55 76.24 52.56
C LYS D 76 -18.60 75.39 53.36
N TYR D 77 -17.31 75.70 53.22
CA TYR D 77 -16.29 74.82 53.74
C TYR D 77 -14.99 75.58 53.89
N THR D 78 -14.17 75.14 54.83
CA THR D 78 -12.85 75.70 55.02
C THR D 78 -11.95 74.68 55.67
N HIS D 79 -10.74 75.11 55.97
CA HIS D 79 -9.74 74.19 56.49
C HIS D 79 -9.18 74.69 57.81
N GLU D 80 -9.58 75.88 58.19
CA GLU D 80 -9.09 76.46 59.43
C GLU D 80 -9.76 75.81 60.61
N LYS D 81 -9.00 75.20 61.46
CA LYS D 81 -9.64 74.43 62.50
C LYS D 81 -8.92 74.52 63.84
N PRO D 82 -9.22 75.51 64.62
CA PRO D 82 -8.71 75.54 66.00
C PRO D 82 -9.53 74.57 66.82
N GLU D 83 -9.05 74.25 68.00
CA GLU D 83 -9.71 73.24 68.84
C GLU D 83 -10.87 73.91 69.53
N GLY D 84 -11.92 73.14 69.81
CA GLY D 84 -13.08 73.70 70.46
C GLY D 84 -14.32 72.88 70.17
N HIS D 85 -15.47 73.46 70.51
CA HIS D 85 -16.72 72.75 70.35
C HIS D 85 -17.14 72.71 68.90
N TYR D 86 -17.71 71.59 68.51
CA TYR D 86 -18.31 71.46 67.19
C TYR D 86 -19.53 70.58 67.34
N ASN D 87 -20.26 70.41 66.26
CA ASN D 87 -21.63 69.93 66.34
C ASN D 87 -21.96 68.97 65.23
N TRP D 88 -22.99 68.15 65.45
CA TRP D 88 -23.38 67.16 64.47
C TRP D 88 -24.79 66.71 64.75
N HIS D 89 -25.22 65.69 64.01
CA HIS D 89 -26.61 65.27 63.98
C HIS D 89 -27.07 64.73 65.31
N TYR D 90 -26.17 64.28 66.16
CA TYR D 90 -26.59 63.83 67.47
C TYR D 90 -25.77 64.53 68.53
N GLY D 91 -25.70 65.84 68.44
CA GLY D 91 -25.22 66.59 69.57
C GLY D 91 -23.99 67.41 69.29
N ALA D 92 -23.12 67.53 70.30
CA ALA D 92 -21.98 68.41 70.21
C ALA D 92 -20.73 67.59 70.38
N VAL D 93 -19.73 67.86 69.56
CA VAL D 93 -18.50 67.08 69.58
C VAL D 93 -17.34 67.98 69.93
N GLN D 94 -16.38 67.42 70.64
CA GLN D 94 -15.20 68.14 71.07
C GLN D 94 -14.00 67.62 70.29
N TYR D 95 -13.02 68.49 70.08
CA TYR D 95 -11.86 68.12 69.29
C TYR D 95 -10.61 68.84 69.78
N THR D 96 -9.54 68.06 69.94
CA THR D 96 -8.22 68.60 70.19
C THR D 96 -7.21 67.52 69.89
N GLY D 97 -5.96 67.96 69.73
CA GLY D 97 -4.82 67.07 69.62
C GLY D 97 -4.86 66.14 68.45
N GLY D 98 -5.54 66.55 67.39
CA GLY D 98 -5.79 65.63 66.30
C GLY D 98 -6.74 64.52 66.67
N ARG D 99 -7.55 64.69 67.71
CA ARG D 99 -8.38 63.62 68.22
C ARG D 99 -9.79 64.14 68.43
N PHE D 100 -10.75 63.51 67.76
CA PHE D 100 -12.14 63.86 67.94
C PHE D 100 -12.79 62.96 68.98
N THR D 101 -13.73 63.53 69.75
CA THR D 101 -14.39 62.79 70.81
C THR D 101 -15.87 63.12 70.92
N VAL D 102 -16.64 62.12 71.36
CA VAL D 102 -18.04 62.25 71.76
C VAL D 102 -18.28 61.07 72.70
N PRO D 103 -19.19 61.20 73.67
CA PRO D 103 -19.42 60.07 74.57
C PRO D 103 -20.08 58.85 73.95
N THR D 104 -20.31 57.86 74.81
CA THR D 104 -20.39 56.46 74.39
C THR D 104 -21.60 56.14 73.53
N GLY D 105 -21.37 55.47 72.42
CA GLY D 105 -22.36 54.61 71.81
C GLY D 105 -23.56 55.30 71.20
N VAL D 106 -23.47 56.58 70.93
CA VAL D 106 -24.62 57.29 70.39
C VAL D 106 -24.58 57.24 68.87
N GLY D 107 -23.73 56.38 68.34
CA GLY D 107 -23.67 56.12 66.92
C GLY D 107 -23.78 54.64 66.63
N LYS D 108 -24.30 54.28 65.45
CA LYS D 108 -24.59 52.88 65.15
C LYS D 108 -23.92 52.46 63.86
N PRO D 109 -23.81 51.17 63.60
CA PRO D 109 -23.52 50.73 62.24
C PRO D 109 -24.68 51.02 61.30
N GLY D 110 -24.35 51.39 60.08
CA GLY D 110 -25.35 51.78 59.13
C GLY D 110 -25.53 53.28 59.16
N ASP D 111 -24.47 54.00 59.57
CA ASP D 111 -24.56 55.43 59.74
C ASP D 111 -23.40 56.21 59.16
N SER D 112 -22.77 55.75 58.10
CA SER D 112 -21.67 56.49 57.51
C SER D 112 -22.23 57.60 56.65
N GLY D 113 -21.59 58.76 56.67
CA GLY D 113 -21.99 59.80 55.76
C GLY D 113 -22.57 61.00 56.46
N ARG D 114 -22.09 61.27 57.64
CA ARG D 114 -22.63 62.36 58.42
C ARG D 114 -21.64 63.51 58.49
N PRO D 115 -21.92 64.63 57.85
CA PRO D 115 -21.01 65.77 57.89
C PRO D 115 -21.11 66.48 59.23
N ILE D 116 -20.04 67.19 59.57
CA ILE D 116 -19.90 67.83 60.87
C ILE D 116 -19.49 69.27 60.66
N PHE D 117 -19.92 70.15 61.55
CA PHE D 117 -19.86 71.58 61.30
C PHE D 117 -19.05 72.34 62.33
N ASP D 118 -19.11 73.66 62.20
CA ASP D 118 -18.59 74.62 63.15
C ASP D 118 -19.76 75.33 63.77
N ASN D 119 -19.46 76.44 64.45
CA ASN D 119 -20.54 77.33 64.81
C ASN D 119 -20.95 78.20 63.64
N LYS D 120 -19.99 78.83 62.96
CA LYS D 120 -20.34 79.97 62.14
C LYS D 120 -20.76 79.56 60.73
N GLY D 121 -20.87 78.27 60.47
CA GLY D 121 -21.62 77.85 59.31
C GLY D 121 -21.02 76.89 58.29
N PRO D 122 -19.73 77.02 57.89
CA PRO D 122 -19.19 76.08 56.89
C PRO D 122 -19.11 74.64 57.35
N VAL D 123 -19.08 73.71 56.39
CA VAL D 123 -19.01 72.31 56.74
C VAL D 123 -17.54 72.01 56.94
N VAL D 124 -17.25 70.96 57.68
CA VAL D 124 -15.87 70.71 58.07
C VAL D 124 -15.37 69.41 57.48
N ALA D 125 -15.96 68.30 57.91
CA ALA D 125 -15.42 67.00 57.55
C ALA D 125 -16.51 65.93 57.65
N ILE D 126 -16.09 64.67 57.59
CA ILE D 126 -17.01 63.59 57.27
C ILE D 126 -16.51 62.28 57.87
N VAL D 127 -17.44 61.50 58.42
CA VAL D 127 -17.18 60.43 59.38
C VAL D 127 -17.16 59.09 58.66
N LEU D 128 -16.55 58.07 59.27
CA LEU D 128 -16.59 56.73 58.67
C LEU D 128 -17.14 55.63 59.58
N GLY D 129 -16.60 55.49 60.80
CA GLY D 129 -16.96 54.40 61.69
C GLY D 129 -16.44 54.64 63.09
N GLY D 130 -16.57 53.67 64.00
CA GLY D 130 -16.33 53.94 65.40
C GLY D 130 -15.26 53.05 66.00
N ALA D 131 -14.96 53.32 67.28
CA ALA D 131 -13.92 52.60 68.00
C ALA D 131 -14.23 52.66 69.49
N ASN D 132 -14.05 51.52 70.18
CA ASN D 132 -14.40 51.43 71.59
C ASN D 132 -13.40 52.18 72.44
N GLU D 133 -13.88 52.65 73.59
CA GLU D 133 -13.15 53.66 74.32
C GLU D 133 -13.14 53.48 75.83
N GLY D 134 -14.14 52.79 76.38
CA GLY D 134 -14.56 53.03 77.75
C GLY D 134 -15.65 54.08 77.90
N THR D 135 -15.32 55.37 77.79
CA THR D 135 -16.28 56.43 78.08
C THR D 135 -16.60 57.35 76.91
N ARG D 136 -15.61 57.99 76.30
CA ARG D 136 -15.85 58.97 75.25
C ARG D 136 -15.18 58.51 73.98
N THR D 137 -15.94 58.40 72.90
CA THR D 137 -15.60 57.55 71.77
C THR D 137 -14.49 58.12 70.91
N ALA D 138 -13.90 57.24 70.11
CA ALA D 138 -12.98 57.61 69.05
C ALA D 138 -13.73 57.61 67.73
N LEU D 139 -13.27 58.43 66.82
CA LEU D 139 -13.95 58.61 65.55
C LEU D 139 -13.11 58.05 64.42
N SER D 140 -13.58 58.27 63.19
CA SER D 140 -12.84 57.84 62.01
C SER D 140 -13.28 58.77 60.89
N VAL D 141 -12.44 59.75 60.59
CA VAL D 141 -12.81 60.90 59.78
C VAL D 141 -11.73 61.07 58.72
N VAL D 142 -12.14 61.58 57.56
CA VAL D 142 -11.22 62.04 56.54
C VAL D 142 -11.37 63.55 56.42
N THR D 143 -10.25 64.25 56.24
CA THR D 143 -10.25 65.70 56.27
C THR D 143 -9.23 66.29 55.32
N TRP D 144 -9.01 67.59 55.45
CA TRP D 144 -8.34 68.39 54.44
C TRP D 144 -7.19 69.21 54.98
N ASN D 145 -6.19 69.41 54.13
CA ASN D 145 -5.13 70.37 54.39
C ASN D 145 -5.57 71.70 53.80
N LYS D 146 -4.66 72.66 53.66
CA LYS D 146 -4.84 73.71 52.68
C LYS D 146 -4.98 73.14 51.30
N ASP D 147 -4.24 72.08 51.00
CA ASP D 147 -4.20 71.57 49.65
C ASP D 147 -4.58 70.11 49.52
N MET D 148 -4.46 69.30 50.54
CA MET D 148 -4.59 67.88 50.27
C MET D 148 -5.67 67.29 51.16
N VAL D 149 -6.11 66.08 50.82
CA VAL D 149 -7.03 65.30 51.64
C VAL D 149 -6.18 64.39 52.48
N THR D 150 -6.72 63.93 53.60
CA THR D 150 -6.00 62.98 54.44
C THR D 150 -6.94 62.15 55.30
N LYS D 151 -6.60 60.89 55.44
CA LYS D 151 -7.28 59.97 56.33
C LYS D 151 -6.53 59.95 57.64
N ILE D 152 -7.26 59.78 58.74
CA ILE D 152 -6.66 59.37 60.00
C ILE D 152 -7.51 58.25 60.59
N THR D 153 -6.85 57.22 61.09
CA THR D 153 -7.52 56.01 61.53
C THR D 153 -6.84 55.53 62.80
N PRO D 154 -7.37 55.81 63.94
CA PRO D 154 -6.75 55.34 65.17
C PRO D 154 -6.99 53.86 65.38
N GLU D 155 -6.18 53.30 66.26
CA GLU D 155 -6.12 51.86 66.49
C GLU D 155 -7.43 51.36 67.07
N GLY D 156 -7.79 50.12 66.70
CA GLY D 156 -8.82 49.41 67.40
C GLY D 156 -10.19 49.90 67.04
N THR D 157 -10.43 50.04 65.74
CA THR D 157 -11.71 50.54 65.29
C THR D 157 -12.44 49.47 64.51
N VAL D 158 -13.70 49.77 64.22
CA VAL D 158 -14.55 48.94 63.40
C VAL D 158 -15.07 49.80 62.26
N GLU D 159 -14.97 49.30 61.05
CA GLU D 159 -15.51 50.03 59.93
C GLU D 159 -17.01 49.86 59.92
N TRP D 160 -17.72 50.91 60.29
CA TRP D 160 -19.14 50.98 60.03
C TRP D 160 -19.38 50.99 58.54
N TYR E 1 54.61 7.50 25.58
CA TYR E 1 53.51 8.33 26.01
C TYR E 1 52.25 7.85 25.31
N GLU E 2 51.13 7.85 26.01
CA GLU E 2 49.89 7.28 25.52
C GLU E 2 48.83 8.36 25.36
N HIS E 3 47.86 8.09 24.47
CA HIS E 3 46.94 9.12 24.03
C HIS E 3 45.65 8.47 23.55
N THR E 4 44.56 9.25 23.51
CA THR E 4 43.29 8.77 23.01
C THR E 4 42.62 9.80 22.12
N ALA E 5 41.83 9.32 21.15
CA ALA E 5 41.17 10.21 20.20
C ALA E 5 40.00 9.48 19.57
N VAL E 6 39.22 10.20 18.77
CA VAL E 6 38.12 9.65 17.99
C VAL E 6 38.23 10.16 16.56
N ILE E 7 37.90 9.33 15.58
CA ILE E 7 37.96 9.75 14.18
C ILE E 7 36.65 9.45 13.47
N PRO E 8 36.21 10.32 12.55
CA PRO E 8 34.93 10.08 11.87
C PRO E 8 35.05 9.08 10.74
N ASN E 9 34.04 8.20 10.65
CA ASN E 9 34.05 7.10 9.68
C ASN E 9 33.41 7.60 8.39
N GLN E 10 34.24 8.17 7.52
CA GLN E 10 33.80 8.61 6.20
C GLN E 10 35.01 8.63 5.30
N VAL E 11 34.89 8.03 4.11
CA VAL E 11 36.06 7.77 3.27
C VAL E 11 36.59 9.08 2.69
N GLY E 12 37.91 9.21 2.68
CA GLY E 12 38.57 10.39 2.12
C GLY E 12 38.30 11.67 2.88
N PHE E 13 38.83 11.78 4.09
CA PHE E 13 38.54 12.89 4.95
C PHE E 13 39.70 13.08 5.90
N PRO E 14 40.22 14.30 6.08
CA PRO E 14 41.34 14.50 7.00
C PRO E 14 40.87 14.77 8.41
N TYR E 15 41.66 14.27 9.36
CA TYR E 15 41.47 14.53 10.78
C TYR E 15 42.83 14.48 11.43
N LYS E 16 43.04 15.31 12.45
CA LYS E 16 44.36 15.42 13.05
C LYS E 16 44.27 15.73 14.53
N ALA E 17 45.29 15.26 15.27
CA ALA E 17 45.31 15.39 16.73
C ALA E 17 46.74 15.55 17.21
N HIS E 18 46.89 15.80 18.51
CA HIS E 18 48.18 16.15 19.09
C HIS E 18 48.75 15.10 20.01
N VAL E 19 50.01 15.34 20.35
CA VAL E 19 50.49 15.21 21.72
C VAL E 19 51.18 16.52 22.07
N ALA E 20 51.14 16.87 23.34
CA ALA E 20 51.93 17.99 23.87
C ALA E 20 52.57 17.49 25.16
N ARG E 21 53.82 17.03 25.07
CA ARG E 21 54.31 16.11 26.08
C ARG E 21 54.70 16.83 27.37
N GLU E 22 55.86 17.47 27.36
CA GLU E 22 56.38 18.54 28.21
C GLU E 22 57.80 18.77 27.72
N GLY E 23 58.31 19.98 27.81
CA GLY E 23 59.68 20.22 27.39
C GLY E 23 59.92 20.20 25.89
N TYR E 24 59.54 19.11 25.24
CA TYR E 24 59.81 18.88 23.82
C TYR E 24 58.91 19.75 22.96
N SER E 25 59.18 19.73 21.66
CA SER E 25 58.32 20.40 20.70
C SER E 25 57.03 19.61 20.56
N PRO E 26 55.93 20.26 20.16
CA PRO E 26 54.68 19.53 19.90
C PRO E 26 54.79 18.59 18.71
N LEU E 27 53.79 17.72 18.59
CA LEU E 27 53.76 16.74 17.50
C LEU E 27 52.30 16.53 17.08
N THR E 28 52.07 16.57 15.77
CA THR E 28 50.74 16.48 15.18
C THR E 28 50.63 15.28 14.26
N LEU E 29 49.66 14.42 14.54
CA LEU E 29 49.37 13.21 13.78
C LEU E 29 48.15 13.46 12.91
N GLN E 30 48.10 12.82 11.73
CA GLN E 30 46.82 12.80 11.05
C GLN E 30 46.44 11.37 10.68
N MET E 31 45.13 11.14 10.70
CA MET E 31 44.52 9.82 10.56
C MET E 31 43.52 9.92 9.42
N GLN E 32 43.51 8.95 8.53
CA GLN E 32 42.60 9.02 7.40
C GLN E 32 42.24 7.62 6.92
N VAL E 33 40.95 7.33 6.81
CA VAL E 33 40.49 5.99 6.47
C VAL E 33 40.29 5.89 4.97
N VAL E 34 40.59 4.73 4.41
CA VAL E 34 40.45 4.53 2.96
C VAL E 34 39.45 3.43 2.61
N GLU E 35 39.22 2.47 3.51
CA GLU E 35 38.30 1.40 3.22
C GLU E 35 37.60 0.96 4.50
N THR E 36 36.39 0.44 4.39
CA THR E 36 35.66 -0.05 5.54
C THR E 36 34.76 -1.19 5.08
N SER E 37 35.10 -2.42 5.47
CA SER E 37 34.26 -3.54 5.14
C SER E 37 33.18 -3.71 6.22
N LEU E 38 32.41 -4.78 6.10
CA LEU E 38 31.48 -5.23 7.12
C LEU E 38 31.12 -6.68 6.80
N GLU E 39 30.97 -7.51 7.82
CA GLU E 39 30.78 -8.91 7.56
C GLU E 39 29.90 -9.60 8.60
N PRO E 40 28.78 -10.18 8.22
CA PRO E 40 27.95 -10.93 9.15
C PRO E 40 28.35 -12.40 9.18
N THR E 41 27.70 -13.14 10.06
CA THR E 41 27.89 -14.58 10.18
C THR E 41 26.66 -15.33 9.67
N LEU E 42 26.88 -16.45 9.01
CA LEU E 42 25.81 -17.17 8.36
C LEU E 42 25.78 -18.63 8.80
N ASN E 43 24.63 -19.26 8.57
CA ASN E 43 24.51 -20.72 8.63
C ASN E 43 23.37 -21.14 7.71
N LEU E 44 23.62 -22.15 6.89
CA LEU E 44 22.71 -22.49 5.81
C LEU E 44 21.48 -23.20 6.33
N GLU E 45 20.37 -23.05 5.63
CA GLU E 45 19.19 -23.74 6.15
C GLU E 45 18.51 -24.63 5.12
N TYR E 46 18.40 -24.19 3.86
CA TYR E 46 18.12 -25.07 2.73
C TYR E 46 18.47 -24.35 1.44
N ILE E 47 18.29 -25.06 0.31
CA ILE E 47 18.45 -24.50 -1.02
C ILE E 47 17.19 -24.77 -1.83
N THR E 48 17.16 -24.28 -3.06
CA THR E 48 16.16 -24.71 -4.03
C THR E 48 16.73 -24.61 -5.44
N CYS E 49 16.20 -25.43 -6.34
CA CYS E 49 16.58 -25.35 -7.74
C CYS E 49 15.42 -25.87 -8.58
N ASP E 50 15.62 -25.85 -9.90
CA ASP E 50 14.62 -26.28 -10.85
C ASP E 50 14.54 -27.81 -10.87
N TYR E 51 13.39 -28.34 -11.29
CA TYR E 51 13.20 -29.79 -11.31
C TYR E 51 12.79 -30.25 -12.71
N LYS E 52 12.57 -31.56 -12.81
CA LYS E 52 12.27 -32.24 -14.06
C LYS E 52 11.53 -33.52 -13.73
N THR E 53 10.59 -33.90 -14.59
CA THR E 53 9.80 -35.10 -14.39
C THR E 53 10.34 -36.26 -15.22
N LYS E 54 9.90 -37.47 -14.87
CA LYS E 54 10.20 -38.66 -15.66
C LYS E 54 8.97 -39.55 -15.74
N VAL E 55 8.71 -40.06 -16.94
CA VAL E 55 7.59 -40.93 -17.26
C VAL E 55 8.08 -42.21 -17.93
N PRO E 56 8.63 -43.16 -17.19
CA PRO E 56 9.30 -44.30 -17.84
C PRO E 56 8.38 -45.36 -18.43
N SER E 57 7.97 -45.18 -19.70
CA SER E 57 7.56 -46.26 -20.61
C SER E 57 6.44 -47.18 -20.12
N PRO E 58 5.18 -46.80 -20.28
CA PRO E 58 4.07 -47.48 -19.61
C PRO E 58 3.91 -48.93 -20.07
N TYR E 59 3.19 -49.69 -19.26
CA TYR E 59 3.14 -51.14 -19.36
C TYR E 59 1.79 -51.60 -19.87
N VAL E 60 1.80 -52.45 -20.90
CA VAL E 60 0.61 -53.16 -21.36
C VAL E 60 0.88 -54.65 -21.31
N LYS E 61 -0.08 -55.39 -20.78
CA LYS E 61 -0.21 -56.82 -21.05
C LYS E 61 -1.71 -57.07 -21.14
N CYS E 62 -2.10 -57.92 -22.08
CA CYS E 62 -3.50 -58.02 -22.45
C CYS E 62 -4.05 -59.42 -22.20
N CYS E 63 -5.38 -59.43 -22.01
CA CYS E 63 -6.12 -60.49 -21.32
C CYS E 63 -5.36 -61.07 -20.14
N GLY E 64 -5.04 -60.16 -19.22
CA GLY E 64 -4.48 -60.41 -17.90
C GLY E 64 -4.35 -59.04 -17.25
N THR E 65 -4.79 -58.87 -15.99
CA THR E 65 -5.19 -57.53 -15.58
C THR E 65 -4.01 -56.65 -15.20
N ALA E 66 -3.49 -56.79 -13.98
CA ALA E 66 -2.39 -55.96 -13.46
C ALA E 66 -2.06 -56.30 -12.02
N GLU E 67 -0.94 -55.74 -11.53
CA GLU E 67 -0.82 -55.06 -10.24
C GLU E 67 0.52 -54.35 -10.18
N CYS E 68 0.53 -53.08 -9.81
CA CYS E 68 1.79 -52.37 -9.63
C CYS E 68 2.20 -52.39 -8.16
N ARG E 69 3.49 -52.19 -7.93
CA ARG E 69 4.08 -52.23 -6.59
C ARG E 69 4.55 -50.85 -6.21
N THR E 70 4.60 -50.59 -4.92
CA THR E 70 5.15 -49.32 -4.44
C THR E 70 6.67 -49.42 -4.32
N GLN E 71 7.31 -48.24 -4.26
CA GLN E 71 8.76 -48.15 -4.10
C GLN E 71 9.13 -46.78 -3.58
N ASP E 72 10.29 -46.71 -2.92
CA ASP E 72 10.74 -45.50 -2.24
C ASP E 72 11.40 -44.55 -3.24
N LYS E 73 10.78 -43.39 -3.44
CA LYS E 73 11.25 -42.24 -4.23
C LYS E 73 10.24 -41.13 -3.97
N PRO E 74 10.63 -39.85 -3.97
CA PRO E 74 9.68 -38.79 -3.63
C PRO E 74 8.61 -38.61 -4.70
N GLU E 75 7.34 -38.60 -4.25
CA GLU E 75 6.16 -38.33 -5.06
C GLU E 75 6.00 -39.38 -6.17
N TYR E 76 5.87 -40.63 -5.76
CA TYR E 76 5.59 -41.71 -6.69
C TYR E 76 4.09 -41.96 -6.68
N LYS E 77 3.48 -41.97 -7.87
CA LYS E 77 2.06 -42.27 -7.99
C LYS E 77 1.85 -43.24 -9.14
N CYS E 78 1.21 -44.37 -8.86
CA CYS E 78 0.86 -45.38 -9.84
C CYS E 78 -0.65 -45.43 -10.01
N ALA E 79 -1.09 -45.88 -11.17
CA ALA E 79 -2.53 -45.94 -11.47
C ALA E 79 -2.84 -47.23 -12.22
N VAL E 80 -4.12 -47.44 -12.48
CA VAL E 80 -4.60 -48.67 -13.13
C VAL E 80 -5.92 -48.38 -13.84
N PHE E 81 -5.98 -48.67 -15.14
CA PHE E 81 -7.06 -48.24 -16.01
C PHE E 81 -7.59 -49.45 -16.77
N THR E 82 -8.91 -49.63 -16.77
CA THR E 82 -9.53 -50.78 -17.38
C THR E 82 -10.24 -50.43 -18.67
N GLY E 83 -10.32 -51.40 -19.58
CA GLY E 83 -11.04 -51.23 -20.82
C GLY E 83 -10.32 -50.47 -21.90
N VAL E 84 -9.01 -50.55 -21.97
CA VAL E 84 -8.24 -49.81 -22.96
C VAL E 84 -8.03 -50.70 -24.18
N TYR E 85 -8.09 -50.10 -25.37
CA TYR E 85 -7.84 -50.80 -26.62
C TYR E 85 -6.95 -49.92 -27.49
N PRO E 86 -5.65 -50.12 -27.43
CA PRO E 86 -4.75 -49.30 -28.25
C PRO E 86 -4.79 -49.72 -29.71
N PHE E 87 -4.10 -48.92 -30.53
CA PHE E 87 -3.99 -49.20 -31.95
C PHE E 87 -2.67 -48.59 -32.42
N MET E 88 -1.64 -49.42 -32.46
CA MET E 88 -0.28 -48.96 -32.64
C MET E 88 -0.03 -48.82 -34.14
N TRP E 89 1.24 -48.70 -34.54
CA TRP E 89 1.59 -48.32 -35.92
C TRP E 89 1.21 -49.39 -36.93
N GLY E 90 1.65 -50.63 -36.71
CA GLY E 90 1.51 -51.64 -37.75
C GLY E 90 0.08 -52.10 -37.97
N GLY E 91 -0.65 -52.35 -36.89
CA GLY E 91 -2.05 -52.73 -36.97
C GLY E 91 -2.68 -52.60 -35.61
N ALA E 92 -3.60 -53.49 -35.27
CA ALA E 92 -4.10 -53.52 -33.92
C ALA E 92 -3.17 -54.38 -33.06
N TYR E 93 -2.90 -53.92 -31.84
CA TYR E 93 -1.84 -54.46 -31.02
C TYR E 93 -2.15 -55.87 -30.52
N CYS E 94 -3.15 -56.02 -29.66
CA CYS E 94 -3.61 -57.36 -29.29
C CYS E 94 -5.10 -57.34 -29.01
N PHE E 95 -5.71 -58.55 -29.06
CA PHE E 95 -7.12 -58.68 -29.40
C PHE E 95 -8.02 -59.15 -28.28
N CYS E 96 -7.53 -59.24 -27.04
CA CYS E 96 -8.38 -59.63 -25.92
C CYS E 96 -9.19 -58.42 -25.47
N ASP E 97 -10.22 -58.10 -26.27
CA ASP E 97 -10.70 -56.74 -26.48
C ASP E 97 -11.32 -56.13 -25.22
N SER E 98 -12.20 -56.86 -24.55
CA SER E 98 -12.93 -56.28 -23.43
C SER E 98 -12.07 -56.17 -22.20
N GLU E 99 -11.42 -57.26 -21.80
CA GLU E 99 -10.65 -57.29 -20.56
C GLU E 99 -9.19 -56.96 -20.89
N ASN E 100 -8.90 -55.66 -20.96
CA ASN E 100 -7.53 -55.18 -20.98
C ASN E 100 -7.36 -54.13 -19.90
N THR E 101 -6.16 -54.07 -19.35
CA THR E 101 -5.86 -53.17 -18.24
C THR E 101 -4.46 -52.60 -18.49
N GLN E 102 -4.20 -51.43 -17.93
CA GLN E 102 -2.96 -50.72 -18.22
C GLN E 102 -2.57 -49.84 -17.03
N MET E 103 -1.28 -49.76 -16.73
CA MET E 103 -0.80 -49.02 -15.57
C MET E 103 0.06 -47.84 -16.03
N SER E 104 0.30 -46.93 -15.09
CA SER E 104 1.11 -45.74 -15.36
C SER E 104 1.76 -45.28 -14.07
N GLU E 105 2.99 -44.76 -14.20
CA GLU E 105 3.69 -44.17 -13.08
C GLU E 105 4.61 -43.07 -13.60
N ALA E 106 5.03 -42.19 -12.70
CA ALA E 106 5.89 -41.06 -13.01
C ALA E 106 6.46 -40.53 -11.71
N TYR E 107 7.57 -39.80 -11.80
CA TYR E 107 8.06 -39.13 -10.59
C TYR E 107 8.81 -37.84 -10.94
N VAL E 108 9.34 -37.21 -9.89
CA VAL E 108 9.93 -35.88 -9.95
C VAL E 108 11.34 -35.93 -9.37
N GLU E 109 12.30 -35.32 -10.07
CA GLU E 109 13.66 -35.27 -9.57
C GLU E 109 14.27 -33.93 -9.95
N ARG E 110 15.47 -33.68 -9.44
CA ARG E 110 16.13 -32.42 -9.72
C ARG E 110 16.81 -32.47 -11.09
N ALA E 111 16.99 -31.30 -11.69
CA ALA E 111 17.43 -31.19 -13.07
C ALA E 111 18.94 -31.38 -13.16
N ASP E 112 19.48 -31.12 -14.34
CA ASP E 112 20.89 -31.34 -14.58
C ASP E 112 21.73 -30.08 -14.37
N VAL E 113 21.11 -28.93 -14.15
CA VAL E 113 21.83 -27.67 -14.04
C VAL E 113 21.78 -27.11 -12.62
N CYS E 114 21.47 -27.95 -11.63
CA CYS E 114 21.42 -27.46 -10.26
C CYS E 114 22.80 -27.19 -9.71
N LYS E 115 23.82 -27.92 -10.14
CA LYS E 115 25.14 -27.69 -9.56
C LYS E 115 25.91 -26.55 -10.23
N HIS E 116 25.27 -25.78 -11.10
CA HIS E 116 25.75 -24.46 -11.46
C HIS E 116 24.78 -23.35 -11.11
N ASP E 117 23.51 -23.67 -10.86
CA ASP E 117 22.45 -22.69 -10.76
C ASP E 117 21.55 -23.10 -9.60
N TYR E 118 21.54 -22.30 -8.54
CA TYR E 118 20.66 -22.54 -7.40
C TYR E 118 20.44 -21.21 -6.69
N ALA E 119 19.57 -21.24 -5.69
CA ALA E 119 19.23 -20.04 -4.94
C ALA E 119 19.02 -20.47 -3.49
N ALA E 120 19.94 -20.11 -2.62
CA ALA E 120 19.97 -20.63 -1.28
C ALA E 120 19.46 -19.61 -0.27
N ALA E 121 18.99 -20.11 0.87
CA ALA E 121 18.59 -19.29 2.00
C ALA E 121 19.67 -19.31 3.06
N TYR E 122 19.51 -18.44 4.06
CA TYR E 122 20.54 -18.24 5.09
C TYR E 122 19.87 -17.66 6.33
N ARG E 123 20.68 -17.16 7.24
CA ARG E 123 20.25 -16.51 8.48
C ARG E 123 21.41 -15.66 9.00
N ALA E 124 21.12 -14.49 9.57
CA ALA E 124 22.15 -13.57 10.01
C ALA E 124 22.19 -13.47 11.53
N HIS E 125 23.27 -12.85 12.02
CA HIS E 125 23.52 -12.69 13.44
C HIS E 125 24.28 -11.39 13.65
N THR E 126 24.95 -11.28 14.80
CA THR E 126 25.83 -10.15 15.08
C THR E 126 27.02 -10.17 14.12
N ALA E 127 27.56 -8.99 13.82
CA ALA E 127 28.56 -8.82 12.78
C ALA E 127 29.75 -8.02 13.29
N SER E 128 30.90 -8.21 12.64
CA SER E 128 32.12 -7.47 12.94
C SER E 128 32.63 -6.78 11.69
N LEU E 129 33.42 -5.72 11.88
CA LEU E 129 33.84 -4.87 10.77
C LEU E 129 35.31 -4.57 10.89
N ARG E 130 35.98 -4.37 9.75
CA ARG E 130 37.41 -4.10 9.75
C ARG E 130 37.74 -2.97 8.78
N ALA E 131 38.74 -2.18 9.12
CA ALA E 131 39.05 -0.95 8.40
C ALA E 131 40.51 -0.95 7.93
N LYS E 132 40.81 -0.02 7.03
CA LYS E 132 42.17 0.24 6.59
C LYS E 132 42.45 1.73 6.70
N ILE E 133 43.48 2.07 7.46
CA ILE E 133 43.75 3.44 7.91
C ILE E 133 45.15 3.84 7.49
N LYS E 134 45.26 5.01 6.88
CA LYS E 134 46.53 5.64 6.53
C LYS E 134 46.83 6.68 7.61
N VAL E 135 47.95 6.52 8.29
CA VAL E 135 48.33 7.38 9.40
C VAL E 135 49.68 8.00 9.06
N THR E 136 49.79 9.33 9.21
CA THR E 136 51.08 9.92 8.90
C THR E 136 51.40 11.10 9.82
N TYR E 137 52.72 11.28 10.00
CA TYR E 137 53.37 12.15 10.96
C TYR E 137 54.86 12.03 10.75
N GLY E 138 55.60 12.93 11.41
CA GLY E 138 57.05 12.85 11.53
C GLY E 138 57.78 12.86 10.21
N THR E 139 58.34 11.71 9.84
CA THR E 139 58.96 11.51 8.53
C THR E 139 58.44 10.25 7.85
N VAL E 140 57.17 9.89 8.06
CA VAL E 140 56.74 8.57 7.61
C VAL E 140 55.31 8.50 7.09
N ASN E 141 55.14 7.97 5.87
CA ASN E 141 53.85 7.56 5.33
C ASN E 141 53.63 6.07 5.55
N GLN E 142 52.55 5.71 6.22
CA GLN E 142 52.20 4.31 6.44
C GLN E 142 50.70 4.11 6.39
N THR E 143 50.33 2.88 6.05
CA THR E 143 48.96 2.39 6.07
C THR E 143 48.91 1.06 6.81
N VAL E 144 47.74 0.73 7.33
CA VAL E 144 47.61 -0.39 8.25
C VAL E 144 46.16 -0.87 8.25
N GLU E 145 45.98 -2.19 8.14
CA GLU E 145 44.66 -2.80 8.24
C GLU E 145 44.43 -3.25 9.68
N ALA E 146 43.16 -3.24 10.10
CA ALA E 146 42.91 -3.48 11.51
C ALA E 146 41.49 -3.95 11.72
N TYR E 147 41.34 -4.90 12.64
CA TYR E 147 40.05 -5.21 13.20
C TYR E 147 39.60 -4.10 14.13
N VAL E 148 38.30 -4.03 14.40
CA VAL E 148 37.72 -2.91 15.12
C VAL E 148 37.13 -3.33 16.46
N ASN E 149 36.84 -4.61 16.69
CA ASN E 149 36.60 -5.07 18.05
C ASN E 149 37.87 -4.92 18.88
N GLY E 150 37.75 -4.38 20.07
CA GLY E 150 38.88 -3.83 20.78
C GLY E 150 39.85 -4.84 21.35
N ASP E 151 40.49 -5.62 20.49
CA ASP E 151 41.50 -6.56 20.96
C ASP E 151 42.75 -6.63 20.11
N HIS E 152 42.77 -6.08 18.89
CA HIS E 152 43.81 -6.37 17.92
C HIS E 152 44.77 -5.19 17.85
N ALA E 153 46.00 -5.40 18.28
CA ALA E 153 47.05 -4.40 18.17
C ALA E 153 47.75 -4.52 16.84
N VAL E 154 48.64 -3.56 16.56
CA VAL E 154 49.42 -3.59 15.33
C VAL E 154 50.65 -2.73 15.56
N THR E 155 51.75 -3.10 14.91
CA THR E 155 53.06 -2.52 15.19
C THR E 155 53.51 -1.67 14.01
N LEU E 156 53.71 -0.39 14.24
CA LEU E 156 54.52 0.46 13.40
C LEU E 156 55.95 0.44 13.94
N ALA E 157 56.78 1.40 13.58
CA ALA E 157 58.15 1.47 14.07
C ALA E 157 58.17 1.86 15.55
N GLY E 158 57.83 0.90 16.40
CA GLY E 158 57.90 1.05 17.84
C GLY E 158 56.59 1.36 18.54
N THR E 159 55.52 1.65 17.82
CA THR E 159 54.28 2.15 18.40
C THR E 159 53.17 1.12 18.34
N LYS E 160 52.17 1.29 19.21
CA LYS E 160 51.03 0.37 19.31
C LYS E 160 49.73 1.15 19.08
N PHE E 161 48.90 0.65 18.17
CA PHE E 161 47.56 1.19 17.95
C PHE E 161 46.56 0.12 18.34
N ILE E 162 45.63 0.43 19.23
CA ILE E 162 44.44 -0.40 19.41
C ILE E 162 43.21 0.49 19.33
N PHE E 163 42.18 -0.03 18.69
CA PHE E 163 41.01 0.75 18.30
C PHE E 163 39.82 0.45 19.19
N GLY E 164 38.98 1.46 19.38
CA GLY E 164 37.80 1.33 20.19
C GLY E 164 36.80 0.41 19.54
N PRO E 165 35.92 -0.23 20.34
CA PRO E 165 35.05 -1.29 19.80
C PRO E 165 34.09 -0.87 18.70
N VAL E 166 33.10 -0.01 18.99
CA VAL E 166 32.18 0.52 17.98
C VAL E 166 31.44 1.67 18.62
N SER E 167 30.84 2.53 17.80
CA SER E 167 29.75 3.37 18.28
C SER E 167 28.51 2.52 18.55
N THR E 168 27.98 1.88 17.51
CA THR E 168 26.90 0.91 17.62
C THR E 168 26.98 -0.03 16.42
N ALA E 169 26.48 -1.25 16.60
CA ALA E 169 26.72 -2.34 15.66
C ALA E 169 25.44 -2.81 14.98
N TRP E 170 24.60 -1.87 14.54
CA TRP E 170 23.48 -2.22 13.68
C TRP E 170 23.99 -2.58 12.29
N THR E 171 23.12 -3.19 11.48
CA THR E 171 23.48 -3.63 10.15
C THR E 171 22.35 -3.33 9.19
N PRO E 172 22.63 -3.21 7.88
CA PRO E 172 21.58 -3.19 6.86
C PRO E 172 21.13 -4.58 6.43
N PHE E 173 20.85 -5.44 7.41
CA PHE E 173 20.29 -6.76 7.18
C PHE E 173 19.32 -7.05 8.31
N ASP E 174 18.32 -7.85 8.05
CA ASP E 174 17.55 -8.45 9.12
C ASP E 174 17.77 -9.95 9.09
N THR E 175 17.03 -10.67 9.92
CA THR E 175 17.45 -12.02 10.31
C THR E 175 17.35 -13.06 9.20
N LYS E 176 16.64 -12.79 8.11
CA LYS E 176 16.51 -13.77 7.03
C LYS E 176 16.82 -13.13 5.69
N ILE E 177 17.86 -13.62 5.02
CA ILE E 177 18.24 -13.14 3.70
C ILE E 177 18.31 -14.32 2.75
N VAL E 178 18.24 -14.04 1.45
CA VAL E 178 18.31 -15.09 0.43
C VAL E 178 19.20 -14.60 -0.72
N VAL E 179 20.17 -15.43 -1.11
CA VAL E 179 21.27 -15.02 -1.99
C VAL E 179 21.20 -15.80 -3.28
N TYR E 180 21.19 -15.09 -4.41
CA TYR E 180 21.19 -15.69 -5.74
C TYR E 180 22.08 -14.85 -6.65
N LYS E 181 23.33 -15.29 -6.81
CA LYS E 181 24.25 -14.89 -7.90
C LYS E 181 24.49 -13.37 -7.94
N GLY E 182 25.14 -12.87 -6.89
CA GLY E 182 25.69 -11.54 -6.95
C GLY E 182 24.80 -10.44 -6.45
N GLU E 183 23.62 -10.75 -5.94
CA GLU E 183 22.85 -9.75 -5.20
C GLU E 183 22.02 -10.46 -4.14
N VAL E 184 21.77 -9.75 -3.06
CA VAL E 184 21.10 -10.32 -1.90
C VAL E 184 19.72 -9.71 -1.83
N TYR E 185 18.74 -10.47 -1.37
CA TYR E 185 17.35 -10.01 -1.30
C TYR E 185 16.93 -9.92 0.15
N ASN E 186 15.64 -9.67 0.36
CA ASN E 186 15.14 -9.60 1.73
C ASN E 186 13.72 -10.17 1.73
N GLN E 187 13.64 -11.48 1.96
CA GLN E 187 12.39 -12.21 1.88
C GLN E 187 11.96 -12.68 3.27
N ASP E 188 10.90 -13.48 3.29
CA ASP E 188 10.47 -14.20 4.50
C ASP E 188 9.99 -15.57 4.01
N PHE E 189 10.87 -16.52 4.02
CA PHE E 189 10.73 -17.80 3.36
C PHE E 189 10.05 -18.84 4.26
N PRO E 190 9.34 -19.81 3.66
CA PRO E 190 8.59 -20.78 4.47
C PRO E 190 9.54 -21.71 5.21
N PRO E 191 9.11 -22.26 6.38
CA PRO E 191 10.07 -22.88 7.32
C PRO E 191 10.81 -24.11 6.83
N TYR E 192 10.08 -25.20 6.61
CA TYR E 192 10.59 -26.42 6.00
C TYR E 192 9.41 -27.34 5.76
N GLY E 193 9.31 -27.93 4.57
CA GLY E 193 8.28 -28.92 4.33
C GLY E 193 6.86 -28.39 4.34
N ALA E 194 6.67 -27.09 4.16
CA ALA E 194 5.34 -26.51 4.15
C ALA E 194 5.17 -25.59 2.95
N GLY E 195 5.92 -25.84 1.88
CA GLY E 195 5.80 -25.03 0.70
C GLY E 195 4.57 -25.42 -0.10
N GLN E 196 3.56 -24.57 -0.08
CA GLN E 196 2.39 -24.79 -0.90
C GLN E 196 2.74 -24.53 -2.36
N PRO E 197 2.10 -25.21 -3.31
CA PRO E 197 2.63 -25.24 -4.69
C PRO E 197 2.53 -23.91 -5.41
N GLY E 198 3.55 -23.60 -6.21
CA GLY E 198 3.52 -22.48 -7.11
C GLY E 198 4.49 -21.36 -6.79
N ARG E 199 4.59 -21.00 -5.52
CA ARG E 199 5.41 -19.88 -5.11
C ARG E 199 6.81 -20.39 -4.73
N PHE E 200 7.61 -19.54 -4.10
CA PHE E 200 9.00 -19.85 -3.81
C PHE E 200 9.11 -20.95 -2.76
N GLY E 201 10.16 -21.75 -2.89
CA GLY E 201 10.42 -22.80 -1.92
C GLY E 201 9.57 -24.01 -2.18
N ASP E 202 9.48 -24.41 -3.44
CA ASP E 202 8.65 -25.53 -3.81
C ASP E 202 9.40 -26.84 -3.78
N ILE E 203 10.71 -26.80 -3.98
CA ILE E 203 11.57 -27.98 -3.83
C ILE E 203 12.66 -27.64 -2.85
N GLN E 204 12.76 -28.39 -1.76
CA GLN E 204 13.79 -28.12 -0.80
C GLN E 204 14.83 -29.23 -0.80
N SER E 205 15.94 -28.92 -0.13
CA SER E 205 17.06 -29.80 0.15
C SER E 205 18.01 -29.07 1.08
N ARG E 206 18.64 -29.80 1.98
CA ARG E 206 19.83 -29.30 2.65
C ARG E 206 21.03 -29.60 1.75
N THR E 207 22.25 -29.54 2.33
CA THR E 207 23.55 -29.42 1.64
C THR E 207 23.65 -30.29 0.39
N LEU E 208 24.13 -29.69 -0.68
CA LEU E 208 23.53 -29.90 -1.99
C LEU E 208 23.88 -31.22 -2.66
N ASP E 209 24.36 -32.24 -1.95
CA ASP E 209 24.77 -33.45 -2.66
C ASP E 209 23.58 -34.28 -3.17
N SER E 210 22.80 -34.94 -2.29
CA SER E 210 21.75 -35.87 -2.71
C SER E 210 20.90 -36.45 -1.57
N LYS E 211 20.05 -37.42 -1.96
CA LYS E 211 19.35 -38.46 -1.20
C LYS E 211 18.09 -37.99 -0.46
N ASP E 212 17.82 -36.70 -0.37
CA ASP E 212 16.66 -36.24 0.38
C ASP E 212 15.98 -35.10 -0.36
N LEU E 213 14.67 -35.16 -0.52
CA LEU E 213 13.91 -34.14 -1.20
C LEU E 213 12.67 -33.79 -0.40
N TYR E 214 11.91 -32.84 -0.95
CA TYR E 214 10.56 -32.56 -0.54
C TYR E 214 9.86 -32.01 -1.76
N ALA E 215 8.70 -32.54 -2.09
CA ALA E 215 8.07 -32.18 -3.36
C ALA E 215 6.58 -32.40 -3.26
N ASN E 216 5.81 -31.33 -3.36
CA ASN E 216 4.35 -31.42 -3.40
C ASN E 216 3.83 -30.46 -4.46
N THR E 217 3.74 -30.96 -5.69
CA THR E 217 3.26 -30.18 -6.82
C THR E 217 1.91 -30.65 -7.32
N GLY E 218 1.29 -31.62 -6.66
CA GLY E 218 -0.01 -32.09 -7.08
C GLY E 218 -0.03 -32.89 -8.37
N LEU E 219 0.67 -34.01 -8.40
CA LEU E 219 0.55 -34.92 -9.52
C LEU E 219 -0.78 -35.64 -9.49
N LYS E 220 -1.44 -35.74 -10.64
CA LYS E 220 -2.59 -36.60 -10.82
C LYS E 220 -2.45 -37.29 -12.17
N LEU E 221 -3.00 -38.49 -12.28
CA LEU E 221 -2.93 -39.24 -13.53
C LEU E 221 -4.30 -39.26 -14.19
N ALA E 222 -4.32 -39.10 -15.50
CA ALA E 222 -5.58 -38.95 -16.21
C ALA E 222 -5.81 -40.14 -17.14
N ARG E 223 -7.00 -40.20 -17.72
CA ARG E 223 -7.35 -41.31 -18.60
C ARG E 223 -6.76 -41.09 -19.99
N PRO E 224 -6.11 -42.09 -20.58
CA PRO E 224 -5.57 -41.94 -21.93
C PRO E 224 -6.67 -41.86 -22.97
N ALA E 225 -6.28 -41.42 -24.16
CA ALA E 225 -7.21 -41.13 -25.25
C ALA E 225 -7.85 -42.42 -25.78
N ALA E 226 -8.84 -42.24 -26.65
CA ALA E 226 -9.54 -43.36 -27.25
C ALA E 226 -8.78 -43.82 -28.48
N GLY E 227 -7.93 -44.82 -28.30
CA GLY E 227 -7.22 -45.41 -29.42
C GLY E 227 -5.85 -44.87 -29.68
N ASN E 228 -5.09 -44.52 -28.65
CA ASN E 228 -3.67 -44.15 -28.79
C ASN E 228 -2.93 -44.75 -27.61
N ILE E 229 -1.70 -44.31 -27.40
CA ILE E 229 -0.75 -45.10 -26.61
C ILE E 229 -0.06 -44.26 -25.53
N HIS E 230 -0.34 -42.96 -25.51
CA HIS E 230 0.48 -42.03 -24.74
C HIS E 230 0.18 -42.10 -23.26
N VAL E 231 0.87 -41.26 -22.50
CA VAL E 231 0.66 -41.10 -21.05
C VAL E 231 0.24 -39.66 -20.75
N PRO E 232 -0.98 -39.43 -20.31
CA PRO E 232 -1.38 -38.07 -19.95
C PRO E 232 -0.82 -37.71 -18.58
N TYR E 233 -0.89 -36.42 -18.26
CA TYR E 233 -0.02 -35.83 -17.26
C TYR E 233 -0.51 -34.41 -16.92
N THR E 234 -0.70 -34.10 -15.65
CA THR E 234 -1.23 -32.80 -15.27
C THR E 234 -0.54 -32.27 -14.02
N GLN E 235 -0.26 -30.97 -14.01
CA GLN E 235 0.67 -30.42 -13.03
C GLN E 235 0.56 -28.90 -13.00
N THR E 236 0.55 -28.32 -11.80
CA THR E 236 0.72 -26.89 -11.69
C THR E 236 2.16 -26.56 -12.05
N PRO E 237 2.41 -25.53 -12.86
CA PRO E 237 3.77 -25.31 -13.39
C PRO E 237 4.74 -24.90 -12.30
N SER E 238 6.03 -24.94 -12.66
CA SER E 238 7.11 -24.89 -11.70
C SER E 238 7.16 -23.56 -10.96
N GLY E 239 7.83 -23.59 -9.82
CA GLY E 239 7.82 -22.46 -8.91
C GLY E 239 9.09 -21.64 -8.94
N PHE E 240 10.20 -22.25 -9.36
CA PHE E 240 11.43 -21.48 -9.41
C PHE E 240 11.43 -20.54 -10.62
N LYS E 241 11.20 -21.09 -11.82
CA LYS E 241 11.26 -20.26 -13.01
C LYS E 241 9.95 -19.50 -13.27
N THR E 242 9.10 -19.34 -12.27
CA THR E 242 8.09 -18.29 -12.27
C THR E 242 8.41 -17.20 -11.27
N TRP E 243 9.53 -17.32 -10.56
CA TRP E 243 9.97 -16.30 -9.62
C TRP E 243 10.99 -15.37 -10.24
N GLN E 244 11.85 -15.86 -11.12
CA GLN E 244 12.97 -15.07 -11.60
C GLN E 244 12.64 -14.25 -12.85
N LYS E 245 11.36 -13.99 -13.11
CA LYS E 245 10.99 -12.95 -14.07
C LYS E 245 10.09 -11.88 -13.48
N ASP E 246 9.29 -12.21 -12.47
CA ASP E 246 8.38 -11.28 -11.81
C ASP E 246 8.85 -11.20 -10.36
N ARG E 247 9.86 -10.39 -10.10
CA ARG E 247 10.63 -10.67 -8.91
C ARG E 247 10.46 -9.67 -7.78
N ASP E 248 11.11 -8.51 -7.91
CA ASP E 248 11.11 -7.39 -6.97
C ASP E 248 12.11 -6.39 -7.52
N SER E 249 12.36 -5.30 -6.79
CA SER E 249 13.63 -4.59 -6.96
C SER E 249 14.65 -5.13 -5.97
N PRO E 250 15.90 -5.33 -6.37
CA PRO E 250 16.91 -5.92 -5.45
C PRO E 250 17.33 -5.01 -4.31
N LEU E 251 18.28 -5.47 -3.48
CA LEU E 251 18.76 -4.67 -2.36
C LEU E 251 19.94 -3.80 -2.72
N ASN E 252 20.53 -3.96 -3.91
CA ASN E 252 21.52 -3.01 -4.36
C ASN E 252 20.93 -1.68 -4.82
N ALA E 253 19.63 -1.44 -4.66
CA ALA E 253 19.05 -0.16 -5.00
C ALA E 253 18.30 0.51 -3.86
N LYS E 254 18.08 -0.17 -2.73
CA LYS E 254 17.46 0.47 -1.58
C LYS E 254 18.35 0.37 -0.34
N ALA E 255 19.65 0.26 -0.54
CA ALA E 255 20.57 0.22 0.58
C ALA E 255 20.65 1.59 1.26
N PRO E 256 20.71 1.63 2.59
CA PRO E 256 20.51 2.91 3.28
C PRO E 256 21.59 3.98 3.12
N PHE E 257 22.87 3.68 3.33
CA PHE E 257 23.87 4.74 3.40
C PHE E 257 24.91 4.68 2.30
N GLY E 258 24.51 4.30 1.08
CA GLY E 258 25.52 4.10 0.06
C GLY E 258 26.26 2.80 0.22
N CYS E 259 25.68 1.88 0.98
CA CYS E 259 26.38 0.71 1.43
C CYS E 259 26.35 -0.33 0.32
N THR E 260 27.45 -0.48 -0.42
CA THR E 260 27.44 -1.27 -1.63
C THR E 260 27.84 -2.71 -1.35
N ILE E 261 27.35 -3.63 -2.19
CA ILE E 261 27.45 -5.06 -1.93
C ILE E 261 28.17 -5.73 -3.09
N GLN E 262 29.02 -6.70 -2.78
CA GLN E 262 29.41 -7.73 -3.74
C GLN E 262 29.78 -8.98 -2.95
N THR E 263 29.47 -10.15 -3.49
CA THR E 263 29.37 -11.30 -2.60
C THR E 263 29.72 -12.65 -3.26
N ASN E 264 30.99 -13.02 -3.20
CA ASN E 264 31.23 -14.45 -3.00
C ASN E 264 31.36 -14.75 -1.49
N PRO E 265 32.05 -13.96 -0.66
CA PRO E 265 31.55 -13.78 0.70
C PRO E 265 30.74 -12.49 0.81
N VAL E 266 29.65 -12.56 1.56
CA VAL E 266 28.74 -11.42 1.66
C VAL E 266 29.39 -10.31 2.47
N ARG E 267 29.33 -9.08 1.94
CA ARG E 267 29.96 -7.91 2.55
C ARG E 267 29.04 -6.71 2.44
N ALA E 268 29.52 -5.57 2.92
CA ALA E 268 28.83 -4.29 2.76
C ALA E 268 29.86 -3.18 2.97
N MET E 269 30.26 -2.51 1.89
CA MET E 269 31.49 -1.72 1.88
C MET E 269 31.23 -0.21 1.91
N ASN E 270 32.23 0.53 2.40
CA ASN E 270 32.27 2.01 2.45
C ASN E 270 31.08 2.62 3.17
N CYS E 271 30.58 1.91 4.16
CA CYS E 271 29.30 2.25 4.75
C CYS E 271 29.53 3.34 5.79
N ALA E 272 28.92 4.51 5.58
CA ALA E 272 29.40 5.74 6.20
C ALA E 272 28.44 6.23 7.30
N VAL E 273 28.61 5.68 8.50
CA VAL E 273 27.90 6.14 9.69
C VAL E 273 28.84 6.10 10.89
N GLY E 274 28.97 7.22 11.58
CA GLY E 274 29.38 7.20 12.96
C GLY E 274 30.84 7.56 13.20
N ASN E 275 31.30 7.21 14.39
CA ASN E 275 32.63 7.52 14.84
C ASN E 275 33.32 6.23 15.27
N ILE E 276 34.63 6.15 15.09
CA ILE E 276 35.40 5.03 15.60
C ILE E 276 36.49 5.56 16.52
N PRO E 277 36.60 5.06 17.75
CA PRO E 277 37.63 5.54 18.66
C PRO E 277 38.98 4.88 18.41
N VAL E 278 40.03 5.57 18.84
CA VAL E 278 41.41 5.13 18.63
C VAL E 278 42.19 5.44 19.90
N SER E 279 43.13 4.56 20.26
CA SER E 279 44.07 4.88 21.31
C SER E 279 45.49 4.57 20.84
N MET E 280 46.45 5.13 21.58
CA MET E 280 47.79 5.41 21.08
C MET E 280 48.82 5.04 22.14
N ASP E 281 49.81 4.24 21.75
CA ASP E 281 51.05 4.08 22.50
C ASP E 281 52.19 4.52 21.60
N ILE E 282 52.79 5.67 21.91
CA ILE E 282 53.73 6.35 21.02
C ILE E 282 55.14 6.11 21.54
N ALA E 283 56.05 5.82 20.62
CA ALA E 283 57.46 5.59 20.92
C ALA E 283 58.15 6.92 21.21
N ASP E 284 59.47 6.89 21.38
CA ASP E 284 60.19 8.07 21.83
C ASP E 284 61.17 8.61 20.81
N SER E 285 61.58 7.83 19.80
CA SER E 285 62.51 8.31 18.81
C SER E 285 61.83 9.02 17.65
N ALA E 286 60.64 9.58 17.85
CA ALA E 286 59.93 10.32 16.83
C ALA E 286 59.52 11.71 17.31
N PHE E 287 60.28 12.28 18.24
CA PHE E 287 60.14 13.67 18.66
C PHE E 287 61.41 14.44 18.32
N THR E 288 61.39 15.74 18.63
CA THR E 288 62.57 16.60 18.62
C THR E 288 62.67 17.26 19.99
N ARG E 289 63.88 17.34 20.55
CA ARG E 289 63.90 17.71 21.95
C ARG E 289 63.80 19.23 22.19
N LEU E 290 64.90 19.96 22.05
CA LEU E 290 64.88 21.42 21.94
C LEU E 290 65.97 21.94 21.02
N THR E 291 66.94 21.09 20.66
CA THR E 291 68.17 21.56 20.04
C THR E 291 67.90 22.12 18.64
N ASP E 292 67.14 21.39 17.83
CA ASP E 292 66.67 21.91 16.56
C ASP E 292 65.24 22.42 16.66
N ALA E 293 64.84 22.90 17.83
CA ALA E 293 63.55 23.56 17.96
C ALA E 293 63.76 25.06 17.84
N PRO E 294 63.22 25.71 16.81
CA PRO E 294 63.38 27.15 16.69
C PRO E 294 62.46 27.92 17.62
N ILE E 295 62.90 29.12 18.00
CA ILE E 295 62.15 29.99 18.89
C ILE E 295 61.46 31.04 18.06
N ILE E 296 60.14 31.14 18.20
CA ILE E 296 59.31 32.01 17.38
C ILE E 296 58.44 32.85 18.32
N SER E 297 58.43 34.17 18.11
CA SER E 297 57.65 35.06 18.95
C SER E 297 57.01 36.15 18.09
N GLU E 298 56.19 36.98 18.76
CA GLU E 298 55.34 38.05 18.20
C GLU E 298 54.62 37.64 16.90
N LEU E 299 53.77 36.64 17.03
CA LEU E 299 53.03 36.12 15.89
C LEU E 299 51.80 36.97 15.61
N LEU E 300 51.58 37.28 14.34
CA LEU E 300 50.44 38.12 13.95
C LEU E 300 49.84 37.61 12.65
N CYS E 301 48.56 37.27 12.68
CA CYS E 301 47.84 36.65 11.58
C CYS E 301 46.78 37.59 11.02
N THR E 302 46.70 37.64 9.69
CA THR E 302 45.67 38.40 8.99
C THR E 302 44.93 37.45 8.05
N VAL E 303 44.12 38.02 7.16
CA VAL E 303 43.32 37.24 6.23
C VAL E 303 43.17 38.06 4.96
N SER E 304 42.91 37.39 3.85
CA SER E 304 42.67 38.16 2.63
C SER E 304 41.43 37.74 1.87
N THR E 305 41.10 36.44 1.84
CA THR E 305 40.10 35.92 0.93
C THR E 305 39.35 34.80 1.62
N CYS E 306 38.04 34.69 1.40
CA CYS E 306 37.34 33.47 1.78
C CYS E 306 36.14 33.23 0.89
N THR E 307 35.70 31.97 0.87
CA THR E 307 34.38 31.53 0.42
C THR E 307 33.87 30.53 1.46
N HIS E 308 32.80 29.78 1.18
CA HIS E 308 32.44 28.80 2.20
C HIS E 308 33.32 27.54 2.10
N SER E 309 33.52 26.90 0.93
CA SER E 309 32.55 26.58 -0.11
C SER E 309 32.37 25.08 -0.15
N SER E 310 33.37 24.35 -0.64
CA SER E 310 33.49 22.92 -0.41
C SER E 310 34.93 22.44 -0.43
N ASP E 311 35.90 23.32 -0.61
CA ASP E 311 37.29 22.93 -0.63
C ASP E 311 38.10 24.08 -0.05
N PHE E 312 39.40 24.04 -0.28
CA PHE E 312 40.34 24.88 0.45
C PHE E 312 40.28 26.30 -0.12
N GLY E 313 39.26 27.04 0.32
CA GLY E 313 39.02 28.37 -0.17
C GLY E 313 39.10 29.42 0.91
N GLY E 314 40.07 29.28 1.81
CA GLY E 314 40.41 30.37 2.70
C GLY E 314 41.91 30.45 2.86
N VAL E 315 42.51 31.62 2.66
CA VAL E 315 43.95 31.77 2.67
C VAL E 315 44.35 32.78 3.74
N ALA E 316 45.45 32.52 4.43
CA ALA E 316 45.96 33.48 5.40
C ALA E 316 47.48 33.47 5.39
N VAL E 317 48.06 34.61 5.76
CA VAL E 317 49.51 34.76 5.84
C VAL E 317 49.89 34.78 7.31
N LEU E 318 51.17 34.63 7.58
CA LEU E 318 51.69 34.72 8.94
C LEU E 318 52.95 35.57 8.98
N SER E 319 53.13 36.27 10.11
CA SER E 319 54.29 37.11 10.34
C SER E 319 54.93 36.76 11.69
N TYR E 320 56.24 36.62 11.69
CA TYR E 320 56.97 36.20 12.89
C TYR E 320 58.45 36.48 12.72
N LYS E 321 59.11 36.79 13.83
CA LYS E 321 60.55 37.01 13.87
C LYS E 321 61.24 35.72 14.28
N VAL E 322 62.25 35.34 13.51
CA VAL E 322 62.88 34.07 13.65
C VAL E 322 64.21 34.27 14.39
N GLU E 323 64.80 33.18 14.86
CA GLU E 323 66.19 33.15 15.28
C GLU E 323 66.98 31.99 14.68
N LYS E 324 66.32 30.92 14.23
CA LYS E 324 67.02 29.76 13.69
C LYS E 324 66.10 29.05 12.70
N ALA E 325 66.69 28.50 11.64
CA ALA E 325 65.92 27.78 10.65
C ALA E 325 65.52 26.40 11.18
N GLY E 326 64.64 25.73 10.43
CA GLY E 326 64.11 24.45 10.84
C GLY E 326 62.74 24.13 10.26
N ARG E 327 61.87 23.54 11.07
CA ARG E 327 60.53 23.15 10.62
C ARG E 327 59.62 23.06 11.84
N CYS E 328 58.61 23.92 11.91
CA CYS E 328 57.65 23.87 13.00
C CYS E 328 56.35 23.20 12.54
N ASP E 329 55.38 23.12 13.45
CA ASP E 329 54.12 22.42 13.24
C ASP E 329 52.96 23.34 13.53
N VAL E 330 51.84 23.13 12.84
CA VAL E 330 50.72 24.07 12.86
C VAL E 330 49.44 23.35 13.24
N HIS E 331 48.50 24.11 13.82
CA HIS E 331 47.19 23.60 14.23
C HIS E 331 46.27 24.77 14.56
N SER E 332 44.96 24.56 14.33
CA SER E 332 43.91 25.48 14.78
C SER E 332 43.04 24.75 15.81
N HIS E 333 42.93 25.30 17.01
CA HIS E 333 42.40 24.60 18.17
C HIS E 333 40.88 24.69 18.30
N SER E 334 40.13 24.82 17.20
CA SER E 334 38.69 24.82 17.31
C SER E 334 38.08 24.05 16.14
N ASN E 335 36.81 23.72 16.29
CA ASN E 335 36.13 22.80 15.42
C ASN E 335 35.44 23.49 14.25
N VAL E 336 35.74 24.77 14.02
CA VAL E 336 35.01 25.53 13.01
C VAL E 336 35.78 25.63 11.69
N ALA E 337 37.07 25.29 11.67
CA ALA E 337 37.87 25.40 10.46
C ALA E 337 39.09 24.52 10.60
N VAL E 338 39.30 23.63 9.63
CA VAL E 338 40.42 22.69 9.65
C VAL E 338 41.47 23.16 8.65
N LEU E 339 42.73 23.02 9.02
CA LEU E 339 43.80 23.47 8.17
C LEU E 339 44.14 22.40 7.15
N GLN E 340 45.16 22.68 6.32
CA GLN E 340 45.52 21.79 5.21
C GLN E 340 46.86 21.13 5.42
N GLU E 341 47.92 21.92 5.58
CA GLU E 341 49.26 21.39 5.59
C GLU E 341 49.69 21.04 7.01
N VAL E 342 50.60 20.08 7.10
CA VAL E 342 50.96 19.46 8.38
C VAL E 342 52.22 20.06 8.96
N SER E 343 53.05 20.74 8.16
CA SER E 343 54.24 21.39 8.71
C SER E 343 54.61 22.60 7.85
N ILE E 344 54.58 23.77 8.47
CA ILE E 344 55.05 25.00 7.84
C ILE E 344 56.56 24.92 7.65
N GLU E 345 57.09 25.81 6.82
CA GLU E 345 58.53 25.94 6.62
C GLU E 345 59.04 26.99 7.62
N ALA E 346 60.36 27.18 7.65
CA ALA E 346 61.06 28.14 8.49
C ALA E 346 60.99 29.55 7.92
N GLU E 347 61.98 30.37 8.28
CA GLU E 347 62.07 31.84 8.22
C GLU E 347 61.29 32.59 7.15
N GLY E 348 60.56 33.60 7.58
CA GLY E 348 59.96 34.57 6.69
C GLY E 348 58.47 34.71 6.92
N ARG E 349 57.73 34.90 5.83
CA ARG E 349 56.28 34.85 5.84
C ARG E 349 55.84 33.55 5.17
N SER E 350 54.73 32.98 5.64
CA SER E 350 54.23 31.76 5.05
C SER E 350 52.72 31.74 5.15
N VAL E 351 52.09 31.03 4.22
CA VAL E 351 50.64 31.03 4.09
C VAL E 351 50.09 29.67 4.47
N ILE E 352 48.83 29.67 4.90
CA ILE E 352 48.11 28.46 5.26
C ILE E 352 46.72 28.52 4.66
N HIS E 353 46.23 27.37 4.19
CA HIS E 353 44.88 27.23 3.64
C HIS E 353 43.96 26.63 4.70
N PHE E 354 42.67 26.95 4.59
CA PHE E 354 41.68 26.43 5.52
C PHE E 354 40.30 26.50 4.88
N SER E 355 39.33 25.84 5.50
CA SER E 355 37.95 25.82 5.00
C SER E 355 36.99 25.93 6.17
N THR E 356 35.89 26.65 5.96
CA THR E 356 34.94 26.90 7.06
C THR E 356 33.56 27.21 6.53
N ALA E 357 32.57 26.49 7.00
CA ALA E 357 31.20 26.63 6.51
C ALA E 357 30.40 27.56 7.41
N SER E 358 30.87 28.80 7.57
CA SER E 358 30.18 29.75 8.41
C SER E 358 30.37 31.16 7.87
N ALA E 359 29.57 32.08 8.39
CA ALA E 359 29.59 33.44 7.86
C ALA E 359 30.78 34.24 8.37
N ALA E 360 31.14 34.07 9.64
CA ALA E 360 32.20 34.88 10.24
C ALA E 360 32.93 34.04 11.28
N PRO E 361 34.05 33.43 10.94
CA PRO E 361 34.77 32.59 11.90
C PRO E 361 35.74 33.38 12.76
N SER E 362 36.08 32.79 13.90
CA SER E 362 37.18 33.26 14.73
C SER E 362 37.73 32.09 15.52
N PHE E 363 39.04 31.89 15.44
CA PHE E 363 39.71 30.75 16.05
C PHE E 363 41.11 31.16 16.44
N ILE E 364 41.82 30.27 17.12
CA ILE E 364 43.18 30.55 17.55
C ILE E 364 44.11 29.49 16.99
N VAL E 365 45.19 29.93 16.35
CA VAL E 365 46.12 29.09 15.61
C VAL E 365 47.48 29.22 16.29
N SER E 366 48.30 28.16 16.19
CA SER E 366 49.62 28.20 16.81
C SER E 366 50.61 27.34 16.03
N VAL E 367 51.31 27.96 15.07
CA VAL E 367 52.68 27.58 14.80
C VAL E 367 53.48 27.93 16.04
N CYS E 368 54.60 27.25 16.31
CA CYS E 368 54.92 26.51 17.55
C CYS E 368 54.37 27.04 18.87
N SER E 369 55.01 26.74 20.00
CA SER E 369 54.38 26.91 21.31
C SER E 369 53.87 28.31 21.70
N SER E 370 53.98 29.31 20.82
CA SER E 370 53.27 30.57 20.98
C SER E 370 51.97 30.58 20.17
N ARG E 371 50.98 31.32 20.66
CA ARG E 371 49.61 31.25 20.17
C ARG E 371 49.16 32.60 19.61
N ALA E 372 48.19 32.58 18.71
CA ALA E 372 47.69 33.81 18.12
C ALA E 372 46.28 33.59 17.58
N THR E 373 45.60 34.69 17.24
CA THR E 373 44.27 34.63 16.66
C THR E 373 44.20 35.47 15.39
N CYS E 374 43.21 35.14 14.53
CA CYS E 374 42.85 35.96 13.37
C CYS E 374 41.48 35.58 12.80
N THR E 375 40.63 36.57 12.57
CA THR E 375 39.24 36.39 12.19
C THR E 375 38.96 37.09 10.86
N ALA E 376 37.76 36.85 10.32
CA ALA E 376 37.44 37.23 8.95
C ALA E 376 35.93 37.29 8.74
N LYS E 377 35.53 37.88 7.62
CA LYS E 377 34.15 37.89 7.17
C LYS E 377 34.08 37.28 5.77
N CYS E 378 32.94 36.70 5.42
CA CYS E 378 32.92 35.77 4.30
C CYS E 378 31.68 35.99 3.44
N GLU E 379 31.60 35.29 2.30
CA GLU E 379 30.52 35.48 1.33
C GLU E 379 30.29 34.18 0.55
N PRO E 380 29.08 33.95 0.04
CA PRO E 380 28.77 32.63 -0.56
C PRO E 380 29.29 32.50 -1.98
N PRO E 381 29.40 31.29 -2.51
CA PRO E 381 29.84 31.10 -3.89
C PRO E 381 28.65 31.07 -4.84
N LYS E 382 28.96 31.19 -6.13
CA LYS E 382 27.95 31.14 -7.17
C LYS E 382 28.10 29.79 -7.87
N ASP E 383 27.48 28.77 -7.28
CA ASP E 383 27.41 27.45 -7.87
C ASP E 383 26.28 26.72 -7.15
N HIS E 384 25.90 25.56 -7.67
CA HIS E 384 24.86 24.76 -7.02
C HIS E 384 25.19 23.30 -6.89
N VAL E 385 26.07 22.76 -7.73
CA VAL E 385 26.31 21.32 -7.83
C VAL E 385 27.81 21.10 -7.93
N VAL E 386 28.38 20.31 -7.02
CA VAL E 386 29.78 19.97 -7.05
C VAL E 386 29.88 18.47 -7.27
N THR E 387 31.10 17.97 -7.53
CA THR E 387 31.33 16.57 -7.84
C THR E 387 32.10 15.86 -6.72
N TYR E 388 32.53 16.59 -5.69
CA TYR E 388 33.36 16.01 -4.65
C TYR E 388 33.02 16.64 -3.31
N PRO E 389 32.88 15.84 -2.27
CA PRO E 389 32.20 16.30 -1.06
C PRO E 389 33.07 16.83 0.07
N ALA E 390 32.45 17.68 0.89
CA ALA E 390 32.50 17.63 2.36
C ALA E 390 33.93 17.68 2.93
N ASN E 391 34.53 18.86 2.83
CA ASN E 391 35.82 19.09 3.45
C ASN E 391 35.71 20.09 4.59
N HIS E 392 34.68 19.93 5.41
CA HIS E 392 34.52 20.66 6.66
C HIS E 392 33.59 19.86 7.57
N ASN E 393 33.57 20.21 8.84
CA ASN E 393 32.72 19.52 9.81
C ASN E 393 31.25 19.62 9.43
N GLY E 394 30.80 20.83 9.12
CA GLY E 394 29.42 21.06 8.74
C GLY E 394 28.66 21.86 9.77
N ILE E 395 29.38 22.69 10.53
CA ILE E 395 28.77 23.51 11.56
C ILE E 395 28.70 24.97 11.14
N THR E 396 27.49 25.45 10.87
CA THR E 396 27.29 26.83 10.44
C THR E 396 26.58 27.64 11.53
N LEU E 397 27.32 27.99 12.58
CA LEU E 397 26.77 28.76 13.69
C LEU E 397 27.40 30.15 13.74
N PRO E 398 26.66 31.12 14.33
CA PRO E 398 27.14 32.50 14.46
C PRO E 398 28.23 32.63 15.52
N ASP E 399 29.03 33.68 15.42
CA ASP E 399 30.12 33.92 16.37
C ASP E 399 29.63 34.74 17.55
N LEU E 400 30.57 35.18 18.39
CA LEU E 400 30.24 35.96 19.57
C LEU E 400 30.42 37.46 19.30
N SER E 401 30.91 37.78 18.10
CA SER E 401 31.15 39.17 17.73
C SER E 401 31.21 39.32 16.21
N SER E 402 30.05 39.40 15.57
CA SER E 402 29.99 39.55 14.13
C SER E 402 29.27 40.83 13.81
N THR E 403 29.30 41.17 12.52
CA THR E 403 28.47 42.26 12.00
C THR E 403 27.02 41.93 12.19
N ALA E 404 26.69 40.65 12.09
CA ALA E 404 25.30 40.25 12.17
C ALA E 404 24.72 40.49 13.53
N MET E 405 25.38 40.03 14.57
CA MET E 405 24.76 40.14 15.87
C MET E 405 25.42 41.17 16.74
N THR E 406 26.27 42.03 16.18
CA THR E 406 26.51 43.29 16.88
C THR E 406 25.27 44.14 16.84
N TRP E 407 24.41 43.87 15.86
CA TRP E 407 23.09 44.44 15.80
C TRP E 407 22.25 43.91 16.96
N ALA E 408 22.58 42.71 17.44
CA ALA E 408 21.71 42.05 18.41
C ALA E 408 21.81 42.67 19.79
N GLN E 409 23.01 43.08 20.19
CA GLN E 409 23.12 43.56 21.56
C GLN E 409 22.56 44.97 21.67
N HIS E 410 22.58 45.71 20.57
CA HIS E 410 22.04 47.05 20.61
C HIS E 410 20.53 47.02 20.78
N LEU E 411 19.86 46.08 20.11
CA LEU E 411 18.42 46.02 20.25
C LEU E 411 18.02 45.43 21.59
N ALA E 412 18.75 44.43 22.04
CA ALA E 412 18.38 43.81 23.30
C ALA E 412 18.80 44.69 24.45
N GLY E 413 19.93 45.36 24.32
CA GLY E 413 20.28 46.34 25.33
C GLY E 413 19.39 47.56 25.25
N GLY E 414 18.95 47.91 24.05
CA GLY E 414 18.04 49.04 23.92
C GLY E 414 16.69 48.75 24.53
N VAL E 415 16.19 47.53 24.32
CA VAL E 415 14.92 47.18 24.94
C VAL E 415 15.16 46.86 26.41
N GLY E 416 16.40 46.54 26.76
CA GLY E 416 16.71 46.31 28.15
C GLY E 416 16.79 47.62 28.88
N LEU E 417 16.99 48.71 28.15
CA LEU E 417 17.25 49.99 28.77
C LEU E 417 15.96 50.72 29.13
N LEU E 418 14.97 50.66 28.25
CA LEU E 418 13.85 51.58 28.43
C LEU E 418 12.91 51.07 29.51
N ILE E 419 13.04 49.81 29.90
CA ILE E 419 12.36 49.41 31.12
C ILE E 419 13.06 49.94 32.34
N ALA E 420 14.35 50.24 32.22
CA ALA E 420 15.10 50.61 33.42
C ALA E 420 14.76 52.01 33.89
N LEU E 421 14.42 52.93 32.99
CA LEU E 421 13.87 54.16 33.52
C LEU E 421 12.46 53.97 34.01
N ALA E 422 11.77 52.95 33.51
CA ALA E 422 10.38 52.74 33.92
C ALA E 422 10.33 52.13 35.31
N VAL E 423 11.35 51.36 35.68
CA VAL E 423 11.23 50.61 36.91
C VAL E 423 11.42 51.52 38.11
N LEU E 424 12.32 52.50 38.01
CA LEU E 424 12.63 53.25 39.21
C LEU E 424 11.68 54.41 39.38
N ILE E 425 11.18 54.96 38.27
CA ILE E 425 10.30 56.11 38.35
C ILE E 425 8.94 55.67 38.88
N LEU E 426 8.69 54.36 38.82
CA LEU E 426 7.68 53.76 39.67
C LEU E 426 8.00 53.98 41.14
N VAL E 427 9.23 53.65 41.52
CA VAL E 427 9.51 53.44 42.94
C VAL E 427 9.68 54.77 43.66
N ILE E 428 10.11 55.81 42.93
CA ILE E 428 10.52 57.05 43.56
C ILE E 428 9.32 57.78 44.16
N VAL E 429 8.13 57.49 43.67
CA VAL E 429 6.94 58.03 44.32
C VAL E 429 6.33 56.99 45.23
N THR E 430 6.74 55.74 45.05
CA THR E 430 6.13 54.65 45.82
C THR E 430 6.55 54.75 47.28
N CYS E 431 7.70 55.38 47.53
CA CYS E 431 8.03 55.71 48.91
C CYS E 431 7.19 56.88 49.41
N ILE E 432 6.98 57.91 48.59
CA ILE E 432 6.46 59.16 49.15
C ILE E 432 4.96 59.09 49.36
N THR E 433 4.35 58.00 48.97
CA THR E 433 2.92 57.84 49.14
C THR E 433 2.62 57.09 50.43
N LEU E 434 3.62 57.06 51.29
CA LEU E 434 3.42 56.54 52.63
C LEU E 434 3.76 57.69 53.58
N ARG E 435 3.32 58.87 53.19
CA ARG E 435 3.46 60.04 54.01
C ARG E 435 2.39 59.97 55.08
N ASN F 1 30.64 -43.82 -30.79
CA ASN F 1 31.58 -44.86 -30.39
C ASN F 1 30.86 -45.94 -29.59
N ALA F 2 29.67 -45.60 -29.10
CA ALA F 2 28.79 -46.55 -28.42
C ALA F 2 27.46 -46.70 -29.13
N TYR F 3 27.28 -46.07 -30.29
CA TYR F 3 26.02 -46.08 -31.01
C TYR F 3 25.85 -47.32 -31.87
N LYS F 4 26.72 -48.31 -31.75
CA LYS F 4 26.60 -49.56 -32.49
C LYS F 4 25.63 -50.54 -31.83
N LEU F 5 24.78 -50.07 -30.92
CA LEU F 5 23.82 -50.90 -30.23
C LEU F 5 22.39 -50.40 -30.35
N THR F 6 22.16 -49.23 -30.94
CA THR F 6 20.85 -48.61 -31.00
C THR F 6 20.43 -48.43 -32.46
N ARG F 7 19.22 -47.93 -32.65
CA ARG F 7 18.64 -47.75 -33.97
C ARG F 7 17.79 -46.49 -34.01
N PRO F 8 17.55 -45.94 -35.18
CA PRO F 8 16.46 -44.97 -35.34
C PRO F 8 15.12 -45.66 -35.19
N TYR F 9 14.11 -44.88 -34.81
CA TYR F 9 12.78 -45.46 -34.63
C TYR F 9 11.73 -44.42 -34.99
N VAL F 10 10.49 -44.88 -35.04
CA VAL F 10 9.36 -44.04 -35.40
C VAL F 10 8.38 -44.03 -34.23
N ALA F 11 7.54 -43.00 -34.21
CA ALA F 11 6.63 -42.79 -33.10
C ALA F 11 5.49 -41.89 -33.56
N TYR F 12 4.65 -41.49 -32.62
CA TYR F 12 3.54 -40.57 -32.81
C TYR F 12 4.05 -39.14 -32.84
N CYS F 13 3.21 -38.23 -33.31
CA CYS F 13 3.58 -36.81 -33.34
C CYS F 13 2.33 -35.99 -33.14
N ALA F 14 2.52 -34.69 -32.92
CA ALA F 14 1.38 -33.81 -32.72
C ALA F 14 0.64 -33.55 -34.03
N ASP F 15 1.31 -32.90 -34.98
CA ASP F 15 0.74 -32.63 -36.28
C ASP F 15 1.68 -33.14 -37.37
N CYS F 16 1.21 -33.08 -38.60
CA CYS F 16 1.93 -33.63 -39.74
C CYS F 16 2.45 -32.54 -40.66
N GLY F 17 2.04 -31.30 -40.44
CA GLY F 17 2.25 -30.22 -41.38
C GLY F 17 1.01 -29.82 -42.12
N MET F 18 0.04 -30.72 -42.22
CA MET F 18 -1.24 -30.44 -42.85
C MET F 18 -2.34 -30.14 -41.86
N GLY F 19 -2.24 -30.62 -40.63
CA GLY F 19 -3.33 -30.49 -39.69
C GLY F 19 -4.02 -31.81 -39.41
N HIS F 20 -3.23 -32.87 -39.29
CA HIS F 20 -3.74 -34.21 -38.99
C HIS F 20 -2.70 -34.91 -38.11
N SER F 21 -2.79 -36.23 -38.03
CA SER F 21 -2.16 -37.00 -36.96
C SER F 21 -1.31 -38.14 -37.50
N CYS F 22 -0.39 -37.83 -38.43
CA CYS F 22 0.44 -38.83 -39.08
C CYS F 22 1.36 -39.55 -38.09
N HIS F 23 2.03 -40.59 -38.60
CA HIS F 23 3.20 -41.17 -37.97
C HIS F 23 4.39 -40.90 -38.87
N SER F 24 5.48 -40.41 -38.28
CA SER F 24 6.59 -39.89 -39.09
C SER F 24 7.89 -40.09 -38.35
N PRO F 25 8.99 -40.32 -39.06
CA PRO F 25 10.25 -40.66 -38.37
C PRO F 25 10.99 -39.48 -37.78
N ALA F 26 10.36 -38.32 -37.64
CA ALA F 26 11.01 -37.17 -37.04
C ALA F 26 10.01 -36.46 -36.14
N MET F 27 10.07 -36.73 -34.84
CA MET F 27 9.30 -35.98 -33.86
C MET F 27 10.23 -35.52 -32.75
N ILE F 28 9.77 -34.50 -32.03
CA ILE F 28 10.60 -33.73 -31.12
C ILE F 28 10.08 -33.88 -29.70
N GLU F 29 10.99 -33.88 -28.74
CA GLU F 29 10.65 -33.66 -27.33
C GLU F 29 11.86 -33.05 -26.64
N ASN F 30 11.62 -32.44 -25.47
CA ASN F 30 12.66 -31.90 -24.61
C ASN F 30 13.55 -30.87 -25.28
N VAL F 31 13.02 -29.67 -25.50
CA VAL F 31 13.72 -28.62 -26.24
C VAL F 31 14.44 -27.67 -25.30
N GLN F 32 14.88 -28.19 -24.14
CA GLN F 32 15.47 -27.41 -23.04
C GLN F 32 16.57 -26.45 -23.46
N ALA F 33 16.59 -25.29 -22.83
CA ALA F 33 17.44 -24.18 -23.24
C ALA F 33 18.08 -23.47 -22.05
N ASP F 34 18.72 -24.21 -21.16
CA ASP F 34 19.23 -23.62 -19.92
C ASP F 34 20.55 -22.86 -20.08
N ALA F 35 20.95 -22.43 -21.27
CA ALA F 35 22.08 -21.51 -21.40
C ALA F 35 21.58 -20.07 -21.46
N THR F 36 22.51 -19.13 -21.33
CA THR F 36 22.16 -17.71 -21.25
C THR F 36 22.48 -16.92 -22.52
N ASP F 37 23.26 -17.45 -23.43
CA ASP F 37 23.49 -16.73 -24.68
C ASP F 37 22.35 -16.88 -25.67
N GLY F 38 21.31 -17.62 -25.34
CA GLY F 38 20.18 -17.72 -26.23
C GLY F 38 20.41 -18.69 -27.37
N THR F 39 20.68 -19.94 -27.02
CA THR F 39 20.66 -21.03 -27.99
C THR F 39 19.96 -22.21 -27.37
N LEU F 40 19.40 -23.06 -28.20
CA LEU F 40 18.54 -24.12 -27.69
C LEU F 40 18.93 -25.46 -28.28
N LYS F 41 18.96 -26.47 -27.42
CA LYS F 41 19.35 -27.84 -27.76
C LYS F 41 18.09 -28.67 -27.84
N ILE F 42 17.69 -29.05 -29.03
CA ILE F 42 16.48 -29.85 -29.16
C ILE F 42 16.88 -31.28 -29.51
N GLN F 43 16.08 -32.22 -28.99
CA GLN F 43 16.36 -33.65 -29.05
C GLN F 43 15.47 -34.29 -30.11
N PHE F 44 16.07 -35.16 -30.91
CA PHE F 44 15.56 -35.53 -32.21
C PHE F 44 15.54 -37.05 -32.31
N ALA F 45 14.44 -37.59 -32.85
CA ALA F 45 14.16 -39.02 -32.73
C ALA F 45 15.03 -39.85 -33.67
N SER F 46 15.29 -39.37 -34.87
CA SER F 46 16.21 -40.05 -35.76
C SER F 46 17.65 -39.79 -35.34
N GLN F 47 18.58 -40.40 -36.06
CA GLN F 47 20.00 -40.19 -35.81
C GLN F 47 20.64 -39.50 -37.00
N ILE F 48 21.64 -38.68 -36.70
CA ILE F 48 22.39 -37.99 -37.76
C ILE F 48 23.84 -38.41 -37.69
N GLY F 49 24.66 -37.88 -38.57
CA GLY F 49 26.09 -38.10 -38.47
C GLY F 49 26.51 -39.44 -39.02
N LEU F 50 26.08 -40.52 -38.37
CA LEU F 50 26.52 -41.84 -38.77
C LEU F 50 25.78 -42.32 -40.01
N THR F 51 26.53 -42.92 -40.94
CA THR F 51 26.02 -43.55 -42.15
C THR F 51 25.48 -44.94 -41.84
N LYS F 52 25.30 -45.78 -42.87
CA LYS F 52 24.89 -47.16 -42.67
C LYS F 52 25.97 -47.93 -41.90
N THR F 53 25.70 -49.21 -41.65
CA THR F 53 25.84 -49.86 -40.35
C THR F 53 26.94 -49.35 -39.42
N ASP F 54 28.20 -49.28 -39.87
CA ASP F 54 29.27 -48.82 -38.98
C ASP F 54 30.45 -48.25 -39.77
N THR F 55 30.48 -46.92 -39.90
CA THR F 55 31.68 -46.11 -40.00
C THR F 55 31.32 -44.66 -39.77
N HIS F 56 32.32 -43.84 -39.48
CA HIS F 56 32.08 -42.45 -39.14
C HIS F 56 32.02 -41.62 -40.43
N ASP F 57 31.26 -40.54 -40.37
CA ASP F 57 30.89 -39.80 -41.56
C ASP F 57 30.38 -38.43 -41.13
N HIS F 58 30.44 -37.48 -42.05
CA HIS F 58 29.92 -36.13 -41.80
C HIS F 58 28.85 -35.73 -42.81
N THR F 59 28.29 -36.67 -43.55
CA THR F 59 27.42 -36.27 -44.65
C THR F 59 26.08 -36.99 -44.66
N LYS F 60 26.02 -38.26 -44.30
CA LYS F 60 24.79 -39.04 -44.42
C LYS F 60 24.14 -39.24 -43.06
N ILE F 61 22.83 -38.97 -42.98
CA ILE F 61 22.05 -39.25 -41.78
C ILE F 61 21.48 -40.66 -41.88
N ARG F 62 20.96 -41.17 -40.76
CA ARG F 62 20.41 -42.52 -40.69
C ARG F 62 19.00 -42.45 -40.15
N TYR F 63 18.01 -42.89 -40.93
CA TYR F 63 16.65 -42.97 -40.41
C TYR F 63 16.06 -44.35 -40.70
N ALA F 64 14.84 -44.55 -40.22
CA ALA F 64 14.21 -45.86 -40.19
C ALA F 64 12.94 -45.87 -41.03
N GLU F 65 12.58 -47.06 -41.51
CA GLU F 65 11.41 -47.22 -42.36
C GLU F 65 10.97 -48.67 -42.26
N GLY F 66 9.84 -48.91 -41.60
CA GLY F 66 9.18 -50.19 -41.64
C GLY F 66 9.87 -51.23 -40.78
N HIS F 67 10.94 -51.80 -41.31
CA HIS F 67 11.80 -52.68 -40.54
C HIS F 67 13.28 -52.47 -40.85
N ASP F 68 13.64 -51.56 -41.73
CA ASP F 68 14.99 -51.54 -42.27
C ASP F 68 15.58 -50.15 -42.05
N ILE F 69 16.75 -49.91 -42.64
CA ILE F 69 17.57 -48.73 -42.37
C ILE F 69 17.80 -48.02 -43.69
N ALA F 70 17.54 -46.71 -43.73
CA ALA F 70 17.72 -45.93 -44.95
C ALA F 70 18.76 -44.83 -44.70
N GLU F 71 18.93 -43.94 -45.69
CA GLU F 71 19.85 -42.84 -45.53
C GLU F 71 19.40 -41.64 -46.36
N ALA F 72 19.85 -40.46 -45.94
CA ALA F 72 19.60 -39.24 -46.69
C ALA F 72 20.76 -38.26 -46.43
N ALA F 73 20.72 -37.12 -47.11
CA ALA F 73 21.84 -36.19 -47.14
C ALA F 73 21.63 -35.07 -46.13
N ARG F 74 22.73 -34.67 -45.47
CA ARG F 74 22.61 -33.69 -44.41
C ARG F 74 22.35 -32.29 -44.94
N SER F 75 22.74 -32.03 -46.19
CA SER F 75 22.61 -30.68 -46.76
C SER F 75 21.20 -30.26 -47.06
N THR F 76 20.15 -30.99 -46.66
CA THR F 76 18.82 -30.45 -46.77
C THR F 76 18.14 -30.61 -45.41
N LEU F 77 18.79 -30.16 -44.35
CA LEU F 77 18.25 -30.18 -43.00
C LEU F 77 17.78 -28.78 -42.66
N LYS F 78 16.49 -28.62 -42.39
CA LYS F 78 15.88 -27.31 -42.21
C LYS F 78 15.19 -27.24 -40.85
N VAL F 79 15.25 -26.06 -40.22
CA VAL F 79 14.41 -25.77 -39.06
C VAL F 79 13.74 -24.42 -39.29
N HIS F 80 12.65 -24.21 -38.57
CA HIS F 80 11.92 -22.95 -38.63
C HIS F 80 11.33 -22.64 -37.26
N SER F 81 11.40 -21.38 -36.85
CA SER F 81 10.71 -20.95 -35.64
C SER F 81 9.59 -19.95 -35.94
N SER F 82 9.93 -18.81 -36.53
CA SER F 82 8.97 -18.07 -37.34
C SER F 82 9.56 -17.56 -38.62
N SER F 83 10.87 -17.39 -38.70
CA SER F 83 11.64 -17.25 -39.91
C SER F 83 12.66 -18.39 -39.93
N GLU F 84 13.60 -18.32 -40.86
CA GLU F 84 14.66 -19.33 -40.88
C GLU F 84 15.65 -19.04 -39.76
N CYS F 85 16.36 -20.09 -39.34
CA CYS F 85 17.41 -19.95 -38.35
C CYS F 85 18.42 -21.07 -38.55
N ALA F 86 19.70 -20.73 -38.40
CA ALA F 86 20.78 -21.59 -38.85
C ALA F 86 21.22 -22.56 -37.77
N VAL F 87 21.82 -23.65 -38.22
CA VAL F 87 22.35 -24.69 -37.33
C VAL F 87 23.86 -24.45 -37.20
N THR F 88 24.41 -24.78 -36.02
CA THR F 88 25.79 -24.42 -35.70
C THR F 88 26.63 -25.61 -35.24
N GLY F 89 26.36 -26.81 -35.74
CA GLY F 89 27.23 -27.93 -35.46
C GLY F 89 26.56 -28.98 -34.60
N THR F 90 26.58 -30.24 -35.03
CA THR F 90 25.66 -31.26 -34.53
C THR F 90 26.32 -32.63 -34.60
N MET F 91 25.85 -33.54 -33.76
CA MET F 91 26.11 -34.99 -33.86
C MET F 91 25.15 -35.71 -32.91
N GLY F 92 25.00 -37.01 -33.13
CA GLY F 92 24.29 -37.85 -32.16
C GLY F 92 22.80 -37.87 -32.39
N HIS F 93 22.04 -37.77 -31.29
CA HIS F 93 20.59 -37.61 -31.32
C HIS F 93 20.13 -36.17 -31.28
N PHE F 94 21.05 -35.21 -31.27
CA PHE F 94 20.77 -33.85 -30.81
C PHE F 94 21.08 -32.86 -31.90
N ILE F 95 20.29 -31.79 -32.02
CA ILE F 95 20.70 -30.64 -32.80
C ILE F 95 20.52 -29.40 -31.93
N LEU F 96 21.17 -28.31 -32.30
CA LEU F 96 21.15 -27.11 -31.46
C LEU F 96 21.29 -25.86 -32.31
N ALA F 97 20.49 -24.84 -31.99
CA ALA F 97 20.23 -23.76 -32.93
C ALA F 97 20.13 -22.41 -32.23
N LYS F 98 20.07 -21.36 -33.08
CA LYS F 98 19.98 -19.94 -32.72
C LYS F 98 18.76 -19.35 -33.41
N CYS F 99 17.65 -19.20 -32.69
CA CYS F 99 16.46 -18.87 -33.47
C CYS F 99 15.71 -17.67 -32.92
N PRO F 100 15.14 -16.84 -33.80
CA PRO F 100 14.36 -15.66 -33.38
C PRO F 100 13.03 -16.06 -32.75
N PRO F 101 12.35 -15.15 -32.02
CA PRO F 101 11.20 -15.58 -31.21
C PRO F 101 9.99 -15.97 -32.03
N GLY F 102 9.06 -16.63 -31.34
CA GLY F 102 7.87 -17.16 -31.98
C GLY F 102 7.11 -18.08 -31.04
N GLU F 103 6.34 -19.01 -31.64
CA GLU F 103 5.53 -19.93 -30.86
C GLU F 103 5.66 -21.39 -31.25
N VAL F 104 6.29 -21.71 -32.39
CA VAL F 104 6.51 -23.09 -32.77
C VAL F 104 7.98 -23.28 -33.13
N ILE F 105 8.43 -24.53 -33.12
CA ILE F 105 9.73 -24.92 -33.63
C ILE F 105 9.53 -26.17 -34.47
N SER F 106 9.98 -26.13 -35.71
CA SER F 106 9.78 -27.23 -36.63
C SER F 106 11.11 -27.69 -37.21
N VAL F 107 11.26 -29.00 -37.34
CA VAL F 107 12.46 -29.66 -37.81
C VAL F 107 12.09 -30.57 -38.97
N SER F 108 12.80 -30.46 -40.09
CA SER F 108 12.45 -31.25 -41.26
C SER F 108 13.70 -31.54 -42.09
N PHE F 109 13.55 -32.51 -42.99
CA PHE F 109 14.57 -32.84 -43.98
C PHE F 109 13.87 -33.53 -45.15
N VAL F 110 14.65 -34.12 -46.04
CA VAL F 110 14.14 -34.82 -47.22
C VAL F 110 14.50 -36.29 -47.11
N ASP F 111 13.51 -37.16 -47.24
CA ASP F 111 13.75 -38.60 -47.20
C ASP F 111 14.16 -39.13 -48.58
N SER F 112 14.06 -40.46 -48.76
CA SER F 112 14.68 -41.16 -49.88
C SER F 112 14.15 -40.70 -51.23
N LYS F 113 12.86 -40.91 -51.49
CA LYS F 113 12.31 -40.75 -52.83
C LYS F 113 11.66 -39.38 -53.05
N ASN F 114 12.29 -38.34 -52.49
CA ASN F 114 11.94 -36.93 -52.67
C ASN F 114 10.54 -36.64 -52.14
N GLU F 115 10.41 -36.82 -50.83
CA GLU F 115 9.24 -36.36 -50.07
C GLU F 115 9.75 -35.59 -48.85
N GLN F 116 8.81 -35.10 -48.04
CA GLN F 116 9.16 -34.30 -46.88
C GLN F 116 8.55 -34.88 -45.62
N ARG F 117 9.22 -34.61 -44.49
CA ARG F 117 8.85 -35.14 -43.18
C ARG F 117 8.88 -33.99 -42.19
N THR F 118 7.71 -33.57 -41.70
CA THR F 118 7.64 -32.42 -40.81
C THR F 118 7.08 -32.83 -39.46
N CYS F 119 7.16 -31.89 -38.52
CA CYS F 119 6.63 -31.96 -37.16
C CYS F 119 6.67 -30.58 -36.56
N ARG F 120 5.61 -30.21 -35.85
CA ARG F 120 5.51 -28.88 -35.25
C ARG F 120 5.00 -29.03 -33.82
N ILE F 121 5.78 -28.58 -32.85
CA ILE F 121 5.33 -28.59 -31.47
C ILE F 121 5.27 -27.14 -30.99
N ALA F 122 4.88 -26.95 -29.74
CA ALA F 122 4.67 -25.61 -29.18
C ALA F 122 5.73 -25.31 -28.13
N TYR F 123 6.31 -24.11 -28.21
CA TYR F 123 7.32 -23.65 -27.26
C TYR F 123 7.43 -22.13 -27.37
N HIS F 124 7.87 -21.49 -26.28
CA HIS F 124 7.81 -20.03 -26.13
C HIS F 124 9.09 -19.52 -25.47
N HIS F 125 9.72 -18.49 -26.04
CA HIS F 125 10.92 -17.93 -25.42
C HIS F 125 11.12 -16.48 -25.88
N GLU F 126 12.14 -15.85 -25.31
CA GLU F 126 12.55 -14.47 -25.63
C GLU F 126 14.07 -14.38 -25.45
N GLN F 127 14.60 -13.15 -25.39
CA GLN F 127 16.03 -12.92 -25.55
C GLN F 127 16.83 -12.79 -24.26
N ARG F 128 16.18 -12.73 -23.10
CA ARG F 128 16.74 -12.82 -21.75
C ARG F 128 17.55 -11.61 -21.26
N LEU F 129 17.90 -10.67 -22.15
CA LEU F 129 18.29 -9.28 -21.84
C LEU F 129 19.47 -9.20 -20.83
N ILE F 130 20.61 -9.72 -21.25
CA ILE F 130 21.80 -9.65 -20.41
C ILE F 130 22.46 -8.29 -20.59
N GLY F 131 22.70 -7.59 -19.49
CA GLY F 131 23.04 -6.18 -19.53
C GLY F 131 21.88 -5.32 -19.05
N ARG F 132 21.82 -4.06 -19.47
CA ARG F 132 20.63 -3.23 -19.28
C ARG F 132 20.28 -2.52 -20.59
N GLU F 133 19.68 -3.26 -21.52
CA GLU F 133 19.31 -2.81 -22.86
C GLU F 133 18.61 -3.95 -23.61
N ARG F 134 18.22 -3.73 -24.87
CA ARG F 134 17.69 -4.83 -25.71
C ARG F 134 18.21 -4.68 -27.13
N PHE F 135 19.15 -5.53 -27.53
CA PHE F 135 19.73 -5.54 -28.87
C PHE F 135 19.38 -6.84 -29.59
N THR F 136 19.94 -7.03 -30.79
CA THR F 136 19.86 -8.35 -31.41
C THR F 136 21.21 -8.95 -31.78
N VAL F 137 22.12 -8.15 -32.36
CA VAL F 137 23.42 -8.64 -32.80
C VAL F 137 24.51 -7.86 -32.08
N ARG F 138 25.63 -8.52 -31.82
CA ARG F 138 26.67 -7.91 -31.00
C ARG F 138 27.42 -6.83 -31.79
N PRO F 139 27.57 -5.64 -31.23
CA PRO F 139 28.30 -4.57 -31.92
C PRO F 139 29.80 -4.66 -31.71
N HIS F 140 30.52 -3.61 -32.09
CA HIS F 140 31.98 -3.67 -32.22
C HIS F 140 32.72 -2.68 -31.32
N HIS F 141 32.17 -2.38 -30.14
CA HIS F 141 32.89 -1.82 -28.99
C HIS F 141 31.99 -1.90 -27.76
N GLY F 142 32.60 -2.03 -26.59
CA GLY F 142 31.86 -1.96 -25.36
C GLY F 142 32.37 -2.92 -24.32
N ILE F 143 31.61 -3.03 -23.24
CA ILE F 143 32.00 -3.81 -22.07
C ILE F 143 31.81 -5.30 -22.36
N GLU F 144 32.63 -6.12 -21.68
CA GLU F 144 32.42 -7.56 -21.62
C GLU F 144 31.90 -7.96 -20.24
N LEU F 145 30.98 -8.92 -20.23
CA LEU F 145 30.22 -9.36 -19.08
C LEU F 145 30.36 -10.87 -18.95
N PRO F 146 29.95 -11.46 -17.83
CA PRO F 146 29.91 -12.93 -17.76
C PRO F 146 28.65 -13.52 -18.36
N CYS F 147 28.82 -14.58 -19.16
CA CYS F 147 27.74 -15.31 -19.82
C CYS F 147 28.08 -16.80 -19.77
N THR F 148 27.13 -17.65 -20.18
CA THR F 148 27.30 -19.11 -20.12
C THR F 148 26.86 -19.75 -21.42
N THR F 149 27.68 -20.65 -21.99
CA THR F 149 27.37 -21.16 -23.32
C THR F 149 27.79 -22.62 -23.46
N TYR F 150 27.46 -23.21 -24.63
CA TYR F 150 27.70 -24.61 -24.91
C TYR F 150 29.05 -24.84 -25.60
N GLN F 151 29.73 -25.92 -25.20
CA GLN F 151 30.91 -26.42 -25.88
C GLN F 151 30.53 -27.17 -27.13
N LEU F 152 31.54 -27.42 -27.97
CA LEU F 152 31.39 -28.19 -29.20
C LEU F 152 32.41 -29.32 -29.23
N THR F 153 32.57 -30.02 -28.10
CA THR F 153 33.53 -31.10 -27.92
C THR F 153 32.74 -32.42 -27.88
N THR F 154 33.41 -33.53 -27.55
CA THR F 154 32.84 -34.87 -27.58
C THR F 154 32.94 -35.59 -26.25
N ALA F 155 34.05 -35.45 -25.53
CA ALA F 155 34.22 -36.10 -24.24
C ALA F 155 33.32 -35.44 -23.19
N GLU F 156 32.84 -36.25 -22.25
CA GLU F 156 31.70 -35.89 -21.44
C GLU F 156 32.01 -36.06 -19.95
N THR F 157 31.28 -35.33 -19.11
CA THR F 157 31.56 -35.23 -17.68
C THR F 157 30.38 -35.80 -16.88
N SER F 158 29.98 -37.03 -17.24
CA SER F 158 29.12 -37.90 -16.44
C SER F 158 27.69 -37.35 -16.25
N GLU F 159 26.98 -37.23 -17.36
CA GLU F 159 25.52 -37.22 -17.35
C GLU F 159 25.01 -37.90 -18.61
N GLU F 160 23.97 -38.72 -18.47
CA GLU F 160 23.61 -39.71 -19.47
C GLU F 160 22.09 -39.83 -19.58
N ILE F 161 21.64 -40.71 -20.47
CA ILE F 161 20.22 -41.04 -20.61
C ILE F 161 20.03 -42.55 -20.59
N ASP F 162 18.80 -42.96 -20.35
CA ASP F 162 18.48 -44.38 -20.20
C ASP F 162 18.41 -45.06 -21.56
N MET F 163 18.37 -46.39 -21.53
CA MET F 163 18.37 -47.19 -22.75
C MET F 163 17.67 -48.50 -22.45
N HIS F 164 17.08 -49.13 -23.47
CA HIS F 164 16.15 -50.23 -23.22
C HIS F 164 16.15 -51.13 -24.46
N MET F 165 15.49 -52.29 -24.35
CA MET F 165 15.40 -53.24 -25.44
C MET F 165 13.99 -53.24 -26.04
N PRO F 166 13.85 -53.31 -27.36
CA PRO F 166 12.58 -52.97 -28.00
C PRO F 166 11.52 -54.03 -27.82
N PRO F 167 10.25 -53.66 -27.89
CA PRO F 167 9.18 -54.66 -27.75
C PRO F 167 8.79 -55.28 -29.07
N ASP F 168 7.82 -56.19 -29.02
CA ASP F 168 7.37 -56.92 -30.19
C ASP F 168 6.52 -56.01 -31.08
N ILE F 169 6.48 -56.34 -32.36
CA ILE F 169 5.72 -55.55 -33.33
C ILE F 169 4.79 -56.45 -34.14
N PRO F 170 3.50 -56.13 -34.21
CA PRO F 170 2.59 -56.89 -35.06
C PRO F 170 2.58 -56.38 -36.48
N ASP F 171 2.06 -57.22 -37.38
CA ASP F 171 2.03 -56.92 -38.80
C ASP F 171 0.94 -57.72 -39.47
N ARG F 172 0.35 -57.14 -40.52
CA ARG F 172 -0.65 -57.82 -41.33
C ARG F 172 -0.31 -57.82 -42.82
N THR F 173 0.92 -57.51 -43.19
CA THR F 173 1.37 -57.78 -44.55
C THR F 173 1.82 -59.24 -44.69
N ILE F 174 2.12 -59.87 -43.55
CA ILE F 174 2.51 -61.28 -43.54
C ILE F 174 1.34 -62.18 -43.93
N LEU F 175 0.15 -61.86 -43.45
CA LEU F 175 -1.00 -62.75 -43.55
C LEU F 175 -1.57 -62.80 -44.98
N SER F 176 -2.11 -63.97 -45.34
CA SER F 176 -2.85 -64.20 -46.57
C SER F 176 -3.61 -65.51 -46.43
N GLN F 177 -4.59 -65.70 -47.32
CA GLN F 177 -5.33 -66.94 -47.44
C GLN F 177 -4.71 -67.80 -48.52
N GLN F 178 -5.20 -69.04 -48.63
CA GLN F 178 -4.82 -69.91 -49.73
C GLN F 178 -6.07 -70.64 -50.22
N SER F 179 -7.20 -69.92 -50.29
CA SER F 179 -8.54 -70.44 -50.59
C SER F 179 -8.87 -71.62 -49.67
N GLY F 180 -8.97 -71.33 -48.38
CA GLY F 180 -8.96 -72.39 -47.40
C GLY F 180 -7.98 -72.14 -46.28
N ASN F 181 -6.92 -72.94 -46.24
CA ASN F 181 -5.98 -72.99 -45.11
C ASN F 181 -5.18 -71.70 -44.99
N VAL F 182 -4.47 -71.58 -43.88
CA VAL F 182 -3.82 -70.35 -43.46
C VAL F 182 -2.31 -70.53 -43.65
N LYS F 183 -1.64 -69.46 -44.08
CA LYS F 183 -0.19 -69.53 -44.21
C LYS F 183 0.51 -68.25 -43.77
N ILE F 184 1.51 -68.42 -42.92
CA ILE F 184 2.39 -67.33 -42.51
C ILE F 184 3.51 -67.20 -43.54
N THR F 185 3.60 -66.04 -44.17
CA THR F 185 4.60 -65.79 -45.21
C THR F 185 5.72 -64.95 -44.61
N VAL F 186 6.80 -65.61 -44.24
CA VAL F 186 7.95 -64.98 -43.60
C VAL F 186 8.91 -64.53 -44.70
N ASN F 187 9.56 -63.37 -44.51
CA ASN F 187 10.59 -62.92 -45.44
C ASN F 187 11.98 -63.01 -44.81
N GLY F 188 12.16 -63.86 -43.80
CA GLY F 188 13.50 -64.20 -43.36
C GLY F 188 13.94 -63.69 -42.01
N ARG F 189 13.01 -63.45 -41.09
CA ARG F 189 13.34 -63.11 -39.71
C ARG F 189 12.41 -63.85 -38.76
N THR F 190 12.86 -64.03 -37.53
CA THR F 190 12.17 -64.93 -36.59
C THR F 190 10.83 -64.37 -36.13
N VAL F 191 9.81 -65.23 -36.16
CA VAL F 191 8.42 -64.85 -35.95
C VAL F 191 7.76 -65.89 -35.06
N LYS F 192 7.18 -65.45 -33.94
CA LYS F 192 6.35 -66.31 -33.11
C LYS F 192 5.01 -65.62 -32.91
N TYR F 193 3.93 -66.38 -33.08
CA TYR F 193 2.63 -65.81 -33.38
C TYR F 193 1.54 -66.61 -32.67
N SER F 194 0.28 -66.35 -33.02
CA SER F 194 -0.85 -67.02 -32.37
C SER F 194 -2.09 -67.04 -33.24
N CYS F 195 -2.79 -68.18 -33.22
CA CYS F 195 -4.21 -68.30 -33.56
C CYS F 195 -4.93 -69.33 -32.69
N SER F 196 -6.22 -69.05 -32.50
CA SER F 196 -7.08 -69.67 -31.50
C SER F 196 -8.38 -70.11 -32.17
N CYS F 197 -8.25 -70.81 -33.27
CA CYS F 197 -9.35 -71.01 -34.21
C CYS F 197 -9.71 -72.48 -34.35
N PRO F 201 1.42 -71.76 -32.88
CA PRO F 201 1.97 -70.78 -31.94
C PRO F 201 3.18 -71.29 -31.15
N SER F 202 4.34 -71.31 -31.78
CA SER F 202 5.60 -71.62 -31.10
C SER F 202 6.73 -70.96 -31.89
N GLY F 203 7.94 -71.04 -31.35
CA GLY F 203 9.07 -70.34 -31.94
C GLY F 203 9.61 -71.00 -33.19
N THR F 204 9.33 -70.40 -34.35
CA THR F 204 9.65 -70.99 -35.66
C THR F 204 10.63 -70.04 -36.37
N THR F 205 11.92 -70.22 -36.12
CA THR F 205 12.92 -69.37 -36.74
C THR F 205 13.28 -69.88 -38.14
N THR F 206 13.25 -68.94 -39.09
CA THR F 206 13.67 -69.11 -40.49
C THR F 206 13.04 -70.32 -41.17
N THR F 207 11.73 -70.46 -40.99
CA THR F 207 11.00 -71.60 -41.56
C THR F 207 9.59 -71.13 -41.92
N ASP F 208 9.28 -71.12 -43.21
CA ASP F 208 7.99 -70.67 -43.72
C ASP F 208 6.97 -71.80 -43.64
N LYS F 209 6.08 -71.77 -42.63
CA LYS F 209 5.14 -72.85 -42.37
C LYS F 209 3.72 -72.50 -42.82
N THR F 210 2.84 -73.50 -42.73
CA THR F 210 1.46 -73.39 -43.17
C THR F 210 0.58 -74.26 -42.27
N ILE F 211 -0.28 -73.63 -41.47
CA ILE F 211 -1.16 -74.35 -40.56
C ILE F 211 -2.61 -74.20 -41.00
N ASN F 212 -3.36 -75.30 -40.97
CA ASN F 212 -4.55 -75.48 -41.78
C ASN F 212 -5.85 -75.04 -41.08
N SER F 213 -6.87 -74.81 -41.90
CA SER F 213 -8.30 -74.79 -41.50
C SER F 213 -8.65 -73.62 -40.60
N CYS F 214 -8.54 -72.40 -41.12
CA CYS F 214 -9.12 -71.24 -40.46
C CYS F 214 -9.34 -70.12 -41.47
N THR F 215 -9.92 -69.02 -40.99
CA THR F 215 -10.16 -67.80 -41.73
C THR F 215 -9.12 -66.75 -41.31
N VAL F 216 -8.97 -65.68 -42.10
CA VAL F 216 -8.26 -64.51 -41.59
C VAL F 216 -9.29 -63.68 -40.84
N ASP F 217 -9.58 -64.11 -39.63
CA ASP F 217 -10.26 -63.33 -38.61
C ASP F 217 -9.72 -63.69 -37.24
N LYS F 218 -8.78 -64.64 -37.17
CA LYS F 218 -8.45 -65.29 -35.91
C LYS F 218 -6.95 -65.52 -35.69
N CYS F 219 -6.06 -65.05 -36.57
CA CYS F 219 -4.65 -65.36 -36.38
C CYS F 219 -3.81 -64.09 -36.36
N GLN F 220 -2.85 -64.08 -35.44
CA GLN F 220 -2.22 -62.88 -34.88
C GLN F 220 -0.72 -63.09 -34.90
N ALA F 221 0.03 -62.15 -35.47
CA ALA F 221 1.47 -62.33 -35.66
C ALA F 221 2.27 -61.27 -34.90
N TYR F 222 3.52 -61.63 -34.58
CA TYR F 222 4.45 -60.73 -33.89
C TYR F 222 5.88 -61.03 -34.32
N VAL F 223 6.65 -59.98 -34.53
CA VAL F 223 8.05 -60.07 -34.95
C VAL F 223 8.91 -59.49 -33.84
N THR F 224 9.98 -60.19 -33.47
CA THR F 224 10.89 -59.69 -32.46
C THR F 224 12.16 -59.12 -33.09
N SER F 225 12.84 -58.27 -32.33
CA SER F 225 14.00 -57.52 -32.82
C SER F 225 15.12 -57.54 -31.77
N HIS F 226 15.46 -58.73 -31.31
CA HIS F 226 16.30 -59.00 -30.15
C HIS F 226 17.81 -58.51 -30.31
N THR F 227 18.27 -57.86 -31.37
CA THR F 227 19.70 -57.55 -31.49
C THR F 227 20.08 -56.18 -30.90
N LYS F 228 19.48 -55.09 -31.38
CA LYS F 228 19.88 -53.75 -31.00
C LYS F 228 18.95 -53.19 -29.92
N TRP F 229 19.22 -51.95 -29.49
CA TRP F 229 18.51 -51.31 -28.38
C TRP F 229 17.76 -50.06 -28.89
N GLN F 230 17.04 -49.39 -27.97
CA GLN F 230 16.14 -48.30 -28.31
C GLN F 230 15.93 -47.43 -27.07
N PHE F 231 15.62 -46.15 -27.28
CA PHE F 231 15.45 -45.17 -26.21
C PHE F 231 14.26 -45.54 -25.30
N ASN F 232 14.31 -45.04 -24.07
CA ASN F 232 13.25 -45.23 -23.07
C ASN F 232 12.23 -44.10 -23.23
N SER F 233 11.38 -44.21 -24.31
CA SER F 233 10.46 -43.14 -24.70
C SER F 233 9.05 -43.43 -24.22
N PRO F 234 8.25 -42.39 -23.92
CA PRO F 234 6.87 -42.64 -23.46
C PRO F 234 5.83 -42.77 -24.57
N PHE F 235 6.25 -42.98 -25.82
CA PHE F 235 5.30 -43.18 -26.91
C PHE F 235 5.31 -44.59 -27.48
N VAL F 236 6.09 -45.50 -26.92
CA VAL F 236 6.05 -46.90 -27.36
C VAL F 236 5.82 -47.78 -26.14
N PRO F 237 5.23 -48.96 -26.29
CA PRO F 237 5.04 -49.85 -25.14
C PRO F 237 6.36 -50.41 -24.65
N ARG F 238 6.31 -51.05 -23.48
CA ARG F 238 7.49 -51.18 -22.63
C ARG F 238 8.30 -52.44 -22.88
N ALA F 239 7.84 -53.58 -22.36
CA ALA F 239 8.62 -54.81 -22.24
C ALA F 239 7.79 -55.82 -21.47
N GLU F 240 8.40 -56.97 -21.21
CA GLU F 240 8.03 -57.76 -20.04
C GLU F 240 8.24 -56.93 -18.77
N GLN F 241 7.42 -57.17 -17.75
CA GLN F 241 7.17 -56.21 -16.66
C GLN F 241 8.36 -55.95 -15.74
N ALA F 242 9.46 -56.69 -15.90
CA ALA F 242 10.64 -56.41 -15.09
C ALA F 242 11.32 -55.12 -15.56
N GLU F 243 12.18 -54.58 -14.69
CA GLU F 243 12.83 -53.30 -14.89
C GLU F 243 14.28 -53.52 -15.32
N ARG F 244 14.47 -53.70 -16.63
CA ARG F 244 15.80 -53.83 -17.23
C ARG F 244 16.08 -52.62 -18.12
N LYS F 245 17.34 -52.22 -18.16
CA LYS F 245 17.73 -50.98 -18.85
C LYS F 245 19.23 -51.00 -19.09
N GLY F 246 19.76 -49.88 -19.55
CA GLY F 246 21.19 -49.68 -19.76
C GLY F 246 21.50 -48.19 -19.68
N LYS F 247 22.53 -47.75 -20.41
CA LYS F 247 22.95 -46.36 -20.35
C LYS F 247 23.85 -46.00 -21.53
N VAL F 248 23.79 -44.73 -21.94
CA VAL F 248 24.73 -44.11 -22.87
C VAL F 248 24.66 -42.60 -22.63
N HIS F 249 25.72 -41.88 -23.01
CA HIS F 249 25.97 -40.51 -22.58
C HIS F 249 25.43 -39.50 -23.59
N ILE F 250 25.25 -38.27 -23.12
CA ILE F 250 24.72 -37.16 -23.92
C ILE F 250 25.82 -36.13 -24.09
N PRO F 251 26.06 -35.63 -25.30
CA PRO F 251 27.16 -34.68 -25.48
C PRO F 251 26.78 -33.25 -25.09
N PHE F 252 27.67 -32.30 -25.41
CA PHE F 252 27.55 -30.86 -25.24
C PHE F 252 27.40 -30.43 -23.78
N PRO F 253 28.48 -30.41 -22.99
CA PRO F 253 28.43 -29.81 -21.65
C PRO F 253 28.44 -28.29 -21.67
N LEU F 254 28.58 -27.67 -20.50
CA LEU F 254 28.47 -26.23 -20.34
C LEU F 254 29.76 -25.67 -19.74
N ILE F 255 30.06 -24.41 -20.09
CA ILE F 255 31.12 -23.63 -19.47
C ILE F 255 30.74 -22.15 -19.45
N ASN F 256 31.55 -21.36 -18.77
CA ASN F 256 31.32 -19.95 -18.56
C ASN F 256 32.31 -19.13 -19.38
N THR F 257 31.81 -18.10 -20.07
CA THR F 257 32.61 -17.29 -20.98
C THR F 257 32.16 -15.85 -20.91
N THR F 258 32.58 -15.07 -21.89
CA THR F 258 32.28 -13.66 -22.01
C THR F 258 31.47 -13.40 -23.27
N CYS F 259 31.02 -12.16 -23.41
CA CYS F 259 29.98 -11.74 -24.33
C CYS F 259 30.01 -10.21 -24.37
N ARG F 260 29.51 -9.63 -25.46
CA ARG F 260 29.70 -8.20 -25.68
C ARG F 260 28.34 -7.48 -25.66
N VAL F 261 28.37 -6.21 -25.26
CA VAL F 261 27.22 -5.41 -24.80
C VAL F 261 27.24 -4.04 -25.48
N PRO F 262 26.10 -3.46 -25.88
CA PRO F 262 26.13 -2.30 -26.79
C PRO F 262 26.64 -0.97 -26.24
N LEU F 263 26.48 -0.66 -24.95
CA LEU F 263 26.96 0.60 -24.32
C LEU F 263 26.33 1.84 -24.97
N ALA F 264 25.06 2.05 -24.61
CA ALA F 264 24.22 3.22 -24.94
C ALA F 264 24.93 4.55 -24.73
N PRO F 265 24.61 5.62 -25.53
CA PRO F 265 25.45 6.82 -25.52
C PRO F 265 25.34 7.71 -24.29
N GLU F 266 26.02 8.86 -24.35
CA GLU F 266 26.31 9.67 -23.18
C GLU F 266 25.09 10.45 -22.72
N ALA F 267 25.01 10.70 -21.43
CA ALA F 267 23.99 11.54 -20.83
C ALA F 267 24.65 12.78 -20.26
N LEU F 268 24.26 13.94 -20.74
CA LEU F 268 24.84 15.21 -20.32
C LEU F 268 23.91 15.91 -19.32
N VAL F 269 24.50 16.50 -18.29
CA VAL F 269 23.77 16.94 -17.11
C VAL F 269 23.67 18.47 -17.12
N ARG F 270 22.64 18.98 -16.45
CA ARG F 270 22.41 20.41 -16.33
C ARG F 270 21.94 20.70 -14.90
N SER F 271 22.30 21.87 -14.38
CA SER F 271 22.11 22.20 -12.98
C SER F 271 21.01 23.23 -12.79
N GLY F 272 20.41 23.22 -11.59
CA GLY F 272 19.53 24.28 -11.16
C GLY F 272 19.54 24.29 -9.65
N LYS F 273 19.06 25.40 -9.08
CA LYS F 273 19.23 25.60 -7.65
C LYS F 273 18.38 24.61 -6.88
N ARG F 274 19.06 23.74 -6.14
CA ARG F 274 18.64 22.64 -5.29
C ARG F 274 18.22 21.40 -6.11
N GLU F 275 18.21 21.45 -7.44
CA GLU F 275 17.94 20.21 -8.17
C GLU F 275 18.64 20.15 -9.51
N ALA F 276 19.12 18.98 -9.85
CA ALA F 276 19.81 18.75 -11.11
C ALA F 276 18.89 18.02 -12.07
N THR F 277 18.87 18.45 -13.32
CA THR F 277 18.01 17.84 -14.31
C THR F 277 18.86 17.10 -15.33
N LEU F 278 18.22 16.24 -16.10
CA LEU F 278 18.92 15.43 -17.08
C LEU F 278 18.36 15.67 -18.47
N SER F 279 19.08 15.16 -19.46
CA SER F 279 18.56 15.02 -20.81
C SER F 279 19.13 13.73 -21.38
N LEU F 280 18.32 13.02 -22.14
CA LEU F 280 18.69 11.70 -22.62
C LEU F 280 18.49 11.62 -24.12
N HIS F 281 19.23 10.71 -24.75
CA HIS F 281 19.07 10.44 -26.19
C HIS F 281 19.31 8.97 -26.44
N PRO F 282 18.30 8.14 -26.30
CA PRO F 282 18.48 6.70 -26.48
C PRO F 282 18.34 6.25 -27.91
N ILE F 283 19.10 5.22 -28.27
CA ILE F 283 18.96 4.58 -29.57
C ILE F 283 17.92 3.48 -29.51
N HIS F 284 17.95 2.70 -28.44
CA HIS F 284 17.14 1.53 -28.21
C HIS F 284 17.19 1.24 -26.72
N PRO F 285 16.11 0.69 -26.11
CA PRO F 285 15.74 1.04 -24.72
C PRO F 285 16.78 0.78 -23.65
N THR F 286 16.67 1.54 -22.57
CA THR F 286 17.75 1.69 -21.58
C THR F 286 17.07 1.63 -20.21
N LEU F 287 17.77 2.06 -19.14
CA LEU F 287 17.24 2.06 -17.80
C LEU F 287 17.82 3.23 -17.01
N LEU F 288 17.04 3.75 -16.06
CA LEU F 288 17.54 4.67 -15.04
C LEU F 288 17.28 4.11 -13.64
N SER F 289 17.89 4.76 -12.67
CA SER F 289 17.71 4.56 -11.23
C SER F 289 18.47 5.65 -10.52
N TYR F 290 18.09 5.91 -9.27
CA TYR F 290 18.80 6.89 -8.45
C TYR F 290 18.54 6.61 -6.98
N ARG F 291 19.59 6.68 -6.18
CA ARG F 291 19.41 6.57 -4.73
C ARG F 291 19.50 7.94 -4.08
N THR F 292 19.32 7.96 -2.77
CA THR F 292 19.61 9.13 -1.96
C THR F 292 20.35 8.65 -0.72
N LEU F 293 21.41 9.36 -0.36
CA LEU F 293 22.38 8.88 0.61
C LEU F 293 22.07 9.39 2.00
N GLY F 294 20.79 9.52 2.35
CA GLY F 294 20.35 9.81 3.70
C GLY F 294 20.07 8.55 4.49
N ARG F 295 19.03 8.59 5.31
CA ARG F 295 18.66 7.40 6.07
C ARG F 295 17.49 6.65 5.46
N GLU F 296 16.60 7.32 4.74
CA GLU F 296 15.52 6.64 4.04
C GLU F 296 15.51 7.07 2.57
N PRO F 297 15.74 6.15 1.65
CA PRO F 297 15.91 6.53 0.24
C PRO F 297 14.57 6.82 -0.43
N VAL F 298 14.63 7.08 -1.74
CA VAL F 298 13.41 7.32 -2.50
C VAL F 298 13.30 6.41 -3.73
N PHE F 299 14.44 5.94 -4.23
CA PHE F 299 14.65 4.75 -5.09
C PHE F 299 13.65 4.53 -6.22
N ASP F 300 13.20 5.60 -6.88
CA ASP F 300 12.35 5.39 -8.05
C ASP F 300 13.19 5.07 -9.29
N GLU F 301 12.62 4.24 -10.18
CA GLU F 301 13.34 3.80 -11.38
C GLU F 301 12.34 3.29 -12.40
N GLN F 302 12.65 3.51 -13.69
CA GLN F 302 11.66 3.29 -14.75
C GLN F 302 12.32 3.27 -16.12
N TRP F 303 11.78 2.43 -17.01
CA TRP F 303 12.30 2.21 -18.37
C TRP F 303 11.93 3.37 -19.29
N ILE F 304 12.82 3.71 -20.20
CA ILE F 304 12.55 4.75 -21.20
C ILE F 304 12.84 4.21 -22.59
N THR F 305 12.14 4.75 -23.59
CA THR F 305 12.30 4.30 -24.97
C THR F 305 12.57 5.43 -25.95
N THR F 306 11.96 6.59 -25.74
CA THR F 306 12.08 7.73 -26.64
C THR F 306 12.65 8.91 -25.86
N GLN F 307 13.16 9.91 -26.57
CA GLN F 307 14.00 10.91 -25.91
C GLN F 307 13.11 11.92 -25.18
N THR F 308 13.36 12.06 -23.88
CA THR F 308 12.61 12.95 -23.00
C THR F 308 13.61 13.54 -22.03
N GLU F 309 13.12 14.10 -20.93
CA GLU F 309 13.97 14.51 -19.83
C GLU F 309 13.26 14.22 -18.52
N VAL F 310 14.04 13.88 -17.51
CA VAL F 310 13.52 13.60 -16.18
C VAL F 310 14.37 14.35 -15.17
N THR F 311 13.77 14.67 -14.03
CA THR F 311 14.45 15.43 -12.99
C THR F 311 14.61 14.58 -11.73
N ILE F 312 15.67 14.86 -10.98
CA ILE F 312 15.96 14.17 -9.73
C ILE F 312 15.78 15.22 -8.65
N PRO F 313 15.66 14.89 -7.37
CA PRO F 313 16.02 15.86 -6.36
C PRO F 313 17.45 15.65 -5.92
N VAL F 314 18.06 16.62 -5.25
CA VAL F 314 19.38 16.40 -4.68
C VAL F 314 19.56 17.19 -3.39
N PRO F 315 19.63 16.50 -2.26
CA PRO F 315 19.79 17.18 -0.97
C PRO F 315 21.23 17.55 -0.69
N VAL F 316 21.51 17.97 0.54
CA VAL F 316 22.83 18.40 0.95
C VAL F 316 23.63 17.18 1.44
N GLU F 317 23.09 15.99 1.23
CA GLU F 317 23.80 14.77 1.60
C GLU F 317 24.28 13.96 0.42
N GLY F 318 23.61 14.01 -0.73
CA GLY F 318 24.17 13.43 -1.94
C GLY F 318 23.31 12.38 -2.61
N VAL F 319 23.29 12.34 -3.94
CA VAL F 319 22.55 11.32 -4.67
C VAL F 319 23.42 10.79 -5.80
N GLU F 320 22.99 9.68 -6.39
CA GLU F 320 23.74 9.09 -7.48
C GLU F 320 22.81 8.27 -8.38
N TYR F 321 23.09 8.35 -9.68
CA TYR F 321 22.32 7.73 -10.75
C TYR F 321 23.19 6.72 -11.48
N ARG F 322 22.58 6.02 -12.44
CA ARG F 322 23.28 5.03 -13.24
C ARG F 322 22.51 4.81 -14.54
N TRP F 323 23.11 5.21 -15.65
CA TRP F 323 22.48 5.24 -16.97
C TRP F 323 23.11 4.18 -17.86
N GLY F 324 22.45 3.05 -18.02
CA GLY F 324 22.90 2.06 -18.96
C GLY F 324 23.95 1.14 -18.40
N ASN F 325 24.95 0.81 -19.20
CA ASN F 325 26.03 -0.07 -18.78
C ASN F 325 27.26 0.72 -18.39
N HIS F 326 27.12 1.67 -17.45
CA HIS F 326 28.21 2.54 -17.02
C HIS F 326 28.45 2.40 -15.53
N LYS F 327 29.67 2.66 -15.12
CA LYS F 327 29.93 2.72 -13.71
C LYS F 327 29.39 4.03 -13.14
N PRO F 328 28.84 4.02 -11.92
CA PRO F 328 27.95 5.09 -11.50
C PRO F 328 28.66 6.39 -11.18
N GLN F 329 27.88 7.46 -11.11
CA GLN F 329 28.38 8.81 -10.90
C GLN F 329 27.69 9.42 -9.69
N ARG F 330 28.47 9.78 -8.68
CA ARG F 330 27.96 10.39 -7.48
C ARG F 330 27.88 11.90 -7.67
N LEU F 331 27.01 12.56 -6.89
CA LEU F 331 26.67 13.95 -7.20
C LEU F 331 26.06 14.57 -5.95
N TRP F 332 26.78 15.52 -5.33
CA TRP F 332 26.34 16.21 -4.12
C TRP F 332 25.73 17.56 -4.47
N SER F 333 25.50 18.38 -3.46
CA SER F 333 25.02 19.74 -3.65
C SER F 333 25.72 20.69 -2.69
N GLN F 334 25.96 21.92 -3.16
CA GLN F 334 26.84 22.84 -2.47
C GLN F 334 26.03 23.89 -1.76
N LEU F 335 26.59 24.45 -0.69
CA LEU F 335 25.85 25.36 0.18
C LEU F 335 25.81 26.74 -0.45
N THR F 336 24.65 27.11 -1.00
CA THR F 336 24.48 28.41 -1.63
C THR F 336 23.24 29.12 -1.11
N THR F 337 23.27 30.45 -1.13
CA THR F 337 22.14 31.25 -0.66
C THR F 337 21.50 32.01 -1.81
N GLU F 338 21.19 33.29 -1.58
CA GLU F 338 20.57 34.13 -2.60
C GLU F 338 20.76 35.61 -2.30
N GLY F 339 20.97 35.92 -1.03
CA GLY F 339 21.16 37.30 -0.60
C GLY F 339 22.60 37.62 -0.27
N ARG F 340 22.80 38.67 0.51
CA ARG F 340 24.14 39.08 0.93
C ARG F 340 24.55 38.42 2.24
N ALA F 341 25.32 39.15 3.05
CA ALA F 341 25.77 38.65 4.33
C ALA F 341 26.19 39.78 5.27
N HIS F 342 25.86 41.01 4.89
CA HIS F 342 26.19 42.17 5.69
C HIS F 342 25.27 43.28 5.24
N GLY F 343 24.79 44.08 6.18
CA GLY F 343 24.09 45.29 5.81
C GLY F 343 22.86 45.61 6.62
N TRP F 344 21.75 45.83 5.94
CA TRP F 344 20.54 46.19 6.62
C TRP F 344 19.82 44.93 7.10
N PRO F 345 19.26 44.98 8.31
CA PRO F 345 18.76 43.75 8.93
C PRO F 345 17.51 43.19 8.29
N HIS F 346 16.96 43.84 7.27
CA HIS F 346 15.89 43.23 6.53
C HIS F 346 16.48 42.11 5.71
N GLU F 347 17.74 42.25 5.36
CA GLU F 347 18.35 41.32 4.44
C GLU F 347 18.94 40.13 5.15
N ILE F 348 19.40 40.31 6.37
CA ILE F 348 20.16 39.26 7.02
C ILE F 348 19.23 38.13 7.42
N ILE F 349 18.01 38.47 7.80
CA ILE F 349 17.08 37.45 8.25
C ILE F 349 16.65 36.55 7.11
N GLU F 350 16.49 37.08 5.92
CA GLU F 350 16.13 36.21 4.83
C GLU F 350 17.31 35.49 4.25
N TYR F 351 18.53 35.96 4.55
CA TYR F 351 19.72 35.21 4.18
C TYR F 351 19.75 33.85 4.82
N TYR F 352 19.30 33.73 6.06
CA TYR F 352 19.20 32.43 6.69
C TYR F 352 18.03 31.62 6.18
N TYR F 353 16.98 32.28 5.68
CA TYR F 353 15.79 31.59 5.23
C TYR F 353 16.02 30.66 4.07
N GLY F 354 17.01 30.95 3.24
CA GLY F 354 17.44 29.98 2.25
C GLY F 354 18.29 28.86 2.79
N LEU F 355 18.49 28.78 4.09
CA LEU F 355 19.37 27.78 4.64
C LEU F 355 18.70 26.86 5.64
N HIS F 356 17.98 27.37 6.60
CA HIS F 356 17.33 26.55 7.60
C HIS F 356 15.88 26.95 7.74
N PRO F 357 15.08 26.83 6.68
CA PRO F 357 13.84 27.61 6.58
C PRO F 357 12.78 27.22 7.58
N THR F 358 13.03 26.23 8.41
CA THR F 358 12.15 25.90 9.51
C THR F 358 12.38 26.85 10.66
N THR F 359 13.58 26.82 11.21
CA THR F 359 13.86 27.46 12.47
C THR F 359 13.99 28.96 12.35
N THR F 360 14.08 29.43 11.11
CA THR F 360 14.03 30.84 10.79
C THR F 360 12.78 31.49 11.34
N ILE F 361 11.68 30.77 11.27
CA ILE F 361 10.46 31.26 11.85
C ILE F 361 10.56 31.19 13.35
N VAL F 362 11.14 30.09 13.84
CA VAL F 362 11.15 29.76 15.25
C VAL F 362 11.96 30.77 16.04
N VAL F 363 12.91 31.42 15.41
CA VAL F 363 13.53 32.53 16.09
C VAL F 363 12.69 33.78 15.98
N VAL F 364 12.10 34.06 14.82
CA VAL F 364 11.68 35.42 14.54
C VAL F 364 10.39 35.74 15.27
N ILE F 365 9.64 34.70 15.64
CA ILE F 365 8.38 34.99 16.27
C ILE F 365 8.59 35.19 17.77
N ARG F 366 9.57 34.50 18.33
CA ARG F 366 9.79 34.63 19.76
C ARG F 366 10.45 35.95 20.09
N VAL F 367 11.27 36.47 19.19
CA VAL F 367 11.89 37.75 19.48
C VAL F 367 10.87 38.87 19.31
N SER F 368 9.87 38.65 18.49
CA SER F 368 8.84 39.66 18.31
C SER F 368 7.94 39.73 19.53
N VAL F 369 7.81 38.63 20.26
CA VAL F 369 6.84 38.65 21.33
C VAL F 369 7.50 39.01 22.64
N VAL F 370 8.81 38.83 22.74
CA VAL F 370 9.47 39.25 23.97
C VAL F 370 9.69 40.76 23.94
N VAL F 371 9.61 41.37 22.76
CA VAL F 371 9.86 42.79 22.72
C VAL F 371 8.58 43.57 23.01
N LEU F 372 7.44 43.06 22.56
CA LEU F 372 6.28 43.93 22.52
C LEU F 372 5.59 43.94 23.88
N LEU F 373 5.74 42.86 24.65
CA LEU F 373 5.07 42.84 25.94
C LEU F 373 5.81 43.73 26.90
N SER F 374 7.10 43.90 26.67
CA SER F 374 7.89 44.78 27.49
C SER F 374 7.59 46.22 27.14
N PHE F 375 7.37 46.48 25.86
CA PHE F 375 6.70 47.69 25.43
C PHE F 375 5.36 47.82 26.12
N ALA F 376 4.60 46.74 26.16
CA ALA F 376 3.31 46.76 26.82
C ALA F 376 3.48 46.86 28.32
N ALA F 377 4.57 46.32 28.86
CA ALA F 377 4.81 46.45 30.29
C ALA F 377 5.13 47.88 30.64
N SER F 378 5.99 48.50 29.85
CA SER F 378 6.56 49.80 30.17
C SER F 378 5.49 50.87 30.24
N VAL F 379 4.50 50.76 29.35
CA VAL F 379 3.43 51.73 29.39
C VAL F 379 2.47 51.41 30.51
N TYR F 380 2.47 50.16 30.96
CA TYR F 380 1.43 49.72 31.88
C TYR F 380 1.64 50.27 33.27
N MET F 381 2.90 50.41 33.69
CA MET F 381 3.10 50.86 35.05
C MET F 381 3.39 52.35 35.11
N CYS F 382 3.71 52.96 33.97
CA CYS F 382 4.02 54.38 34.02
C CYS F 382 2.75 55.18 34.23
N VAL F 383 1.63 54.65 33.78
CA VAL F 383 0.38 55.38 33.88
C VAL F 383 -0.15 55.33 35.29
N VAL F 384 0.05 54.20 35.98
CA VAL F 384 -0.53 54.05 37.30
C VAL F 384 0.25 54.87 38.29
N ALA F 385 1.50 55.16 37.96
CA ALA F 385 2.22 56.18 38.69
C ALA F 385 1.61 57.54 38.46
N ARG F 386 1.30 57.86 37.21
CA ARG F 386 0.63 59.11 36.89
C ARG F 386 -0.74 59.16 37.52
N THR F 387 -1.38 58.01 37.66
CA THR F 387 -2.62 57.96 38.44
C THR F 387 -2.40 58.33 39.89
N LYS F 388 -1.52 57.64 40.58
CA LYS F 388 -1.30 57.92 41.99
C LYS F 388 -0.68 59.27 42.23
N CYS F 389 0.11 59.77 41.27
CA CYS F 389 0.68 61.10 41.46
C CYS F 389 -0.38 62.16 41.27
N LEU F 390 -1.41 61.85 40.50
CA LEU F 390 -2.46 62.81 40.28
C LEU F 390 -3.59 62.71 41.28
N THR F 391 -4.01 61.50 41.61
CA THR F 391 -5.39 61.31 42.07
C THR F 391 -5.85 62.01 43.34
N PRO F 392 -5.02 62.33 44.38
CA PRO F 392 -5.63 63.04 45.51
C PRO F 392 -5.98 64.46 45.14
N TYR F 393 -5.27 65.00 44.15
CA TYR F 393 -5.56 66.35 43.66
C TYR F 393 -6.92 66.41 43.01
N ALA F 394 -7.42 65.27 42.55
CA ALA F 394 -8.73 65.24 41.92
C ALA F 394 -9.84 65.40 42.94
N LEU F 395 -9.52 65.15 44.20
CA LEU F 395 -10.57 64.85 45.16
C LEU F 395 -11.08 66.07 45.91
N THR F 396 -10.23 67.04 46.16
CA THR F 396 -10.57 68.17 46.98
C THR F 396 -11.61 69.04 46.29
N PRO F 397 -12.39 69.76 47.03
CA PRO F 397 -13.13 70.88 46.43
C PRO F 397 -12.26 72.10 46.27
N GLY F 398 -11.35 72.03 45.32
CA GLY F 398 -10.45 73.13 45.04
C GLY F 398 -9.43 72.66 44.02
N ALA F 399 -9.22 73.48 43.01
CA ALA F 399 -8.51 72.99 41.83
C ALA F 399 -7.10 73.55 41.79
N VAL F 400 -6.48 73.69 42.95
CA VAL F 400 -5.16 74.28 42.99
C VAL F 400 -4.13 73.21 42.68
N VAL F 401 -4.00 72.90 41.40
CA VAL F 401 -2.94 72.02 40.95
C VAL F 401 -1.68 72.87 40.79
N PRO F 402 -0.55 72.43 41.33
CA PRO F 402 0.67 73.22 41.21
C PRO F 402 1.27 73.12 39.82
N VAL F 403 2.36 73.84 39.59
CA VAL F 403 3.02 73.76 38.32
C VAL F 403 3.92 72.53 38.29
N THR F 404 3.31 71.39 38.05
CA THR F 404 4.04 70.14 37.99
C THR F 404 3.70 69.53 36.64
N ILE F 405 3.59 70.39 35.65
CA ILE F 405 3.23 69.90 34.33
C ILE F 405 4.47 69.32 33.67
N GLY F 406 4.63 68.04 33.91
CA GLY F 406 5.47 67.20 33.10
C GLY F 406 4.70 65.92 33.06
N VAL F 407 3.47 65.97 33.53
CA VAL F 407 2.74 64.75 33.84
C VAL F 407 1.34 64.86 33.25
N LEU F 408 1.19 65.79 32.30
CA LEU F 408 -0.01 65.97 31.46
C LEU F 408 -1.23 66.30 32.31
N CYS F 409 -1.14 67.45 32.96
CA CYS F 409 -2.13 67.89 33.92
C CYS F 409 -3.43 68.25 33.22
N CYS F 410 -4.55 68.03 33.90
CA CYS F 410 -5.85 68.41 33.36
C CYS F 410 -6.06 69.92 33.43
N ARG G 1 -66.87 47.62 68.01
CA ARG G 1 -66.61 46.49 67.15
C ARG G 1 -65.55 46.81 66.11
N GLU G 2 -65.30 48.10 65.88
CA GLU G 2 -64.24 48.50 64.98
C GLU G 2 -63.04 49.03 65.71
N ARG G 3 -63.17 49.26 67.02
CA ARG G 3 -62.09 49.87 67.80
C ARG G 3 -60.93 48.92 68.04
N MET G 4 -61.11 47.63 67.78
CA MET G 4 -59.98 46.72 67.90
C MET G 4 -59.45 46.30 66.55
N CYS G 5 -60.23 46.45 65.49
CA CYS G 5 -59.90 45.77 64.25
C CYS G 5 -58.98 46.58 63.37
N MET G 6 -59.02 47.90 63.51
CA MET G 6 -58.64 48.78 62.42
C MET G 6 -57.12 48.82 62.23
N LYS G 7 -56.37 48.52 63.28
CA LYS G 7 -54.92 48.71 63.26
C LYS G 7 -54.27 47.58 62.49
N ILE G 8 -55.04 46.52 62.28
CA ILE G 8 -54.47 45.24 61.93
C ILE G 8 -54.14 45.19 60.45
N GLU G 9 -55.10 45.62 59.63
CA GLU G 9 -54.93 45.54 58.18
C GLU G 9 -53.88 46.52 57.70
N HIS G 10 -53.70 47.62 58.42
CA HIS G 10 -52.59 48.52 58.15
C HIS G 10 -51.24 47.84 58.38
N ASP G 11 -51.19 46.87 59.28
CA ASP G 11 -49.97 46.11 59.47
C ASP G 11 -49.85 44.94 58.52
N CYS G 12 -50.94 44.47 57.94
CA CYS G 12 -50.88 43.10 57.48
C CYS G 12 -51.47 42.93 56.09
N ILE G 13 -51.65 44.02 55.36
CA ILE G 13 -52.27 43.91 54.04
C ILE G 13 -51.38 44.55 53.00
N PHE G 14 -50.96 43.73 52.05
CA PHE G 14 -50.51 44.21 50.77
C PHE G 14 -51.55 43.78 49.75
N GLU G 15 -51.50 44.33 48.56
CA GLU G 15 -52.40 43.89 47.51
C GLU G 15 -51.62 43.65 46.23
N VAL G 16 -52.33 43.24 45.19
CA VAL G 16 -51.70 42.79 43.96
C VAL G 16 -51.88 43.89 42.92
N LYS G 17 -50.96 43.93 41.97
CA LYS G 17 -51.08 44.85 40.86
C LYS G 17 -50.82 44.12 39.55
N HIS G 18 -51.53 44.57 38.53
CA HIS G 18 -51.34 44.07 37.17
C HIS G 18 -51.69 45.19 36.21
N GLU G 19 -50.69 45.77 35.55
CA GLU G 19 -50.92 46.85 34.62
C GLU G 19 -51.36 48.12 35.34
N GLY G 20 -50.77 48.38 36.49
CA GLY G 20 -51.10 49.55 37.28
C GLY G 20 -52.58 49.61 37.62
N LYS G 21 -53.11 48.50 38.10
CA LYS G 21 -54.53 48.41 38.44
C LYS G 21 -54.78 47.31 39.46
N VAL G 22 -55.04 47.71 40.71
CA VAL G 22 -55.29 46.75 41.78
C VAL G 22 -56.56 45.96 41.52
N THR G 23 -56.56 44.70 41.97
CA THR G 23 -57.72 43.83 41.78
C THR G 23 -57.95 42.92 42.99
N GLY G 24 -56.86 42.38 43.53
CA GLY G 24 -56.96 41.49 44.67
C GLY G 24 -56.29 42.09 45.88
N TYR G 25 -56.04 41.23 46.87
CA TYR G 25 -55.38 41.57 48.11
C TYR G 25 -54.44 40.45 48.52
N ALA G 26 -53.66 40.71 49.56
CA ALA G 26 -52.69 39.70 49.99
C ALA G 26 -52.45 39.81 51.49
N CYS G 27 -52.27 38.67 52.13
CA CYS G 27 -52.03 38.66 53.56
C CYS G 27 -50.75 37.94 53.90
N LEU G 28 -50.36 38.12 55.15
CA LEU G 28 -49.12 37.67 55.72
C LEU G 28 -49.48 37.09 57.09
N VAL G 29 -49.48 35.78 57.18
CA VAL G 29 -50.04 35.09 58.33
C VAL G 29 -49.04 34.10 58.90
N GLY G 30 -48.73 34.23 60.19
CA GLY G 30 -47.91 33.26 60.86
C GLY G 30 -46.48 33.20 60.36
N ASP G 31 -46.21 32.20 59.54
CA ASP G 31 -44.88 32.00 58.98
C ASP G 31 -44.87 32.04 57.46
N LYS G 32 -46.04 31.93 56.83
CA LYS G 32 -46.10 31.80 55.39
C LYS G 32 -46.99 32.88 54.82
N VAL G 33 -46.59 33.44 53.70
CA VAL G 33 -47.31 34.57 53.13
C VAL G 33 -48.36 34.02 52.19
N MET G 34 -49.47 34.72 52.06
CA MET G 34 -50.64 34.11 51.46
C MET G 34 -51.10 34.87 50.23
N LYS G 35 -51.45 34.11 49.18
CA LYS G 35 -52.13 34.76 48.07
C LYS G 35 -53.13 33.83 47.42
N PRO G 36 -54.35 34.30 47.21
CA PRO G 36 -55.32 33.52 46.45
C PRO G 36 -55.04 33.64 44.98
N ALA G 37 -54.61 32.55 44.38
CA ALA G 37 -54.02 32.58 43.06
C ALA G 37 -55.00 32.79 41.91
N HIS G 38 -56.28 33.00 42.22
CA HIS G 38 -57.29 33.22 41.20
C HIS G 38 -57.00 34.43 40.34
N VAL G 39 -56.56 35.52 40.94
CA VAL G 39 -56.38 36.75 40.19
C VAL G 39 -54.96 36.82 39.64
N PRO G 40 -54.77 37.24 38.40
CA PRO G 40 -53.42 37.50 37.92
C PRO G 40 -52.88 38.79 38.48
N GLY G 41 -51.57 38.88 38.58
CA GLY G 41 -50.91 40.12 38.95
C GLY G 41 -49.61 39.91 39.69
N VAL G 42 -49.00 41.03 40.06
CA VAL G 42 -47.77 41.05 40.83
C VAL G 42 -48.05 41.80 42.12
N ILE G 43 -47.43 41.37 43.22
CA ILE G 43 -47.52 42.09 44.48
C ILE G 43 -46.85 43.44 44.33
N ASP G 44 -47.32 44.40 45.13
CA ASP G 44 -46.92 45.79 45.01
C ASP G 44 -45.76 46.09 45.95
N ASN G 45 -44.73 45.27 45.91
CA ASN G 45 -43.56 45.54 46.71
C ASN G 45 -42.35 45.18 45.88
N ALA G 46 -41.20 45.71 46.24
CA ALA G 46 -40.02 45.57 45.40
C ALA G 46 -39.50 44.14 45.42
N ASP G 47 -39.20 43.63 46.60
CA ASP G 47 -38.34 42.47 46.64
C ASP G 47 -39.06 41.13 46.69
N LEU G 48 -40.12 41.00 47.46
CA LEU G 48 -40.57 39.64 47.77
C LEU G 48 -41.36 39.01 46.63
N ALA G 49 -41.54 39.73 45.52
CA ALA G 49 -41.99 39.09 44.31
C ALA G 49 -40.93 38.20 43.68
N ARG G 50 -39.69 38.25 44.16
CA ARG G 50 -38.61 37.43 43.67
C ARG G 50 -38.58 36.05 44.30
N LEU G 51 -39.73 35.58 44.78
CA LEU G 51 -39.75 34.44 45.68
C LEU G 51 -40.25 33.20 44.99
N SER G 52 -40.06 32.08 45.68
CA SER G 52 -40.50 30.77 45.23
C SER G 52 -41.98 30.67 45.52
N TYR G 53 -42.69 29.95 44.68
CA TYR G 53 -44.11 29.75 44.88
C TYR G 53 -44.50 28.32 44.58
N LYS G 54 -45.48 27.82 45.33
CA LYS G 54 -45.90 26.43 45.16
C LYS G 54 -47.38 26.41 44.88
N LYS G 55 -47.75 25.91 43.72
CA LYS G 55 -49.11 26.10 43.28
C LYS G 55 -49.83 24.77 43.11
N SER G 56 -51.06 24.72 43.58
CA SER G 56 -51.96 23.63 43.23
C SER G 56 -53.28 24.27 42.83
N SER G 57 -53.73 23.99 41.62
CA SER G 57 -55.00 24.54 41.15
C SER G 57 -56.19 23.82 41.73
N LYS G 58 -55.95 22.74 42.45
CA LYS G 58 -57.01 22.03 43.14
C LYS G 58 -57.64 22.88 44.22
N TYR G 59 -56.86 23.72 44.88
CA TYR G 59 -57.41 24.61 45.88
C TYR G 59 -57.50 26.05 45.43
N ASP G 60 -56.71 26.46 44.44
CA ASP G 60 -56.55 27.86 44.01
C ASP G 60 -56.06 28.72 45.17
N LEU G 61 -54.92 28.31 45.72
CA LEU G 61 -54.25 29.10 46.73
C LEU G 61 -52.79 29.21 46.35
N GLU G 62 -52.06 30.05 47.09
CA GLU G 62 -50.64 30.19 46.83
C GLU G 62 -49.90 30.71 48.06
N CYS G 63 -48.82 30.04 48.44
CA CYS G 63 -48.02 30.48 49.56
C CYS G 63 -46.56 30.65 49.18
N ALA G 64 -45.85 31.32 50.07
CA ALA G 64 -44.40 31.35 50.10
C ALA G 64 -44.00 31.63 51.53
N GLN G 65 -42.70 31.61 51.78
CA GLN G 65 -42.20 31.80 53.12
C GLN G 65 -41.66 33.22 53.26
N ILE G 66 -41.89 33.83 54.41
CA ILE G 66 -41.51 35.23 54.60
C ILE G 66 -40.02 35.31 54.91
N PRO G 67 -39.27 36.15 54.22
CA PRO G 67 -37.88 36.39 54.60
C PRO G 67 -37.80 37.12 55.92
N VAL G 68 -36.66 36.99 56.59
CA VAL G 68 -36.60 37.23 58.03
C VAL G 68 -36.71 38.69 58.44
N ALA G 69 -36.80 39.60 57.50
CA ALA G 69 -36.81 41.01 57.85
C ALA G 69 -38.12 41.45 58.50
N MET G 70 -39.22 41.31 57.78
CA MET G 70 -40.53 41.70 58.30
C MET G 70 -41.34 40.46 58.71
N LYS G 71 -40.66 39.50 59.32
CA LYS G 71 -41.30 38.27 59.77
C LYS G 71 -42.14 38.49 61.01
N SER G 72 -41.79 39.52 61.79
CA SER G 72 -42.51 39.83 63.02
C SER G 72 -43.56 40.92 62.77
N ASP G 73 -44.42 40.69 61.79
CA ASP G 73 -45.46 41.65 61.44
C ASP G 73 -46.74 40.94 61.02
N ALA G 74 -46.85 39.66 61.37
CA ALA G 74 -48.02 38.88 61.02
C ALA G 74 -48.91 38.66 62.24
N SER G 75 -50.14 38.29 61.98
CA SER G 75 -51.12 38.20 63.05
C SER G 75 -51.01 36.87 63.77
N LYS G 76 -51.93 36.68 64.70
CA LYS G 76 -52.10 35.43 65.41
C LYS G 76 -53.27 34.68 64.81
N TYR G 77 -53.35 33.40 65.15
CA TYR G 77 -54.27 32.52 64.47
C TYR G 77 -54.53 31.29 65.33
N THR G 78 -55.70 30.71 65.15
CA THR G 78 -56.04 29.47 65.83
C THR G 78 -57.10 28.75 65.02
N HIS G 79 -57.56 27.63 65.57
CA HIS G 79 -58.48 26.77 64.86
C HIS G 79 -59.73 26.54 65.68
N GLU G 80 -59.74 27.03 66.90
CA GLU G 80 -60.90 26.83 67.77
C GLU G 80 -62.01 27.76 67.35
N LYS G 81 -63.13 27.21 66.98
CA LYS G 81 -64.15 28.08 66.44
C LYS G 81 -65.56 27.67 66.86
N PRO G 82 -66.00 28.16 67.98
CA PRO G 82 -67.41 27.99 68.34
C PRO G 82 -68.22 28.96 67.53
N GLU G 83 -69.53 28.77 67.51
CA GLU G 83 -70.40 29.58 66.67
C GLU G 83 -70.64 30.89 67.41
N GLY G 84 -70.85 31.96 66.66
CA GLY G 84 -71.08 33.25 67.28
C GLY G 84 -70.72 34.38 66.36
N HIS G 85 -70.65 35.58 66.92
CA HIS G 85 -70.39 36.76 66.12
C HIS G 85 -68.93 36.82 65.73
N TYR G 86 -68.69 37.28 64.51
CA TYR G 86 -67.34 37.57 64.06
C TYR G 86 -67.41 38.78 63.16
N ASN G 87 -66.26 39.24 62.72
CA ASN G 87 -66.14 40.59 62.19
C ASN G 87 -65.24 40.65 60.98
N TRP G 88 -65.39 41.68 60.18
CA TRP G 88 -64.61 41.84 58.97
C TRP G 88 -64.66 43.27 58.52
N HIS G 89 -64.10 43.50 57.33
CA HIS G 89 -63.86 44.84 56.83
C HIS G 89 -65.14 45.61 56.57
N TYR G 90 -66.24 44.92 56.38
CA TYR G 90 -67.50 45.63 56.21
C TYR G 90 -68.53 45.09 57.17
N GLY G 91 -68.16 45.00 58.43
CA GLY G 91 -69.17 44.80 59.44
C GLY G 91 -68.99 43.54 60.25
N ALA G 92 -70.10 42.95 60.64
CA ALA G 92 -70.08 41.82 61.55
C ALA G 92 -70.71 40.63 60.86
N VAL G 93 -70.09 39.46 60.99
CA VAL G 93 -70.55 38.27 60.31
C VAL G 93 -70.94 37.22 61.34
N GLN G 94 -71.96 36.45 61.01
CA GLN G 94 -72.47 35.41 61.88
C GLN G 94 -72.11 34.07 61.27
N TYR G 95 -71.93 33.06 62.13
CA TYR G 95 -71.53 31.75 61.66
C TYR G 95 -72.10 30.66 62.54
N THR G 96 -72.67 29.65 61.89
CA THR G 96 -73.08 28.43 62.54
C THR G 96 -73.27 27.35 61.49
N GLY G 97 -73.30 26.11 61.95
CA GLY G 97 -73.66 24.97 61.14
C GLY G 97 -72.74 24.73 59.96
N GLY G 98 -71.49 25.15 60.09
CA GLY G 98 -70.61 25.15 58.94
C GLY G 98 -71.01 26.14 57.88
N ARG G 99 -71.78 27.17 58.23
CA ARG G 99 -72.32 28.08 57.24
C ARG G 99 -72.09 29.51 57.71
N PHE G 100 -71.38 30.28 56.91
CA PHE G 100 -71.16 31.69 57.20
C PHE G 100 -72.21 32.55 56.52
N THR G 101 -72.61 33.64 57.18
CA THR G 101 -73.62 34.53 56.65
C THR G 101 -73.32 36.00 56.92
N VAL G 102 -73.80 36.84 55.99
CA VAL G 102 -73.85 38.29 56.12
C VAL G 102 -74.94 38.74 55.17
N PRO G 103 -75.63 39.84 55.46
CA PRO G 103 -76.69 40.27 54.55
C PRO G 103 -76.24 40.75 53.19
N THR G 104 -77.22 41.17 52.39
CA THR G 104 -77.14 41.15 50.94
C THR G 104 -76.13 42.13 50.37
N GLY G 105 -75.27 41.64 49.48
CA GLY G 105 -74.67 42.45 48.44
C GLY G 105 -73.68 43.48 48.90
N VAL G 106 -73.14 43.35 50.10
CA VAL G 106 -72.21 44.34 50.60
C VAL G 106 -70.79 43.95 50.22
N GLY G 107 -70.67 42.99 49.32
CA GLY G 107 -69.40 42.60 48.75
C GLY G 107 -69.44 42.64 47.24
N LYS G 108 -68.29 42.87 46.60
CA LYS G 108 -68.27 43.07 45.15
C LYS G 108 -67.28 42.12 44.50
N PRO G 109 -67.36 41.94 43.20
CA PRO G 109 -66.23 41.35 42.47
C PRO G 109 -65.02 42.25 42.49
N GLY G 110 -63.86 41.65 42.60
CA GLY G 110 -62.64 42.42 42.71
C GLY G 110 -62.29 42.61 44.16
N ASP G 111 -62.74 41.68 45.00
CA ASP G 111 -62.56 41.81 46.45
C ASP G 111 -62.09 40.55 47.15
N SER G 112 -61.33 39.70 46.49
CA SER G 112 -60.85 38.49 47.15
C SER G 112 -59.66 38.85 48.01
N GLY G 113 -59.55 38.23 49.18
CA GLY G 113 -58.35 38.42 49.96
C GLY G 113 -58.61 39.15 51.25
N ARG G 114 -59.77 38.96 51.80
CA ARG G 114 -60.15 39.68 53.00
C ARG G 114 -60.17 38.73 54.20
N PRO G 115 -59.25 38.87 55.13
CA PRO G 115 -59.23 38.01 56.30
C PRO G 115 -60.30 38.42 57.28
N ILE G 116 -60.71 37.46 58.11
CA ILE G 116 -61.83 37.62 59.03
C ILE G 116 -61.39 37.18 60.42
N PHE G 117 -61.93 37.82 61.44
CA PHE G 117 -61.38 37.71 62.78
C PHE G 117 -62.36 37.17 63.80
N ASP G 118 -61.93 37.21 65.05
CA ASP G 118 -62.72 36.92 66.23
C ASP G 118 -62.89 38.21 66.99
N ASN G 119 -63.34 38.09 68.23
CA ASN G 119 -63.24 39.23 69.11
C ASN G 119 -61.83 39.37 69.68
N LYS G 120 -61.26 38.28 70.20
CA LYS G 120 -60.15 38.44 71.11
C LYS G 120 -58.81 38.52 70.37
N GLY G 121 -58.84 38.55 69.05
CA GLY G 121 -57.66 39.01 68.34
C GLY G 121 -57.06 38.18 67.21
N PRO G 122 -56.93 36.84 67.33
CA PRO G 122 -56.32 36.08 66.22
C PRO G 122 -57.10 36.09 64.92
N VAL G 123 -56.40 35.83 63.82
CA VAL G 123 -57.08 35.84 62.54
C VAL G 123 -57.67 34.45 62.36
N VAL G 124 -58.68 34.33 61.52
CA VAL G 124 -59.41 33.08 61.47
C VAL G 124 -59.27 32.45 60.09
N ALA G 125 -59.80 33.10 59.07
CA ALA G 125 -59.87 32.50 57.75
C ALA G 125 -59.97 33.57 56.68
N ILE G 126 -60.29 33.14 55.46
CA ILE G 126 -60.03 33.96 54.28
C ILE G 126 -61.01 33.59 53.17
N VAL G 127 -61.51 34.62 52.49
CA VAL G 127 -62.72 34.59 51.67
C VAL G 127 -62.35 34.39 50.20
N LEU G 128 -63.30 33.93 49.37
CA LEU G 128 -63.03 33.83 47.94
C LEU G 128 -64.02 34.55 47.03
N GLY G 129 -65.32 34.32 47.21
CA GLY G 129 -66.33 34.87 46.31
C GLY G 129 -67.72 34.68 46.90
N GLY G 130 -68.78 35.01 46.15
CA GLY G 130 -70.10 35.11 46.73
C GLY G 130 -71.12 34.19 46.06
N ALA G 131 -72.32 34.20 46.63
CA ALA G 131 -73.41 33.35 46.15
C ALA G 131 -74.74 33.99 46.52
N ASN G 132 -75.69 33.97 45.57
CA ASN G 132 -76.96 34.64 45.77
C ASN G 132 -77.83 33.86 46.75
N GLU G 133 -78.70 34.61 47.43
CA GLU G 133 -79.33 34.06 48.63
C GLU G 133 -80.80 34.41 48.79
N GLY G 134 -81.26 35.49 48.17
CA GLY G 134 -82.40 36.21 48.70
C GLY G 134 -82.06 37.33 49.69
N THR G 135 -81.74 36.99 50.93
CA THR G 135 -81.54 38.00 51.96
C THR G 135 -80.15 38.04 52.58
N ARG G 136 -79.66 36.94 53.14
CA ARG G 136 -78.39 36.94 53.84
C ARG G 136 -77.43 35.98 53.15
N THR G 137 -76.27 36.49 52.75
CA THR G 137 -75.47 35.89 51.70
C THR G 137 -74.78 34.61 52.13
N ALA G 138 -74.34 33.86 51.13
CA ALA G 138 -73.46 32.72 51.31
C ALA G 138 -72.05 33.13 50.98
N LEU G 139 -71.10 32.48 51.61
CA LEU G 139 -69.71 32.85 51.45
C LEU G 139 -68.95 31.78 50.70
N SER G 140 -67.64 31.95 50.61
CA SER G 140 -66.77 30.95 49.98
C SER G 140 -65.40 31.13 50.62
N VAL G 141 -65.07 30.25 51.55
CA VAL G 141 -63.97 30.43 52.48
C VAL G 141 -63.16 29.13 52.46
N VAL G 142 -61.85 29.27 52.68
CA VAL G 142 -60.98 28.14 52.95
C VAL G 142 -60.49 28.27 54.39
N THR G 143 -60.41 27.15 55.10
CA THR G 143 -60.12 27.17 56.52
C THR G 143 -59.30 25.95 56.93
N TRP G 144 -59.17 25.78 58.26
CA TRP G 144 -58.17 24.90 58.84
C TRP G 144 -58.76 23.90 59.83
N ASN G 145 -58.14 22.74 59.90
CA ASN G 145 -58.40 21.77 60.96
C ASN G 145 -57.43 22.09 62.09
N LYS G 146 -57.29 21.17 63.05
CA LYS G 146 -56.08 21.13 63.85
C LYS G 146 -54.86 20.94 62.97
N ASP G 147 -55.00 20.15 61.91
CA ASP G 147 -53.83 19.80 61.12
C ASP G 147 -53.96 20.12 59.66
N MET G 148 -55.14 20.23 59.10
CA MET G 148 -55.19 20.28 57.66
C MET G 148 -55.93 21.54 57.20
N VAL G 149 -55.77 21.88 55.93
CA VAL G 149 -56.53 22.95 55.30
C VAL G 149 -57.73 22.31 54.65
N THR G 150 -58.77 23.10 54.41
CA THR G 150 -59.94 22.59 53.72
C THR G 150 -60.74 23.70 53.05
N LYS G 151 -61.23 23.38 51.87
CA LYS G 151 -62.14 24.24 51.14
C LYS G 151 -63.56 23.81 51.45
N ILE G 152 -64.47 24.77 51.48
CA ILE G 152 -65.89 24.50 51.40
C ILE G 152 -66.51 25.44 50.39
N THR G 153 -67.38 24.91 49.54
CA THR G 153 -67.92 25.65 48.42
C THR G 153 -69.38 25.28 48.27
N PRO G 154 -70.29 26.07 48.76
CA PRO G 154 -71.69 25.73 48.61
C PRO G 154 -72.18 26.01 47.21
N GLU G 155 -73.33 25.41 46.90
CA GLU G 155 -73.88 25.41 45.56
C GLU G 155 -74.26 26.81 45.11
N GLY G 156 -74.11 27.06 43.81
CA GLY G 156 -74.71 28.23 43.22
C GLY G 156 -73.94 29.49 43.53
N THR G 157 -72.63 29.42 43.37
CA THR G 157 -71.81 30.56 43.68
C THR G 157 -71.15 31.08 42.42
N VAL G 158 -70.53 32.25 42.57
CA VAL G 158 -69.74 32.87 41.53
C VAL G 158 -68.36 33.13 42.08
N GLU G 159 -67.35 32.74 41.32
CA GLU G 159 -65.99 33.01 41.77
C GLU G 159 -65.69 34.47 41.50
N TRP G 160 -65.65 35.26 42.57
CA TRP G 160 -65.06 36.57 42.49
C TRP G 160 -63.60 36.46 42.16
N TYR H 1 -58.85 -43.45 -3.06
CA TYR H 1 -58.83 -42.26 -2.22
C TYR H 1 -57.98 -41.21 -2.92
N GLU H 2 -58.40 -39.95 -2.82
CA GLU H 2 -57.79 -38.86 -3.56
C GLU H 2 -57.15 -37.86 -2.61
N HIS H 3 -56.15 -37.13 -3.13
CA HIS H 3 -55.30 -36.33 -2.27
C HIS H 3 -54.71 -35.18 -3.10
N THR H 4 -54.24 -34.14 -2.41
CA THR H 4 -53.60 -33.01 -3.08
C THR H 4 -52.37 -32.57 -2.30
N ALA H 5 -51.38 -32.02 -3.03
CA ALA H 5 -50.14 -31.59 -2.41
C ALA H 5 -49.44 -30.60 -3.35
N VAL H 6 -48.35 -30.02 -2.85
CA VAL H 6 -47.48 -29.14 -3.63
C VAL H 6 -46.04 -29.58 -3.44
N ILE H 7 -45.23 -29.48 -4.49
CA ILE H 7 -43.82 -29.86 -4.39
C ILE H 7 -42.92 -28.76 -4.92
N PRO H 8 -41.76 -28.54 -4.30
CA PRO H 8 -40.88 -27.45 -4.76
C PRO H 8 -40.07 -27.83 -5.98
N ASN H 9 -39.95 -26.88 -6.91
CA ASN H 9 -39.30 -27.11 -8.19
C ASN H 9 -37.81 -26.78 -8.04
N GLN H 10 -37.05 -27.78 -7.63
CA GLN H 10 -35.60 -27.66 -7.51
C GLN H 10 -35.00 -29.05 -7.63
N VAL H 11 -33.99 -29.22 -8.47
CA VAL H 11 -33.51 -30.53 -8.85
C VAL H 11 -32.78 -31.18 -7.67
N GLY H 12 -33.04 -32.48 -7.46
CA GLY H 12 -32.39 -33.23 -6.40
C GLY H 12 -32.75 -32.78 -5.00
N PHE H 13 -33.99 -33.02 -4.60
CA PHE H 13 -34.48 -32.54 -3.34
C PHE H 13 -35.61 -33.44 -2.87
N PRO H 14 -35.60 -33.89 -1.62
CA PRO H 14 -36.67 -34.77 -1.17
C PRO H 14 -37.85 -33.98 -0.60
N TYR H 15 -39.05 -34.54 -0.84
CA TYR H 15 -40.29 -34.03 -0.29
C TYR H 15 -41.21 -35.20 -0.10
N LYS H 16 -42.04 -35.17 0.94
CA LYS H 16 -42.88 -36.31 1.26
C LYS H 16 -44.20 -35.89 1.88
N ALA H 17 -45.22 -36.70 1.67
CA ALA H 17 -46.57 -36.38 2.10
C ALA H 17 -47.32 -37.66 2.45
N HIS H 18 -48.52 -37.50 3.00
CA HIS H 18 -49.28 -38.62 3.54
C HIS H 18 -50.52 -38.98 2.76
N VAL H 19 -51.08 -40.11 3.14
CA VAL H 19 -52.51 -40.27 3.34
C VAL H 19 -52.68 -40.86 4.74
N ALA H 20 -53.81 -40.52 5.36
CA ALA H 20 -54.23 -41.15 6.61
C ALA H 20 -55.71 -41.48 6.45
N ARG H 21 -56.00 -42.72 6.06
CA ARG H 21 -57.28 -42.98 5.42
C ARG H 21 -58.42 -43.05 6.42
N GLU H 22 -58.53 -44.19 7.12
CA GLU H 22 -59.20 -44.48 8.37
C GLU H 22 -59.01 -45.97 8.58
N GLY H 23 -58.93 -46.44 9.81
CA GLY H 23 -58.77 -47.87 10.03
C GLY H 23 -57.41 -48.44 9.69
N TYR H 24 -56.97 -48.24 8.46
CA TYR H 24 -55.74 -48.83 7.94
C TYR H 24 -54.51 -48.14 8.54
N SER H 25 -53.35 -48.71 8.25
CA SER H 25 -52.11 -48.08 8.64
C SER H 25 -51.85 -46.86 7.76
N PRO H 26 -51.08 -45.89 8.24
CA PRO H 26 -50.74 -44.74 7.40
C PRO H 26 -49.83 -45.12 6.23
N LEU H 27 -49.70 -44.19 5.29
CA LEU H 27 -48.88 -44.42 4.10
C LEU H 27 -48.22 -43.10 3.71
N THR H 28 -46.91 -43.18 3.44
CA THR H 28 -46.07 -42.01 3.15
C THR H 28 -45.46 -42.13 1.76
N LEU H 29 -45.69 -41.12 0.93
CA LEU H 29 -45.20 -41.04 -0.42
C LEU H 29 -44.04 -40.04 -0.45
N GLN H 30 -43.06 -40.26 -1.33
CA GLN H 30 -42.13 -39.18 -1.58
C GLN H 30 -42.03 -38.90 -3.07
N MET H 31 -41.80 -37.63 -3.38
CA MET H 31 -41.84 -37.07 -4.72
C MET H 31 -40.51 -36.37 -4.95
N GLN H 32 -39.89 -36.57 -6.09
CA GLN H 32 -38.60 -35.94 -6.33
C GLN H 32 -38.38 -35.70 -7.82
N VAL H 33 -38.07 -34.48 -8.19
CA VAL H 33 -37.95 -34.12 -9.60
C VAL H 33 -36.50 -34.27 -10.04
N VAL H 34 -36.29 -34.71 -11.29
CA VAL H 34 -34.95 -34.91 -11.81
C VAL H 34 -34.64 -34.02 -13.01
N GLU H 35 -35.66 -33.61 -13.75
CA GLU H 35 -35.42 -32.77 -14.92
C GLU H 35 -36.59 -31.82 -15.10
N THR H 36 -36.33 -30.66 -15.72
CA THR H 36 -37.37 -29.68 -15.98
C THR H 36 -37.00 -28.93 -17.25
N SER H 37 -37.72 -29.18 -18.32
CA SER H 37 -37.48 -28.44 -19.55
C SER H 37 -38.29 -27.15 -19.53
N LEU H 38 -38.26 -26.43 -20.65
CA LEU H 38 -39.13 -25.28 -20.93
C LEU H 38 -39.06 -25.03 -22.42
N GLU H 39 -40.19 -24.64 -23.01
CA GLU H 39 -40.22 -24.53 -24.45
C GLU H 39 -41.18 -23.45 -24.94
N PRO H 40 -40.68 -22.45 -25.67
CA PRO H 40 -41.57 -21.44 -26.23
C PRO H 40 -42.03 -21.83 -27.63
N THR H 41 -42.87 -20.99 -28.20
CA THR H 41 -43.36 -21.16 -29.56
C THR H 41 -42.78 -20.09 -30.47
N LEU H 42 -42.47 -20.46 -31.70
CA LEU H 42 -41.77 -19.56 -32.60
C LEU H 42 -42.51 -19.45 -33.92
N ASN H 43 -42.19 -18.40 -34.66
CA ASN H 43 -42.54 -18.26 -36.08
C ASN H 43 -41.52 -17.37 -36.76
N LEU H 44 -41.04 -17.81 -37.92
CA LEU H 44 -39.88 -17.18 -38.54
C LEU H 44 -40.27 -15.87 -39.19
N GLU H 45 -39.31 -14.94 -39.25
CA GLU H 45 -39.70 -13.69 -39.89
C GLU H 45 -38.77 -13.27 -41.02
N TYR H 46 -37.46 -13.44 -40.88
CA TYR H 46 -36.54 -13.45 -42.01
C TYR H 46 -35.22 -14.08 -41.57
N ILE H 47 -34.27 -14.17 -42.51
CA ILE H 47 -32.91 -14.63 -42.25
C ILE H 47 -31.94 -13.59 -42.78
N THR H 48 -30.65 -13.85 -42.57
CA THR H 48 -29.61 -13.10 -43.26
C THR H 48 -28.38 -13.97 -43.44
N CYS H 49 -27.60 -13.68 -44.47
CA CYS H 49 -26.33 -14.36 -44.68
C CYS H 49 -25.39 -13.44 -45.44
N ASP H 50 -24.19 -13.94 -45.70
CA ASP H 50 -23.17 -13.17 -46.40
C ASP H 50 -23.48 -13.13 -47.89
N TYR H 51 -22.95 -12.10 -48.56
CA TYR H 51 -23.21 -11.94 -49.99
C TYR H 51 -21.91 -11.86 -50.77
N LYS H 52 -22.06 -11.69 -52.09
CA LYS H 52 -20.96 -11.68 -53.04
C LYS H 52 -21.40 -10.89 -54.26
N THR H 53 -20.46 -10.18 -54.88
CA THR H 53 -20.75 -9.37 -56.05
C THR H 53 -20.35 -10.10 -57.34
N LYS H 54 -20.86 -9.59 -58.46
CA LYS H 54 -20.46 -10.08 -59.77
C LYS H 54 -20.31 -8.91 -60.73
N VAL H 55 -19.24 -8.95 -61.51
CA VAL H 55 -18.89 -7.93 -62.49
C VAL H 55 -18.66 -8.57 -63.86
N PRO H 56 -19.69 -8.94 -64.59
CA PRO H 56 -19.49 -9.75 -65.79
C PRO H 56 -18.96 -9.01 -67.03
N SER H 57 -17.64 -8.90 -67.15
CA SER H 57 -16.93 -8.70 -68.43
C SER H 57 -17.36 -7.52 -69.28
N PRO H 58 -16.83 -6.32 -69.02
CA PRO H 58 -17.37 -5.10 -69.60
C PRO H 58 -17.23 -5.05 -71.12
N TYR H 59 -18.02 -4.17 -71.72
CA TYR H 59 -18.24 -4.16 -73.16
C TYR H 59 -17.57 -2.96 -73.81
N VAL H 60 -16.79 -3.22 -74.85
CA VAL H 60 -16.25 -2.18 -75.72
C VAL H 60 -16.70 -2.44 -77.15
N LYS H 61 -17.15 -1.38 -77.81
CA LYS H 61 -17.18 -1.33 -79.26
C LYS H 61 -16.84 0.11 -79.61
N CYS H 62 -16.05 0.27 -80.68
CA CYS H 62 -15.41 1.54 -80.93
C CYS H 62 -15.83 2.12 -82.27
N CYS H 63 -15.73 3.46 -82.33
CA CYS H 63 -16.45 4.33 -83.26
C CYS H 63 -17.89 3.87 -83.50
N GLY H 64 -18.61 3.77 -82.40
CA GLY H 64 -20.05 3.52 -82.31
C GLY H 64 -20.38 3.57 -80.83
N THR H 65 -21.43 4.28 -80.42
CA THR H 65 -21.43 4.77 -79.05
C THR H 65 -21.84 3.73 -78.02
N ALA H 66 -23.16 3.49 -77.86
CA ALA H 66 -23.71 2.56 -76.87
C ALA H 66 -25.22 2.56 -76.87
N GLU H 67 -25.80 1.59 -76.15
CA GLU H 67 -26.89 1.77 -75.20
C GLU H 67 -27.09 0.49 -74.41
N CYS H 68 -27.14 0.57 -73.08
CA CYS H 68 -27.44 -0.61 -72.29
C CYS H 68 -28.93 -0.67 -71.95
N ARG H 69 -29.39 -1.86 -71.62
CA ARG H 69 -30.79 -2.13 -71.34
C ARG H 69 -30.95 -2.50 -69.88
N THR H 70 -32.12 -2.25 -69.33
CA THR H 70 -32.40 -2.66 -67.97
C THR H 70 -32.88 -4.11 -67.94
N GLN H 71 -32.81 -4.71 -66.75
CA GLN H 71 -33.27 -6.08 -66.54
C GLN H 71 -33.53 -6.31 -65.06
N ASP H 72 -34.38 -7.29 -64.78
CA ASP H 72 -34.85 -7.56 -63.43
C ASP H 72 -33.85 -8.43 -62.68
N LYS H 73 -33.25 -7.86 -61.62
CA LYS H 73 -32.34 -8.48 -60.67
C LYS H 73 -32.11 -7.44 -59.58
N PRO H 74 -31.90 -7.81 -58.31
CA PRO H 74 -31.77 -6.80 -57.26
C PRO H 74 -30.48 -6.00 -57.39
N GLU H 75 -30.61 -4.67 -57.36
CA GLU H 75 -29.52 -3.70 -57.35
C GLU H 75 -28.68 -3.81 -58.63
N TYR H 76 -29.33 -3.59 -59.76
CA TYR H 76 -28.63 -3.54 -61.03
C TYR H 76 -28.35 -2.09 -61.36
N LYS H 77 -27.10 -1.77 -61.67
CA LYS H 77 -26.73 -0.42 -62.08
C LYS H 77 -25.82 -0.49 -63.29
N CYS H 78 -26.21 0.19 -64.37
CA CYS H 78 -25.43 0.30 -65.58
C CYS H 78 -24.94 1.73 -65.75
N ALA H 79 -23.84 1.88 -66.49
CA ALA H 79 -23.26 3.21 -66.69
C ALA H 79 -22.78 3.33 -68.13
N VAL H 80 -22.28 4.52 -68.47
CA VAL H 80 -21.84 4.83 -69.84
C VAL H 80 -20.81 5.95 -69.79
N PHE H 81 -19.63 5.70 -70.36
CA PHE H 81 -18.47 6.56 -70.21
C PHE H 81 -17.91 6.90 -71.58
N THR H 82 -17.67 8.18 -71.83
CA THR H 82 -17.21 8.63 -73.14
C THR H 82 -15.73 9.03 -73.11
N GLY H 83 -15.09 8.88 -74.27
CA GLY H 83 -13.71 9.30 -74.43
C GLY H 83 -12.67 8.36 -73.87
N VAL H 84 -12.93 7.07 -73.89
CA VAL H 84 -11.99 6.09 -73.34
C VAL H 84 -11.08 5.60 -74.46
N TYR H 85 -9.81 5.39 -74.15
CA TYR H 85 -8.83 4.86 -75.09
C TYR H 85 -8.01 3.80 -74.38
N PRO H 86 -8.40 2.53 -74.49
CA PRO H 86 -7.64 1.48 -73.81
C PRO H 86 -6.34 1.18 -74.54
N PHE H 87 -5.53 0.33 -73.90
CA PHE H 87 -4.26 -0.11 -74.49
C PHE H 87 -3.99 -1.50 -73.92
N MET H 88 -4.37 -2.52 -74.69
CA MET H 88 -4.39 -3.89 -74.20
C MET H 88 -2.99 -4.48 -74.37
N TRP H 89 -2.86 -5.79 -74.26
CA TRP H 89 -1.56 -6.45 -74.18
C TRP H 89 -0.76 -6.32 -75.46
N GLY H 90 -1.34 -6.71 -76.59
CA GLY H 90 -0.57 -6.82 -77.82
C GLY H 90 -0.15 -5.48 -78.39
N GLY H 91 -1.06 -4.52 -78.45
CA GLY H 91 -0.76 -3.19 -78.91
C GLY H 91 -1.88 -2.26 -78.53
N ALA H 92 -2.20 -1.29 -79.38
CA ALA H 92 -3.38 -0.49 -79.14
C ALA H 92 -4.59 -1.20 -79.73
N TYR H 93 -5.70 -1.18 -78.99
CA TYR H 93 -6.85 -2.03 -79.28
C TYR H 93 -7.57 -1.62 -80.56
N CYS H 94 -8.21 -0.45 -80.57
CA CYS H 94 -8.76 0.07 -81.81
C CYS H 94 -8.68 1.60 -81.83
N PHE H 95 -8.77 2.16 -83.05
CA PHE H 95 -8.16 3.46 -83.35
C PHE H 95 -9.14 4.59 -83.60
N CYS H 96 -10.44 4.39 -83.38
CA CYS H 96 -11.41 5.47 -83.57
C CYS H 96 -11.37 6.38 -82.33
N ASP H 97 -10.30 7.20 -82.27
CA ASP H 97 -9.69 7.63 -81.01
C ASP H 97 -10.60 8.52 -80.17
N SER H 98 -11.21 9.53 -80.80
CA SER H 98 -11.97 10.51 -80.02
C SER H 98 -13.31 9.95 -79.59
N GLU H 99 -14.09 9.40 -80.52
CA GLU H 99 -15.44 8.93 -80.24
C GLU H 99 -15.38 7.45 -79.90
N ASN H 100 -15.08 7.16 -78.64
CA ASN H 100 -15.25 5.82 -78.09
C ASN H 100 -16.07 5.91 -76.82
N THR H 101 -16.85 4.87 -76.56
CA THR H 101 -17.76 4.84 -75.44
C THR H 101 -17.71 3.43 -74.85
N GLN H 102 -18.02 3.31 -73.56
CA GLN H 102 -17.86 2.04 -72.86
C GLN H 102 -18.87 1.95 -71.73
N MET H 103 -19.43 0.77 -71.50
CA MET H 103 -20.46 0.57 -70.49
C MET H 103 -19.95 -0.37 -69.40
N SER H 104 -20.68 -0.38 -68.28
CA SER H 104 -20.35 -1.21 -67.14
C SER H 104 -21.59 -1.55 -66.37
N GLU H 105 -21.64 -2.76 -65.83
CA GLU H 105 -22.71 -3.19 -64.95
C GLU H 105 -22.17 -4.19 -63.95
N ALA H 106 -22.92 -4.39 -62.86
CA ALA H 106 -22.56 -5.29 -61.78
C ALA H 106 -23.80 -5.54 -60.95
N TYR H 107 -23.79 -6.64 -60.18
CA TYR H 107 -24.89 -6.84 -59.24
C TYR H 107 -24.43 -7.63 -58.02
N VAL H 108 -25.39 -7.90 -57.13
CA VAL H 108 -25.17 -8.48 -55.82
C VAL H 108 -26.05 -9.73 -55.65
N GLU H 109 -25.46 -10.81 -55.16
CA GLU H 109 -26.22 -12.02 -54.91
C GLU H 109 -25.69 -12.69 -53.66
N ARG H 110 -26.39 -13.74 -53.23
CA ARG H 110 -25.97 -14.44 -52.03
C ARG H 110 -24.84 -15.41 -52.35
N ALA H 111 -24.05 -15.71 -51.33
CA ALA H 111 -22.81 -16.47 -51.51
C ALA H 111 -23.10 -17.96 -51.61
N ASP H 112 -22.06 -18.76 -51.58
CA ASP H 112 -22.19 -20.19 -51.77
C ASP H 112 -22.29 -20.95 -50.46
N VAL H 113 -22.09 -20.28 -49.32
CA VAL H 113 -22.06 -20.95 -48.02
C VAL H 113 -23.27 -20.57 -47.17
N CYS H 114 -24.34 -20.04 -47.79
CA CYS H 114 -25.50 -19.67 -47.01
C CYS H 114 -26.28 -20.89 -46.54
N LYS H 115 -26.25 -21.99 -47.28
CA LYS H 115 -27.06 -23.14 -46.86
C LYS H 115 -26.34 -24.03 -45.85
N HIS H 116 -25.19 -23.60 -45.32
CA HIS H 116 -24.65 -24.15 -44.10
C HIS H 116 -24.50 -23.11 -43.00
N ASP H 117 -24.54 -21.82 -43.33
CA ASP H 117 -24.17 -20.75 -42.40
C ASP H 117 -25.16 -19.62 -42.61
N TYR H 118 -25.98 -19.35 -41.59
CA TYR H 118 -26.91 -18.25 -41.62
C TYR H 118 -27.23 -17.85 -40.19
N ALA H 119 -28.00 -16.77 -40.06
CA ALA H 119 -28.36 -16.27 -38.74
C ALA H 119 -29.78 -15.73 -38.85
N ALA H 120 -30.73 -16.42 -38.25
CA ALA H 120 -32.13 -16.13 -38.45
C ALA H 120 -32.73 -15.40 -37.28
N ALA H 121 -33.83 -14.70 -37.54
CA ALA H 121 -34.61 -14.03 -36.51
C ALA H 121 -35.87 -14.84 -36.23
N TYR H 122 -36.58 -14.46 -35.17
CA TYR H 122 -37.73 -15.20 -34.68
C TYR H 122 -38.63 -14.26 -33.89
N ARG H 123 -39.57 -14.84 -33.14
CA ARG H 123 -40.48 -14.13 -32.26
C ARG H 123 -41.04 -15.14 -31.26
N ALA H 124 -41.25 -14.71 -30.01
CA ALA H 124 -41.69 -15.61 -28.95
C ALA H 124 -43.11 -15.29 -28.50
N HIS H 125 -43.68 -16.23 -27.75
CA HIS H 125 -45.05 -16.14 -27.26
C HIS H 125 -45.12 -16.83 -25.91
N THR H 126 -46.32 -17.21 -25.50
CA THR H 126 -46.54 -17.99 -24.28
C THR H 126 -45.89 -19.37 -24.44
N ALA H 127 -45.46 -19.95 -23.32
CA ALA H 127 -44.66 -21.17 -23.34
C ALA H 127 -45.22 -22.21 -22.37
N SER H 128 -44.90 -23.47 -22.63
CA SER H 128 -45.29 -24.58 -21.78
C SER H 128 -44.06 -25.37 -21.35
N LEU H 129 -44.18 -26.08 -20.22
CA LEU H 129 -43.02 -26.74 -19.62
C LEU H 129 -43.40 -28.15 -19.21
N ARG H 130 -42.42 -29.05 -19.23
CA ARG H 130 -42.66 -30.44 -18.88
C ARG H 130 -41.57 -30.98 -17.98
N ALA H 131 -41.94 -31.88 -17.07
CA ALA H 131 -41.04 -32.34 -16.02
C ALA H 131 -40.92 -33.86 -16.04
N LYS H 132 -39.92 -34.35 -15.31
CA LYS H 132 -39.74 -35.78 -15.08
C LYS H 132 -39.57 -36.01 -13.59
N ILE H 133 -40.45 -36.84 -13.02
CA ILE H 133 -40.62 -36.98 -11.58
C ILE H 133 -40.44 -38.45 -11.20
N LYS H 134 -39.62 -38.69 -10.18
CA LYS H 134 -39.42 -39.99 -9.58
C LYS H 134 -40.27 -40.02 -8.30
N VAL H 135 -41.21 -40.96 -8.25
CA VAL H 135 -42.15 -41.08 -7.13
C VAL H 135 -41.99 -42.45 -6.51
N THR H 136 -41.85 -42.52 -5.19
CA THR H 136 -41.71 -43.84 -4.61
C THR H 136 -42.38 -43.94 -3.24
N TYR H 137 -42.81 -45.16 -2.95
CA TYR H 137 -43.65 -45.58 -1.84
C TYR H 137 -43.82 -47.08 -1.91
N GLY H 138 -44.41 -47.64 -0.85
CA GLY H 138 -44.86 -49.02 -0.81
C GLY H 138 -43.76 -50.04 -1.06
N THR H 139 -43.80 -50.67 -2.22
CA THR H 139 -42.75 -51.58 -2.67
C THR H 139 -42.28 -51.24 -4.07
N VAL H 140 -42.28 -49.97 -4.46
CA VAL H 140 -42.06 -49.67 -5.87
C VAL H 140 -41.26 -48.38 -6.15
N ASN H 141 -40.18 -48.50 -6.93
CA ASN H 141 -39.48 -47.37 -7.53
C ASN H 141 -39.99 -47.13 -8.95
N GLN H 142 -40.46 -45.91 -9.22
CA GLN H 142 -40.91 -45.55 -10.54
C GLN H 142 -40.57 -44.10 -10.85
N THR H 143 -40.45 -43.82 -12.15
CA THR H 143 -40.29 -42.49 -12.69
C THR H 143 -41.28 -42.29 -13.82
N VAL H 144 -41.58 -41.02 -14.10
CA VAL H 144 -42.68 -40.69 -15.00
C VAL H 144 -42.47 -39.29 -15.55
N GLU H 145 -42.62 -39.14 -16.87
CA GLU H 145 -42.57 -37.84 -17.52
C GLU H 145 -43.98 -37.28 -17.65
N ALA H 146 -44.09 -35.96 -17.63
CA ALA H 146 -45.43 -35.39 -17.56
C ALA H 146 -45.42 -33.95 -18.04
N TYR H 147 -46.47 -33.61 -18.79
CA TYR H 147 -46.79 -32.22 -19.04
C TYR H 147 -47.31 -31.57 -17.77
N VAL H 148 -47.26 -30.24 -17.73
CA VAL H 148 -47.55 -29.51 -16.52
C VAL H 148 -48.79 -28.62 -16.66
N ASN H 149 -49.23 -28.29 -17.88
CA ASN H 149 -50.58 -27.75 -18.03
C ASN H 149 -51.61 -28.80 -17.64
N GLY H 150 -52.60 -28.39 -16.84
CA GLY H 150 -53.39 -29.33 -16.09
C GLY H 150 -54.38 -30.15 -16.89
N ASP H 151 -53.89 -30.98 -17.80
CA ASP H 151 -54.77 -31.85 -18.56
C ASP H 151 -54.27 -33.28 -18.73
N HIS H 152 -52.99 -33.57 -18.46
CA HIS H 152 -52.36 -34.81 -18.89
C HIS H 152 -52.23 -35.74 -17.70
N ALA H 153 -52.98 -36.84 -17.74
CA ALA H 153 -52.88 -37.89 -16.74
C ALA H 153 -51.79 -38.87 -17.11
N VAL H 154 -51.51 -39.79 -16.19
CA VAL H 154 -50.53 -40.84 -16.44
C VAL H 154 -50.82 -41.98 -15.48
N THR H 155 -50.53 -43.20 -15.91
CA THR H 155 -50.96 -44.40 -15.21
C THR H 155 -49.75 -45.11 -14.62
N LEU H 156 -49.73 -45.23 -13.31
CA LEU H 156 -48.91 -46.22 -12.61
C LEU H 156 -49.75 -47.48 -12.43
N ALA H 157 -49.36 -48.37 -11.52
CA ALA H 157 -50.12 -49.59 -11.27
C ALA H 157 -51.43 -49.26 -10.55
N GLY H 158 -52.39 -48.75 -11.32
CA GLY H 158 -53.73 -48.48 -10.85
C GLY H 158 -54.03 -47.04 -10.49
N THR H 159 -53.03 -46.16 -10.42
CA THR H 159 -53.20 -44.82 -9.87
C THR H 159 -53.14 -43.75 -10.96
N LYS H 160 -53.69 -42.57 -10.66
CA LYS H 160 -53.74 -41.46 -11.59
C LYS H 160 -53.07 -40.24 -10.97
N PHE H 161 -52.13 -39.65 -11.71
CA PHE H 161 -51.50 -38.39 -11.31
C PHE H 161 -51.89 -37.33 -12.32
N ILE H 162 -52.45 -36.22 -11.87
CA ILE H 162 -52.56 -35.03 -12.72
C ILE H 162 -52.00 -33.85 -11.94
N PHE H 163 -51.28 -32.98 -12.66
CA PHE H 163 -50.46 -31.94 -12.05
C PHE H 163 -51.11 -30.58 -12.22
N GLY H 164 -50.87 -29.71 -11.24
CA GLY H 164 -51.41 -28.37 -11.26
C GLY H 164 -50.78 -27.56 -12.36
N PRO H 165 -51.49 -26.53 -12.86
CA PRO H 165 -51.03 -25.81 -14.07
C PRO H 165 -49.66 -25.12 -13.96
N VAL H 166 -49.53 -24.10 -13.11
CA VAL H 166 -48.24 -23.43 -12.88
C VAL H 166 -48.42 -22.54 -11.65
N SER H 167 -47.31 -22.15 -11.04
CA SER H 167 -47.34 -20.97 -10.19
C SER H 167 -47.51 -19.71 -11.02
N THR H 168 -46.55 -19.44 -11.91
CA THR H 168 -46.64 -18.38 -12.89
C THR H 168 -45.73 -18.73 -14.07
N ALA H 169 -46.07 -18.21 -15.24
CA ALA H 169 -45.49 -18.67 -16.49
C ALA H 169 -44.66 -17.58 -17.19
N TRP H 170 -43.84 -16.86 -16.42
CA TRP H 170 -42.87 -15.98 -17.02
C TRP H 170 -41.74 -16.79 -17.64
N THR H 171 -40.92 -16.14 -18.46
CA THR H 171 -39.84 -16.81 -19.16
C THR H 171 -38.60 -15.92 -19.15
N PRO H 172 -37.40 -16.50 -19.32
CA PRO H 172 -36.21 -15.70 -19.58
C PRO H 172 -36.01 -15.38 -21.06
N PHE H 173 -37.08 -14.88 -21.69
CA PHE H 173 -37.03 -14.40 -23.06
C PHE H 173 -37.96 -13.21 -23.14
N ASP H 174 -37.66 -12.29 -24.05
CA ASP H 174 -38.64 -11.30 -24.44
C ASP H 174 -39.01 -11.54 -25.89
N THR H 175 -39.79 -10.63 -26.46
CA THR H 175 -40.57 -10.95 -27.66
C THR H 175 -39.73 -11.12 -28.92
N LYS H 176 -38.48 -10.67 -28.94
CA LYS H 176 -37.66 -10.81 -30.15
C LYS H 176 -36.31 -11.41 -29.80
N ILE H 177 -36.01 -12.58 -30.36
CA ILE H 177 -34.73 -13.26 -30.16
C ILE H 177 -34.12 -13.55 -31.51
N VAL H 178 -32.81 -13.78 -31.55
CA VAL H 178 -32.10 -14.10 -32.78
C VAL H 178 -31.10 -15.22 -32.51
N VAL H 179 -31.14 -16.26 -33.34
CA VAL H 179 -30.46 -17.53 -33.08
C VAL H 179 -29.40 -17.76 -34.13
N TYR H 180 -28.17 -18.01 -33.69
CA TYR H 180 -27.04 -18.33 -34.57
C TYR H 180 -26.17 -19.39 -33.89
N LYS H 181 -26.41 -20.65 -34.28
CA LYS H 181 -25.50 -21.78 -34.08
C LYS H 181 -25.17 -22.03 -32.60
N GLY H 182 -26.18 -22.41 -31.85
CA GLY H 182 -25.95 -22.96 -30.53
C GLY H 182 -25.97 -21.96 -29.39
N GLU H 183 -26.27 -20.70 -29.65
CA GLU H 183 -26.56 -19.78 -28.57
C GLU H 183 -27.54 -18.73 -29.07
N VAL H 184 -28.35 -18.22 -28.16
CA VAL H 184 -29.43 -17.32 -28.50
C VAL H 184 -29.04 -15.94 -27.97
N TYR H 185 -29.44 -14.89 -28.66
CA TYR H 185 -29.08 -13.52 -28.27
C TYR H 185 -30.35 -12.77 -27.91
N ASN H 186 -30.20 -11.48 -27.68
CA ASN H 186 -31.37 -10.68 -27.34
C ASN H 186 -31.19 -9.29 -27.98
N GLN H 187 -31.69 -9.16 -29.21
CA GLN H 187 -31.49 -7.97 -30.01
C GLN H 187 -32.82 -7.24 -30.18
N ASP H 188 -32.80 -6.21 -31.03
CA ASP H 188 -34.00 -5.52 -31.48
C ASP H 188 -33.74 -5.17 -32.95
N PHE H 189 -34.17 -6.03 -33.83
CA PHE H 189 -33.81 -6.06 -35.23
C PHE H 189 -34.75 -5.19 -36.07
N PRO H 190 -34.25 -4.64 -37.19
CA PRO H 190 -35.07 -3.75 -38.01
C PRO H 190 -36.19 -4.50 -38.69
N PRO H 191 -37.34 -3.82 -38.98
CA PRO H 191 -38.58 -4.53 -39.33
C PRO H 191 -38.56 -5.37 -40.59
N TYR H 192 -38.45 -4.73 -41.74
CA TYR H 192 -38.25 -5.38 -43.04
C TYR H 192 -37.98 -4.29 -44.06
N GLY H 193 -36.97 -4.47 -44.90
CA GLY H 193 -36.73 -3.52 -45.97
C GLY H 193 -36.31 -2.14 -45.54
N ALA H 194 -35.79 -2.00 -44.33
CA ALA H 194 -35.35 -0.70 -43.84
C ALA H 194 -33.97 -0.80 -43.23
N GLY H 195 -33.18 -1.78 -43.67
CA GLY H 195 -31.85 -1.92 -43.15
C GLY H 195 -30.90 -0.92 -43.77
N GLN H 196 -30.51 0.08 -43.00
CA GLN H 196 -29.52 1.02 -43.48
C GLN H 196 -28.15 0.33 -43.51
N PRO H 197 -27.26 0.74 -44.43
CA PRO H 197 -26.08 -0.08 -44.73
C PRO H 197 -25.07 -0.15 -43.60
N GLY H 198 -24.49 -1.33 -43.43
CA GLY H 198 -23.36 -1.50 -42.53
C GLY H 198 -23.63 -2.35 -41.31
N ARG H 199 -24.77 -2.16 -40.67
CA ARG H 199 -25.08 -2.86 -39.44
C ARG H 199 -25.87 -4.12 -39.76
N PHE H 200 -26.45 -4.76 -38.74
CA PHE H 200 -27.11 -6.05 -38.91
C PHE H 200 -28.37 -5.92 -39.74
N GLY H 201 -28.67 -6.98 -40.50
CA GLY H 201 -29.88 -7.01 -41.28
C GLY H 201 -29.72 -6.25 -42.57
N ASP H 202 -28.60 -6.47 -43.23
CA ASP H 202 -28.33 -5.74 -44.45
C ASP H 202 -28.82 -6.48 -45.69
N ILE H 203 -28.92 -7.80 -45.62
CA ILE H 203 -29.52 -8.61 -46.68
C ILE H 203 -30.62 -9.44 -46.06
N GLN H 204 -31.85 -9.29 -46.55
CA GLN H 204 -32.93 -10.08 -46.01
C GLN H 204 -33.41 -11.08 -47.02
N SER H 205 -34.21 -12.02 -46.52
CA SER H 205 -34.94 -13.05 -47.24
C SER H 205 -35.85 -13.74 -46.26
N ARG H 206 -37.01 -14.16 -46.74
CA ARG H 206 -37.80 -15.16 -46.04
C ARG H 206 -37.29 -16.54 -46.45
N THR H 207 -38.10 -17.59 -46.18
CA THR H 207 -37.70 -19.01 -46.15
C THR H 207 -36.75 -19.40 -47.28
N LEU H 208 -35.70 -20.11 -46.89
CA LEU H 208 -34.37 -19.83 -47.42
C LEU H 208 -34.13 -20.33 -48.84
N ASP H 209 -35.15 -20.64 -49.65
CA ASP H 209 -34.84 -21.22 -50.95
C ASP H 209 -34.27 -20.18 -51.94
N SER H 210 -35.09 -19.23 -52.43
CA SER H 210 -34.67 -18.30 -53.50
C SER H 210 -35.68 -17.22 -53.86
N LYS H 211 -35.36 -16.50 -54.94
CA LYS H 211 -36.15 -15.65 -55.83
C LYS H 211 -36.48 -14.25 -55.29
N ASP H 212 -36.20 -13.94 -54.03
CA ASP H 212 -36.54 -12.64 -53.48
C ASP H 212 -35.43 -12.16 -52.57
N LEU H 213 -35.00 -10.92 -52.75
CA LEU H 213 -33.95 -10.32 -51.95
C LEU H 213 -34.35 -8.93 -51.50
N TYR H 214 -33.45 -8.32 -50.75
CA TYR H 214 -33.47 -6.89 -50.46
C TYR H 214 -32.02 -6.50 -50.24
N ALA H 215 -31.57 -5.44 -50.90
CA ALA H 215 -30.14 -5.13 -50.87
C ALA H 215 -29.96 -3.66 -51.14
N ASN H 216 -29.45 -2.92 -50.17
CA ASN H 216 -29.11 -1.51 -50.37
C ASN H 216 -27.77 -1.25 -49.69
N THR H 217 -26.70 -1.45 -50.45
CA THR H 217 -25.34 -1.23 -49.97
C THR H 217 -24.67 -0.04 -50.63
N GLY H 218 -25.37 0.71 -51.46
CA GLY H 218 -24.81 1.88 -52.08
C GLY H 218 -23.76 1.60 -53.15
N LEU H 219 -24.15 0.90 -54.21
CA LEU H 219 -23.25 0.74 -55.35
C LEU H 219 -23.16 2.04 -56.12
N LYS H 220 -21.94 2.42 -56.51
CA LYS H 220 -21.72 3.50 -57.47
C LYS H 220 -20.63 3.04 -58.42
N LEU H 221 -20.68 3.55 -59.65
CA LEU H 221 -19.68 3.18 -60.65
C LEU H 221 -18.76 4.36 -60.89
N ALA H 222 -17.47 4.08 -61.03
CA ALA H 222 -16.48 5.13 -61.12
C ALA H 222 -15.82 5.14 -62.50
N ARG H 223 -15.02 6.17 -62.76
CA ARG H 223 -14.37 6.29 -64.05
C ARG H 223 -13.13 5.40 -64.11
N PRO H 224 -12.95 4.62 -65.17
CA PRO H 224 -11.74 3.78 -65.30
C PRO H 224 -10.50 4.62 -65.52
N ALA H 225 -9.36 3.97 -65.33
CA ALA H 225 -8.06 4.63 -65.34
C ALA H 225 -7.70 5.12 -66.75
N ALA H 226 -6.62 5.88 -66.83
CA ALA H 226 -6.16 6.42 -68.09
C ALA H 226 -5.26 5.39 -68.77
N GLY H 227 -5.86 4.59 -69.65
CA GLY H 227 -5.09 3.64 -70.43
C GLY H 227 -5.02 2.25 -69.88
N ASN H 228 -6.08 1.75 -69.26
CA ASN H 228 -6.18 0.35 -68.87
C ASN H 228 -7.61 -0.11 -69.14
N ILE H 229 -7.98 -1.26 -68.58
CA ILE H 229 -9.12 -2.01 -69.12
C ILE H 229 -10.10 -2.41 -68.02
N HIS H 230 -9.76 -2.13 -66.77
CA HIS H 230 -10.45 -2.75 -65.64
C HIS H 230 -11.82 -2.11 -65.40
N VAL H 231 -12.50 -2.61 -64.37
CA VAL H 231 -13.78 -2.06 -63.91
C VAL H 231 -13.64 -1.58 -62.48
N PRO H 232 -13.73 -0.30 -62.21
CA PRO H 232 -13.69 0.20 -60.84
C PRO H 232 -15.02 -0.03 -60.15
N TYR H 233 -15.00 0.12 -58.83
CA TYR H 233 -16.01 -0.48 -57.98
C TYR H 233 -15.90 0.07 -56.56
N THR H 234 -17.00 0.56 -55.98
CA THR H 234 -16.93 1.16 -54.66
C THR H 234 -18.15 0.80 -53.82
N GLN H 235 -17.93 0.54 -52.54
CA GLN H 235 -18.93 -0.15 -51.73
C GLN H 235 -18.59 -0.02 -50.26
N THR H 236 -19.59 0.27 -49.44
CA THR H 236 -19.41 0.14 -48.00
C THR H 236 -19.31 -1.34 -47.67
N PRO H 237 -18.37 -1.77 -46.83
CA PRO H 237 -18.11 -3.21 -46.67
C PRO H 237 -19.26 -3.90 -45.96
N SER H 238 -19.21 -5.23 -46.01
CA SER H 238 -20.37 -6.06 -45.68
C SER H 238 -20.77 -5.94 -44.22
N GLY H 239 -22.00 -6.33 -43.95
CA GLY H 239 -22.60 -6.09 -42.65
C GLY H 239 -22.67 -7.33 -41.78
N PHE H 240 -22.67 -8.51 -42.40
CA PHE H 240 -22.71 -9.72 -41.60
C PHE H 240 -21.35 -9.98 -40.95
N LYS H 241 -20.29 -10.05 -41.76
CA LYS H 241 -18.99 -10.37 -41.21
C LYS H 241 -18.26 -9.15 -40.61
N THR H 242 -18.99 -8.09 -40.28
CA THR H 242 -18.53 -7.10 -39.32
C THR H 242 -19.30 -7.18 -38.02
N TRP H 243 -20.24 -8.10 -37.91
CA TRP H 243 -21.00 -8.32 -36.69
C TRP H 243 -20.43 -9.44 -35.85
N GLN H 244 -19.90 -10.48 -36.48
CA GLN H 244 -19.51 -11.67 -35.75
C GLN H 244 -18.07 -11.64 -35.25
N LYS H 245 -17.48 -10.44 -35.13
CA LYS H 245 -16.25 -10.30 -34.35
C LYS H 245 -16.35 -9.28 -33.24
N ASP H 246 -17.21 -8.28 -33.38
CA ASP H 246 -17.42 -7.23 -32.39
C ASP H 246 -18.88 -7.35 -31.95
N ARG H 247 -19.16 -8.27 -31.04
CA ARG H 247 -20.54 -8.75 -31.01
C ARG H 247 -21.33 -8.31 -29.80
N ASP H 248 -21.09 -8.96 -28.65
CA ASP H 248 -21.72 -8.73 -27.35
C ASP H 248 -21.20 -9.83 -26.44
N SER H 249 -21.70 -9.90 -25.21
CA SER H 249 -21.65 -11.17 -24.48
C SER H 249 -22.95 -11.94 -24.72
N PRO H 250 -22.90 -13.26 -24.94
CA PRO H 250 -24.11 -14.02 -25.25
C PRO H 250 -25.09 -14.16 -24.09
N LEU H 251 -26.18 -14.90 -24.29
CA LEU H 251 -27.17 -15.10 -23.25
C LEU H 251 -26.89 -16.32 -22.39
N ASN H 252 -25.94 -17.17 -22.78
CA ASN H 252 -25.51 -18.24 -21.90
C ASN H 252 -24.65 -17.76 -20.74
N ALA H 253 -24.45 -16.46 -20.54
CA ALA H 253 -23.71 -15.96 -19.41
C ALA H 253 -24.46 -14.96 -18.56
N LYS H 254 -25.64 -14.49 -18.98
CA LYS H 254 -26.44 -13.62 -18.13
C LYS H 254 -27.84 -14.19 -17.90
N ALA H 255 -27.97 -15.51 -17.97
CA ALA H 255 -29.25 -16.15 -17.72
C ALA H 255 -29.59 -16.05 -16.23
N PRO H 256 -30.85 -15.81 -15.89
CA PRO H 256 -31.18 -15.45 -14.50
C PRO H 256 -31.01 -16.53 -13.43
N PHE H 257 -31.56 -17.73 -13.60
CA PHE H 257 -31.61 -18.67 -12.49
C PHE H 257 -30.81 -19.94 -12.74
N GLY H 258 -29.66 -19.84 -13.39
CA GLY H 258 -28.96 -21.06 -13.76
C GLY H 258 -29.58 -21.74 -14.94
N CYS H 259 -30.37 -21.02 -15.70
CA CYS H 259 -31.23 -21.61 -16.70
C CYS H 259 -30.40 -21.83 -17.96
N THR H 260 -29.99 -23.07 -18.20
CA THR H 260 -29.02 -23.36 -19.25
C THR H 260 -29.71 -23.68 -20.56
N ILE H 261 -29.01 -23.41 -21.67
CA ILE H 261 -29.60 -23.45 -23.00
C ILE H 261 -28.82 -24.43 -23.87
N GLN H 262 -29.53 -25.20 -24.69
CA GLN H 262 -28.95 -25.79 -25.88
C GLN H 262 -30.06 -25.98 -26.89
N THR H 263 -29.75 -25.82 -28.19
CA THR H 263 -30.84 -25.52 -29.11
C THR H 263 -30.59 -26.03 -30.54
N ASN H 264 -31.02 -27.26 -30.81
CA ASN H 264 -31.60 -27.45 -32.14
C ASN H 264 -33.12 -27.22 -32.10
N PRO H 265 -33.88 -27.71 -31.10
CA PRO H 265 -35.01 -26.90 -30.65
C PRO H 265 -34.63 -26.08 -29.43
N VAL H 266 -35.12 -24.84 -29.39
CA VAL H 266 -34.76 -23.93 -28.32
C VAL H 266 -35.41 -24.37 -27.01
N ARG H 267 -34.62 -24.42 -25.94
CA ARG H 267 -35.06 -24.90 -24.63
C ARG H 267 -34.48 -24.01 -23.54
N ALA H 268 -34.78 -24.35 -22.29
CA ALA H 268 -34.18 -23.72 -21.12
C ALA H 268 -34.35 -24.67 -19.95
N MET H 269 -33.26 -25.30 -19.51
CA MET H 269 -33.36 -26.49 -18.66
C MET H 269 -32.97 -26.22 -17.21
N ASN H 270 -33.49 -27.07 -16.31
CA ASN H 270 -33.20 -27.09 -14.87
C ASN H 270 -33.49 -25.77 -14.19
N CYS H 271 -34.48 -25.04 -14.67
CA CYS H 271 -34.67 -23.66 -14.30
C CYS H 271 -35.45 -23.64 -12.99
N ALA H 272 -34.87 -23.09 -11.94
CA ALA H 272 -35.27 -23.39 -10.57
C ALA H 272 -35.98 -22.21 -9.91
N VAL H 273 -37.29 -22.10 -10.16
CA VAL H 273 -38.15 -21.13 -9.49
C VAL H 273 -39.50 -21.77 -9.21
N GLY H 274 -39.93 -21.73 -7.96
CA GLY H 274 -41.34 -21.81 -7.65
C GLY H 274 -41.80 -23.18 -7.16
N ASN H 275 -43.12 -23.35 -7.21
CA ASN H 275 -43.77 -24.55 -6.73
C ASN H 275 -44.63 -25.12 -7.85
N ILE H 276 -44.76 -26.44 -7.89
CA ILE H 276 -45.68 -27.08 -8.82
C ILE H 276 -46.68 -27.92 -8.02
N PRO H 277 -47.98 -27.75 -8.24
CA PRO H 277 -48.96 -28.54 -7.51
C PRO H 277 -49.17 -29.90 -8.12
N VAL H 278 -49.66 -30.83 -7.30
CA VAL H 278 -49.87 -32.22 -7.69
C VAL H 278 -51.16 -32.69 -7.06
N SER H 279 -51.92 -33.53 -7.79
CA SER H 279 -53.05 -34.20 -7.19
C SER H 279 -53.00 -35.68 -7.50
N MET H 280 -53.78 -36.45 -6.73
CA MET H 280 -53.55 -37.86 -6.49
C MET H 280 -54.86 -38.62 -6.56
N ASP H 281 -54.90 -39.68 -7.37
CA ASP H 281 -55.92 -40.72 -7.28
C ASP H 281 -55.22 -42.03 -6.98
N ILE H 282 -55.38 -42.53 -5.75
CA ILE H 282 -54.60 -43.64 -5.24
C ILE H 282 -55.45 -44.90 -5.27
N ALA H 283 -54.85 -46.01 -5.71
CA ALA H 283 -55.50 -47.31 -5.77
C ALA H 283 -55.63 -47.90 -4.37
N ASP H 284 -56.09 -49.14 -4.29
CA ASP H 284 -56.42 -49.74 -3.00
C ASP H 284 -55.53 -50.92 -2.64
N SER H 285 -54.85 -51.55 -3.60
CA SER H 285 -54.00 -52.69 -3.30
C SER H 285 -52.59 -52.29 -2.91
N ALA H 286 -52.41 -51.08 -2.38
CA ALA H 286 -51.10 -50.62 -1.93
C ALA H 286 -51.15 -50.10 -0.50
N PHE H 287 -52.07 -50.63 0.31
CA PHE H 287 -52.11 -50.38 1.74
C PHE H 287 -51.90 -51.69 2.50
N THR H 288 -51.90 -51.60 3.83
CA THR H 288 -51.95 -52.73 4.74
C THR H 288 -53.11 -52.50 5.68
N ARG H 289 -53.90 -53.55 5.95
CA ARG H 289 -55.14 -53.24 6.64
C ARG H 289 -55.01 -53.08 8.15
N LEU H 290 -54.95 -54.19 8.90
CA LEU H 290 -54.50 -54.18 10.29
C LEU H 290 -53.75 -55.45 10.67
N THR H 291 -53.83 -56.47 9.82
CA THR H 291 -53.40 -57.81 10.21
C THR H 291 -51.89 -57.86 10.43
N ASP H 292 -51.11 -57.33 9.48
CA ASP H 292 -49.69 -57.16 9.69
C ASP H 292 -49.35 -55.73 10.12
N ALA H 293 -50.25 -55.07 10.82
CA ALA H 293 -49.94 -53.79 11.42
C ALA H 293 -49.53 -54.00 12.86
N PRO H 294 -48.28 -53.72 13.23
CA PRO H 294 -47.88 -53.90 14.63
C PRO H 294 -48.38 -52.78 15.53
N ILE H 295 -48.56 -53.11 16.80
CA ILE H 295 -49.05 -52.17 17.80
C ILE H 295 -47.86 -51.67 18.61
N ILE H 296 -47.68 -50.36 18.64
CA ILE H 296 -46.51 -49.74 19.27
C ILE H 296 -47.01 -48.67 20.23
N SER H 297 -46.50 -48.70 21.47
CA SER H 297 -46.93 -47.74 22.49
C SER H 297 -45.72 -47.31 23.32
N GLU H 298 -45.98 -46.34 24.22
CA GLU H 298 -45.02 -45.64 25.09
C GLU H 298 -43.72 -45.24 24.35
N LEU H 299 -43.88 -44.39 23.35
CA LEU H 299 -42.76 -43.94 22.55
C LEU H 299 -42.02 -42.81 23.25
N LEU H 300 -40.69 -42.87 23.26
CA LEU H 300 -39.88 -41.85 23.93
C LEU H 300 -38.63 -41.57 23.09
N CYS H 301 -38.46 -40.32 22.70
CA CYS H 301 -37.39 -39.88 21.80
C CYS H 301 -36.40 -38.99 22.54
N THR H 302 -35.12 -39.20 22.28
CA THR H 302 -34.04 -38.36 22.81
C THR H 302 -33.21 -37.87 21.64
N VAL H 303 -32.06 -37.27 21.94
CA VAL H 303 -31.18 -36.71 20.94
C VAL H 303 -29.74 -36.85 21.43
N SER H 304 -28.79 -36.87 20.52
CA SER H 304 -27.41 -36.90 20.99
C SER H 304 -26.51 -35.87 20.33
N THR H 305 -26.70 -35.58 19.05
CA THR H 305 -25.74 -34.81 18.28
C THR H 305 -26.49 -33.93 17.28
N CYS H 306 -26.01 -32.71 17.06
CA CYS H 306 -26.50 -31.96 15.92
C CYS H 306 -25.44 -30.99 15.41
N THR H 307 -25.61 -30.57 14.15
CA THR H 307 -24.98 -29.40 13.54
C THR H 307 -26.09 -28.68 12.77
N HIS H 308 -25.76 -27.70 11.92
CA HIS H 308 -26.86 -27.11 11.17
C HIS H 308 -27.26 -28.01 9.97
N SER H 309 -26.34 -28.47 9.11
CA SER H 309 -25.22 -27.78 8.51
C SER H 309 -25.49 -27.62 7.02
N SER H 310 -25.40 -28.71 6.28
CA SER H 310 -25.98 -28.78 4.94
C SER H 310 -26.39 -30.19 4.56
N ASP H 311 -26.23 -31.17 5.42
CA ASP H 311 -26.62 -32.53 5.12
C ASP H 311 -27.08 -33.18 6.42
N PHE H 312 -27.16 -34.50 6.41
CA PHE H 312 -27.88 -35.23 7.44
C PHE H 312 -26.99 -35.31 8.69
N GLY H 313 -27.01 -34.21 9.44
CA GLY H 313 -26.19 -34.07 10.63
C GLY H 313 -26.99 -33.90 11.88
N GLY H 314 -28.09 -34.63 12.01
CA GLY H 314 -28.76 -34.74 13.29
C GLY H 314 -29.23 -36.17 13.49
N VAL H 315 -28.90 -36.79 14.62
CA VAL H 315 -29.21 -38.19 14.85
C VAL H 315 -30.07 -38.32 16.10
N ALA H 316 -31.03 -39.23 16.06
CA ALA H 316 -31.85 -39.50 17.24
C ALA H 316 -32.18 -40.98 17.33
N VAL H 317 -32.39 -41.46 18.55
CA VAL H 317 -32.77 -42.84 18.80
C VAL H 317 -34.23 -42.87 19.17
N LEU H 318 -34.81 -44.07 19.16
CA LEU H 318 -36.19 -44.25 19.57
C LEU H 318 -36.32 -45.46 20.49
N SER H 319 -37.26 -45.38 21.42
CA SER H 319 -37.55 -46.44 22.37
C SER H 319 -39.04 -46.74 22.37
N TYR H 320 -39.38 -48.04 22.31
CA TYR H 320 -40.77 -48.46 22.20
C TYR H 320 -40.87 -49.94 22.54
N LYS H 321 -42.00 -50.32 23.13
CA LYS H 321 -42.31 -51.72 23.42
C LYS H 321 -43.15 -52.31 22.30
N VAL H 322 -42.73 -53.46 21.83
CA VAL H 322 -43.30 -54.07 20.65
C VAL H 322 -44.26 -55.17 21.09
N GLU H 323 -45.08 -55.64 20.16
CA GLU H 323 -45.79 -56.91 20.32
C GLU H 323 -45.67 -57.83 19.10
N LYS H 324 -45.33 -57.30 17.92
CA LYS H 324 -45.26 -58.10 16.71
C LYS H 324 -44.28 -57.45 15.76
N ALA H 325 -43.52 -58.26 15.02
CA ALA H 325 -42.58 -57.74 14.05
C ALA H 325 -43.30 -57.25 12.80
N GLY H 326 -42.55 -56.57 11.93
CA GLY H 326 -43.12 -55.96 10.74
C GLY H 326 -42.34 -54.78 10.22
N ARG H 327 -43.04 -53.74 9.78
CA ARG H 327 -42.41 -52.54 9.22
C ARG H 327 -43.38 -51.38 9.34
N CYS H 328 -43.03 -50.38 10.13
CA CYS H 328 -43.85 -49.19 10.27
C CYS H 328 -43.29 -48.04 9.43
N ASP H 329 -43.95 -46.88 9.52
CA ASP H 329 -43.63 -45.72 8.70
C ASP H 329 -43.43 -44.50 9.59
N VAL H 330 -42.56 -43.58 9.17
CA VAL H 330 -42.13 -42.48 10.01
C VAL H 330 -42.36 -41.15 9.33
N HIS H 331 -42.53 -40.09 10.14
CA HIS H 331 -42.74 -38.73 9.66
C HIS H 331 -42.58 -37.74 10.81
N SER H 332 -42.12 -36.53 10.49
CA SER H 332 -42.10 -35.39 11.40
C SER H 332 -43.05 -34.32 10.88
N HIS H 333 -44.04 -33.94 11.68
CA HIS H 333 -45.18 -33.15 11.22
C HIS H 333 -44.95 -31.65 11.24
N SER H 334 -43.71 -31.18 11.08
CA SER H 334 -43.49 -29.74 11.02
C SER H 334 -42.42 -29.43 9.98
N ASN H 335 -42.36 -28.15 9.61
CA ASN H 335 -41.58 -27.71 8.48
C ASN H 335 -40.17 -27.29 8.86
N VAL H 336 -39.72 -27.63 10.07
CA VAL H 336 -38.44 -27.14 10.54
C VAL H 336 -37.33 -28.20 10.38
N ALA H 337 -37.68 -29.46 10.13
CA ALA H 337 -36.69 -30.52 10.01
C ALA H 337 -37.29 -31.69 9.26
N VAL H 338 -36.62 -32.11 8.19
CA VAL H 338 -37.11 -33.21 7.35
C VAL H 338 -36.29 -34.44 7.65
N LEU H 339 -36.96 -35.59 7.67
CA LEU H 339 -36.28 -36.84 7.99
C LEU H 339 -35.63 -37.41 6.74
N GLN H 340 -35.01 -38.58 6.87
CA GLN H 340 -34.25 -39.20 5.80
C GLN H 340 -34.90 -40.47 5.29
N GLU H 341 -35.10 -41.45 6.15
CA GLU H 341 -35.54 -42.75 5.71
C GLU H 341 -37.05 -42.85 5.72
N VAL H 342 -37.56 -43.72 4.85
CA VAL H 342 -38.98 -43.78 4.56
C VAL H 342 -39.69 -44.87 5.34
N SER H 343 -38.96 -45.85 5.88
CA SER H 343 -39.60 -46.88 6.70
C SER H 343 -38.59 -47.42 7.71
N ILE H 344 -38.91 -47.24 8.99
CA ILE H 344 -38.13 -47.85 10.07
C ILE H 344 -38.31 -49.36 10.04
N GLU H 345 -37.43 -50.06 10.75
CA GLU H 345 -37.54 -51.50 10.92
C GLU H 345 -38.35 -51.76 12.20
N ALA H 346 -38.63 -53.03 12.47
CA ALA H 346 -39.37 -53.52 13.63
C ALA H 346 -38.49 -53.57 14.88
N GLU H 347 -38.86 -54.46 15.81
CA GLU H 347 -38.50 -54.54 17.23
C GLU H 347 -37.13 -54.03 17.68
N GLY H 348 -37.14 -53.21 18.72
CA GLY H 348 -35.94 -52.81 19.42
C GLY H 348 -35.79 -51.31 19.53
N ARG H 349 -34.55 -50.84 19.42
CA ARG H 349 -34.25 -49.43 19.28
C ARG H 349 -33.82 -49.16 17.85
N SER H 350 -34.14 -47.99 17.33
CA SER H 350 -33.74 -47.64 15.98
C SER H 350 -33.51 -46.14 15.90
N VAL H 351 -32.65 -45.75 14.95
CA VAL H 351 -32.22 -44.38 14.85
C VAL H 351 -32.75 -43.76 13.57
N ILE H 352 -32.89 -42.43 13.59
CA ILE H 352 -33.35 -41.66 12.45
C ILE H 352 -32.45 -40.44 12.30
N HIS H 353 -32.15 -40.09 11.04
CA HIS H 353 -31.38 -38.91 10.70
C HIS H 353 -32.30 -37.76 10.30
N PHE H 354 -31.84 -36.53 10.51
CA PHE H 354 -32.63 -35.36 10.14
C PHE H 354 -31.69 -34.16 10.01
N SER H 355 -32.22 -33.08 9.43
CA SER H 355 -31.45 -31.86 9.23
C SER H 355 -32.30 -30.65 9.54
N THR H 356 -31.70 -29.62 10.12
CA THR H 356 -32.47 -28.45 10.55
C THR H 356 -31.58 -27.22 10.65
N ALA H 357 -31.98 -26.15 9.99
CA ALA H 357 -31.17 -24.93 9.94
C ALA H 357 -31.64 -23.94 11.01
N SER H 358 -31.61 -24.36 12.26
CA SER H 358 -32.04 -23.48 13.34
C SER H 358 -31.24 -23.79 14.60
N ALA H 359 -31.34 -22.88 15.57
CA ALA H 359 -30.53 -23.00 16.77
C ALA H 359 -31.11 -24.04 17.73
N ALA H 360 -32.41 -24.11 17.88
CA ALA H 360 -33.05 -24.99 18.85
C ALA H 360 -34.39 -25.45 18.31
N PRO H 361 -34.45 -26.63 17.71
CA PRO H 361 -35.71 -27.12 17.14
C PRO H 361 -36.55 -27.86 18.16
N SER H 362 -37.85 -27.93 17.87
CA SER H 362 -38.78 -28.82 18.56
C SER H 362 -39.91 -29.16 17.64
N PHE H 363 -40.18 -30.46 17.51
CA PHE H 363 -41.16 -30.98 16.56
C PHE H 363 -41.74 -32.25 17.14
N ILE H 364 -42.76 -32.79 16.47
CA ILE H 364 -43.41 -34.01 16.92
C ILE H 364 -43.33 -35.05 15.81
N VAL H 365 -42.86 -36.24 16.16
CA VAL H 365 -42.57 -37.33 15.24
C VAL H 365 -43.47 -38.50 15.59
N SER H 366 -43.81 -39.32 14.60
CA SER H 366 -44.69 -40.46 14.86
C SER H 366 -44.36 -41.62 13.90
N VAL H 367 -43.47 -42.51 14.34
CA VAL H 367 -43.60 -43.92 13.98
C VAL H 367 -44.87 -44.40 14.66
N CYS H 368 -45.54 -45.44 14.11
CA CYS H 368 -46.95 -45.46 13.68
C CYS H 368 -47.95 -44.61 14.45
N SER H 369 -49.23 -44.99 14.46
CA SER H 369 -50.30 -44.07 14.87
C SER H 369 -50.24 -43.47 16.29
N SER H 370 -49.20 -43.77 17.08
CA SER H 370 -48.90 -43.03 18.29
C SER H 370 -47.84 -41.96 18.04
N ARG H 371 -47.92 -40.88 18.82
CA ARG H 371 -47.17 -39.65 18.56
C ARG H 371 -46.23 -39.35 19.73
N ALA H 372 -45.15 -38.61 19.45
CA ALA H 372 -44.20 -38.24 20.49
C ALA H 372 -43.43 -37.01 20.07
N THR H 373 -42.70 -36.41 21.01
CA THR H 373 -41.86 -35.26 20.75
C THR H 373 -40.46 -35.47 21.29
N CYS H 374 -39.50 -34.71 20.72
CA CYS H 374 -38.13 -34.61 21.22
C CYS H 374 -37.38 -33.42 20.65
N THR H 375 -36.74 -32.63 21.53
CA THR H 375 -36.10 -31.37 21.18
C THR H 375 -34.63 -31.40 21.55
N ALA H 376 -33.90 -30.36 21.12
CA ALA H 376 -32.44 -30.36 21.18
C ALA H 376 -31.91 -28.94 21.09
N LYS H 377 -30.61 -28.81 21.39
CA LYS H 377 -29.88 -27.57 21.22
C LYS H 377 -28.68 -27.84 20.32
N CYS H 378 -28.22 -26.80 19.60
CA CYS H 378 -27.37 -27.06 18.45
C CYS H 378 -26.23 -26.04 18.40
N GLU H 379 -25.30 -26.24 17.47
CA GLU H 379 -24.08 -25.40 17.37
C GLU H 379 -23.60 -25.37 15.92
N PRO H 380 -22.90 -24.31 15.50
CA PRO H 380 -22.55 -24.15 14.07
C PRO H 380 -21.36 -25.00 13.67
N PRO H 381 -21.16 -25.22 12.37
CA PRO H 381 -19.99 -25.98 11.90
C PRO H 381 -18.84 -25.04 11.59
N LYS H 382 -17.65 -25.64 11.45
CA LYS H 382 -16.45 -24.90 11.09
C LYS H 382 -16.13 -25.21 9.65
N ASP H 383 -16.79 -24.49 8.75
CA ASP H 383 -16.51 -24.56 7.33
C ASP H 383 -17.11 -23.29 6.71
N HIS H 384 -16.81 -23.05 5.44
CA HIS H 384 -17.37 -21.90 4.75
C HIS H 384 -17.90 -22.20 3.37
N VAL H 385 -17.42 -23.25 2.70
CA VAL H 385 -17.72 -23.53 1.31
C VAL H 385 -18.00 -25.01 1.16
N VAL H 386 -19.17 -25.35 0.62
CA VAL H 386 -19.53 -26.73 0.38
C VAL H 386 -19.70 -26.89 -1.14
N THR H 387 -19.83 -28.13 -1.60
CA THR H 387 -19.92 -28.44 -3.02
C THR H 387 -21.30 -28.95 -3.42
N TYR H 388 -22.20 -29.12 -2.46
CA TYR H 388 -23.51 -29.69 -2.73
C TYR H 388 -24.56 -29.05 -1.86
N PRO H 389 -25.70 -28.68 -2.40
CA PRO H 389 -26.59 -27.73 -1.72
C PRO H 389 -27.74 -28.30 -0.91
N ALA H 390 -28.19 -27.51 0.06
CA ALA H 390 -29.60 -27.22 0.33
C ALA H 390 -30.43 -28.47 0.59
N ASN H 391 -30.22 -29.08 1.76
CA ASN H 391 -31.03 -30.19 2.20
C ASN H 391 -31.86 -29.81 3.42
N HIS H 392 -32.44 -28.62 3.38
CA HIS H 392 -33.43 -28.17 4.36
C HIS H 392 -34.26 -27.07 3.72
N ASN H 393 -35.38 -26.75 4.35
CA ASN H 393 -36.27 -25.71 3.85
C ASN H 393 -35.56 -24.36 3.76
N GLY H 394 -34.89 -23.99 4.86
CA GLY H 394 -34.17 -22.73 4.91
C GLY H 394 -34.79 -21.75 5.87
N ILE H 395 -35.48 -22.26 6.88
CA ILE H 395 -36.13 -21.42 7.88
C ILE H 395 -35.37 -21.44 9.20
N THR H 396 -34.74 -20.32 9.54
CA THR H 396 -33.99 -20.22 10.78
C THR H 396 -34.67 -19.27 11.77
N LEU H 397 -35.75 -19.75 12.37
CA LEU H 397 -36.50 -18.96 13.34
C LEU H 397 -36.37 -19.54 14.74
N PRO H 398 -36.54 -18.68 15.76
CA PRO H 398 -36.46 -19.10 17.17
C PRO H 398 -37.66 -19.92 17.60
N ASP H 399 -37.51 -20.71 18.65
CA ASP H 399 -38.60 -21.55 19.15
C ASP H 399 -39.44 -20.80 20.19
N LEU H 400 -40.33 -21.52 20.85
CA LEU H 400 -41.19 -20.92 21.86
C LEU H 400 -40.63 -21.16 23.26
N SER H 401 -39.53 -21.90 23.34
CA SER H 401 -38.90 -22.20 24.63
C SER H 401 -37.45 -22.62 24.44
N SER H 402 -36.56 -21.64 24.32
CA SER H 402 -35.15 -21.91 24.13
C SER H 402 -34.40 -21.27 25.27
N THR H 403 -33.11 -21.59 25.32
CA THR H 403 -32.19 -20.90 26.20
C THR H 403 -32.10 -19.44 25.84
N ALA H 404 -32.24 -19.16 24.55
CA ALA H 404 -32.10 -17.79 24.09
C ALA H 404 -33.20 -16.91 24.60
N MET H 405 -34.44 -17.32 24.41
CA MET H 405 -35.50 -16.41 24.78
C MET H 405 -36.24 -16.84 26.02
N THR H 406 -35.71 -17.79 26.78
CA THR H 406 -36.13 -17.86 28.17
C THR H 406 -35.61 -16.65 28.91
N TRP H 407 -34.56 -16.05 28.39
CA TRP H 407 -34.09 -14.77 28.86
C TRP H 407 -35.11 -13.69 28.55
N ALA H 408 -35.92 -13.90 27.50
CA ALA H 408 -36.79 -12.85 27.01
C ALA H 408 -37.97 -12.62 27.93
N GLN H 409 -38.54 -13.69 28.48
CA GLN H 409 -39.74 -13.48 29.28
C GLN H 409 -39.40 -12.90 30.63
N HIS H 410 -38.20 -13.16 31.11
CA HIS H 410 -37.80 -12.61 32.39
C HIS H 410 -37.63 -11.11 32.32
N LEU H 411 -37.07 -10.63 31.21
CA LEU H 411 -36.88 -9.19 31.09
C LEU H 411 -38.20 -8.49 30.80
N ALA H 412 -39.02 -9.11 29.96
CA ALA H 412 -40.28 -8.47 29.62
C ALA H 412 -41.26 -8.59 30.76
N GLY H 413 -41.24 -9.72 31.45
CA GLY H 413 -42.05 -9.82 32.65
C GLY H 413 -41.50 -8.96 33.76
N GLY H 414 -40.18 -8.81 33.81
CA GLY H 414 -39.59 -7.95 34.83
C GLY H 414 -39.94 -6.50 34.59
N VAL H 415 -39.90 -6.07 33.33
CA VAL H 415 -40.29 -4.70 33.05
C VAL H 415 -41.81 -4.59 33.07
N GLY H 416 -42.49 -5.72 32.92
CA GLY H 416 -43.93 -5.70 33.02
C GLY H 416 -44.34 -5.60 34.47
N LEU H 417 -43.44 -5.95 35.37
CA LEU H 417 -43.79 -6.06 36.78
C LEU H 417 -43.67 -4.72 37.49
N LEU H 418 -42.65 -3.95 37.18
CA LEU H 418 -42.35 -2.81 38.03
C LEU H 418 -43.27 -1.65 37.74
N ILE H 419 -43.96 -1.69 36.60
CA ILE H 419 -45.06 -0.76 36.44
C ILE H 419 -46.26 -1.16 37.27
N ALA H 420 -46.36 -2.44 37.62
CA ALA H 420 -47.58 -2.89 38.28
C ALA H 420 -47.62 -2.44 39.72
N LEU H 421 -46.48 -2.30 40.39
CA LEU H 421 -46.59 -1.64 41.68
C LEU H 421 -46.78 -0.15 41.52
N ALA H 422 -46.38 0.39 40.38
CA ALA H 422 -46.51 1.83 40.19
C ALA H 422 -47.95 2.19 39.90
N VAL H 423 -48.71 1.29 39.29
CA VAL H 423 -50.02 1.70 38.82
C VAL H 423 -50.99 1.78 39.98
N LEU H 424 -50.87 0.89 40.97
CA LEU H 424 -51.91 0.87 41.99
C LEU H 424 -51.59 1.84 43.10
N ILE H 425 -50.30 2.08 43.35
CA ILE H 425 -49.91 2.97 44.43
C ILE H 425 -50.21 4.40 44.05
N LEU H 426 -50.41 4.62 42.74
CA LEU H 426 -51.11 5.80 42.28
C LEU H 426 -52.53 5.82 42.85
N VAL H 427 -53.25 4.72 42.69
CA VAL H 427 -54.70 4.77 42.81
C VAL H 427 -55.11 4.79 44.28
N ILE H 428 -54.28 4.20 45.14
CA ILE H 428 -54.68 3.96 46.53
C ILE H 428 -54.82 5.26 47.30
N VAL H 429 -54.15 6.31 46.83
CA VAL H 429 -54.37 7.62 47.43
C VAL H 429 -55.34 8.41 46.59
N THR H 430 -55.55 7.98 45.35
CA THR H 430 -56.40 8.73 44.43
C THR H 430 -57.85 8.65 44.87
N CYS H 431 -58.20 7.60 45.60
CA CYS H 431 -59.50 7.60 46.26
C CYS H 431 -59.53 8.54 47.45
N ILE H 432 -58.47 8.57 48.27
CA ILE H 432 -58.59 9.22 49.58
C ILE H 432 -58.47 10.71 49.46
N THR H 433 -58.22 11.22 48.27
CA THR H 433 -58.08 12.65 48.08
C THR H 433 -59.42 13.23 47.61
N LEU H 434 -60.47 12.46 47.84
CA LEU H 434 -61.80 12.95 47.61
C LEU H 434 -62.51 12.85 48.95
N ARG H 435 -61.78 13.20 50.00
CA ARG H 435 -62.33 13.27 51.34
C ARG H 435 -63.12 14.55 51.42
N ASN I 1 -11.86 -33.51 -66.93
CA ASN I 1 -12.70 -34.33 -67.79
C ASN I 1 -13.54 -33.45 -68.72
N ALA I 2 -13.66 -32.18 -68.34
CA ALA I 2 -14.32 -31.17 -69.17
C ALA I 2 -13.40 -30.05 -69.55
N TYR I 3 -12.12 -30.12 -69.20
CA TYR I 3 -11.14 -29.07 -69.46
C TYR I 3 -10.57 -29.11 -70.86
N LYS I 4 -11.12 -29.94 -71.74
CA LYS I 4 -10.67 -29.99 -73.13
C LYS I 4 -11.31 -28.91 -73.99
N LEU I 5 -11.88 -27.87 -73.38
CA LEU I 5 -12.50 -26.78 -74.11
C LEU I 5 -11.95 -25.42 -73.72
N THR I 6 -11.07 -25.33 -72.73
CA THR I 6 -10.58 -24.06 -72.22
C THR I 6 -9.06 -23.98 -72.39
N ARG I 7 -8.50 -22.84 -72.02
CA ARG I 7 -7.08 -22.58 -72.18
C ARG I 7 -6.57 -21.76 -71.01
N PRO I 8 -5.27 -21.80 -70.75
CA PRO I 8 -4.65 -20.77 -69.90
C PRO I 8 -4.66 -19.43 -70.61
N TYR I 9 -4.61 -18.35 -69.84
CA TYR I 9 -4.62 -17.02 -70.43
C TYR I 9 -3.81 -16.08 -69.58
N VAL I 10 -3.59 -14.89 -70.11
CA VAL I 10 -2.81 -13.86 -69.43
C VAL I 10 -3.69 -12.64 -69.22
N ALA I 11 -3.29 -11.81 -68.26
CA ALA I 11 -4.08 -10.65 -67.86
C ALA I 11 -3.18 -9.65 -67.17
N TYR I 12 -3.80 -8.62 -66.61
CA TYR I 12 -3.17 -7.57 -65.83
C TYR I 12 -2.93 -8.07 -64.40
N CYS I 13 -2.08 -7.36 -63.68
CA CYS I 13 -1.81 -7.71 -62.29
C CYS I 13 -1.52 -6.44 -61.52
N ALA I 14 -1.48 -6.57 -60.19
CA ALA I 14 -1.22 -5.40 -59.36
C ALA I 14 0.25 -4.99 -59.44
N ASP I 15 1.15 -5.85 -58.98
CA ASP I 15 2.57 -5.59 -59.04
C ASP I 15 3.27 -6.76 -59.71
N CYS I 16 4.57 -6.59 -59.96
CA CYS I 16 5.35 -7.56 -60.71
C CYS I 16 6.35 -8.27 -59.82
N GLY I 17 6.53 -7.80 -58.59
CA GLY I 17 7.62 -8.23 -57.73
C GLY I 17 8.69 -7.18 -57.58
N MET I 18 8.79 -6.27 -58.54
CA MET I 18 9.75 -5.17 -58.48
C MET I 18 9.12 -3.87 -58.03
N GLY I 19 7.82 -3.69 -58.22
CA GLY I 19 7.20 -2.40 -57.95
C GLY I 19 6.79 -1.68 -59.22
N HIS I 20 6.25 -2.42 -60.18
CA HIS I 20 5.78 -1.87 -61.44
C HIS I 20 4.56 -2.69 -61.87
N SER I 21 4.20 -2.59 -63.15
CA SER I 21 2.87 -2.96 -63.61
C SER I 21 2.93 -3.92 -64.80
N CYS I 22 3.66 -5.03 -64.64
CA CYS I 22 3.87 -6.00 -65.71
C CYS I 22 2.56 -6.66 -66.14
N HIS I 23 2.67 -7.45 -67.22
CA HIS I 23 1.66 -8.44 -67.59
C HIS I 23 2.31 -9.81 -67.44
N SER I 24 1.63 -10.73 -66.76
CA SER I 24 2.27 -11.98 -66.38
C SER I 24 1.22 -13.08 -66.33
N PRO I 25 1.59 -14.33 -66.65
CA PRO I 25 0.59 -15.39 -66.75
C PRO I 25 0.14 -15.97 -65.42
N ALA I 26 0.41 -15.30 -64.31
CA ALA I 26 -0.04 -15.80 -63.02
C ALA I 26 -0.51 -14.61 -62.18
N MET I 27 -1.81 -14.37 -62.16
CA MET I 27 -2.40 -13.39 -61.25
C MET I 27 -3.55 -14.04 -60.50
N ILE I 28 -3.91 -13.42 -59.38
CA ILE I 28 -4.77 -14.02 -58.37
C ILE I 28 -6.03 -13.17 -58.25
N GLU I 29 -7.15 -13.84 -57.96
CA GLU I 29 -8.35 -13.19 -57.46
C GLU I 29 -9.13 -14.20 -56.65
N ASN I 30 -10.05 -13.69 -55.81
CA ASN I 30 -10.98 -14.50 -55.02
C ASN I 30 -10.31 -15.51 -54.12
N VAL I 31 -9.71 -15.04 -53.03
CA VAL I 31 -8.92 -15.88 -52.14
C VAL I 31 -9.75 -16.36 -50.95
N GLN I 32 -11.07 -16.52 -51.18
CA GLN I 32 -12.07 -16.83 -50.15
C GLN I 32 -11.68 -17.99 -49.25
N ALA I 33 -12.03 -17.87 -47.97
CA ALA I 33 -11.57 -18.77 -46.92
C ALA I 33 -12.68 -19.11 -45.93
N ASP I 34 -13.84 -19.54 -46.42
CA ASP I 34 -14.98 -19.75 -45.54
C ASP I 34 -14.95 -21.07 -44.75
N ALA I 35 -13.82 -21.72 -44.58
CA ALA I 35 -13.74 -22.84 -43.65
C ALA I 35 -13.24 -22.36 -42.29
N THR I 36 -13.36 -23.24 -41.29
CA THR I 36 -13.02 -22.86 -39.92
C THR I 36 -11.72 -23.46 -39.40
N ASP I 37 -11.14 -24.44 -40.07
CA ASP I 37 -9.85 -24.94 -39.63
C ASP I 37 -8.68 -24.07 -40.07
N GLY I 38 -8.94 -22.98 -40.77
CA GLY I 38 -7.86 -22.08 -41.14
C GLY I 38 -7.07 -22.57 -42.32
N THR I 39 -7.73 -22.76 -43.45
CA THR I 39 -7.06 -22.98 -44.72
C THR I 39 -7.77 -22.17 -45.77
N LEU I 40 -7.04 -21.81 -46.82
CA LEU I 40 -7.59 -20.87 -47.79
C LEU I 40 -7.42 -21.40 -49.20
N LYS I 41 -8.48 -21.24 -50.00
CA LYS I 41 -8.56 -21.70 -51.38
C LYS I 41 -8.39 -20.50 -52.28
N ILE I 42 -7.25 -20.39 -52.93
CA ILE I 42 -7.06 -19.25 -53.82
C ILE I 42 -7.14 -19.73 -55.26
N GLN I 43 -7.66 -18.84 -56.10
CA GLN I 43 -7.99 -19.13 -57.50
C GLN I 43 -6.94 -18.52 -58.40
N PHE I 44 -6.52 -19.29 -59.40
CA PHE I 44 -5.25 -19.10 -60.07
C PHE I 44 -5.50 -19.10 -61.58
N ALA I 45 -4.87 -18.16 -62.28
CA ALA I 45 -5.25 -17.88 -63.67
C ALA I 45 -4.75 -18.94 -64.64
N SER I 46 -3.56 -19.48 -64.41
CA SER I 46 -3.07 -20.58 -65.23
C SER I 46 -3.73 -21.88 -64.79
N GLN I 47 -3.39 -22.96 -65.48
CA GLN I 47 -3.91 -24.28 -65.14
C GLN I 47 -2.77 -25.18 -64.69
N ILE I 48 -3.08 -26.08 -63.78
CA ILE I 48 -2.09 -27.03 -63.29
C ILE I 48 -2.58 -28.43 -63.60
N GLY I 49 -1.80 -29.44 -63.22
CA GLY I 49 -2.26 -30.80 -63.34
C GLY I 49 -2.15 -31.35 -64.74
N LEU I 50 -2.90 -30.79 -65.67
CA LEU I 50 -2.95 -31.31 -67.02
C LEU I 50 -1.71 -30.89 -67.80
N THR I 51 -1.13 -31.83 -68.55
CA THR I 51 0.00 -31.62 -69.46
C THR I 51 -0.50 -31.04 -70.77
N LYS I 52 0.32 -31.11 -71.83
CA LYS I 52 -0.10 -30.67 -73.15
C LYS I 52 -1.25 -31.55 -73.67
N THR I 53 -1.71 -31.24 -74.88
CA THR I 53 -3.13 -31.08 -75.21
C THR I 53 -4.13 -31.94 -74.44
N ASP I 54 -3.97 -33.26 -74.40
CA ASP I 54 -4.94 -34.09 -73.69
C ASP I 54 -4.33 -35.42 -73.24
N THR I 55 -3.91 -35.47 -71.98
CA THR I 55 -3.89 -36.67 -71.14
C THR I 55 -3.71 -36.24 -69.70
N HIS I 56 -4.01 -37.14 -68.78
CA HIS I 56 -3.96 -36.83 -67.36
C HIS I 56 -2.54 -37.05 -66.85
N ASP I 57 -2.18 -36.29 -65.81
CA ASP I 57 -0.79 -36.20 -65.39
C ASP I 57 -0.78 -35.60 -63.99
N HIS I 58 0.29 -35.86 -63.25
CA HIS I 58 0.49 -35.29 -61.93
C HIS I 58 1.78 -34.49 -61.82
N THR I 59 2.38 -34.11 -62.94
CA THR I 59 3.71 -33.52 -62.85
C THR I 59 3.86 -32.20 -63.62
N LYS I 60 3.24 -32.09 -64.79
CA LYS I 60 3.45 -30.93 -65.65
C LYS I 60 2.26 -29.98 -65.57
N ILE I 61 2.54 -28.68 -65.37
CA ILE I 61 1.51 -27.64 -65.44
C ILE I 61 1.40 -27.12 -66.86
N ARG I 62 0.34 -26.37 -67.14
CA ARG I 62 0.09 -25.83 -68.47
C ARG I 62 -0.09 -24.32 -68.37
N TYR I 63 0.77 -23.55 -69.03
CA TYR I 63 0.57 -22.11 -69.07
C TYR I 63 0.66 -21.61 -70.50
N ALA I 64 0.42 -20.31 -70.66
CA ALA I 64 0.24 -19.70 -71.97
C ALA I 64 1.31 -18.66 -72.24
N GLU I 65 1.57 -18.42 -73.52
CA GLU I 65 2.60 -17.48 -73.95
C GLU I 65 2.27 -17.04 -75.38
N GLY I 66 1.84 -15.80 -75.51
CA GLY I 66 1.74 -15.17 -76.81
C GLY I 66 0.53 -15.65 -77.59
N HIS I 67 0.66 -16.82 -78.19
CA HIS I 67 -0.46 -17.49 -78.83
C HIS I 67 -0.45 -18.99 -78.61
N ASP I 68 0.52 -19.54 -77.90
CA ASP I 68 0.74 -20.97 -77.92
C ASP I 68 0.71 -21.49 -76.48
N ILE I 69 1.06 -22.76 -76.31
CA ILE I 69 0.90 -23.48 -75.06
C ILE I 69 2.26 -24.01 -74.63
N ALA I 70 2.65 -23.76 -73.39
CA ALA I 70 3.95 -24.22 -72.90
C ALA I 70 3.74 -25.16 -71.71
N GLU I 71 4.83 -25.54 -71.05
CA GLU I 71 4.73 -26.40 -69.88
C GLU I 71 5.88 -26.14 -68.93
N ALA I 72 5.67 -26.48 -67.66
CA ALA I 72 6.71 -26.40 -66.65
C ALA I 72 6.43 -27.45 -65.57
N ALA I 73 7.34 -27.56 -64.62
CA ALA I 73 7.34 -28.66 -63.65
C ALA I 73 6.68 -28.22 -62.35
N ARG I 74 5.91 -29.13 -61.75
CA ARG I 74 5.14 -28.76 -60.56
C ARG I 74 6.03 -28.63 -59.34
N SER I 75 7.19 -29.29 -59.33
CA SER I 75 8.06 -29.28 -58.15
C SER I 75 8.75 -27.97 -57.91
N THR I 76 8.46 -26.88 -58.59
CA THR I 76 8.98 -25.59 -58.17
C THR I 76 7.81 -24.62 -58.06
N LEU I 77 6.76 -25.01 -57.34
CA LEU I 77 5.59 -24.16 -57.10
C LEU I 77 5.70 -23.62 -55.68
N LYS I 78 5.78 -22.30 -55.55
CA LYS I 78 6.03 -21.65 -54.27
C LYS I 78 4.91 -20.68 -53.94
N VAL I 79 4.57 -20.58 -52.65
CA VAL I 79 3.74 -19.50 -52.16
C VAL I 79 4.40 -18.88 -50.93
N HIS I 80 4.02 -17.65 -50.64
CA HIS I 80 4.52 -16.95 -49.46
C HIS I 80 3.43 -16.05 -48.90
N SER I 81 3.31 -16.01 -47.57
CA SER I 81 2.42 -15.07 -46.93
C SER I 81 3.18 -14.05 -46.09
N SER I 82 3.93 -14.50 -45.09
CA SER I 82 5.07 -13.74 -44.61
C SER I 82 6.29 -14.61 -44.36
N SER I 83 6.10 -15.90 -44.12
CA SER I 83 7.10 -16.93 -44.22
C SER I 83 6.64 -17.94 -45.27
N GLU I 84 7.32 -19.07 -45.36
CA GLU I 84 6.87 -20.11 -46.27
C GLU I 84 5.65 -20.81 -45.70
N CYS I 85 4.87 -21.41 -46.58
CA CYS I 85 3.73 -22.20 -46.17
C CYS I 85 3.42 -23.24 -47.23
N ALA I 86 3.08 -24.44 -46.79
CA ALA I 86 3.07 -25.60 -47.67
C ALA I 86 1.73 -25.79 -48.35
N VAL I 87 1.76 -26.49 -49.47
CA VAL I 87 0.57 -26.81 -50.25
C VAL I 87 0.15 -28.24 -49.89
N THR I 88 -1.15 -28.50 -49.92
CA THR I 88 -1.69 -29.77 -49.43
C THR I 88 -2.58 -30.50 -50.43
N GLY I 89 -2.32 -30.36 -51.72
CA GLY I 89 -3.04 -31.16 -52.70
C GLY I 89 -3.94 -30.31 -53.56
N THR I 90 -3.83 -30.43 -54.89
CA THR I 90 -4.34 -29.42 -55.83
C THR I 90 -4.73 -30.10 -57.14
N MET I 91 -5.62 -29.44 -57.88
CA MET I 91 -5.92 -29.73 -59.28
C MET I 91 -6.77 -28.59 -59.84
N GLY I 92 -6.83 -28.51 -61.16
CA GLY I 92 -7.78 -27.60 -61.81
C GLY I 92 -7.24 -26.20 -61.96
N HIS I 93 -8.08 -25.21 -61.66
CA HIS I 93 -7.70 -23.80 -61.60
C HIS I 93 -7.30 -23.33 -60.22
N PHE I 94 -7.30 -24.22 -59.22
CA PHE I 94 -7.36 -23.83 -57.82
C PHE I 94 -6.17 -24.38 -57.08
N ILE I 95 -5.64 -23.63 -56.10
CA ILE I 95 -4.72 -24.20 -55.14
C ILE I 95 -5.22 -23.81 -53.75
N LEU I 96 -4.76 -24.52 -52.73
CA LEU I 96 -5.28 -24.30 -51.38
C LEU I 96 -4.23 -24.62 -50.34
N ALA I 97 -4.11 -23.76 -49.32
CA ALA I 97 -2.91 -23.73 -48.50
C ALA I 97 -3.24 -23.45 -47.03
N LYS I 98 -2.19 -23.58 -46.20
CA LYS I 98 -2.18 -23.41 -44.75
C LYS I 98 -1.13 -22.37 -44.40
N CYS I 99 -1.52 -21.13 -44.16
CA CYS I 99 -0.44 -20.15 -44.08
C CYS I 99 -0.52 -19.28 -42.83
N PRO I 100 0.63 -18.93 -42.26
CA PRO I 100 0.69 -18.05 -41.06
C PRO I 100 0.28 -16.62 -41.39
N PRO I 101 -0.05 -15.79 -40.40
CA PRO I 101 -0.65 -14.48 -40.69
C PRO I 101 0.30 -13.49 -41.34
N GLY I 102 -0.29 -12.44 -41.87
CA GLY I 102 0.46 -11.42 -42.60
C GLY I 102 -0.47 -10.49 -43.34
N GLU I 103 0.04 -9.89 -44.41
CA GLU I 103 -0.71 -8.92 -45.19
C GLU I 103 -0.70 -9.15 -46.70
N VAL I 104 0.14 -10.02 -47.22
CA VAL I 104 0.15 -10.34 -48.63
C VAL I 104 0.13 -11.84 -48.80
N ILE I 105 -0.27 -12.29 -49.99
CA ILE I 105 -0.17 -13.67 -50.41
C ILE I 105 0.37 -13.68 -51.82
N SER I 106 1.46 -14.41 -52.04
CA SER I 106 2.13 -14.43 -53.32
C SER I 106 2.28 -15.87 -53.81
N VAL I 107 2.06 -16.05 -55.12
CA VAL I 107 2.09 -17.34 -55.79
C VAL I 107 3.06 -17.25 -56.95
N SER I 108 3.99 -18.19 -57.05
CA SER I 108 4.99 -18.14 -58.09
C SER I 108 5.42 -19.53 -58.49
N PHE I 109 6.10 -19.61 -59.64
CA PHE I 109 6.73 -20.83 -60.12
C PHE I 109 7.84 -20.42 -61.09
N VAL I 110 8.38 -21.39 -61.82
CA VAL I 110 9.45 -21.18 -62.78
C VAL I 110 8.93 -21.52 -64.18
N ASP I 111 9.06 -20.58 -65.12
CA ASP I 111 8.65 -20.82 -66.49
C ASP I 111 9.73 -21.54 -67.29
N SER I 112 9.63 -21.49 -68.63
CA SER I 112 10.38 -22.35 -69.52
C SER I 112 11.89 -22.15 -69.40
N LYS I 113 12.38 -20.96 -69.74
CA LYS I 113 13.81 -20.74 -69.91
C LYS I 113 14.47 -20.15 -68.68
N ASN I 114 14.04 -20.62 -67.50
CA ASN I 114 14.61 -20.31 -66.18
C ASN I 114 14.49 -18.81 -65.87
N GLU I 115 13.24 -18.39 -65.76
CA GLU I 115 12.89 -17.08 -65.21
C GLU I 115 11.80 -17.28 -64.17
N GLN I 116 11.34 -16.19 -63.58
CA GLN I 116 10.36 -16.24 -62.51
C GLN I 116 9.16 -15.37 -62.83
N ARG I 117 8.01 -15.76 -62.28
CA ARG I 117 6.73 -15.09 -62.53
C ARG I 117 6.05 -14.88 -61.18
N THR I 118 5.94 -13.63 -60.74
CA THR I 118 5.38 -13.35 -59.43
C THR I 118 4.12 -12.49 -59.56
N CYS I 119 3.43 -12.36 -58.43
CA CYS I 119 2.24 -11.53 -58.24
C CYS I 119 1.98 -11.42 -56.75
N ARG I 120 1.63 -10.22 -56.29
CA ARG I 120 1.39 -9.96 -54.88
C ARG I 120 0.12 -9.14 -54.73
N ILE I 121 -0.87 -9.68 -54.04
CA ILE I 121 -2.09 -8.93 -53.76
C ILE I 121 -2.19 -8.74 -52.26
N ALA I 122 -3.25 -8.07 -51.81
CA ALA I 122 -3.42 -7.73 -50.40
C ALA I 122 -4.58 -8.52 -49.82
N TYR I 123 -4.36 -9.09 -48.63
CA TYR I 123 -5.38 -9.85 -47.90
C TYR I 123 -4.96 -9.97 -46.44
N HIS I 124 -5.93 -10.15 -45.55
CA HIS I 124 -5.74 -10.05 -44.10
C HIS I 124 -6.53 -11.13 -43.39
N HIS I 125 -5.90 -11.87 -42.48
CA HIS I 125 -6.61 -12.90 -41.71
C HIS I 125 -5.89 -13.19 -40.40
N GLU I 126 -6.51 -14.04 -39.59
CA GLU I 126 -5.98 -14.50 -38.30
C GLU I 126 -6.47 -15.93 -38.07
N GLN I 127 -6.37 -16.43 -36.84
CA GLN I 127 -6.48 -17.86 -36.57
C GLN I 127 -7.86 -18.34 -36.10
N ARG I 128 -8.80 -17.43 -35.82
CA ARG I 128 -10.22 -17.67 -35.59
C ARG I 128 -10.59 -18.33 -34.25
N LEU I 129 -9.61 -18.87 -33.51
CA LEU I 129 -9.68 -19.18 -32.07
C LEU I 129 -10.86 -20.08 -31.69
N ILE I 130 -10.85 -21.30 -32.22
CA ILE I 130 -11.90 -22.25 -31.90
C ILE I 130 -11.56 -22.94 -30.58
N GLY I 131 -12.50 -22.91 -29.64
CA GLY I 131 -12.20 -23.24 -28.26
C GLY I 131 -12.21 -22.00 -27.38
N ARG I 132 -11.50 -22.03 -26.24
CA ARG I 132 -11.23 -20.81 -25.47
C ARG I 132 -9.75 -20.78 -25.09
N GLU I 133 -8.90 -20.40 -26.05
CA GLU I 133 -7.44 -20.35 -25.93
C GLU I 133 -6.85 -19.85 -27.24
N ARG I 134 -5.51 -19.76 -27.35
CA ARG I 134 -4.85 -19.44 -28.63
C ARG I 134 -3.58 -20.27 -28.76
N PHE I 135 -3.60 -21.30 -29.64
CA PHE I 135 -2.47 -22.17 -29.89
C PHE I 135 -2.01 -22.00 -31.34
N THR I 136 -1.05 -22.82 -31.76
CA THR I 136 -0.74 -22.90 -33.19
C THR I 136 -0.83 -24.30 -33.76
N VAL I 137 -0.29 -25.31 -33.07
CA VAL I 137 -0.29 -26.68 -33.57
C VAL I 137 -1.03 -27.58 -32.58
N ARG I 138 -1.67 -28.62 -33.11
CA ARG I 138 -2.54 -29.44 -32.26
C ARG I 138 -1.72 -30.34 -31.34
N PRO I 139 -2.00 -30.34 -30.05
CA PRO I 139 -1.28 -31.20 -29.12
C PRO I 139 -1.84 -32.62 -29.06
N HIS I 140 -1.39 -33.40 -28.09
CA HIS I 140 -1.60 -34.84 -28.09
C HIS I 140 -2.40 -35.35 -26.88
N HIS I 141 -3.33 -34.54 -26.36
CA HIS I 141 -4.45 -34.98 -25.52
C HIS I 141 -5.42 -33.82 -25.38
N GLY I 142 -6.69 -34.14 -25.21
CA GLY I 142 -7.68 -33.13 -24.90
C GLY I 142 -9.01 -33.40 -25.59
N ILE I 143 -9.88 -32.41 -25.49
CA ILE I 143 -11.25 -32.52 -25.97
C ILE I 143 -11.28 -32.43 -27.50
N GLU I 144 -12.30 -33.06 -28.10
CA GLU I 144 -12.64 -32.86 -29.50
C GLU I 144 -13.91 -32.03 -29.61
N LEU I 145 -13.94 -31.15 -30.60
CA LEU I 145 -14.97 -30.15 -30.82
C LEU I 145 -15.46 -30.26 -32.25
N PRO I 146 -16.57 -29.61 -32.60
CA PRO I 146 -16.96 -29.56 -34.02
C PRO I 146 -16.25 -28.47 -34.81
N CYS I 147 -15.78 -28.84 -36.00
CA CYS I 147 -15.08 -27.95 -36.93
C CYS I 147 -15.55 -28.27 -38.34
N THR I 148 -15.14 -27.44 -39.32
CA THR I 148 -15.56 -27.62 -40.72
C THR I 148 -14.38 -27.49 -41.65
N THR I 149 -14.23 -28.43 -42.60
CA THR I 149 -13.02 -28.44 -43.41
C THR I 149 -13.31 -28.89 -44.84
N TYR I 150 -12.27 -28.83 -45.68
CA TYR I 150 -12.37 -29.15 -47.10
C TYR I 150 -12.07 -30.62 -47.40
N GLN I 151 -12.86 -31.19 -48.32
CA GLN I 151 -12.60 -32.50 -48.89
C GLN I 151 -11.49 -32.42 -49.92
N LEU I 152 -10.98 -33.60 -50.28
CA LEU I 152 -9.95 -33.75 -51.33
C LEU I 152 -10.41 -34.76 -52.37
N THR I 153 -11.67 -34.66 -52.78
CA THR I 153 -12.32 -35.56 -53.73
C THR I 153 -12.48 -34.79 -55.06
N THR I 154 -13.20 -35.37 -56.03
CA THR I 154 -13.35 -34.84 -57.37
C THR I 154 -14.80 -34.64 -57.78
N ALA I 155 -15.69 -35.54 -57.41
CA ALA I 155 -17.11 -35.41 -57.75
C ALA I 155 -17.74 -34.29 -56.93
N GLU I 156 -18.71 -33.61 -57.54
CA GLU I 156 -19.14 -32.30 -57.07
C GLU I 156 -20.66 -32.28 -56.89
N THR I 157 -21.13 -31.36 -56.05
CA THR I 157 -22.52 -31.31 -55.61
C THR I 157 -23.14 -29.98 -56.06
N SER I 158 -23.00 -29.69 -57.36
CA SER I 158 -23.77 -28.66 -58.08
C SER I 158 -23.50 -27.23 -57.58
N GLU I 159 -22.26 -26.78 -57.76
CA GLU I 159 -21.95 -25.36 -57.84
C GLU I 159 -20.79 -25.18 -58.81
N GLU I 160 -20.88 -24.12 -59.63
CA GLU I 160 -20.08 -24.01 -60.84
C GLU I 160 -19.67 -22.57 -61.07
N ILE I 161 -18.92 -22.33 -62.16
CA ILE I 161 -18.56 -20.99 -62.59
C ILE I 161 -18.87 -20.82 -64.06
N ASP I 162 -18.92 -19.56 -64.49
CA ASP I 162 -19.31 -19.23 -65.85
C ASP I 162 -18.16 -19.48 -66.82
N MET I 163 -18.49 -19.45 -68.11
CA MET I 163 -17.51 -19.73 -69.16
C MET I 163 -17.95 -18.99 -70.41
N HIS I 164 -17.00 -18.65 -71.29
CA HIS I 164 -17.27 -17.71 -72.36
C HIS I 164 -16.31 -17.98 -73.51
N MET I 165 -16.54 -17.33 -74.65
CA MET I 165 -15.69 -17.49 -75.83
C MET I 165 -14.81 -16.27 -76.03
N PRO I 166 -13.55 -16.45 -76.40
CA PRO I 166 -12.57 -15.36 -76.29
C PRO I 166 -12.77 -14.29 -77.35
N PRO I 167 -12.31 -13.06 -77.08
CA PRO I 167 -12.44 -11.99 -78.08
C PRO I 167 -11.24 -11.93 -79.00
N ASP I 168 -11.29 -10.98 -79.93
CA ASP I 168 -10.24 -10.81 -80.93
C ASP I 168 -9.01 -10.17 -80.30
N ILE I 169 -7.86 -10.45 -80.91
CA ILE I 169 -6.59 -9.93 -80.39
C ILE I 169 -5.83 -9.21 -81.51
N PRO I 170 -5.39 -7.97 -81.28
CA PRO I 170 -4.57 -7.29 -82.27
C PRO I 170 -3.09 -7.61 -82.09
N ASP I 171 -2.32 -7.31 -83.14
CA ASP I 171 -0.90 -7.62 -83.16
C ASP I 171 -0.20 -6.70 -84.15
N ARG I 172 1.06 -6.37 -83.86
CA ARG I 172 1.90 -5.59 -84.76
C ARG I 172 3.22 -6.26 -85.08
N THR I 173 3.38 -7.55 -84.77
CA THR I 173 4.50 -8.30 -85.31
C THR I 173 4.19 -8.77 -86.73
N ILE I 174 2.91 -8.81 -87.09
CA ILE I 174 2.48 -9.20 -88.43
C ILE I 174 2.91 -8.16 -89.46
N LEU I 175 2.80 -6.88 -89.11
CA LEU I 175 2.95 -5.80 -90.07
C LEU I 175 4.41 -5.57 -90.48
N SER I 176 4.60 -5.14 -91.72
CA SER I 176 5.88 -4.71 -92.26
C SER I 176 5.62 -3.94 -93.55
N GLN I 177 6.64 -3.20 -93.99
CA GLN I 177 6.63 -2.50 -95.27
C GLN I 177 7.32 -3.37 -96.31
N GLN I 178 7.25 -2.92 -97.56
CA GLN I 178 8.01 -3.55 -98.63
C GLN I 178 8.60 -2.46 -99.53
N SER I 179 9.07 -1.37 -98.91
CA SER I 179 9.52 -0.14 -99.56
C SER I 179 8.46 0.39 -100.53
N GLY I 180 7.33 0.78 -99.96
CA GLY I 180 6.15 0.98 -100.78
C GLY I 180 4.93 0.29 -100.23
N ASN I 181 4.47 -0.73 -100.93
CA ASN I 181 3.19 -1.38 -100.68
C ASN I 181 3.19 -2.12 -99.34
N VAL I 182 2.00 -2.56 -98.94
CA VAL I 182 1.74 -3.09 -97.61
C VAL I 182 1.55 -4.60 -97.74
N LYS I 183 2.05 -5.34 -96.75
CA LYS I 183 1.83 -6.79 -96.77
C LYS I 183 1.55 -7.35 -95.39
N ILE I 184 0.48 -8.14 -95.30
CA ILE I 184 0.15 -8.89 -94.09
C ILE I 184 0.90 -10.22 -94.13
N THR I 185 1.75 -10.44 -93.13
CA THR I 185 2.57 -11.65 -93.06
C THR I 185 1.93 -12.59 -92.04
N VAL I 186 1.19 -13.57 -92.54
CA VAL I 186 0.48 -14.54 -91.72
C VAL I 186 1.41 -15.72 -91.46
N ASN I 187 1.35 -16.30 -90.26
CA ASN I 187 2.10 -17.51 -89.96
C ASN I 187 1.18 -18.72 -89.83
N GLY I 188 -0.01 -18.66 -90.42
CA GLY I 188 -0.80 -19.86 -90.57
C GLY I 188 -2.07 -19.99 -89.75
N ARG I 189 -2.68 -18.86 -89.37
CA ARG I 189 -3.98 -18.87 -88.72
C ARG I 189 -4.84 -17.74 -89.28
N THR I 190 -6.15 -17.89 -89.15
CA THR I 190 -7.10 -17.02 -89.86
C THR I 190 -7.11 -15.61 -89.30
N VAL I 191 -7.04 -14.63 -90.20
CA VAL I 191 -6.85 -13.22 -89.86
C VAL I 191 -7.79 -12.38 -90.72
N LYS I 192 -8.61 -11.55 -90.09
CA LYS I 192 -9.41 -10.56 -90.79
C LYS I 192 -9.14 -9.21 -90.15
N TYR I 193 -8.91 -8.21 -90.99
CA TYR I 193 -8.20 -7.00 -90.58
C TYR I 193 -8.82 -5.79 -91.27
N SER I 194 -8.14 -4.63 -91.17
CA SER I 194 -8.67 -3.39 -91.74
C SER I 194 -7.57 -2.37 -92.03
N CYS I 195 -7.69 -1.70 -93.17
CA CYS I 195 -7.08 -0.40 -93.45
C CYS I 195 -7.98 0.50 -94.30
N SER I 196 -7.81 1.79 -94.06
CA SER I 196 -8.71 2.85 -94.49
C SER I 196 -7.89 3.96 -95.15
N CYS I 197 -7.03 3.57 -96.08
CA CYS I 197 -5.94 4.42 -96.55
C CYS I 197 -6.07 4.74 -98.03
N PRO I 201 -9.77 -5.75 -96.33
CA PRO I 201 -10.56 -6.07 -95.13
C PRO I 201 -11.70 -7.06 -95.39
N SER I 202 -11.36 -8.34 -95.48
CA SER I 202 -12.36 -9.41 -95.55
C SER I 202 -11.71 -10.68 -95.02
N GLY I 203 -12.52 -11.74 -94.89
CA GLY I 203 -12.05 -12.97 -94.29
C GLY I 203 -11.14 -13.79 -95.17
N THR I 204 -9.84 -13.78 -94.86
CA THR I 204 -8.81 -14.40 -95.70
C THR I 204 -8.13 -15.50 -94.89
N THR I 205 -8.70 -16.70 -94.92
CA THR I 205 -8.14 -17.81 -94.17
C THR I 205 -7.01 -18.48 -94.95
N THR I 206 -5.88 -18.68 -94.26
CA THR I 206 -4.69 -19.41 -94.70
C THR I 206 -4.19 -18.96 -96.08
N THR I 207 -4.09 -17.64 -96.25
CA THR I 207 -3.66 -17.07 -97.52
C THR I 207 -2.89 -15.77 -97.23
N ASP I 208 -1.59 -15.79 -97.53
CA ASP I 208 -0.73 -14.65 -97.28
C ASP I 208 -0.82 -13.63 -98.42
N LYS I 209 -1.57 -12.54 -98.22
CA LYS I 209 -1.85 -11.57 -99.27
C LYS I 209 -1.03 -10.30 -99.12
N THR I 210 -1.16 -9.42 -100.11
CA THR I 210 -0.40 -8.17 -100.19
C THR I 210 -1.26 -7.12 -100.90
N ILE I 211 -1.69 -6.10 -100.15
CA ILE I 211 -2.52 -5.03 -100.71
C ILE I 211 -1.74 -3.72 -100.74
N ASN I 212 -1.86 -2.99 -101.86
CA ASN I 212 -0.87 -2.02 -102.29
C ASN I 212 -1.14 -0.60 -101.77
N SER I 213 -0.08 0.22 -101.80
CA SER I 213 -0.13 1.69 -101.76
C SER I 213 -0.64 2.26 -100.45
N CYS I 214 0.11 2.04 -99.37
CA CYS I 214 -0.12 2.76 -98.13
C CYS I 214 1.14 2.74 -97.28
N THR I 215 1.07 3.43 -96.14
CA THR I 215 2.11 3.50 -95.12
C THR I 215 1.71 2.60 -93.95
N VAL I 216 2.66 2.27 -93.07
CA VAL I 216 2.30 1.71 -91.78
C VAL I 216 2.01 2.90 -90.86
N ASP I 217 0.83 3.45 -91.04
CA ASP I 217 0.19 4.35 -90.09
C ASP I 217 -1.31 4.13 -90.10
N LYS I 218 -1.81 3.24 -90.95
CA LYS I 218 -3.22 3.19 -91.29
C LYS I 218 -3.81 1.79 -91.38
N CYS I 219 -3.07 0.73 -91.06
CA CYS I 219 -3.64 -0.61 -91.23
C CYS I 219 -3.55 -1.41 -89.94
N GLN I 220 -4.65 -2.13 -89.68
CA GLN I 220 -5.03 -2.60 -88.35
C GLN I 220 -5.39 -4.07 -88.48
N ALA I 221 -4.81 -4.93 -87.64
CA ALA I 221 -4.99 -6.37 -87.76
C ALA I 221 -5.65 -6.97 -86.52
N TYR I 222 -6.31 -8.12 -86.71
CA TYR I 222 -6.97 -8.85 -85.64
C TYR I 222 -6.95 -10.34 -85.94
N VAL I 223 -6.67 -11.15 -84.91
CA VAL I 223 -6.62 -12.60 -85.02
C VAL I 223 -7.73 -13.18 -84.15
N THR I 224 -8.48 -14.13 -84.69
CA THR I 224 -9.53 -14.79 -83.92
C THR I 224 -9.07 -16.16 -83.44
N SER I 225 -9.75 -16.64 -82.39
CA SER I 225 -9.38 -17.88 -81.70
C SER I 225 -10.62 -18.73 -81.43
N HIS I 226 -11.41 -18.95 -82.46
CA HIS I 226 -12.76 -19.51 -82.42
C HIS I 226 -12.84 -21.01 -81.88
N THR I 227 -11.78 -21.70 -81.46
CA THR I 227 -11.91 -23.12 -81.10
C THR I 227 -12.23 -23.34 -79.62
N LYS I 228 -11.39 -22.86 -78.70
CA LYS I 228 -11.54 -23.15 -77.28
C LYS I 228 -12.23 -21.99 -76.55
N TRP I 229 -12.40 -22.15 -75.24
CA TRP I 229 -13.16 -21.19 -74.40
C TRP I 229 -12.22 -20.57 -73.35
N GLN I 230 -12.78 -19.67 -72.54
CA GLN I 230 -12.01 -18.86 -71.60
C GLN I 230 -12.95 -18.36 -70.49
N PHE I 231 -12.37 -18.10 -69.31
CA PHE I 231 -13.13 -17.67 -68.14
C PHE I 231 -13.80 -16.31 -68.37
N ASN I 232 -14.87 -16.07 -67.60
CA ASN I 232 -15.62 -14.81 -67.62
C ASN I 232 -14.98 -13.84 -66.62
N SER I 233 -13.80 -13.27 -67.02
CA SER I 233 -12.98 -12.46 -66.13
C SER I 233 -13.19 -10.97 -66.38
N PRO I 234 -13.05 -10.11 -65.35
CA PRO I 234 -13.23 -8.67 -65.57
C PRO I 234 -11.99 -7.92 -66.01
N PHE I 235 -10.95 -8.61 -66.47
CA PHE I 235 -9.74 -7.94 -66.96
C PHE I 235 -9.52 -8.10 -68.45
N VAL I 236 -10.44 -8.73 -69.17
CA VAL I 236 -10.34 -8.81 -70.63
C VAL I 236 -11.64 -8.31 -71.23
N PRO I 237 -11.63 -7.77 -72.44
CA PRO I 237 -12.89 -7.33 -73.08
C PRO I 237 -13.79 -8.50 -73.43
N ARG I 238 -15.02 -8.18 -73.80
CA ARG I 238 -16.12 -9.15 -73.66
C ARG I 238 -16.35 -10.00 -74.90
N ALA I 239 -17.00 -9.44 -75.92
CA ALA I 239 -17.58 -10.18 -77.05
C ALA I 239 -18.35 -9.21 -77.91
N GLU I 240 -19.00 -9.74 -78.93
CA GLU I 240 -20.20 -9.11 -79.46
C GLU I 240 -21.26 -9.02 -78.36
N GLN I 241 -22.11 -7.99 -78.42
CA GLN I 241 -22.85 -7.49 -77.26
C GLN I 241 -23.94 -8.44 -76.73
N ALA I 242 -24.21 -9.54 -77.42
CA ALA I 242 -25.16 -10.51 -76.89
C ALA I 242 -24.58 -11.27 -75.70
N GLU I 243 -25.47 -11.90 -74.94
CA GLU I 243 -25.13 -12.57 -73.69
C GLU I 243 -25.09 -14.08 -73.91
N ARG I 244 -23.94 -14.57 -74.37
CA ARG I 244 -23.70 -16.00 -74.54
C ARG I 244 -22.64 -16.48 -73.56
N LYS I 245 -22.78 -17.71 -73.09
CA LYS I 245 -21.95 -18.23 -72.02
C LYS I 245 -22.06 -19.76 -72.00
N GLY I 246 -21.48 -20.37 -70.98
CA GLY I 246 -21.55 -21.80 -70.75
C GLY I 246 -21.36 -22.08 -69.26
N LYS I 247 -20.79 -23.24 -68.94
CA LYS I 247 -20.63 -23.63 -67.54
C LYS I 247 -19.62 -24.78 -67.41
N VAL I 248 -18.93 -24.80 -66.26
CA VAL I 248 -18.11 -25.93 -65.81
C VAL I 248 -17.98 -25.80 -64.29
N HIS I 249 -17.70 -26.91 -63.61
CA HIS I 249 -17.84 -27.04 -62.17
C HIS I 249 -16.53 -26.74 -61.44
N ILE I 250 -16.65 -26.44 -60.15
CA ILE I 250 -15.53 -26.11 -59.28
C ILE I 250 -15.37 -27.21 -58.25
N PRO I 251 -14.18 -27.73 -58.02
CA PRO I 251 -14.03 -28.82 -57.05
C PRO I 251 -13.99 -28.36 -55.61
N PHE I 252 -13.65 -29.29 -54.71
CA PHE I 252 -13.46 -29.12 -53.27
C PHE I 252 -14.72 -28.63 -52.54
N PRO I 253 -15.70 -29.50 -52.28
CA PRO I 253 -16.83 -29.14 -51.39
C PRO I 253 -16.45 -29.14 -49.92
N LEU I 254 -17.45 -29.00 -49.05
CA LEU I 254 -17.25 -28.86 -47.62
C LEU I 254 -17.97 -29.97 -46.87
N ILE I 255 -17.41 -30.33 -45.70
CA ILE I 255 -18.08 -31.21 -44.74
C ILE I 255 -17.66 -30.82 -43.32
N ASN I 256 -18.31 -31.46 -42.35
CA ASN I 256 -18.14 -31.17 -40.93
C ASN I 256 -17.39 -32.32 -40.27
N THR I 257 -16.39 -31.98 -39.46
CA THR I 257 -15.53 -32.97 -38.82
C THR I 257 -15.16 -32.49 -37.42
N THR I 258 -14.13 -33.13 -36.86
CA THR I 258 -13.64 -32.84 -35.53
C THR I 258 -12.19 -32.35 -35.61
N CYS I 259 -11.68 -31.94 -34.45
CA CYS I 259 -10.48 -31.14 -34.31
C CYS I 259 -10.10 -31.17 -32.84
N ARG I 260 -8.82 -30.93 -32.54
CA ARG I 260 -8.32 -31.14 -31.18
C ARG I 260 -7.88 -29.82 -30.56
N VAL I 261 -7.98 -29.74 -29.22
CA VAL I 261 -7.96 -28.52 -28.42
C VAL I 261 -7.03 -28.69 -27.23
N PRO I 262 -6.25 -27.67 -26.84
CA PRO I 262 -5.13 -27.89 -25.90
C PRO I 262 -5.46 -28.26 -24.45
N LEU I 263 -6.58 -27.81 -23.87
CA LEU I 263 -6.99 -28.11 -22.48
C LEU I 263 -5.95 -27.64 -21.45
N ALA I 264 -5.95 -26.31 -21.25
CA ALA I 264 -5.19 -25.57 -20.24
C ALA I 264 -5.24 -26.20 -18.85
N PRO I 265 -4.17 -26.06 -18.00
CA PRO I 265 -4.08 -26.87 -16.77
C PRO I 265 -5.03 -26.48 -15.65
N GLU I 266 -4.85 -27.14 -14.51
CA GLU I 266 -5.85 -27.15 -13.43
C GLU I 266 -5.82 -25.86 -12.65
N ALA I 267 -6.98 -25.47 -12.13
CA ALA I 267 -7.12 -24.33 -11.23
C ALA I 267 -7.52 -24.84 -9.86
N LEU I 268 -6.71 -24.56 -8.85
CA LEU I 268 -6.95 -25.02 -7.50
C LEU I 268 -7.53 -23.88 -6.65
N VAL I 269 -8.50 -24.21 -5.81
CA VAL I 269 -9.36 -23.23 -5.17
C VAL I 269 -8.98 -23.12 -3.69
N ARG I 270 -9.27 -21.96 -3.10
CA ARG I 270 -9.00 -21.69 -1.69
C ARG I 270 -10.17 -20.90 -1.13
N SER I 271 -10.48 -21.13 0.14
CA SER I 271 -11.70 -20.62 0.76
C SER I 271 -11.40 -19.49 1.75
N GLY I 272 -12.40 -18.64 1.96
CA GLY I 272 -12.36 -17.67 3.03
C GLY I 272 -13.80 -17.35 3.39
N LYS I 273 -13.98 -16.73 4.56
CA LYS I 273 -15.33 -16.56 5.09
C LYS I 273 -16.08 -15.56 4.24
N ARG I 274 -17.14 -16.06 3.61
CA ARG I 274 -18.10 -15.46 2.69
C ARG I 274 -17.52 -15.25 1.29
N GLU I 275 -16.24 -15.56 1.03
CA GLU I 275 -15.77 -15.46 -0.35
C GLU I 275 -14.68 -16.46 -0.66
N ALA I 276 -14.73 -17.01 -1.86
CA ALA I 276 -13.75 -17.98 -2.32
C ALA I 276 -12.80 -17.30 -3.29
N THR I 277 -11.51 -17.58 -3.15
CA THR I 277 -10.52 -16.96 -4.02
C THR I 277 -9.93 -18.04 -4.91
N LEU I 278 -9.24 -17.60 -5.96
CA LEU I 278 -8.66 -18.51 -6.92
C LEU I 278 -7.15 -18.28 -7.03
N SER I 279 -6.49 -19.21 -7.70
CA SER I 279 -5.14 -19.03 -8.17
C SER I 279 -5.02 -19.72 -9.52
N LEU I 280 -4.28 -19.11 -10.43
CA LEU I 280 -4.21 -19.59 -11.80
C LEU I 280 -2.76 -19.75 -12.21
N HIS I 281 -2.54 -20.62 -13.20
CA HIS I 281 -1.21 -20.79 -13.78
C HIS I 281 -1.35 -21.11 -15.26
N PRO I 282 -1.45 -20.08 -16.10
CA PRO I 282 -1.65 -20.31 -17.52
C PRO I 282 -0.36 -20.52 -18.29
N ILE I 283 -0.44 -21.35 -19.33
CA ILE I 283 0.68 -21.51 -20.25
C ILE I 283 0.61 -20.49 -21.36
N HIS I 284 -0.59 -20.29 -21.88
CA HIS I 284 -0.90 -19.44 -23.03
C HIS I 284 -2.39 -19.15 -22.97
N PRO I 285 -2.86 -17.97 -23.44
CA PRO I 285 -4.00 -17.29 -22.80
C PRO I 285 -5.31 -18.05 -22.76
N THR I 286 -6.14 -17.69 -21.79
CA THR I 286 -7.27 -18.49 -21.36
C THR I 286 -8.44 -17.53 -21.15
N LEU I 287 -9.50 -17.97 -20.45
CA LEU I 287 -10.67 -17.13 -20.19
C LEU I 287 -11.27 -17.51 -18.85
N LEU I 288 -11.88 -16.53 -18.17
CA LEU I 288 -12.74 -16.77 -17.03
C LEU I 288 -14.13 -16.20 -17.27
N SER I 289 -15.05 -16.57 -16.39
CA SER I 289 -16.41 -16.06 -16.28
C SER I 289 -17.01 -16.62 -15.01
N TYR I 290 -18.05 -15.96 -14.51
CA TYR I 290 -18.75 -16.46 -13.34
C TYR I 290 -20.16 -15.87 -13.29
N ARG I 291 -21.14 -16.71 -12.98
CA ARG I 291 -22.49 -16.20 -12.78
C ARG I 291 -22.82 -16.13 -11.29
N THR I 292 -24.01 -15.65 -10.99
CA THR I 292 -24.58 -15.73 -9.67
C THR I 292 -26.03 -16.17 -9.81
N LEU I 293 -26.44 -17.11 -8.97
CA LEU I 293 -27.69 -17.83 -9.17
C LEU I 293 -28.82 -17.22 -8.39
N GLY I 294 -28.83 -15.90 -8.26
CA GLY I 294 -29.95 -15.15 -7.70
C GLY I 294 -30.92 -14.70 -8.77
N ARG I 295 -31.47 -13.49 -8.62
CA ARG I 295 -32.37 -12.97 -9.62
C ARG I 295 -31.71 -11.98 -10.56
N GLU I 296 -30.67 -11.28 -10.12
CA GLU I 296 -29.92 -10.38 -11.00
C GLU I 296 -28.43 -10.72 -10.90
N PRO I 297 -27.81 -11.15 -11.99
CA PRO I 297 -26.43 -11.64 -11.92
C PRO I 297 -25.44 -10.49 -11.88
N VAL I 298 -24.15 -10.85 -11.91
CA VAL I 298 -23.09 -9.84 -11.92
C VAL I 298 -22.11 -10.02 -13.09
N PHE I 299 -22.00 -11.26 -13.57
CA PHE I 299 -21.51 -11.66 -14.91
C PHE I 299 -20.25 -10.95 -15.44
N ASP I 300 -19.29 -10.66 -14.58
CA ASP I 300 -18.05 -10.11 -15.09
C ASP I 300 -17.13 -11.21 -15.63
N GLU I 301 -16.35 -10.87 -16.66
CA GLU I 301 -15.48 -11.84 -17.31
C GLU I 301 -14.40 -11.12 -18.10
N GLN I 302 -13.20 -11.70 -18.14
CA GLN I 302 -12.03 -11.00 -18.66
C GLN I 302 -10.88 -11.96 -18.95
N TRP I 303 -10.10 -11.64 -19.99
CA TRP I 303 -8.98 -12.46 -20.46
C TRP I 303 -7.77 -12.30 -19.57
N ILE I 304 -7.02 -13.39 -19.38
CA ILE I 304 -5.78 -13.34 -18.61
C ILE I 304 -4.65 -13.94 -19.43
N THR I 305 -3.42 -13.48 -19.16
CA THR I 305 -2.25 -13.96 -19.90
C THR I 305 -1.13 -14.45 -18.99
N THR I 306 -0.92 -13.80 -17.85
CA THR I 306 0.16 -14.12 -16.94
C THR I 306 -0.43 -14.48 -15.58
N GLN I 307 0.36 -15.14 -14.74
CA GLN I 307 -0.23 -15.79 -13.57
C GLN I 307 -0.48 -14.76 -12.48
N THR I 308 -1.73 -14.69 -12.04
CA THR I 308 -2.20 -13.75 -11.03
C THR I 308 -3.22 -14.50 -10.17
N GLU I 309 -4.02 -13.77 -9.42
CA GLU I 309 -5.15 -14.34 -8.72
C GLU I 309 -6.31 -13.34 -8.75
N VAL I 310 -7.51 -13.87 -8.81
CA VAL I 310 -8.71 -13.05 -8.82
C VAL I 310 -9.69 -13.65 -7.83
N THR I 311 -10.57 -12.81 -7.29
CA THR I 311 -11.53 -13.22 -6.29
C THR I 311 -12.94 -13.09 -6.83
N ILE I 312 -13.83 -13.94 -6.32
CA ILE I 312 -15.24 -13.94 -6.69
C ILE I 312 -15.98 -13.51 -5.45
N PRO I 313 -17.24 -13.10 -5.49
CA PRO I 313 -18.06 -13.21 -4.29
C PRO I 313 -18.86 -14.50 -4.32
N VAL I 314 -19.40 -14.93 -3.19
CA VAL I 314 -20.28 -16.09 -3.20
C VAL I 314 -21.36 -15.96 -2.13
N PRO I 315 -22.60 -15.78 -2.54
CA PRO I 315 -23.70 -15.62 -1.60
C PRO I 315 -24.20 -16.95 -1.08
N VAL I 316 -25.34 -16.94 -0.39
CA VAL I 316 -25.92 -18.14 0.20
C VAL I 316 -26.84 -18.80 -0.83
N GLU I 317 -26.80 -18.33 -2.08
CA GLU I 317 -27.59 -18.94 -3.14
C GLU I 317 -26.76 -19.70 -4.17
N GLY I 318 -25.51 -19.32 -4.40
CA GLY I 318 -24.63 -20.14 -5.20
C GLY I 318 -24.04 -19.47 -6.42
N VAL I 319 -22.78 -19.75 -6.75
CA VAL I 319 -22.17 -19.21 -7.96
C VAL I 319 -21.41 -20.32 -8.67
N GLU I 320 -21.00 -20.04 -9.90
CA GLU I 320 -20.28 -21.03 -10.68
C GLU I 320 -19.41 -20.34 -11.72
N TYR I 321 -18.22 -20.90 -11.92
CA TYR I 321 -17.18 -20.41 -12.81
C TYR I 321 -16.90 -21.43 -13.90
N ARG I 322 -16.02 -21.06 -14.83
CA ARG I 322 -15.65 -21.94 -15.93
C ARG I 322 -14.30 -21.50 -16.48
N TRP I 323 -13.28 -22.34 -16.31
CA TRP I 323 -11.89 -22.03 -16.61
C TRP I 323 -11.43 -22.86 -17.79
N GLY I 324 -11.39 -22.24 -18.97
CA GLY I 324 -10.82 -22.91 -20.11
C GLY I 324 -11.80 -23.81 -20.82
N ASN I 325 -11.34 -24.97 -21.25
CA ASN I 325 -12.18 -25.94 -21.96
C ASN I 325 -12.65 -27.04 -21.02
N HIS I 326 -13.28 -26.67 -19.91
CA HIS I 326 -13.74 -27.62 -18.90
C HIS I 326 -15.24 -27.52 -18.69
N LYS I 327 -15.84 -28.61 -18.27
CA LYS I 327 -17.23 -28.54 -17.89
C LYS I 327 -17.34 -27.87 -16.52
N PRO I 328 -18.37 -27.06 -16.30
CA PRO I 328 -18.32 -26.07 -15.21
C PRO I 328 -18.48 -26.70 -13.84
N GLN I 329 -18.14 -25.90 -12.82
CA GLN I 329 -18.14 -26.34 -11.43
C GLN I 329 -18.98 -25.38 -10.61
N ARG I 330 -20.04 -25.91 -10.00
CA ARG I 330 -20.93 -25.12 -9.15
C ARG I 330 -20.38 -25.08 -7.74
N LEU I 331 -20.77 -24.05 -6.98
CA LEU I 331 -20.09 -23.78 -5.72
C LEU I 331 -21.00 -22.90 -4.87
N TRP I 332 -21.52 -23.44 -3.77
CA TRP I 332 -22.41 -22.73 -2.85
C TRP I 332 -21.64 -22.21 -1.65
N SER I 333 -22.36 -21.74 -0.63
CA SER I 333 -21.75 -21.31 0.62
C SER I 333 -22.59 -21.77 1.79
N GLN I 334 -21.93 -22.10 2.90
CA GLN I 334 -22.56 -22.79 4.00
C GLN I 334 -22.81 -21.83 5.14
N LEU I 335 -23.83 -22.13 5.95
CA LEU I 335 -24.27 -21.19 6.98
C LEU I 335 -23.34 -21.30 8.18
N THR I 336 -22.49 -20.29 8.36
CA THR I 336 -21.56 -20.26 9.47
C THR I 336 -21.61 -18.92 10.20
N THR I 337 -21.29 -18.95 11.50
CA THR I 337 -21.30 -17.74 12.31
C THR I 337 -19.89 -17.37 12.76
N GLU I 338 -19.74 -17.02 14.03
CA GLU I 338 -18.44 -16.64 14.59
C GLU I 338 -18.44 -16.74 16.10
N GLY I 339 -19.62 -16.65 16.71
CA GLY I 339 -19.74 -16.73 18.15
C GLY I 339 -20.31 -18.05 18.62
N ARG I 340 -20.86 -18.06 19.83
CA ARG I 340 -21.45 -19.27 20.40
C ARG I 340 -22.94 -19.36 20.08
N ALA I 341 -23.70 -19.93 21.01
CA ALA I 341 -25.14 -20.08 20.83
C ALA I 341 -25.86 -20.24 22.17
N HIS I 342 -25.14 -20.01 23.25
CA HIS I 342 -25.71 -20.14 24.58
C HIS I 342 -24.83 -19.35 25.51
N GLY I 343 -25.43 -18.65 26.47
CA GLY I 343 -24.64 -18.04 27.52
C GLY I 343 -25.06 -16.66 27.95
N TRP I 344 -24.12 -15.73 27.93
CA TRP I 344 -24.41 -14.39 28.37
C TRP I 344 -25.00 -13.60 27.22
N PRO I 345 -26.00 -12.77 27.48
CA PRO I 345 -26.75 -12.15 26.39
C PRO I 345 -26.01 -11.09 25.64
N HIS I 346 -24.77 -10.78 26.01
CA HIS I 346 -23.97 -9.90 25.19
C HIS I 346 -23.58 -10.68 23.95
N GLU I 347 -23.50 -11.99 24.09
CA GLU I 347 -22.97 -12.80 23.01
C GLU I 347 -24.05 -13.22 22.05
N ILE I 348 -25.28 -13.39 22.53
CA ILE I 348 -26.30 -13.99 21.69
C ILE I 348 -26.73 -13.00 20.63
N ILE I 349 -26.74 -11.72 20.97
CA ILE I 349 -27.19 -10.72 20.02
C ILE I 349 -26.22 -10.57 18.86
N GLU I 350 -24.93 -10.68 19.10
CA GLU I 350 -24.03 -10.58 18.00
C GLU I 350 -23.90 -11.88 17.23
N TYR I 351 -24.35 -12.99 17.83
CA TYR I 351 -24.43 -14.23 17.09
C TYR I 351 -25.37 -14.13 15.90
N TYR I 352 -26.47 -13.40 16.05
CA TYR I 352 -27.33 -13.18 14.91
C TYR I 352 -26.78 -12.16 13.94
N TYR I 353 -25.91 -11.26 14.40
CA TYR I 353 -25.39 -10.19 13.57
C TYR I 353 -24.55 -10.71 12.42
N GLY I 354 -23.92 -11.86 12.57
CA GLY I 354 -23.30 -12.50 11.43
C GLY I 354 -24.25 -13.22 10.52
N LEU I 355 -25.55 -13.11 10.74
CA LEU I 355 -26.50 -13.85 9.93
C LEU I 355 -27.51 -12.97 9.22
N HIS I 356 -28.14 -12.04 9.90
CA HIS I 356 -29.13 -11.19 9.27
C HIS I 356 -28.85 -9.74 9.61
N PRO I 357 -27.69 -9.21 9.20
CA PRO I 357 -27.14 -8.03 9.87
C PRO I 357 -27.94 -6.75 9.65
N THR I 358 -29.01 -6.81 8.88
CA THR I 358 -29.93 -5.71 8.76
C THR I 358 -30.85 -5.66 9.96
N THR I 359 -31.65 -6.71 10.11
CA THR I 359 -32.77 -6.69 11.03
C THR I 359 -32.34 -6.83 12.47
N THR I 360 -31.06 -7.20 12.66
CA THR I 360 -30.43 -7.21 13.97
C THR I 360 -30.52 -5.86 14.63
N ILE I 361 -30.37 -4.82 13.85
CA ILE I 361 -30.54 -3.48 14.39
C ILE I 361 -32.01 -3.24 14.67
N VAL I 362 -32.85 -3.69 13.73
CA VAL I 362 -34.26 -3.38 13.73
C VAL I 362 -34.96 -3.98 14.93
N VAL I 363 -34.43 -5.06 15.48
CA VAL I 363 -34.95 -5.49 16.75
C VAL I 363 -34.37 -4.69 17.90
N VAL I 364 -33.09 -4.38 17.88
CA VAL I 364 -32.41 -4.03 19.11
C VAL I 364 -32.74 -2.60 19.50
N ILE I 365 -33.16 -1.80 18.54
CA ILE I 365 -33.42 -0.41 18.88
C ILE I 365 -34.82 -0.27 19.42
N ARG I 366 -35.75 -1.11 18.93
CA ARG I 366 -37.12 -0.99 19.39
C ARG I 366 -37.28 -1.55 20.79
N VAL I 367 -36.48 -2.55 21.13
CA VAL I 367 -36.60 -3.08 22.48
C VAL I 367 -35.96 -2.12 23.48
N SER I 368 -35.01 -1.32 23.01
CA SER I 368 -34.38 -0.37 23.90
C SER I 368 -35.31 0.80 24.19
N VAL I 369 -36.22 1.08 23.27
CA VAL I 369 -37.01 2.28 23.47
C VAL I 369 -38.33 1.94 24.16
N VAL I 370 -38.75 0.69 24.08
CA VAL I 370 -39.97 0.33 24.80
C VAL I 370 -39.64 0.12 26.27
N VAL I 371 -38.37 -0.06 26.59
CA VAL I 371 -38.06 -0.30 27.99
C VAL I 371 -37.87 1.02 28.73
N LEU I 372 -37.31 2.01 28.07
CA LEU I 372 -36.82 3.14 28.84
C LEU I 372 -37.94 4.12 29.11
N LEU I 373 -38.96 4.14 28.24
CA LEU I 373 -40.02 5.10 28.46
C LEU I 373 -40.91 4.60 29.58
N SER I 374 -40.93 3.29 29.77
CA SER I 374 -41.69 2.72 30.86
C SER I 374 -40.96 2.95 32.17
N PHE I 375 -39.63 2.85 32.12
CA PHE I 375 -38.81 3.42 33.17
C PHE I 375 -39.13 4.89 33.37
N ALA I 376 -39.26 5.63 32.27
CA ALA I 376 -39.58 7.03 32.37
C ALA I 376 -41.01 7.22 32.81
N ALA I 377 -41.88 6.27 32.47
CA ALA I 377 -43.27 6.38 32.92
C ALA I 377 -43.36 6.16 34.41
N SER I 378 -42.65 5.13 34.89
CA SER I 378 -42.78 4.67 36.27
C SER I 378 -42.37 5.73 37.25
N VAL I 379 -41.33 6.49 36.90
CA VAL I 379 -40.89 7.54 37.78
C VAL I 379 -41.81 8.74 37.66
N TYR I 380 -42.53 8.83 36.54
CA TYR I 380 -43.26 10.06 36.25
C TYR I 380 -44.51 10.16 37.11
N MET I 381 -45.15 9.05 37.42
CA MET I 381 -46.38 9.16 38.17
C MET I 381 -46.16 8.91 39.65
N CYS I 382 -45.01 8.34 40.01
CA CYS I 382 -44.81 8.06 41.43
C CYS I 382 -44.53 9.35 42.18
N VAL I 383 -43.98 10.33 41.48
CA VAL I 383 -43.63 11.57 42.15
C VAL I 383 -44.86 12.43 42.37
N VAL I 384 -45.82 12.37 41.45
CA VAL I 384 -46.97 13.24 41.55
C VAL I 384 -47.91 12.72 42.62
N ALA I 385 -47.80 11.43 42.91
CA ALA I 385 -48.42 10.90 44.10
C ALA I 385 -47.75 11.45 45.34
N ARG I 386 -46.43 11.47 45.35
CA ARG I 386 -45.69 12.06 46.46
C ARG I 386 -45.97 13.54 46.57
N THR I 387 -46.23 14.18 45.44
CA THR I 387 -46.68 15.56 45.48
C THR I 387 -48.02 15.69 46.19
N LYS I 388 -49.04 14.98 45.71
CA LYS I 388 -50.36 15.11 46.31
C LYS I 388 -50.41 14.56 47.72
N CYS I 389 -49.57 13.58 48.04
CA CYS I 389 -49.58 13.07 49.41
C CYS I 389 -48.91 14.07 50.33
N LEU I 390 -48.02 14.89 49.80
CA LEU I 390 -47.36 15.87 50.63
C LEU I 390 -48.07 17.21 50.68
N THR I 391 -48.57 17.69 49.56
CA THR I 391 -48.74 19.12 49.39
C THR I 391 -49.69 19.88 50.32
N PRO I 392 -50.78 19.31 50.92
CA PRO I 392 -51.55 20.16 51.82
C PRO I 392 -50.80 20.43 53.10
N TYR I 393 -49.90 19.51 53.45
CA TYR I 393 -49.07 19.69 54.63
C TYR I 393 -48.12 20.86 54.47
N ALA I 394 -47.84 21.24 53.23
CA ALA I 394 -46.95 22.37 52.99
C ALA I 394 -47.64 23.68 53.30
N LEU I 395 -48.95 23.66 53.35
CA LEU I 395 -49.71 24.90 53.22
C LEU I 395 -50.03 25.58 54.53
N THR I 396 -50.23 24.81 55.58
CA THR I 396 -50.66 25.35 56.85
C THR I 396 -49.58 26.20 57.49
N PRO I 397 -49.94 27.14 58.30
CA PRO I 397 -48.96 27.73 59.20
C PRO I 397 -48.72 26.85 60.42
N GLY I 398 -48.03 25.74 60.19
CA GLY I 398 -47.72 24.82 61.24
C GLY I 398 -47.10 23.59 60.63
N ALA I 399 -45.98 23.15 61.21
CA ALA I 399 -45.15 22.19 60.53
C ALA I 399 -45.29 20.81 61.14
N VAL I 400 -46.49 20.48 61.56
CA VAL I 400 -46.69 19.21 62.23
C VAL I 400 -46.87 18.12 61.18
N VAL I 401 -45.76 17.70 60.60
CA VAL I 401 -45.78 16.56 59.71
C VAL I 401 -45.72 15.30 60.58
N PRO I 402 -46.58 14.32 60.34
CA PRO I 402 -46.56 13.10 61.15
C PRO I 402 -45.39 12.21 60.78
N VAL I 403 -45.27 11.11 61.49
CA VAL I 403 -44.21 10.16 61.18
C VAL I 403 -44.67 9.28 60.03
N THR I 404 -44.57 9.80 58.82
CA THR I 404 -44.95 9.08 57.64
C THR I 404 -43.74 9.08 56.73
N ILE I 405 -42.58 8.97 57.34
CA ILE I 405 -41.37 9.01 56.55
C ILE I 405 -41.16 7.65 55.91
N GLY I 406 -41.70 7.53 54.73
CA GLY I 406 -41.32 6.53 53.79
C GLY I 406 -41.40 7.25 52.48
N VAL I 407 -41.57 8.57 52.56
CA VAL I 407 -41.98 9.34 51.41
C VAL I 407 -41.07 10.57 51.30
N LEU I 408 -39.92 10.50 51.97
CA LEU I 408 -38.83 11.47 51.89
C LEU I 408 -39.28 12.85 52.34
N CYS I 409 -39.65 12.92 53.60
CA CYS I 409 -40.24 14.12 54.19
C CYS I 409 -39.20 15.22 54.30
N CYS I 410 -39.65 16.47 54.18
CA CYS I 410 -38.77 17.62 54.35
C CYS I 410 -38.43 17.85 55.82
N ARG J 1 -44.13 42.65 89.72
CA ARG J 1 -43.63 41.62 88.83
C ARG J 1 -42.22 41.19 89.20
N GLU J 2 -41.54 42.01 89.99
CA GLU J 2 -40.22 41.64 90.48
C GLU J 2 -40.24 41.24 91.94
N ARG J 3 -41.37 41.48 92.62
CA ARG J 3 -41.46 41.24 94.05
C ARG J 3 -41.53 39.76 94.39
N MET J 4 -41.77 38.91 93.41
CA MET J 4 -41.73 37.48 93.69
C MET J 4 -40.48 36.82 93.14
N CYS J 5 -39.81 37.45 92.20
CA CYS J 5 -38.81 36.73 91.42
C CYS J 5 -37.45 36.76 92.08
N MET J 6 -37.17 37.79 92.87
CA MET J 6 -35.80 38.22 93.10
C MET J 6 -35.06 37.27 94.03
N LYS J 7 -35.80 36.54 94.86
CA LYS J 7 -35.18 35.73 95.91
C LYS J 7 -34.62 34.45 95.32
N ILE J 8 -35.05 34.15 94.11
CA ILE J 8 -34.92 32.81 93.58
C ILE J 8 -33.51 32.58 93.05
N GLU J 9 -33.02 33.54 92.26
CA GLU J 9 -31.71 33.38 91.62
C GLU J 9 -30.60 33.44 92.65
N HIS J 10 -30.82 34.15 93.75
CA HIS J 10 -29.89 34.11 94.87
C HIS J 10 -29.81 32.72 95.47
N ASP J 11 -30.87 31.93 95.39
CA ASP J 11 -30.82 30.57 95.86
C ASP J 11 -30.30 29.60 94.80
N CYS J 12 -30.36 29.97 93.53
CA CYS J 12 -30.35 28.90 92.55
C CYS J 12 -29.41 29.17 91.39
N ILE J 13 -28.50 30.12 91.55
CA ILE J 13 -27.61 30.45 90.43
C ILE J 13 -26.17 30.37 90.88
N PHE J 14 -25.43 29.48 90.23
CA PHE J 14 -23.99 29.56 90.18
C PHE J 14 -23.63 29.92 88.75
N GLU J 15 -22.40 30.31 88.52
CA GLU J 15 -21.96 30.58 87.17
C GLU J 15 -20.62 29.91 86.92
N VAL J 16 -20.10 30.07 85.72
CA VAL J 16 -18.93 29.33 85.27
C VAL J 16 -17.75 30.28 85.28
N LYS J 17 -16.56 29.73 85.45
CA LYS J 17 -15.35 30.51 85.36
C LYS J 17 -14.34 29.81 84.48
N HIS J 18 -13.57 30.61 83.76
CA HIS J 18 -12.47 30.13 82.95
C HIS J 18 -11.41 31.21 82.90
N GLU J 19 -10.28 31.00 83.58
CA GLU J 19 -9.21 31.99 83.59
C GLU J 19 -9.62 33.23 84.37
N GLY J 20 -10.32 33.02 85.47
CA GLY J 20 -10.77 34.13 86.31
C GLY J 20 -11.60 35.13 85.53
N LYS J 21 -12.57 34.63 84.77
CA LYS J 21 -13.42 35.48 83.96
C LYS J 21 -14.75 34.81 83.65
N VAL J 22 -15.81 35.26 84.32
CA VAL J 22 -17.14 34.69 84.13
C VAL J 22 -17.64 34.92 82.70
N THR J 23 -18.41 33.97 82.20
CA THR J 23 -18.96 34.06 80.85
C THR J 23 -20.37 33.51 80.75
N GLY J 24 -20.62 32.38 81.43
CA GLY J 24 -21.92 31.76 81.41
C GLY J 24 -22.55 31.77 82.78
N TYR J 25 -23.58 30.95 82.92
CA TYR J 25 -24.31 30.76 84.16
C TYR J 25 -24.68 29.30 84.33
N ALA J 26 -25.21 28.97 85.50
CA ALA J 26 -25.53 27.58 85.78
C ALA J 26 -26.71 27.49 86.72
N CYS J 27 -27.57 26.51 86.50
CA CYS J 27 -28.73 26.32 87.34
C CYS J 27 -28.77 24.94 87.95
N LEU J 28 -29.66 24.81 88.91
CA LEU J 28 -29.84 23.64 89.75
C LEU J 28 -31.36 23.43 89.86
N VAL J 29 -31.84 22.44 89.14
CA VAL J 29 -33.27 22.26 88.92
C VAL J 29 -33.69 20.85 89.29
N GLY J 30 -34.67 20.75 90.21
CA GLY J 30 -35.25 19.46 90.50
C GLY J 30 -34.30 18.49 91.18
N ASP J 31 -33.79 17.56 90.39
CA ASP J 31 -32.86 16.55 90.87
C ASP J 31 -31.53 16.59 90.17
N LYS J 32 -31.44 17.27 89.03
CA LYS J 32 -30.24 17.23 88.20
C LYS J 32 -29.75 18.64 87.96
N VAL J 33 -28.44 18.81 88.00
CA VAL J 33 -27.86 20.14 87.91
C VAL J 33 -27.60 20.42 86.44
N MET J 34 -27.70 21.67 86.04
CA MET J 34 -27.79 21.98 84.64
C MET J 34 -26.65 22.86 84.17
N LYS J 35 -26.09 22.53 83.00
CA LYS J 35 -25.17 23.48 82.38
C LYS J 35 -25.28 23.43 80.87
N PRO J 36 -25.40 24.59 80.23
CA PRO J 36 -25.34 24.64 78.77
C PRO J 36 -23.90 24.56 78.31
N ALA J 37 -23.56 23.46 77.67
CA ALA J 37 -22.17 23.11 77.45
C ALA J 37 -21.49 23.92 76.37
N HIS J 38 -22.16 24.92 75.79
CA HIS J 38 -21.58 25.74 74.76
C HIS J 38 -20.34 26.48 75.22
N VAL J 39 -20.36 27.01 76.43
CA VAL J 39 -19.26 27.84 76.90
C VAL J 39 -18.24 26.97 77.61
N PRO J 40 -16.94 27.18 77.37
CA PRO J 40 -15.94 26.48 78.17
C PRO J 40 -15.83 27.12 79.54
N GLY J 41 -15.40 26.33 80.51
CA GLY J 41 -15.08 26.83 81.83
C GLY J 41 -15.31 25.82 82.92
N VAL J 42 -15.06 26.27 84.15
CA VAL J 42 -15.27 25.48 85.35
C VAL J 42 -16.27 26.21 86.22
N ILE J 43 -17.13 25.48 86.92
CA ILE J 43 -18.04 26.06 87.88
C ILE J 43 -17.25 26.65 89.03
N ASP J 44 -17.82 27.67 89.65
CA ASP J 44 -17.14 28.46 90.66
C ASP J 44 -17.43 27.94 92.06
N ASN J 45 -17.27 26.64 92.23
CA ASN J 45 -17.45 26.08 93.56
C ASN J 45 -16.38 25.02 93.74
N ALA J 46 -16.09 24.67 95.00
CA ALA J 46 -14.97 23.79 95.28
C ALA J 46 -15.24 22.39 94.81
N ASP J 47 -16.32 21.78 95.29
CA ASP J 47 -16.39 20.33 95.21
C ASP J 47 -17.11 19.80 94.00
N LEU J 48 -18.24 20.39 93.58
CA LEU J 48 -19.09 19.65 92.65
C LEU J 48 -18.59 19.70 91.23
N ALA J 49 -17.46 20.37 90.98
CA ALA J 49 -16.76 20.19 89.72
C ALA J 49 -16.10 18.82 89.61
N ARG J 50 -16.03 18.05 90.69
CA ARG J 50 -15.45 16.72 90.70
C ARG J 50 -16.43 15.66 90.23
N LEU J 51 -17.41 16.03 89.43
CA LEU J 51 -18.56 15.19 89.20
C LEU J 51 -18.54 14.58 87.82
N SER J 52 -19.41 13.60 87.65
CA SER J 52 -19.59 12.90 86.39
C SER J 52 -20.42 13.79 85.49
N TYR J 53 -20.19 13.71 84.20
CA TYR J 53 -20.95 14.49 83.25
C TYR J 53 -21.28 13.65 82.02
N LYS J 54 -22.45 13.91 81.45
CA LYS J 54 -22.90 13.13 80.30
C LYS J 54 -23.20 14.09 79.17
N LYS J 55 -22.48 13.96 78.07
CA LYS J 55 -22.55 14.99 77.08
C LYS J 55 -23.07 14.46 75.76
N SER J 56 -23.98 15.23 75.14
CA SER J 56 -24.33 14.98 73.76
C SER J 56 -24.28 16.33 73.06
N SER J 57 -23.47 16.43 72.02
CA SER J 57 -23.37 17.67 71.26
C SER J 57 -24.55 17.89 70.35
N LYS J 58 -25.42 16.91 70.24
CA LYS J 58 -26.64 17.05 69.47
C LYS J 58 -27.56 18.10 70.07
N TYR J 59 -27.57 18.23 71.38
CA TYR J 59 -28.38 19.25 72.01
C TYR J 59 -27.58 20.41 72.54
N ASP J 60 -26.29 20.21 72.83
CA ASP J 60 -25.42 21.17 73.53
C ASP J 60 -25.98 21.49 74.91
N LEU J 61 -26.16 20.44 75.69
CA LEU J 61 -26.56 20.58 77.09
C LEU J 61 -25.64 19.71 77.94
N GLU J 62 -25.76 19.88 79.25
CA GLU J 62 -24.96 19.05 80.14
C GLU J 62 -25.60 18.96 81.52
N CYS J 63 -25.73 17.74 82.03
CA CYS J 63 -26.27 17.54 83.36
C CYS J 63 -25.34 16.73 84.23
N ALA J 64 -25.65 16.76 85.51
CA ALA J 64 -25.12 15.84 86.51
C ALA J 64 -26.14 15.77 87.63
N GLN J 65 -25.88 14.90 88.59
CA GLN J 65 -26.80 14.71 89.68
C GLN J 65 -26.28 15.43 90.92
N ILE J 66 -27.19 16.04 91.67
CA ILE J 66 -26.78 16.85 92.82
C ILE J 66 -26.46 15.94 94.00
N PRO J 67 -25.32 16.08 94.64
CA PRO J 67 -25.06 15.35 95.88
C PRO J 67 -25.96 15.85 97.00
N VAL J 68 -26.16 15.00 98.00
CA VAL J 68 -27.32 15.12 98.88
C VAL J 68 -27.27 16.30 99.84
N ALA J 69 -26.19 17.07 99.84
CA ALA J 69 -26.08 18.14 100.82
C ALA J 69 -26.99 19.31 100.52
N MET J 70 -26.82 19.93 99.36
CA MET J 70 -27.64 21.08 98.98
C MET J 70 -28.68 20.66 97.94
N LYS J 71 -29.27 19.48 98.14
CA LYS J 71 -30.28 18.96 97.21
C LYS J 71 -31.61 19.68 97.39
N SER J 72 -31.84 20.20 98.59
CA SER J 72 -33.08 20.91 98.89
C SER J 72 -32.92 22.42 98.70
N ASP J 73 -32.45 22.81 97.53
CA ASP J 73 -32.25 24.22 97.22
C ASP J 73 -32.57 24.52 95.77
N ALA J 74 -33.31 23.63 95.12
CA ALA J 74 -33.69 23.80 93.73
C ALA J 74 -35.15 24.20 93.62
N SER J 75 -35.50 24.73 92.46
CA SER J 75 -36.83 25.29 92.30
C SER J 75 -37.83 24.20 91.95
N LYS J 76 -39.04 24.65 91.69
CA LYS J 76 -40.11 23.80 91.20
C LYS J 76 -40.26 24.00 89.70
N TYR J 77 -40.99 23.08 89.08
CA TYR J 77 -41.02 23.02 87.63
C TYR J 77 -42.24 22.25 87.19
N THR J 78 -42.71 22.58 85.99
CA THR J 78 -43.80 21.85 85.38
C THR J 78 -43.73 22.00 83.88
N HIS J 79 -44.72 21.45 83.21
CA HIS J 79 -44.71 21.41 81.76
C HIS J 79 -45.96 22.04 81.19
N GLU J 80 -46.88 22.40 82.06
CA GLU J 80 -48.13 23.00 81.61
C GLU J 80 -47.90 24.43 81.21
N LYS J 81 -48.17 24.75 79.97
CA LYS J 81 -47.81 26.08 79.53
C LYS J 81 -48.82 26.68 78.58
N PRO J 82 -49.81 27.33 79.10
CA PRO J 82 -50.71 28.12 78.25
C PRO J 82 -50.00 29.39 77.87
N GLU J 83 -50.53 30.11 76.89
CA GLU J 83 -49.87 31.29 76.39
C GLU J 83 -50.20 32.44 77.33
N GLY J 84 -49.29 33.39 77.44
CA GLY J 84 -49.52 34.51 78.33
C GLY J 84 -48.22 35.14 78.77
N HIS J 85 -48.32 36.01 79.78
CA HIS J 85 -47.15 36.73 80.24
C HIS J 85 -46.25 35.83 81.06
N TYR J 86 -44.96 36.04 80.89
CA TYR J 86 -43.97 35.37 81.71
C TYR J 86 -42.84 36.35 81.93
N ASN J 87 -41.87 35.95 82.74
CA ASN J 87 -40.95 36.90 83.34
C ASN J 87 -39.53 36.36 83.38
N TRP J 88 -38.57 37.27 83.49
CA TRP J 88 -37.17 36.88 83.50
C TRP J 88 -36.35 38.01 84.07
N HIS J 89 -35.03 37.84 84.00
CA HIS J 89 -34.08 38.70 84.68
C HIS J 89 -34.11 40.11 84.15
N TYR J 90 -34.56 40.31 82.93
CA TYR J 90 -34.66 41.66 82.43
C TYR J 90 -36.05 41.91 81.90
N GLY J 91 -37.05 41.60 82.72
CA GLY J 91 -38.36 42.10 82.42
C GLY J 91 -39.40 41.02 82.21
N ALA J 92 -40.34 41.28 81.32
CA ALA J 92 -41.48 40.40 81.13
C ALA J 92 -41.48 39.92 79.71
N VAL J 93 -41.73 38.63 79.51
CA VAL J 93 -41.68 38.04 78.18
C VAL J 93 -43.04 37.49 77.82
N GLN J 94 -43.37 37.57 76.55
CA GLN J 94 -44.65 37.10 76.05
C GLN J 94 -44.40 35.86 75.21
N TYR J 95 -45.39 34.97 75.16
CA TYR J 95 -45.24 33.71 74.45
C TYR J 95 -46.56 33.25 73.87
N THR J 96 -46.52 32.87 72.60
CA THR J 96 -47.62 32.20 71.95
C THR J 96 -47.10 31.53 70.69
N GLY J 97 -47.90 30.60 70.19
CA GLY J 97 -47.68 29.98 68.90
C GLY J 97 -46.38 29.20 68.80
N GLY J 98 -45.90 28.71 69.92
CA GLY J 98 -44.58 28.15 69.94
C GLY J 98 -43.48 29.17 69.74
N ARG J 99 -43.76 30.44 69.99
CA ARG J 99 -42.82 31.50 69.69
C ARG J 99 -42.69 32.43 70.89
N PHE J 100 -41.48 32.55 71.40
CA PHE J 100 -41.23 33.48 72.49
C PHE J 100 -40.75 34.82 71.97
N THR J 101 -41.13 35.89 72.65
CA THR J 101 -40.78 37.24 72.24
C THR J 101 -40.44 38.16 73.40
N VAL J 102 -39.55 39.11 73.13
CA VAL J 102 -39.24 40.24 73.99
C VAL J 102 -38.67 41.31 73.07
N PRO J 103 -38.84 42.58 73.38
CA PRO J 103 -38.31 43.62 72.48
C PRO J 103 -36.80 43.71 72.39
N THR J 104 -36.34 44.66 71.61
CA THR J 104 -35.04 44.61 70.94
C THR J 104 -33.86 44.70 71.89
N GLY J 105 -32.91 43.77 71.74
CA GLY J 105 -31.53 44.01 72.11
C GLY J 105 -31.25 44.14 73.58
N VAL J 106 -32.14 43.67 74.44
CA VAL J 106 -31.92 43.82 75.86
C VAL J 106 -31.17 42.60 76.39
N GLY J 107 -30.63 41.80 75.48
CA GLY J 107 -29.79 40.68 75.82
C GLY J 107 -28.48 40.75 75.08
N LYS J 108 -27.41 40.19 75.66
CA LYS J 108 -26.08 40.33 75.10
C LYS J 108 -25.43 38.97 74.88
N PRO J 109 -24.37 38.90 74.09
CA PRO J 109 -23.51 37.71 74.14
C PRO J 109 -22.79 37.63 75.47
N GLY J 110 -22.63 36.41 75.94
CA GLY J 110 -22.05 36.19 77.24
C GLY J 110 -23.13 36.09 78.29
N ASP J 111 -24.32 35.68 77.86
CA ASP J 111 -25.47 35.65 78.76
C ASP J 111 -26.29 34.38 78.69
N SER J 112 -25.70 33.24 78.38
CA SER J 112 -26.48 32.00 78.32
C SER J 112 -26.67 31.49 79.73
N GLY J 113 -27.83 30.95 80.01
CA GLY J 113 -28.02 30.29 81.30
C GLY J 113 -29.02 31.01 82.16
N ARG J 114 -29.99 31.61 81.56
CA ARG J 114 -30.96 32.39 82.30
C ARG J 114 -32.30 31.67 82.33
N PRO J 115 -32.73 31.18 83.47
CA PRO J 115 -34.01 30.49 83.56
C PRO J 115 -35.16 31.50 83.56
N ILE J 116 -36.32 31.03 83.15
CA ILE J 116 -37.49 31.88 82.95
C ILE J 116 -38.68 31.24 83.66
N PHE J 117 -39.58 32.07 84.17
CA PHE J 117 -40.58 31.60 85.11
C PHE J 117 -42.00 31.83 84.65
N ASP J 118 -42.92 31.56 85.57
CA ASP J 118 -44.33 31.85 85.45
C ASP J 118 -44.67 32.93 86.45
N ASN J 119 -45.96 33.12 86.67
CA ASN J 119 -46.34 33.91 87.83
C ASN J 119 -46.27 33.09 89.11
N LYS J 120 -46.85 31.88 89.11
CA LYS J 120 -47.17 31.27 90.39
C LYS J 120 -46.01 30.47 90.95
N GLY J 121 -44.85 30.53 90.31
CA GLY J 121 -43.65 30.12 91.00
C GLY J 121 -42.69 29.11 90.39
N PRO J 122 -43.16 27.99 89.76
CA PRO J 122 -42.21 27.04 89.19
C PRO J 122 -41.36 27.57 88.05
N VAL J 123 -40.22 26.93 87.82
CA VAL J 123 -39.34 27.39 86.76
C VAL J 123 -39.85 26.72 85.49
N VAL J 124 -39.52 27.29 84.34
CA VAL J 124 -40.13 26.83 83.11
C VAL J 124 -39.07 26.27 82.18
N ALA J 125 -38.17 27.12 81.71
CA ALA J 125 -37.24 26.72 80.67
C ALA J 125 -36.00 27.60 80.70
N ILE J 126 -35.19 27.51 79.66
CA ILE J 126 -33.81 27.96 79.72
C ILE J 126 -33.31 28.34 78.33
N VAL J 127 -32.58 29.45 78.25
CA VAL J 127 -32.33 30.21 77.05
C VAL J 127 -30.97 29.85 76.46
N LEU J 128 -30.75 30.12 75.17
CA LEU J 128 -29.43 29.88 74.59
C LEU J 128 -28.78 31.10 73.92
N GLY J 129 -29.48 31.76 73.01
CA GLY J 129 -28.92 32.84 72.22
C GLY J 129 -30.00 33.60 71.48
N GLY J 130 -29.64 34.55 70.60
CA GLY J 130 -30.61 35.48 70.07
C GLY J 130 -30.69 35.45 68.56
N ALA J 131 -31.64 36.24 68.03
CA ALA J 131 -31.89 36.30 66.60
C ALA J 131 -32.50 37.66 66.26
N ASN J 132 -32.04 38.27 65.17
CA ASN J 132 -32.48 39.61 64.81
C ASN J 132 -33.90 39.57 64.28
N GLU J 133 -34.60 40.70 64.45
CA GLU J 133 -36.04 40.68 64.31
C GLU J 133 -36.63 41.91 63.61
N GLY J 134 -35.91 43.03 63.64
CA GLY J 134 -36.57 44.32 63.55
C GLY J 134 -36.97 44.94 64.89
N THR J 135 -38.05 44.46 65.51
CA THR J 135 -38.57 45.09 66.73
C THR J 135 -38.57 44.21 67.97
N ARG J 136 -39.21 43.04 67.94
CA ARG J 136 -39.35 42.21 69.11
C ARG J 136 -38.69 40.87 68.85
N THR J 137 -37.75 40.49 69.72
CA THR J 137 -36.71 39.52 69.39
C THR J 137 -37.23 38.10 69.33
N ALA J 138 -36.43 37.25 68.70
CA ALA J 138 -36.61 35.81 68.71
C ALA J 138 -35.66 35.21 69.72
N LEU J 139 -36.06 34.08 70.28
CA LEU J 139 -35.29 33.48 71.33
C LEU J 139 -34.68 32.16 70.85
N SER J 140 -34.06 31.43 71.78
CA SER J 140 -33.50 30.13 71.47
C SER J 140 -33.48 29.35 72.78
N VAL J 141 -34.46 28.47 72.94
CA VAL J 141 -34.80 27.87 74.22
C VAL J 141 -34.88 26.38 74.01
N VAL J 142 -34.55 25.63 75.05
CA VAL J 142 -34.81 24.20 75.11
C VAL J 142 -35.84 23.96 76.21
N THR J 143 -36.77 23.04 75.96
CA THR J 143 -37.91 22.85 76.85
C THR J 143 -38.34 21.39 76.91
N TRP J 144 -39.50 21.16 77.52
CA TRP J 144 -39.92 19.85 77.96
C TRP J 144 -41.31 19.47 77.48
N ASN J 145 -41.49 18.18 77.25
CA ASN J 145 -42.82 17.60 77.05
C ASN J 145 -43.34 17.19 78.41
N LYS J 146 -44.41 16.40 78.45
CA LYS J 146 -44.68 15.58 79.60
C LYS J 146 -43.52 14.64 79.88
N ASP J 147 -42.89 14.14 78.83
CA ASP J 147 -41.87 13.13 79.00
C ASP J 147 -40.54 13.47 78.39
N MET J 148 -40.45 14.33 77.41
CA MET J 148 -39.19 14.40 76.70
C MET J 148 -38.69 15.84 76.73
N VAL J 149 -37.41 16.03 76.40
CA VAL J 149 -36.81 17.33 76.21
C VAL J 149 -36.87 17.64 74.73
N THR J 150 -36.82 18.92 74.38
CA THR J 150 -36.81 19.30 72.99
C THR J 150 -36.18 20.66 72.77
N LYS J 151 -35.43 20.76 71.69
CA LYS J 151 -34.86 22.01 71.23
C LYS J 151 -35.80 22.61 70.20
N ILE J 152 -35.87 23.93 70.16
CA ILE J 152 -36.41 24.64 69.02
C ILE J 152 -35.46 25.78 68.67
N THR J 153 -35.22 25.95 67.38
CA THR J 153 -34.20 26.87 66.90
C THR J 153 -34.74 27.55 65.66
N PRO J 154 -35.26 28.73 65.75
CA PRO J 154 -35.76 29.40 64.56
C PRO J 154 -34.63 29.93 63.72
N GLU J 155 -34.97 30.24 62.47
CA GLU J 155 -34.00 30.60 61.45
C GLU J 155 -33.32 31.91 61.79
N GLY J 156 -32.05 32.03 61.41
CA GLY J 156 -31.39 33.30 61.38
C GLY J 156 -31.00 33.75 62.76
N THR J 157 -30.38 32.85 63.51
CA THR J 157 -29.99 33.17 64.86
C THR J 157 -28.48 33.15 64.98
N VAL J 158 -28.02 33.63 66.13
CA VAL J 158 -26.62 33.60 66.49
C VAL J 158 -26.51 32.88 67.84
N GLU J 159 -25.60 31.94 67.91
CA GLU J 159 -25.39 31.26 69.17
C GLU J 159 -24.59 32.17 70.08
N TRP J 160 -25.26 32.72 71.08
CA TRP J 160 -24.57 33.34 72.18
C TRP J 160 -23.77 32.31 72.92
N TYR K 1 -7.24 -30.92 8.25
CA TYR K 1 -7.60 -30.05 9.36
C TYR K 1 -6.35 -29.79 10.17
N GLU K 2 -6.21 -28.57 10.66
CA GLU K 2 -4.99 -28.13 11.34
C GLU K 2 -5.27 -27.80 12.80
N HIS K 3 -4.23 -27.89 13.62
CA HIS K 3 -4.40 -27.85 15.06
C HIS K 3 -3.11 -27.35 15.71
N THR K 4 -3.21 -26.87 16.95
CA THR K 4 -2.04 -26.44 17.70
C THR K 4 -2.11 -26.91 19.15
N ALA K 5 -0.94 -27.13 19.75
CA ALA K 5 -0.88 -27.63 21.12
C ALA K 5 0.50 -27.31 21.69
N VAL K 6 0.66 -27.61 22.99
CA VAL K 6 1.93 -27.48 23.69
C VAL K 6 2.17 -28.76 24.48
N ILE K 7 3.43 -29.20 24.56
CA ILE K 7 3.74 -30.41 25.32
C ILE K 7 4.88 -30.16 26.29
N PRO K 8 4.86 -30.75 27.49
CA PRO K 8 5.91 -30.50 28.47
C PRO K 8 7.16 -31.31 28.19
N ASN K 9 8.31 -30.65 28.36
CA ASN K 9 9.61 -31.25 28.04
C ASN K 9 10.12 -31.96 29.27
N GLN K 10 9.75 -33.23 29.41
CA GLN K 10 10.23 -34.09 30.49
C GLN K 10 10.11 -35.52 30.03
N VAL K 11 11.18 -36.29 30.19
CA VAL K 11 11.28 -37.61 29.57
C VAL K 11 10.32 -38.59 30.25
N GLY K 12 9.64 -39.40 29.45
CA GLY K 12 8.73 -40.40 29.95
C GLY K 12 7.51 -39.84 30.64
N PHE K 13 6.61 -39.22 29.88
CA PHE K 13 5.48 -38.54 30.46
C PHE K 13 4.37 -38.50 29.42
N PRO K 14 3.13 -38.85 29.77
CA PRO K 14 2.06 -38.83 28.78
C PRO K 14 1.38 -37.46 28.72
N TYR K 15 0.97 -37.11 27.51
CA TYR K 15 0.19 -35.92 27.25
C TYR K 15 -0.69 -36.21 26.05
N LYS K 16 -1.90 -35.65 26.04
CA LYS K 16 -2.85 -35.97 25.00
C LYS K 16 -3.75 -34.80 24.66
N ALA K 17 -4.20 -34.74 23.41
CA ALA K 17 -4.98 -33.61 22.91
C ALA K 17 -5.97 -34.11 21.86
N HIS K 18 -6.84 -33.21 21.41
CA HIS K 18 -7.94 -33.57 20.54
C HIS K 18 -7.83 -33.02 19.13
N VAL K 19 -8.73 -33.53 18.30
CA VAL K 19 -9.49 -32.71 17.37
C VAL K 19 -10.95 -33.05 17.59
N ALA K 20 -11.82 -32.08 17.34
CA ALA K 20 -13.27 -32.28 17.32
C ALA K 20 -13.78 -31.58 16.07
N ARG K 21 -13.93 -32.31 14.97
CA ARG K 21 -13.93 -31.68 13.67
C ARG K 21 -15.25 -30.99 13.37
N GLU K 22 -16.25 -31.79 12.98
CA GLU K 22 -17.70 -31.58 12.98
C GLU K 22 -18.26 -32.84 12.35
N GLY K 23 -19.46 -33.26 12.73
CA GLY K 23 -20.03 -34.45 12.12
C GLY K 23 -19.41 -35.76 12.52
N TYR K 24 -18.10 -35.89 12.33
CA TYR K 24 -17.37 -37.13 12.56
C TYR K 24 -17.23 -37.42 14.05
N SER K 25 -16.72 -38.60 14.35
CA SER K 25 -16.39 -38.95 15.72
C SER K 25 -15.16 -38.18 16.16
N PRO K 26 -14.98 -37.94 17.46
CA PRO K 26 -13.76 -37.30 17.94
C PRO K 26 -12.52 -38.16 17.74
N LEU K 27 -11.35 -37.53 17.92
CA LEU K 27 -10.08 -38.22 17.75
C LEU K 27 -9.08 -37.66 18.75
N THR K 28 -8.38 -38.56 19.45
CA THR K 28 -7.46 -38.23 20.52
C THR K 28 -6.06 -38.71 20.18
N LEU K 29 -5.11 -37.78 20.20
CA LEU K 29 -3.71 -38.02 19.92
C LEU K 29 -2.94 -38.02 21.24
N GLN K 30 -1.88 -38.82 21.33
CA GLN K 30 -0.97 -38.61 22.46
C GLN K 30 0.45 -38.44 21.95
N MET K 31 1.20 -37.63 22.68
CA MET K 31 2.54 -37.17 22.33
C MET K 31 3.45 -37.49 23.50
N GLN K 32 4.62 -38.05 23.24
CA GLN K 32 5.50 -38.42 24.34
C GLN K 32 6.96 -38.36 23.89
N VAL K 33 7.78 -37.63 24.62
CA VAL K 33 9.17 -37.42 24.21
C VAL K 33 10.05 -38.47 24.87
N VAL K 34 11.07 -38.93 24.15
CA VAL K 34 11.97 -39.96 24.67
C VAL K 34 13.41 -39.48 24.80
N GLU K 35 13.82 -38.48 24.01
CA GLU K 35 15.18 -38.00 24.07
C GLU K 35 15.20 -36.50 23.77
N THR K 36 16.20 -35.80 24.30
CA THR K 36 16.34 -34.37 24.05
C THR K 36 17.81 -34.04 24.11
N SER K 37 18.42 -33.74 22.97
CA SER K 37 19.80 -33.32 22.95
C SER K 37 19.89 -31.81 23.18
N LEU K 38 21.11 -31.28 23.07
CA LEU K 38 21.37 -29.85 23.01
C LEU K 38 22.78 -29.68 22.47
N GLU K 39 22.99 -28.64 21.66
CA GLU K 39 24.28 -28.53 21.01
C GLU K 39 24.69 -27.08 20.77
N PRO K 40 25.81 -26.63 21.32
CA PRO K 40 26.29 -25.29 21.05
C PRO K 40 27.23 -25.28 19.84
N THR K 41 27.66 -24.07 19.49
CA THR K 41 28.62 -23.88 18.41
C THR K 41 29.96 -23.43 18.96
N LEU K 42 31.04 -23.91 18.35
CA LEU K 42 32.37 -23.68 18.88
C LEU K 42 33.28 -23.09 17.81
N ASN K 43 34.38 -22.50 18.28
CA ASN K 43 35.52 -22.15 17.43
C ASN K 43 36.78 -22.14 18.29
N LEU K 44 37.83 -22.78 17.80
CA LEU K 44 39.00 -23.05 18.62
C LEU K 44 39.84 -21.79 18.80
N GLU K 45 40.53 -21.71 19.93
CA GLU K 45 41.33 -20.49 20.09
C GLU K 45 42.79 -20.78 20.38
N TYR K 46 43.11 -21.77 21.23
CA TYR K 46 44.44 -22.37 21.29
C TYR K 46 44.35 -23.71 22.01
N ILE K 47 45.50 -24.38 22.12
CA ILE K 47 45.64 -25.62 22.87
C ILE K 47 46.79 -25.46 23.86
N THR K 48 47.01 -26.50 24.67
CA THR K 48 48.24 -26.60 25.45
C THR K 48 48.58 -28.06 25.67
N CYS K 49 49.86 -28.35 25.85
CA CYS K 49 50.30 -29.69 26.20
C CYS K 49 51.61 -29.60 26.97
N ASP K 50 52.13 -30.75 27.35
CA ASP K 50 53.35 -30.84 28.12
C ASP K 50 54.56 -30.57 27.23
N TYR K 51 55.67 -30.15 27.84
CA TYR K 51 56.87 -29.83 27.07
C TYR K 51 58.06 -30.61 27.60
N LYS K 52 59.21 -30.37 26.96
CA LYS K 52 60.45 -31.08 27.22
C LYS K 52 61.61 -30.18 26.79
N THR K 53 62.71 -30.25 27.51
CA THR K 53 63.89 -29.43 27.22
C THR K 53 64.92 -30.23 26.44
N LYS K 54 65.88 -29.51 25.85
CA LYS K 54 67.02 -30.12 25.20
C LYS K 54 68.27 -29.32 25.50
N VAL K 55 69.35 -30.05 25.81
CA VAL K 55 70.66 -29.49 26.15
C VAL K 55 71.74 -30.11 25.27
N PRO K 56 71.87 -29.72 24.03
CA PRO K 56 72.76 -30.45 23.11
C PRO K 56 74.25 -30.21 23.28
N SER K 57 74.90 -31.00 24.16
CA SER K 57 76.33 -31.31 24.12
C SER K 57 77.29 -30.12 24.10
N PRO K 58 77.63 -29.55 25.26
CA PRO K 58 78.31 -28.26 25.32
C PRO K 58 79.71 -28.31 24.71
N TYR K 59 80.21 -27.12 24.41
CA TYR K 59 81.39 -26.95 23.56
C TYR K 59 82.57 -26.48 24.38
N VAL K 60 83.70 -27.18 24.24
CA VAL K 60 84.99 -26.73 24.77
C VAL K 60 85.98 -26.62 23.64
N LYS K 61 86.73 -25.51 23.62
CA LYS K 61 88.00 -25.44 22.92
C LYS K 61 88.88 -24.58 23.81
N CYS K 62 90.15 -24.96 23.90
CA CYS K 62 91.01 -24.41 24.93
C CYS K 62 92.21 -23.68 24.33
N CYS K 63 92.71 -22.73 25.14
CA CYS K 63 93.52 -21.59 24.72
C CYS K 63 93.06 -21.00 23.37
N GLY K 64 91.79 -20.61 23.38
CA GLY K 64 91.10 -19.87 22.34
C GLY K 64 89.69 -19.63 22.86
N THR K 65 89.17 -18.40 22.78
CA THR K 65 88.12 -18.05 23.73
C THR K 65 86.74 -18.58 23.35
N ALA K 66 86.04 -17.90 22.43
CA ALA K 66 84.68 -18.27 22.01
C ALA K 66 84.11 -17.27 21.03
N GLU K 67 82.97 -17.64 20.42
CA GLU K 67 81.77 -16.79 20.27
C GLU K 67 80.62 -17.65 19.78
N CYS K 68 79.46 -17.56 20.45
CA CYS K 68 78.30 -18.27 19.96
C CYS K 68 77.43 -17.34 19.10
N ARG K 69 76.60 -17.96 18.27
CA ARG K 69 75.75 -17.25 17.34
C ARG K 69 74.29 -17.44 17.73
N THR K 70 73.45 -16.49 17.37
CA THR K 70 72.03 -16.63 17.60
C THR K 70 71.37 -17.41 16.47
N GLN K 71 70.18 -17.93 16.75
CA GLN K 71 69.40 -18.67 15.76
C GLN K 71 67.94 -18.69 16.18
N ASP K 72 67.07 -18.88 15.18
CA ASP K 72 65.62 -18.79 15.37
C ASP K 72 65.08 -20.11 15.90
N LYS K 73 64.55 -20.08 17.14
CA LYS K 73 63.86 -21.16 17.84
C LYS K 73 63.32 -20.52 19.12
N PRO K 74 62.18 -20.96 19.66
CA PRO K 74 61.63 -20.28 20.85
C PRO K 74 62.46 -20.52 22.09
N GLU K 75 62.80 -19.42 22.77
CA GLU K 75 63.50 -19.41 24.07
C GLU K 75 64.89 -20.02 23.94
N TYR K 76 65.70 -19.42 23.08
CA TYR K 76 67.10 -19.82 22.95
C TYR K 76 67.95 -18.91 23.81
N LYS K 77 68.78 -19.47 24.67
CA LYS K 77 69.69 -18.69 25.49
C LYS K 77 71.07 -19.32 25.46
N CYS K 78 72.07 -18.54 25.07
CA CYS K 78 73.47 -18.96 25.06
C CYS K 78 74.24 -18.19 26.12
N ALA K 79 75.34 -18.78 26.57
CA ALA K 79 76.15 -18.16 27.62
C ALA K 79 77.63 -18.37 27.31
N VAL K 80 78.48 -17.78 28.15
CA VAL K 80 79.93 -17.83 27.95
C VAL K 80 80.62 -17.65 29.30
N PHE K 81 81.49 -18.59 29.65
CA PHE K 81 82.05 -18.71 31.00
C PHE K 81 83.56 -18.80 30.89
N THR K 82 84.27 -17.99 31.66
CA THR K 82 85.72 -17.93 31.60
C THR K 82 86.37 -18.59 32.80
N GLY K 83 87.58 -19.11 32.58
CA GLY K 83 88.36 -19.69 33.66
C GLY K 83 87.97 -21.09 34.07
N VAL K 84 87.49 -21.91 33.16
CA VAL K 84 87.07 -23.26 33.49
C VAL K 84 88.23 -24.21 33.25
N TYR K 85 88.36 -25.21 34.13
CA TYR K 85 89.40 -26.24 34.01
C TYR K 85 88.75 -27.58 34.29
N PRO K 86 88.31 -28.29 33.26
CA PRO K 86 87.67 -29.59 33.47
C PRO K 86 88.70 -30.66 33.81
N PHE K 87 88.17 -31.83 34.16
CA PHE K 87 89.02 -32.98 34.46
C PHE K 87 88.20 -34.23 34.12
N MET K 88 88.41 -34.74 32.93
CA MET K 88 87.55 -35.76 32.35
C MET K 88 88.04 -37.12 32.86
N TRP K 89 87.59 -38.21 32.23
CA TRP K 89 87.80 -39.56 32.76
C TRP K 89 89.26 -39.98 32.73
N GLY K 90 89.92 -39.87 31.58
CA GLY K 90 91.24 -40.45 31.43
C GLY K 90 92.32 -39.71 32.21
N GLY K 91 92.31 -38.38 32.12
CA GLY K 91 93.25 -37.57 32.85
C GLY K 91 92.78 -36.13 32.84
N ALA K 92 93.71 -35.19 32.78
CA ALA K 92 93.30 -33.81 32.57
C ALA K 92 93.16 -33.55 31.08
N TYR K 93 92.10 -32.81 30.72
CA TYR K 93 91.65 -32.72 29.33
C TYR K 93 92.63 -31.92 28.47
N CYS K 94 92.77 -30.62 28.72
CA CYS K 94 93.80 -29.85 28.04
C CYS K 94 94.32 -28.74 28.96
N PHE K 95 95.53 -28.25 28.64
CA PHE K 95 96.42 -27.66 29.64
C PHE K 95 96.63 -26.16 29.53
N CYS K 96 95.89 -25.46 28.66
CA CYS K 96 96.03 -24.01 28.55
C CYS K 96 95.24 -23.36 29.70
N ASP K 97 95.84 -23.43 30.90
CA ASP K 97 95.10 -23.51 32.15
C ASP K 97 94.31 -22.25 32.47
N SER K 98 94.95 -21.09 32.35
CA SER K 98 94.29 -19.86 32.78
C SER K 98 93.23 -19.41 31.79
N GLU K 99 93.58 -19.32 30.51
CA GLU K 99 92.69 -18.79 29.49
C GLU K 99 91.95 -19.96 28.84
N ASN K 100 90.87 -20.39 29.49
CA ASN K 100 89.91 -21.30 28.87
C ASN K 100 88.52 -20.70 29.00
N THR K 101 87.68 -20.99 28.01
CA THR K 101 86.35 -20.42 27.94
C THR K 101 85.42 -21.53 27.45
N GLN K 102 84.14 -21.43 27.80
CA GLN K 102 83.19 -22.50 27.51
C GLN K 102 81.80 -21.92 27.35
N MET K 103 81.03 -22.46 26.41
CA MET K 103 79.69 -21.95 26.11
C MET K 103 78.64 -22.99 26.44
N SER K 104 77.39 -22.54 26.49
CA SER K 104 76.25 -23.41 26.79
C SER K 104 75.00 -22.85 26.14
N GLU K 105 74.14 -23.76 25.68
CA GLU K 105 72.83 -23.38 25.15
C GLU K 105 71.86 -24.50 25.42
N ALA K 106 70.57 -24.17 25.34
CA ALA K 106 69.47 -25.11 25.59
C ALA K 106 68.21 -24.50 25.04
N TYR K 107 67.20 -25.34 24.78
CA TYR K 107 65.90 -24.79 24.40
C TYR K 107 64.76 -25.70 24.84
N VAL K 108 63.55 -25.29 24.48
CA VAL K 108 62.30 -25.88 24.93
C VAL K 108 61.44 -26.25 23.71
N GLU K 109 60.89 -27.46 23.72
CA GLU K 109 60.02 -27.89 22.64
C GLU K 109 58.92 -28.75 23.21
N ARG K 110 57.95 -29.10 22.37
CA ARG K 110 56.85 -29.92 22.82
C ARG K 110 57.24 -31.38 22.85
N ALA K 111 56.54 -32.13 23.70
CA ALA K 111 56.93 -33.51 24.00
C ALA K 111 56.46 -34.44 22.89
N ASP K 112 56.58 -35.74 23.14
CA ASP K 112 56.23 -36.73 22.15
C ASP K 112 54.82 -37.26 22.28
N VAL K 113 54.11 -36.89 23.35
CA VAL K 113 52.78 -37.42 23.60
C VAL K 113 51.70 -36.35 23.44
N CYS K 114 52.01 -35.26 22.75
CA CYS K 114 51.00 -34.22 22.57
C CYS K 114 49.92 -34.65 21.59
N LYS K 115 50.25 -35.49 20.61
CA LYS K 115 49.22 -35.85 19.62
C LYS K 115 48.32 -37.00 20.08
N HIS K 116 48.43 -37.42 21.33
CA HIS K 116 47.39 -38.21 21.98
C HIS K 116 46.80 -37.53 23.20
N ASP K 117 47.47 -36.52 23.75
CA ASP K 117 47.14 -35.96 25.06
C ASP K 117 47.30 -34.45 24.95
N TYR K 118 46.19 -33.72 25.06
CA TYR K 118 46.21 -32.28 25.06
C TYR K 118 44.96 -31.79 25.77
N ALA K 119 44.90 -30.48 25.96
CA ALA K 119 43.76 -29.86 26.65
C ALA K 119 43.50 -28.53 25.96
N ALA K 120 42.39 -28.43 25.24
CA ALA K 120 42.15 -27.30 24.37
C ALA K 120 41.12 -26.36 24.97
N ALA K 121 41.16 -25.12 24.53
CA ALA K 121 40.17 -24.11 24.88
C ALA K 121 39.21 -23.91 23.73
N TYR K 122 38.14 -23.16 24.00
CA TYR K 122 37.04 -22.98 23.04
C TYR K 122 36.31 -21.69 23.37
N ARG K 123 35.12 -21.53 22.79
CA ARG K 123 34.23 -20.39 23.02
C ARG K 123 32.83 -20.81 22.56
N ALA K 124 31.80 -20.36 23.27
CA ALA K 124 30.43 -20.76 22.99
C ALA K 124 29.61 -19.61 22.44
N HIS K 125 28.44 -19.95 21.90
CA HIS K 125 27.54 -18.99 21.28
C HIS K 125 26.11 -19.48 21.50
N THR K 126 25.18 -18.98 20.68
CA THR K 126 23.80 -19.45 20.68
C THR K 126 23.76 -20.91 20.24
N ALA K 127 22.76 -21.65 20.73
CA ALA K 127 22.69 -23.10 20.56
C ALA K 127 21.32 -23.53 20.06
N SER K 128 21.27 -24.69 19.42
CA SER K 128 20.03 -25.28 18.94
C SER K 128 19.87 -26.68 19.51
N LEU K 129 18.63 -27.16 19.57
CA LEU K 129 18.33 -28.42 20.24
C LEU K 129 17.38 -29.25 19.39
N ARG K 130 17.50 -30.57 19.50
CA ARG K 130 16.67 -31.47 18.71
C ARG K 130 16.11 -32.60 19.56
N ALA K 131 14.91 -33.04 19.24
CA ALA K 131 14.17 -33.99 20.08
C ALA K 131 13.77 -35.22 19.29
N LYS K 132 13.36 -36.26 20.01
CA LYS K 132 12.77 -37.45 19.42
C LYS K 132 11.46 -37.76 20.13
N ILE K 133 10.38 -37.81 19.35
CA ILE K 133 9.01 -37.83 19.85
C ILE K 133 8.29 -39.05 19.32
N LYS K 134 7.64 -39.78 20.22
CA LYS K 134 6.77 -40.91 19.89
C LYS K 134 5.34 -40.39 19.93
N VAL K 135 4.64 -40.49 18.80
CA VAL K 135 3.29 -39.98 18.66
C VAL K 135 2.37 -41.13 18.26
N THR K 136 1.25 -41.29 18.97
CA THR K 136 0.38 -42.39 18.58
C THR K 136 -1.09 -42.03 18.75
N TYR K 137 -1.89 -42.69 17.90
CA TYR K 137 -3.30 -42.45 17.64
C TYR K 137 -3.77 -43.49 16.64
N GLY K 138 -5.09 -43.54 16.45
CA GLY K 138 -5.71 -44.29 15.37
C GLY K 138 -5.41 -45.77 15.40
N THR K 139 -4.61 -46.23 14.44
CA THR K 139 -4.10 -47.59 14.39
C THR K 139 -2.59 -47.62 14.22
N VAL K 140 -1.85 -46.66 14.77
CA VAL K 140 -0.44 -46.56 14.39
C VAL K 140 0.49 -46.11 15.53
N ASN K 141 1.54 -46.89 15.78
CA ASN K 141 2.67 -46.49 16.61
C ASN K 141 3.80 -45.95 15.73
N GLN K 142 4.24 -44.73 15.98
CA GLN K 142 5.35 -44.14 15.25
C GLN K 142 6.19 -43.25 16.15
N THR K 143 7.45 -43.11 15.77
CA THR K 143 8.41 -42.20 16.38
C THR K 143 9.08 -41.40 15.29
N VAL K 144 9.61 -40.24 15.67
CA VAL K 144 10.08 -39.26 14.71
C VAL K 144 11.09 -38.33 15.39
N GLU K 145 12.22 -38.11 14.73
CA GLU K 145 13.22 -37.15 15.19
C GLU K 145 12.98 -35.81 14.51
N ALA K 146 13.32 -34.74 15.21
CA ALA K 146 12.94 -33.42 14.70
C ALA K 146 13.82 -32.34 15.28
N TYR K 147 14.17 -31.39 14.43
CA TYR K 147 14.71 -30.12 14.89
C TYR K 147 13.61 -29.29 15.54
N VAL K 148 14.01 -28.33 16.36
CA VAL K 148 13.06 -27.59 17.18
C VAL K 148 13.00 -26.11 16.79
N ASN K 149 13.99 -25.56 16.10
CA ASN K 149 13.81 -24.27 15.44
C ASN K 149 12.74 -24.40 14.36
N GLY K 150 11.82 -23.45 14.32
CA GLY K 150 10.56 -23.66 13.63
C GLY K 150 10.64 -23.62 12.13
N ASP K 151 11.36 -24.57 11.53
CA ASP K 151 11.42 -24.64 10.08
C ASP K 151 11.31 -26.05 9.51
N HIS K 152 11.48 -27.10 10.31
CA HIS K 152 11.69 -28.45 9.81
C HIS K 152 10.42 -29.26 9.93
N ALA K 153 9.82 -29.60 8.79
CA ALA K 153 8.66 -30.46 8.75
C ALA K 153 9.10 -31.92 8.72
N VAL K 154 8.10 -32.82 8.82
CA VAL K 154 8.37 -34.24 8.75
C VAL K 154 7.06 -34.93 8.37
N THR K 155 7.17 -36.03 7.64
CA THR K 155 6.02 -36.67 7.02
C THR K 155 5.74 -38.01 7.69
N LEU K 156 4.57 -38.13 8.28
CA LEU K 156 3.96 -39.42 8.58
C LEU K 156 3.09 -39.82 7.39
N ALA K 157 2.16 -40.76 7.58
CA ALA K 157 1.29 -41.19 6.50
C ALA K 157 0.27 -40.09 6.17
N GLY K 158 0.75 -39.07 5.47
CA GLY K 158 -0.08 -37.99 4.97
C GLY K 158 -0.07 -36.72 5.77
N THR K 159 0.51 -36.70 6.97
CA THR K 159 0.38 -35.58 7.88
C THR K 159 1.70 -34.80 8.02
N LYS K 160 1.59 -33.55 8.47
CA LYS K 160 2.74 -32.67 8.62
C LYS K 160 2.82 -32.20 10.06
N PHE K 161 4.00 -32.34 10.66
CA PHE K 161 4.27 -31.80 12.00
C PHE K 161 5.35 -30.74 11.85
N ILE K 162 5.09 -29.53 12.34
CA ILE K 162 6.16 -28.55 12.55
C ILE K 162 6.06 -28.03 13.97
N PHE K 163 7.22 -27.84 14.60
CA PHE K 163 7.32 -27.59 16.02
C PHE K 163 7.65 -26.13 16.29
N GLY K 164 7.15 -25.63 17.43
CA GLY K 164 7.37 -24.26 17.84
C GLY K 164 8.83 -24.06 18.18
N PRO K 165 9.32 -22.80 18.07
CA PRO K 165 10.76 -22.55 18.19
C PRO K 165 11.40 -22.92 19.54
N VAL K 166 11.04 -22.23 20.64
CA VAL K 166 11.51 -22.57 21.97
C VAL K 166 10.65 -21.80 22.95
N SER K 167 10.65 -22.23 24.21
CA SER K 167 10.25 -21.32 25.29
C SER K 167 11.31 -20.24 25.49
N THR K 168 12.53 -20.66 25.84
CA THR K 168 13.69 -19.79 25.92
C THR K 168 14.94 -20.63 25.75
N ALA K 169 16.00 -20.01 25.24
CA ALA K 169 17.18 -20.72 24.77
C ALA K 169 18.42 -20.44 25.60
N TRP K 170 18.28 -20.43 26.93
CA TRP K 170 19.45 -20.39 27.78
C TRP K 170 20.16 -21.74 27.76
N THR K 171 21.38 -21.77 28.28
CA THR K 171 22.20 -22.97 28.26
C THR K 171 22.92 -23.10 29.60
N PRO K 172 23.33 -24.32 29.97
CA PRO K 172 24.26 -24.51 31.09
C PRO K 172 25.72 -24.37 30.68
N PHE K 173 26.04 -23.30 29.97
CA PHE K 173 27.39 -22.95 29.61
C PHE K 173 27.49 -21.43 29.64
N ASP K 174 28.68 -20.93 29.92
CA ASP K 174 28.96 -19.53 29.66
C ASP K 174 30.02 -19.46 28.57
N THR K 175 30.51 -18.24 28.29
CA THR K 175 31.16 -17.97 27.02
C THR K 175 32.53 -18.64 26.86
N LYS K 176 33.16 -19.12 27.93
CA LYS K 176 34.47 -19.73 27.81
C LYS K 176 34.48 -21.08 28.52
N ILE K 177 34.72 -22.16 27.77
CA ILE K 177 34.81 -23.50 28.33
C ILE K 177 36.14 -24.12 27.91
N VAL K 178 36.59 -25.14 28.63
CA VAL K 178 37.83 -25.83 28.31
C VAL K 178 37.62 -27.34 28.46
N VAL K 179 38.01 -28.09 27.43
CA VAL K 179 37.63 -29.50 27.29
C VAL K 179 38.88 -30.37 27.34
N TYR K 180 38.88 -31.36 28.22
CA TYR K 180 39.96 -32.33 28.36
C TYR K 180 39.38 -33.70 28.64
N LYS K 181 39.23 -34.49 27.58
CA LYS K 181 39.05 -35.96 27.63
C LYS K 181 37.80 -36.37 28.43
N GLY K 182 36.63 -36.01 27.90
CA GLY K 182 35.41 -36.58 28.39
C GLY K 182 34.71 -35.83 29.49
N GLU K 183 35.23 -34.67 29.90
CA GLU K 183 34.45 -33.79 30.76
C GLU K 183 34.85 -32.35 30.47
N VAL K 184 33.91 -31.46 30.67
CA VAL K 184 34.09 -30.06 30.32
C VAL K 184 34.19 -29.27 31.62
N TYR K 185 34.98 -28.21 31.62
CA TYR K 185 35.19 -27.41 32.82
C TYR K 185 34.63 -26.02 32.60
N ASN K 186 34.89 -25.14 33.54
CA ASN K 186 34.41 -23.77 33.40
C ASN K 186 35.46 -22.84 34.00
N GLN K 187 36.39 -22.40 33.15
CA GLN K 187 37.54 -21.62 33.58
C GLN K 187 37.43 -20.20 33.04
N ASP K 188 38.48 -19.43 33.24
CA ASP K 188 38.65 -18.10 32.61
C ASP K 188 40.13 -17.99 32.27
N PHE K 189 40.46 -18.37 31.07
CA PHE K 189 41.83 -18.60 30.61
C PHE K 189 42.48 -17.33 30.08
N PRO K 190 43.82 -17.24 30.18
CA PRO K 190 44.51 -16.01 29.76
C PRO K 190 44.44 -15.83 28.26
N PRO K 191 44.49 -14.57 27.75
CA PRO K 191 44.10 -14.30 26.35
C PRO K 191 44.95 -14.94 25.26
N TYR K 192 46.21 -14.51 25.15
CA TYR K 192 47.21 -15.12 24.29
C TYR K 192 48.54 -14.46 24.60
N GLY K 193 49.60 -15.24 24.75
CA GLY K 193 50.91 -14.68 24.92
C GLY K 193 51.12 -13.91 26.20
N ALA K 194 50.30 -14.14 27.22
CA ALA K 194 50.45 -13.46 28.49
C ALA K 194 50.39 -14.44 29.65
N GLY K 195 50.76 -15.69 29.39
CA GLY K 195 50.76 -16.68 30.43
C GLY K 195 51.98 -16.53 31.33
N GLN K 196 51.76 -16.03 32.54
CA GLN K 196 52.84 -15.96 33.51
C GLN K 196 53.16 -17.36 33.99
N PRO K 197 54.42 -17.63 34.37
CA PRO K 197 54.87 -19.03 34.52
C PRO K 197 54.24 -19.74 35.71
N GLY K 198 53.94 -21.02 35.51
CA GLY K 198 53.52 -21.89 36.59
C GLY K 198 52.09 -22.39 36.51
N ARG K 199 51.17 -21.49 36.18
CA ARG K 199 49.76 -21.83 36.17
C ARG K 199 49.36 -22.28 34.76
N PHE K 200 48.06 -22.39 34.51
CA PHE K 200 47.55 -22.93 33.26
C PHE K 200 47.84 -22.00 32.08
N GLY K 201 48.06 -22.60 30.92
CA GLY K 201 48.28 -21.82 29.72
C GLY K 201 49.71 -21.34 29.64
N ASP K 202 50.65 -22.23 29.92
CA ASP K 202 52.04 -21.85 29.94
C ASP K 202 52.71 -22.07 28.59
N ILE K 203 52.20 -23.01 27.79
CA ILE K 203 52.65 -23.23 26.42
C ILE K 203 51.44 -23.15 25.52
N GLN K 204 51.45 -22.23 24.57
CA GLN K 204 50.33 -22.12 23.66
C GLN K 204 50.73 -22.57 22.27
N SER K 205 49.69 -22.75 21.45
CA SER K 205 49.74 -23.05 20.03
C SER K 205 48.33 -22.99 19.50
N ARG K 206 48.18 -22.54 18.26
CA ARG K 206 46.96 -22.79 17.51
C ARG K 206 47.09 -24.17 16.86
N THR K 207 46.23 -24.44 15.85
CA THR K 207 45.90 -25.77 15.31
C THR K 207 47.12 -26.69 15.17
N LEU K 208 46.96 -27.91 15.64
CA LEU K 208 48.01 -28.56 16.42
C LEU K 208 49.18 -29.09 15.60
N ASP K 209 49.41 -28.65 14.37
CA ASP K 209 50.49 -29.27 13.61
C ASP K 209 51.88 -28.85 14.09
N SER K 210 52.31 -27.59 13.86
CA SER K 210 53.68 -27.16 14.15
C SER K 210 53.95 -25.67 13.92
N LYS K 211 55.25 -25.32 14.03
CA LYS K 211 55.99 -24.15 13.57
C LYS K 211 55.83 -22.88 14.41
N ASP K 212 54.92 -22.85 15.39
CA ASP K 212 54.72 -21.63 16.18
C ASP K 212 54.50 -22.01 17.63
N LEU K 213 55.19 -21.34 18.53
CA LEU K 213 55.07 -21.59 19.96
C LEU K 213 54.96 -20.27 20.72
N TYR K 214 54.83 -20.40 22.03
CA TYR K 214 55.02 -19.31 22.96
C TYR K 214 55.48 -19.96 24.26
N ALA K 215 56.55 -19.45 24.84
CA ALA K 215 57.16 -20.14 25.97
C ALA K 215 57.92 -19.13 26.81
N ASN K 216 57.49 -18.93 28.04
CA ASN K 216 58.22 -18.08 28.98
C ASN K 216 58.22 -18.75 30.34
N THR K 217 59.22 -19.59 30.57
CA THR K 217 59.38 -20.33 31.81
C THR K 217 60.57 -19.85 32.63
N GLY K 218 61.27 -18.82 32.18
CA GLY K 218 62.39 -18.29 32.93
C GLY K 218 63.62 -19.18 32.94
N LEU K 219 64.20 -19.45 31.77
CA LEU K 219 65.47 -20.15 31.72
C LEU K 219 66.59 -19.21 32.15
N LYS K 220 67.49 -19.71 32.97
CA LYS K 220 68.74 -19.03 33.27
C LYS K 220 69.85 -20.08 33.27
N LEU K 221 71.05 -19.65 32.94
CA LEU K 221 72.19 -20.57 32.90
C LEU K 221 73.11 -20.28 34.07
N ALA K 222 73.63 -21.33 34.69
CA ALA K 222 74.41 -21.18 35.91
C ALA K 222 75.85 -21.58 35.67
N ARG K 223 76.70 -21.33 36.67
CA ARG K 223 78.12 -21.65 36.54
C ARG K 223 78.36 -23.12 36.81
N PRO K 224 79.12 -23.83 35.97
CA PRO K 224 79.40 -25.24 36.22
C PRO K 224 80.32 -25.42 37.42
N ALA K 225 80.39 -26.67 37.89
CA ALA K 225 81.09 -27.01 39.11
C ALA K 225 82.60 -26.86 38.95
N ALA K 226 83.31 -26.98 40.06
CA ALA K 226 84.75 -26.87 40.07
C ALA K 226 85.35 -28.23 39.73
N GLY K 227 85.66 -28.44 38.45
CA GLY K 227 86.33 -29.64 38.05
C GLY K 227 85.45 -30.76 37.55
N ASN K 228 84.36 -30.45 36.87
CA ASN K 228 83.53 -31.44 36.19
C ASN K 228 83.10 -30.86 34.86
N ILE K 229 82.12 -31.49 34.21
CA ILE K 229 81.93 -31.31 32.78
C ILE K 229 80.49 -31.00 32.43
N HIS K 230 79.60 -31.01 33.42
CA HIS K 230 78.16 -31.04 33.15
C HIS K 230 77.64 -29.67 32.74
N VAL K 231 76.33 -29.61 32.51
CA VAL K 231 75.62 -28.36 32.20
C VAL K 231 74.56 -28.10 33.26
N PRO K 232 74.70 -27.07 34.07
CA PRO K 232 73.67 -26.74 35.05
C PRO K 232 72.51 -26.05 34.37
N TYR K 233 71.40 -25.95 35.11
CA TYR K 233 70.10 -25.78 34.52
C TYR K 233 69.07 -25.43 35.60
N THR K 234 68.30 -24.36 35.43
CA THR K 234 67.35 -23.95 36.46
C THR K 234 66.05 -23.44 35.84
N GLN K 235 64.93 -23.80 36.47
CA GLN K 235 63.65 -23.66 35.81
C GLN K 235 62.52 -23.81 36.82
N THR K 236 61.52 -22.95 36.74
CA THR K 236 60.29 -23.17 37.47
C THR K 236 59.58 -24.37 36.84
N PRO K 237 59.07 -25.30 37.63
CA PRO K 237 58.57 -26.57 37.06
C PRO K 237 57.31 -26.36 36.24
N SER K 238 56.95 -27.40 35.48
CA SER K 238 55.98 -27.28 34.41
C SER K 238 54.59 -26.93 34.92
N GLY K 239 53.77 -26.42 34.01
CA GLY K 239 52.49 -25.87 34.38
C GLY K 239 51.32 -26.77 34.05
N PHE K 240 51.49 -27.66 33.08
CA PHE K 240 50.40 -28.56 32.75
C PHE K 240 50.27 -29.65 33.80
N LYS K 241 51.35 -30.38 34.06
CA LYS K 241 51.26 -31.48 35.02
C LYS K 241 51.37 -31.03 36.47
N THR K 242 51.15 -29.77 36.77
CA THR K 242 50.79 -29.33 38.11
C THR K 242 49.34 -28.89 38.19
N TRP K 243 48.60 -28.98 37.09
CA TRP K 243 47.19 -28.65 37.06
C TRP K 243 46.32 -29.89 37.20
N GLN K 244 46.74 -31.02 36.65
CA GLN K 244 45.88 -32.18 36.57
C GLN K 244 45.99 -33.10 37.79
N LYS K 245 46.48 -32.58 38.92
CA LYS K 245 46.30 -33.29 40.19
C LYS K 245 45.60 -32.46 41.25
N ASP K 246 45.72 -31.13 41.18
CA ASP K 246 45.09 -30.20 42.14
C ASP K 246 44.14 -29.36 41.32
N ARG K 247 42.95 -29.87 41.04
CA ARG K 247 42.27 -29.34 39.87
C ARG K 247 41.04 -28.49 40.19
N ASP K 248 39.93 -29.17 40.53
CA ASP K 248 38.63 -28.59 40.88
C ASP K 248 37.68 -29.78 41.03
N SER K 249 36.40 -29.51 41.26
CA SER K 249 35.39 -30.51 40.92
C SER K 249 34.87 -30.25 39.51
N PRO K 250 34.67 -31.27 38.68
CA PRO K 250 34.25 -31.06 37.29
C PRO K 250 32.83 -30.54 37.12
N LEU K 251 32.37 -30.38 35.88
CA LEU K 251 31.01 -29.90 35.62
C LEU K 251 30.01 -31.03 35.52
N ASN K 252 30.44 -32.28 35.46
CA ASN K 252 29.49 -33.37 35.56
C ASN K 252 28.95 -33.60 36.98
N ALA K 253 29.25 -32.73 37.94
CA ALA K 253 28.70 -32.85 39.27
C ALA K 253 27.97 -31.61 39.76
N LYS K 254 28.06 -30.49 39.05
CA LYS K 254 27.29 -29.30 39.43
C LYS K 254 26.39 -28.83 38.29
N ALA K 255 25.99 -29.74 37.42
CA ALA K 255 25.09 -29.40 36.32
C ALA K 255 23.69 -29.12 36.88
N PRO K 256 22.99 -28.11 36.36
CA PRO K 256 21.77 -27.64 37.02
C PRO K 256 20.57 -28.57 37.03
N PHE K 257 20.13 -29.12 35.90
CA PHE K 257 18.85 -29.82 35.86
C PHE K 257 18.98 -31.30 35.54
N GLY K 258 20.00 -31.97 36.04
CA GLY K 258 20.21 -33.34 35.62
C GLY K 258 20.80 -33.45 34.25
N CYS K 259 21.40 -32.37 33.76
CA CYS K 259 21.77 -32.25 32.39
C CYS K 259 23.11 -32.94 32.19
N THR K 260 23.08 -34.16 31.64
CA THR K 260 24.27 -35.00 31.60
C THR K 260 25.07 -34.78 30.33
N ILE K 261 26.37 -35.02 30.40
CA ILE K 261 27.31 -34.65 29.34
C ILE K 261 28.05 -35.89 28.88
N GLN K 262 28.28 -36.00 27.57
CA GLN K 262 29.35 -36.83 27.03
C GLN K 262 29.76 -36.23 25.69
N THR K 263 31.06 -36.31 25.37
CA THR K 263 31.55 -35.36 24.37
C THR K 263 32.73 -35.88 23.55
N ASN K 264 32.43 -36.53 22.43
CA ASN K 264 33.32 -36.30 21.29
C ASN K 264 32.78 -35.13 20.44
N PRO K 265 31.49 -35.01 20.15
CA PRO K 265 30.91 -33.66 20.07
C PRO K 265 30.24 -33.30 21.39
N VAL K 266 30.41 -32.04 21.80
CA VAL K 266 29.89 -31.60 23.09
C VAL K 266 28.36 -31.52 23.04
N ARG K 267 27.70 -32.08 24.06
CA ARG K 267 26.25 -32.16 24.11
C ARG K 267 25.79 -31.89 25.54
N ALA K 268 24.48 -31.96 25.76
CA ALA K 268 23.87 -31.88 27.08
C ALA K 268 22.49 -32.50 27.00
N MET K 269 22.31 -33.68 27.57
CA MET K 269 21.17 -34.54 27.23
C MET K 269 20.13 -34.60 28.34
N ASN K 270 18.89 -34.92 27.94
CA ASN K 270 17.72 -35.14 28.83
C ASN K 270 17.43 -33.95 29.74
N CYS K 271 17.72 -32.75 29.25
CA CYS K 271 17.74 -31.58 30.11
C CYS K 271 16.32 -31.07 30.24
N ALA K 272 15.79 -31.05 31.46
CA ALA K 272 14.34 -31.03 31.67
C ALA K 272 13.87 -29.68 32.19
N VAL K 273 13.63 -28.73 31.28
CA VAL K 273 13.03 -27.45 31.59
C VAL K 273 12.08 -27.05 30.47
N GLY K 274 10.84 -26.75 30.82
CA GLY K 274 10.01 -25.90 29.99
C GLY K 274 8.99 -26.63 29.14
N ASN K 275 8.50 -25.91 28.15
CA ASN K 275 7.46 -26.40 27.26
C ASN K 275 7.94 -26.26 25.83
N ILE K 276 7.51 -27.18 24.96
CA ILE K 276 7.78 -27.05 23.54
C ILE K 276 6.46 -27.04 22.78
N PRO K 277 6.22 -26.07 21.91
CA PRO K 277 4.96 -26.02 21.17
C PRO K 277 5.00 -26.92 19.95
N VAL K 278 3.81 -27.32 19.50
CA VAL K 278 3.65 -28.23 18.38
C VAL K 278 2.46 -27.74 17.56
N SER K 279 2.55 -27.88 16.23
CA SER K 279 1.39 -27.65 15.38
C SER K 279 1.22 -28.81 14.41
N MET K 280 0.03 -28.89 13.83
CA MET K 280 -0.54 -30.10 13.29
C MET K 280 -1.20 -29.83 11.96
N ASP K 281 -0.83 -30.60 10.93
CA ASP K 281 -1.61 -30.72 9.70
C ASP K 281 -2.02 -32.17 9.56
N ILE K 282 -3.31 -32.45 9.76
CA ILE K 282 -3.82 -33.82 9.89
C ILE K 282 -4.50 -34.21 8.58
N ALA K 283 -4.23 -35.44 8.13
CA ALA K 283 -4.82 -36.00 6.92
C ALA K 283 -6.28 -36.39 7.19
N ASP K 284 -6.91 -37.03 6.21
CA ASP K 284 -8.33 -37.27 6.28
C ASP K 284 -8.69 -38.75 6.35
N SER K 285 -7.80 -39.66 5.98
CA SER K 285 -8.10 -41.08 6.03
C SER K 285 -7.79 -41.70 7.38
N ALA K 286 -7.79 -40.91 8.46
CA ALA K 286 -7.56 -41.42 9.80
C ALA K 286 -8.68 -41.01 10.76
N PHE K 287 -9.89 -40.82 10.24
CA PHE K 287 -11.08 -40.61 11.05
C PHE K 287 -12.06 -41.76 10.81
N THR K 288 -13.20 -41.70 11.51
CA THR K 288 -14.36 -42.53 11.27
C THR K 288 -15.55 -41.62 11.08
N ARG K 289 -16.41 -41.90 10.10
CA ARG K 289 -17.39 -40.85 9.78
C ARG K 289 -18.59 -40.85 10.70
N LEU K 290 -19.58 -41.72 10.47
CA LEU K 290 -20.63 -42.02 11.44
C LEU K 290 -21.07 -43.47 11.39
N THR K 291 -20.68 -44.19 10.34
CA THR K 291 -21.26 -45.49 10.04
C THR K 291 -20.91 -46.52 11.12
N ASP K 292 -19.63 -46.62 11.48
CA ASP K 292 -19.23 -47.41 12.62
C ASP K 292 -19.03 -46.56 13.87
N ALA K 293 -19.78 -45.47 13.99
CA ALA K 293 -19.79 -44.71 15.22
C ALA K 293 -20.96 -45.15 16.07
N PRO K 294 -20.73 -45.75 17.23
CA PRO K 294 -21.85 -46.17 18.08
C PRO K 294 -22.48 -45.00 18.82
N ILE K 295 -23.76 -45.15 19.13
CA ILE K 295 -24.53 -44.12 19.84
C ILE K 295 -24.64 -44.54 21.30
N ILE K 296 -24.20 -43.65 22.20
CA ILE K 296 -24.10 -43.95 23.62
C ILE K 296 -24.81 -42.83 24.37
N SER K 297 -25.71 -43.19 25.29
CA SER K 297 -26.46 -42.19 26.05
C SER K 297 -26.60 -42.66 27.50
N GLU K 298 -27.19 -41.77 28.32
CA GLU K 298 -27.36 -41.88 29.79
C GLU K 298 -26.12 -42.42 30.51
N LEU K 299 -25.04 -41.65 30.40
CA LEU K 299 -23.78 -42.04 31.01
C LEU K 299 -23.76 -41.67 32.49
N LEU K 300 -23.30 -42.58 33.33
CA LEU K 300 -23.26 -42.35 34.77
C LEU K 300 -21.98 -42.94 35.36
N CYS K 301 -21.18 -42.10 36.01
CA CYS K 301 -19.87 -42.45 36.52
C CYS K 301 -19.86 -42.42 38.04
N THR K 302 -19.22 -43.42 38.65
CA THR K 302 -19.03 -43.49 40.09
C THR K 302 -17.53 -43.65 40.36
N VAL K 303 -17.19 -43.95 41.61
CA VAL K 303 -15.80 -44.10 42.01
C VAL K 303 -15.75 -45.14 43.13
N SER K 304 -14.60 -45.77 43.30
CA SER K 304 -14.51 -46.69 44.42
C SER K 304 -13.27 -46.49 45.28
N THR K 305 -12.14 -46.13 44.70
CA THR K 305 -10.86 -46.17 45.41
C THR K 305 -10.00 -45.02 44.94
N CYS K 306 -9.24 -44.40 45.84
CA CYS K 306 -8.19 -43.49 45.40
C CYS K 306 -7.05 -43.45 46.41
N THR K 307 -5.89 -43.01 45.93
CA THR K 307 -4.75 -42.52 46.71
C THR K 307 -4.27 -41.24 46.03
N HIS K 308 -3.10 -40.71 46.40
CA HIS K 308 -2.68 -39.54 45.63
C HIS K 308 -2.06 -39.95 44.28
N SER K 309 -1.10 -40.89 44.19
CA SER K 309 0.06 -41.10 45.05
C SER K 309 1.30 -40.78 44.24
N SER K 310 1.66 -41.66 43.31
CA SER K 310 2.58 -41.32 42.23
C SER K 310 2.33 -42.12 40.97
N ASP K 311 1.33 -42.97 40.93
CA ASP K 311 1.02 -43.75 39.75
C ASP K 311 -0.48 -43.95 39.70
N PHE K 312 -0.91 -44.90 38.89
CA PHE K 312 -2.31 -45.00 38.50
C PHE K 312 -3.09 -45.64 39.64
N GLY K 313 -3.42 -44.81 40.63
CA GLY K 313 -4.11 -45.25 41.82
C GLY K 313 -5.45 -44.60 42.00
N GLY K 314 -6.21 -44.44 40.92
CA GLY K 314 -7.60 -44.11 41.03
C GLY K 314 -8.40 -44.89 40.01
N VAL K 315 -9.46 -45.58 40.42
CA VAL K 315 -10.21 -46.45 39.52
C VAL K 315 -11.66 -45.99 39.48
N ALA K 316 -12.27 -46.06 38.30
CA ALA K 316 -13.69 -45.73 38.19
C ALA K 316 -14.34 -46.64 37.16
N VAL K 317 -15.65 -46.88 37.34
CA VAL K 317 -16.43 -47.69 36.42
C VAL K 317 -17.31 -46.75 35.61
N LEU K 318 -17.89 -47.29 34.54
CA LEU K 318 -18.82 -46.53 33.72
C LEU K 318 -20.04 -47.36 33.39
N SER K 319 -21.19 -46.70 33.27
CA SER K 319 -22.45 -47.32 32.93
C SER K 319 -23.11 -46.58 31.76
N TYR K 320 -23.58 -47.34 30.78
CA TYR K 320 -24.13 -46.76 29.56
C TYR K 320 -24.93 -47.82 28.81
N LYS K 321 -25.98 -47.37 28.12
CA LYS K 321 -26.79 -48.22 27.27
C LYS K 321 -26.31 -48.12 25.84
N VAL K 322 -26.09 -49.27 25.22
CA VAL K 322 -25.47 -49.33 23.92
C VAL K 322 -26.55 -49.56 22.88
N GLU K 323 -26.20 -49.38 21.61
CA GLU K 323 -26.98 -49.87 20.49
C GLU K 323 -26.16 -50.62 19.45
N LYS K 324 -24.84 -50.43 19.41
CA LYS K 324 -24.01 -51.09 18.41
C LYS K 324 -22.59 -51.22 18.97
N ALA K 325 -21.93 -52.32 18.63
CA ALA K 325 -20.57 -52.54 19.09
C ALA K 325 -19.59 -51.68 18.29
N GLY K 326 -18.34 -51.65 18.75
CA GLY K 326 -17.33 -50.80 18.15
C GLY K 326 -16.21 -50.41 19.09
N ARG K 327 -15.76 -49.16 19.01
CA ARG K 327 -14.67 -48.65 19.84
C ARG K 327 -14.77 -47.15 19.92
N CYS K 328 -15.03 -46.62 21.12
CA CYS K 328 -15.08 -45.18 21.32
C CYS K 328 -13.78 -44.67 21.95
N ASP K 329 -13.73 -43.37 22.22
CA ASP K 329 -12.56 -42.68 22.70
C ASP K 329 -12.88 -41.90 23.96
N VAL K 330 -11.90 -41.76 24.86
CA VAL K 330 -12.13 -41.22 26.18
C VAL K 330 -11.21 -40.04 26.46
N HIS K 331 -11.65 -39.15 27.34
CA HIS K 331 -10.89 -37.98 27.75
C HIS K 331 -11.53 -37.35 28.99
N SER K 332 -10.70 -36.72 29.83
CA SER K 332 -11.14 -35.88 30.94
C SER K 332 -10.69 -34.44 30.68
N HIS K 333 -11.65 -33.50 30.64
CA HIS K 333 -11.43 -32.16 30.11
C HIS K 333 -10.90 -31.18 31.14
N SER K 334 -10.15 -31.63 32.14
CA SER K 334 -9.57 -30.68 33.08
C SER K 334 -8.16 -31.13 33.46
N ASN K 335 -7.43 -30.21 34.05
CA ASN K 335 -6.00 -30.36 34.28
C ASN K 335 -5.68 -30.97 35.63
N VAL K 336 -6.67 -31.53 36.31
CA VAL K 336 -6.45 -32.01 37.68
C VAL K 336 -6.23 -33.53 37.72
N ALA K 337 -6.53 -34.26 36.64
CA ALA K 337 -6.40 -35.70 36.64
C ALA K 337 -6.32 -36.19 35.21
N VAL K 338 -5.26 -36.93 34.88
CA VAL K 338 -5.06 -37.45 33.53
C VAL K 338 -5.39 -38.92 33.50
N LEU K 339 -6.02 -39.35 32.41
CA LEU K 339 -6.42 -40.73 32.30
C LEU K 339 -5.27 -41.58 31.79
N GLN K 340 -5.52 -42.87 31.60
CA GLN K 340 -4.49 -43.83 31.21
C GLN K 340 -4.68 -44.36 29.81
N GLU K 341 -5.81 -44.98 29.55
CA GLU K 341 -6.00 -45.69 28.29
C GLU K 341 -6.60 -44.78 27.24
N VAL K 342 -6.29 -45.09 25.98
CA VAL K 342 -6.59 -44.20 24.87
C VAL K 342 -7.88 -44.57 24.15
N SER K 343 -8.38 -45.80 24.34
CA SER K 343 -9.65 -46.17 23.72
C SER K 343 -10.32 -47.25 24.56
N ILE K 344 -11.51 -46.93 25.08
CA ILE K 344 -12.35 -47.89 25.77
C ILE K 344 -12.87 -48.94 24.77
N GLU K 345 -13.38 -50.03 25.29
CA GLU K 345 -14.01 -51.06 24.48
C GLU K 345 -15.51 -50.74 24.42
N ALA K 346 -16.25 -51.52 23.63
CA ALA K 346 -17.69 -51.42 23.43
C ALA K 346 -18.47 -52.04 24.58
N GLU K 347 -19.69 -52.48 24.29
CA GLU K 347 -20.83 -52.80 25.17
C GLU K 347 -20.55 -53.31 26.57
N GLY K 348 -21.20 -52.69 27.55
CA GLY K 348 -21.25 -53.18 28.90
C GLY K 348 -20.82 -52.14 29.91
N ARG K 349 -20.13 -52.59 30.95
CA ARG K 349 -19.45 -51.72 31.89
C ARG K 349 -17.95 -51.78 31.63
N SER K 350 -17.26 -50.67 31.84
CA SER K 350 -15.83 -50.66 31.65
C SER K 350 -15.20 -49.68 32.62
N VAL K 351 -13.94 -49.93 32.95
CA VAL K 351 -13.25 -49.17 33.98
C VAL K 351 -12.14 -48.33 33.36
N ILE K 352 -11.80 -47.25 34.04
CA ILE K 352 -10.73 -46.35 33.63
C ILE K 352 -9.88 -46.01 34.85
N HIS K 353 -8.57 -45.92 34.64
CA HIS K 353 -7.61 -45.53 35.66
C HIS K 353 -7.26 -44.05 35.51
N PHE K 354 -6.88 -43.43 36.63
CA PHE K 354 -6.49 -42.02 36.61
C PHE K 354 -5.65 -41.72 37.83
N SER K 355 -5.01 -40.56 37.83
CA SER K 355 -4.16 -40.13 38.95
C SER K 355 -4.38 -38.66 39.22
N THR K 356 -4.34 -38.28 40.51
CA THR K 356 -4.64 -36.89 40.87
C THR K 356 -4.02 -36.54 42.21
N ALA K 357 -3.26 -35.46 42.24
CA ALA K 357 -2.54 -35.07 43.44
C ALA K 357 -3.32 -34.02 44.22
N SER K 358 -4.54 -34.37 44.61
CA SER K 358 -5.38 -33.43 45.36
C SER K 358 -6.27 -34.20 46.32
N ALA K 359 -6.88 -33.46 47.25
CA ALA K 359 -7.67 -34.09 48.29
C ALA K 359 -9.04 -34.51 47.79
N ALA K 360 -9.68 -33.70 46.96
CA ALA K 360 -11.05 -33.98 46.51
C ALA K 360 -11.22 -33.45 45.09
N PRO K 361 -11.08 -34.30 44.08
CA PRO K 361 -11.21 -33.84 42.70
C PRO K 361 -12.65 -33.85 42.20
N SER K 362 -12.89 -33.06 41.16
CA SER K 362 -14.12 -33.13 40.39
C SER K 362 -13.84 -32.65 38.98
N PHE K 363 -14.23 -33.45 38.00
CA PHE K 363 -13.93 -33.19 36.61
C PHE K 363 -15.05 -33.79 35.77
N ILE K 364 -15.00 -33.53 34.46
CA ILE K 364 -16.03 -34.03 33.55
C ILE K 364 -15.34 -34.86 32.46
N VAL K 365 -15.85 -36.07 32.26
CA VAL K 365 -15.26 -37.08 31.38
C VAL K 365 -16.27 -37.38 30.29
N SER K 366 -15.78 -37.77 29.11
CA SER K 366 -16.69 -38.07 28.00
C SER K 366 -16.10 -39.15 27.09
N VAL K 367 -16.42 -40.40 27.37
CA VAL K 367 -16.60 -41.39 26.32
C VAL K 367 -17.82 -40.94 25.53
N CYS K 368 -17.90 -41.28 24.23
CA CYS K 368 -18.06 -40.37 23.07
C CYS K 368 -18.85 -39.08 23.27
N SER K 369 -19.45 -38.54 22.22
CA SER K 369 -19.93 -37.14 22.23
C SER K 369 -20.95 -36.74 23.31
N SER K 370 -21.35 -37.65 24.21
CA SER K 370 -22.07 -37.30 25.42
C SER K 370 -21.12 -37.18 26.61
N ARG K 371 -21.50 -36.31 27.55
CA ARG K 371 -20.61 -35.87 28.64
C ARG K 371 -21.18 -36.27 29.99
N ALA K 372 -20.31 -36.40 30.98
CA ALA K 372 -20.75 -36.75 32.33
C ALA K 372 -19.71 -36.31 33.35
N THR K 373 -20.09 -36.35 34.62
CA THR K 373 -19.18 -36.02 35.71
C THR K 373 -19.19 -37.10 36.79
N CYS K 374 -18.11 -37.15 37.57
CA CYS K 374 -18.01 -37.98 38.78
C CYS K 374 -16.85 -37.55 39.69
N THR K 375 -17.13 -37.38 40.97
CA THR K 375 -16.20 -36.83 41.95
C THR K 375 -15.98 -37.83 43.09
N ALA K 376 -15.02 -37.51 43.96
CA ALA K 376 -14.51 -38.46 44.94
C ALA K 376 -13.81 -37.74 46.07
N LYS K 377 -13.54 -38.49 47.15
CA LYS K 377 -12.73 -38.01 48.27
C LYS K 377 -11.58 -38.99 48.47
N CYS K 378 -10.46 -38.51 49.01
CA CYS K 378 -9.21 -39.24 48.87
C CYS K 378 -8.43 -39.22 50.18
N GLU K 379 -7.32 -39.96 50.22
CA GLU K 379 -6.52 -40.11 51.45
C GLU K 379 -5.06 -40.40 51.09
N PRO K 380 -4.11 -40.04 51.96
CA PRO K 380 -2.68 -40.14 51.58
C PRO K 380 -2.15 -41.55 51.69
N PRO K 381 -1.01 -41.84 51.06
CA PRO K 381 -0.41 -43.17 51.17
C PRO K 381 0.59 -43.21 52.32
N LYS K 382 0.97 -44.44 52.69
CA LYS K 382 1.96 -44.65 53.74
C LYS K 382 3.25 -45.09 53.07
N ASP K 383 4.01 -44.10 52.61
CA ASP K 383 5.35 -44.31 52.07
C ASP K 383 6.05 -42.97 52.09
N HIS K 384 7.35 -42.97 51.81
CA HIS K 384 8.09 -41.72 51.77
C HIS K 384 9.02 -41.59 50.58
N VAL K 385 9.44 -42.69 49.97
CA VAL K 385 10.48 -42.69 48.93
C VAL K 385 10.04 -43.63 47.83
N VAL K 386 9.96 -43.12 46.60
CA VAL K 386 9.62 -43.92 45.45
C VAL K 386 10.83 -43.92 44.52
N THR K 387 10.80 -44.77 43.49
CA THR K 387 11.91 -44.94 42.57
C THR K 387 11.58 -44.41 41.17
N TYR K 388 10.35 -43.97 40.94
CA TYR K 388 9.94 -43.55 39.61
C TYR K 388 8.96 -42.38 39.72
N PRO K 389 9.14 -41.35 38.91
CA PRO K 389 8.51 -40.06 39.21
C PRO K 389 7.19 -39.76 38.50
N ALA K 390 6.42 -38.88 39.14
CA ALA K 390 5.74 -37.74 38.50
C ALA K 390 4.81 -38.15 37.36
N ASN K 391 3.68 -38.75 37.73
CA ASN K 391 2.66 -39.08 36.76
C ASN K 391 1.40 -38.24 37.02
N HIS K 392 1.58 -36.97 37.31
CA HIS K 392 0.50 -36.00 37.40
C HIS K 392 1.08 -34.61 37.17
N ASN K 393 0.21 -33.64 36.91
CA ASN K 393 0.65 -32.26 36.68
C ASN K 393 1.40 -31.72 37.89
N GLY K 394 0.82 -31.87 39.07
CA GLY K 394 1.43 -31.39 40.30
C GLY K 394 0.66 -30.25 40.91
N ILE K 395 -0.64 -30.20 40.66
CA ILE K 395 -1.49 -29.15 41.19
C ILE K 395 -2.37 -29.67 42.32
N THR K 396 -2.09 -29.24 43.55
CA THR K 396 -2.85 -29.66 44.71
C THR K 396 -3.67 -28.52 45.27
N LEU K 397 -4.77 -28.18 44.58
CA LEU K 397 -5.64 -27.10 45.01
C LEU K 397 -7.01 -27.64 45.44
N PRO K 398 -7.69 -26.88 46.31
CA PRO K 398 -9.02 -27.27 46.82
C PRO K 398 -10.10 -27.10 45.76
N ASP K 399 -11.21 -27.82 45.92
CA ASP K 399 -12.31 -27.74 44.96
C ASP K 399 -13.29 -26.64 45.34
N LEU K 400 -14.43 -26.61 44.66
CA LEU K 400 -15.45 -25.61 44.93
C LEU K 400 -16.54 -26.16 45.84
N SER K 401 -16.44 -27.44 46.17
CA SER K 401 -17.41 -28.09 47.04
C SER K 401 -16.84 -29.36 47.67
N SER K 402 -16.09 -29.19 48.76
CA SER K 402 -15.49 -30.31 49.44
C SER K 402 -16.00 -30.34 50.86
N THR K 403 -15.67 -31.42 51.56
CA THR K 403 -15.88 -31.51 52.98
C THR K 403 -15.08 -30.45 53.69
N ALA K 404 -13.92 -30.13 53.15
CA ALA K 404 -13.04 -29.19 53.80
C ALA K 404 -13.61 -27.80 53.82
N MET K 405 -14.04 -27.30 52.68
CA MET K 405 -14.48 -25.92 52.68
C MET K 405 -15.97 -25.78 52.55
N THR K 406 -16.74 -26.86 52.72
CA THR K 406 -18.13 -26.65 53.08
C THR K 406 -18.21 -26.07 54.48
N TRP K 407 -17.17 -26.30 55.26
CA TRP K 407 -17.01 -25.64 56.54
C TRP K 407 -16.78 -24.16 56.32
N ALA K 408 -16.24 -23.78 55.16
CA ALA K 408 -15.81 -22.40 54.97
C ALA K 408 -16.99 -21.47 54.76
N GLN K 409 -18.01 -21.91 54.04
CA GLN K 409 -19.09 -20.98 53.74
C GLN K 409 -19.96 -20.78 54.96
N HIS K 410 -20.01 -21.77 55.84
CA HIS K 410 -20.82 -21.62 57.04
C HIS K 410 -20.22 -20.60 57.98
N LEU K 411 -18.89 -20.57 58.09
CA LEU K 411 -18.28 -19.61 58.98
C LEU K 411 -18.29 -18.22 58.36
N ALA K 412 -18.06 -18.15 57.06
CA ALA K 412 -18.02 -16.83 56.44
C ALA K 412 -19.43 -16.30 56.27
N GLY K 413 -20.38 -17.17 55.97
CA GLY K 413 -21.76 -16.75 55.96
C GLY K 413 -22.25 -16.45 57.35
N GLY K 414 -21.77 -17.20 58.35
CA GLY K 414 -22.16 -16.94 59.71
C GLY K 414 -21.64 -15.62 60.21
N VAL K 415 -20.40 -15.30 59.87
CA VAL K 415 -19.87 -14.00 60.26
C VAL K 415 -20.42 -12.93 59.33
N GLY K 416 -20.88 -13.33 58.15
CA GLY K 416 -21.51 -12.39 57.27
C GLY K 416 -22.91 -12.05 57.75
N LEU K 417 -23.46 -12.92 58.59
CA LEU K 417 -24.86 -12.78 58.98
C LEU K 417 -25.02 -11.85 60.17
N LEU K 418 -24.12 -11.94 61.14
CA LEU K 418 -24.41 -11.29 62.40
C LEU K 418 -24.14 -9.80 62.31
N ILE K 419 -23.41 -9.37 61.29
CA ILE K 419 -23.39 -7.94 61.01
C ILE K 419 -24.68 -7.48 60.40
N ALA K 420 -25.43 -8.37 59.77
CA ALA K 420 -26.60 -7.94 59.03
C ALA K 420 -27.75 -7.58 59.96
N LEU K 421 -27.86 -8.22 61.11
CA LEU K 421 -28.82 -7.66 62.05
C LEU K 421 -28.28 -6.41 62.70
N ALA K 422 -26.97 -6.25 62.72
CA ALA K 422 -26.40 -5.07 63.36
C ALA K 422 -26.58 -3.84 62.49
N VAL K 423 -26.61 -4.03 61.17
CA VAL K 423 -26.56 -2.87 60.30
C VAL K 423 -27.92 -2.18 60.28
N LEU K 424 -29.00 -2.93 60.33
CA LEU K 424 -30.29 -2.30 60.12
C LEU K 424 -30.85 -1.78 61.43
N ILE K 425 -30.50 -2.45 62.54
CA ILE K 425 -31.04 -2.02 63.84
C ILE K 425 -30.36 -0.74 64.28
N LEU K 426 -29.23 -0.43 63.64
CA LEU K 426 -28.73 0.92 63.63
C LEU K 426 -29.74 1.85 62.97
N VAL K 427 -30.21 1.49 61.79
CA VAL K 427 -30.85 2.48 60.93
C VAL K 427 -32.27 2.74 61.37
N ILE K 428 -32.90 1.75 62.01
CA ILE K 428 -34.34 1.81 62.28
C ILE K 428 -34.66 2.88 63.31
N VAL K 429 -33.68 3.26 64.12
CA VAL K 429 -33.87 4.38 65.01
C VAL K 429 -33.26 5.62 64.42
N THR K 430 -32.38 5.43 63.43
CA THR K 430 -31.67 6.57 62.87
C THR K 430 -32.62 7.46 62.08
N CYS K 431 -33.71 6.89 61.59
CA CYS K 431 -34.76 7.73 61.06
C CYS K 431 -35.54 8.44 62.16
N ILE K 432 -35.84 7.77 63.26
CA ILE K 432 -36.83 8.32 64.18
C ILE K 432 -36.22 9.38 65.08
N THR K 433 -34.93 9.61 64.96
CA THR K 433 -34.27 10.61 65.76
C THR K 433 -34.18 11.92 64.99
N LEU K 434 -35.00 12.02 63.96
CA LEU K 434 -35.16 13.27 63.26
C LEU K 434 -36.63 13.65 63.38
N ARG K 435 -37.16 13.41 64.57
CA ARG K 435 -38.50 13.81 64.90
C ARG K 435 -38.48 15.30 65.16
N ASN L 1 69.22 -53.41 13.95
CA ASN L 1 69.42 -53.49 12.51
C ASN L 1 70.18 -52.26 12.01
N ALA L 2 70.20 -51.23 12.84
CA ALA L 2 70.98 -50.02 12.58
C ALA L 2 72.01 -49.77 13.67
N TYR L 3 72.16 -50.67 14.63
CA TYR L 3 73.07 -50.50 15.74
C TYR L 3 74.51 -50.89 15.41
N LYS L 4 74.82 -51.16 14.16
CA LYS L 4 76.17 -51.47 13.74
C LYS L 4 77.03 -50.23 13.53
N LEU L 5 76.61 -49.08 14.05
CA LEU L 5 77.34 -47.84 13.91
C LEU L 5 77.64 -47.16 15.23
N THR L 6 77.13 -47.68 16.35
CA THR L 6 77.26 -47.05 17.66
C THR L 6 77.99 -47.97 18.62
N ARG L 7 78.23 -47.48 19.82
CA ARG L 7 78.98 -48.21 20.83
C ARG L 7 78.41 -47.93 22.21
N PRO L 8 78.66 -48.81 23.17
CA PRO L 8 78.46 -48.43 24.57
C PRO L 8 79.51 -47.41 25.00
N TYR L 9 79.17 -46.63 26.02
CA TYR L 9 80.11 -45.62 26.48
C TYR L 9 79.94 -45.43 27.98
N VAL L 10 80.86 -44.67 28.56
CA VAL L 10 80.88 -44.41 29.98
C VAL L 10 80.75 -42.91 30.21
N ALA L 11 80.31 -42.55 31.41
CA ALA L 11 80.04 -41.16 31.74
C ALA L 11 80.07 -41.00 33.25
N TYR L 12 79.67 -39.81 33.71
CA TYR L 12 79.56 -39.44 35.11
C TYR L 12 78.25 -39.99 35.67
N CYS L 13 78.14 -40.01 37.00
CA CYS L 13 76.92 -40.47 37.64
C CYS L 13 76.74 -39.70 38.93
N ALA L 14 75.56 -39.85 39.54
CA ALA L 14 75.30 -39.13 40.78
C ALA L 14 76.04 -39.77 41.95
N ASP L 15 75.71 -41.02 42.27
CA ASP L 15 76.37 -41.75 43.33
C ASP L 15 76.86 -43.09 42.79
N CYS L 16 77.61 -43.79 43.61
CA CYS L 16 78.25 -45.04 43.22
C CYS L 16 77.63 -46.24 43.90
N GLY L 17 76.77 -46.02 44.88
CA GLY L 17 76.29 -47.05 45.77
C GLY L 17 76.88 -46.97 47.15
N MET L 18 78.05 -46.33 47.28
CA MET L 18 78.70 -46.11 48.57
C MET L 18 78.47 -44.72 49.12
N GLY L 19 78.21 -43.73 48.27
CA GLY L 19 78.14 -42.37 48.74
C GLY L 19 79.32 -41.53 48.26
N HIS L 20 79.73 -41.75 47.02
CA HIS L 20 80.83 -41.01 46.40
C HIS L 20 80.49 -40.82 44.93
N SER L 21 81.49 -40.49 44.13
CA SER L 21 81.30 -39.91 42.80
C SER L 21 82.05 -40.67 41.72
N CYS L 22 81.85 -41.98 41.65
CA CYS L 22 82.56 -42.84 40.71
C CYS L 22 82.25 -42.49 39.25
N HIS L 23 82.98 -43.13 38.35
CA HIS L 23 82.62 -43.23 36.94
C HIS L 23 82.31 -44.70 36.66
N SER L 24 81.18 -44.96 36.00
CA SER L 24 80.69 -46.32 35.90
C SER L 24 79.92 -46.47 34.60
N PRO L 25 79.95 -47.66 33.97
CA PRO L 25 79.34 -47.81 32.66
C PRO L 25 77.83 -47.97 32.67
N ALA L 26 77.15 -47.65 33.77
CA ALA L 26 75.71 -47.75 33.81
C ALA L 26 75.17 -46.54 34.59
N MET L 27 74.74 -45.52 33.88
CA MET L 27 74.03 -44.40 34.49
C MET L 27 72.74 -44.15 33.73
N ILE L 28 71.83 -43.45 34.40
CA ILE L 28 70.44 -43.35 33.97
C ILE L 28 70.11 -41.90 33.68
N GLU L 29 69.25 -41.67 32.70
CA GLU L 29 68.56 -40.39 32.53
C GLU L 29 67.24 -40.66 31.83
N ASN L 30 66.33 -39.69 31.92
CA ASN L 30 65.05 -39.70 31.23
C ASN L 30 64.18 -40.91 31.52
N VAL L 31 63.60 -40.95 32.72
CA VAL L 31 62.86 -42.12 33.20
C VAL L 31 61.36 -41.95 32.94
N GLN L 32 61.02 -41.22 31.86
CA GLN L 32 59.65 -40.80 31.54
C GLN L 32 58.64 -41.95 31.55
N ALA L 33 57.44 -41.64 32.02
CA ALA L 33 56.41 -42.64 32.30
C ALA L 33 55.03 -42.18 31.87
N ASP L 34 54.89 -41.75 30.61
CA ASP L 34 53.62 -41.16 30.18
C ASP L 34 52.54 -42.19 29.81
N ALA L 35 52.61 -43.43 30.27
CA ALA L 35 51.47 -44.34 30.14
C ALA L 35 50.63 -44.31 31.40
N THR L 36 49.43 -44.91 31.31
CA THR L 36 48.47 -44.86 32.41
C THR L 36 48.32 -46.17 33.18
N ASP L 37 48.83 -47.28 32.67
CA ASP L 37 48.77 -48.51 33.44
C ASP L 37 49.85 -48.60 34.51
N GLY L 38 50.71 -47.60 34.62
CA GLY L 38 51.71 -47.61 35.67
C GLY L 38 52.89 -48.49 35.33
N THR L 39 53.56 -48.20 34.23
CA THR L 39 54.86 -48.78 33.94
C THR L 39 55.77 -47.69 33.43
N LEU L 40 57.06 -47.89 33.60
CA LEU L 40 58.00 -46.81 33.31
C LEU L 40 59.13 -47.30 32.44
N LYS L 41 59.49 -46.49 31.45
CA LYS L 41 60.51 -46.78 30.46
C LYS L 41 61.75 -45.97 30.81
N ILE L 42 62.78 -46.63 31.32
CA ILE L 42 63.98 -45.88 31.67
C ILE L 42 65.05 -46.17 30.64
N GLN L 43 65.88 -45.15 30.39
CA GLN L 43 66.88 -45.14 29.33
C GLN L 43 68.26 -45.35 29.94
N PHE L 44 69.04 -46.20 29.29
CA PHE L 44 70.16 -46.87 29.91
C PHE L 44 71.39 -46.70 29.01
N ALA L 45 72.53 -46.40 29.63
CA ALA L 45 73.68 -45.92 28.86
C ALA L 45 74.39 -47.04 28.11
N SER L 46 74.47 -48.22 28.70
CA SER L 46 75.02 -49.37 27.99
C SER L 46 74.00 -49.93 27.02
N GLN L 47 74.39 -50.97 26.30
CA GLN L 47 73.49 -51.63 25.37
C GLN L 47 73.26 -53.06 25.82
N ILE L 48 72.05 -53.55 25.54
CA ILE L 48 71.70 -54.92 25.89
C ILE L 48 71.35 -55.66 24.61
N GLY L 49 71.00 -56.93 24.73
CA GLY L 49 70.51 -57.66 23.59
C GLY L 49 71.60 -58.14 22.66
N LEU L 50 72.31 -57.22 22.03
CA LEU L 50 73.31 -57.57 21.05
C LEU L 50 74.59 -58.05 21.73
N THR L 51 75.16 -59.13 21.21
CA THR L 51 76.45 -59.69 21.63
C THR L 51 77.59 -58.92 21.00
N LYS L 52 78.79 -59.50 20.98
CA LYS L 52 79.94 -58.88 20.32
C LYS L 52 79.68 -58.79 18.81
N THR L 53 80.67 -58.24 18.09
CA THR L 53 80.47 -57.20 17.08
C THR L 53 79.16 -57.19 16.30
N ASP L 54 78.77 -58.31 15.67
CA ASP L 54 77.54 -58.30 14.89
C ASP L 54 76.96 -59.72 14.76
N THR L 55 75.99 -60.03 15.62
CA THR L 55 74.90 -60.96 15.36
C THR L 55 73.84 -60.77 16.43
N HIS L 56 72.64 -61.26 16.15
CA HIS L 56 71.52 -61.08 17.06
C HIS L 56 71.53 -62.18 18.11
N ASP L 57 71.00 -61.86 19.29
CA ASP L 57 71.17 -62.69 20.46
C ASP L 57 70.14 -62.27 21.49
N HIS L 58 69.82 -63.18 22.41
CA HIS L 58 68.90 -62.87 23.50
C HIS L 58 69.55 -63.10 24.88
N THR L 59 70.87 -63.20 24.94
CA THR L 59 71.47 -63.63 26.21
C THR L 59 72.61 -62.72 26.68
N LYS L 60 73.43 -62.21 25.77
CA LYS L 60 74.61 -61.46 26.16
C LYS L 60 74.41 -59.97 25.95
N ILE L 61 74.73 -59.17 26.97
CA ILE L 61 74.72 -57.72 26.87
C ILE L 61 76.10 -57.23 26.41
N ARG L 62 76.17 -55.96 26.00
CA ARG L 62 77.41 -55.38 25.50
C ARG L 62 77.73 -54.12 26.29
N TYR L 63 78.87 -54.09 26.98
CA TYR L 63 79.27 -52.86 27.66
C TYR L 63 80.71 -52.52 27.30
N ALA L 64 81.17 -51.39 27.81
CA ALA L 64 82.43 -50.80 27.41
C ALA L 64 83.39 -50.71 28.58
N GLU L 65 84.68 -50.69 28.26
CA GLU L 65 85.73 -50.64 29.28
C GLU L 65 86.98 -50.08 28.63
N GLY L 66 87.33 -48.85 28.99
CA GLY L 66 88.62 -48.30 28.65
C GLY L 66 88.71 -47.86 27.20
N HIS L 67 88.92 -48.83 26.32
CA HIS L 67 88.86 -48.60 24.88
C HIS L 67 88.20 -49.75 24.14
N ASP L 68 87.77 -50.80 24.82
CA ASP L 68 87.42 -52.03 24.12
C ASP L 68 85.99 -52.42 24.50
N ILE L 69 85.58 -53.61 24.08
CA ILE L 69 84.21 -54.07 24.17
C ILE L 69 84.18 -55.36 24.98
N ALA L 70 83.31 -55.44 25.99
CA ALA L 70 83.22 -56.63 26.82
C ALA L 70 81.81 -57.22 26.72
N GLU L 71 81.53 -58.23 27.54
CA GLU L 71 80.20 -58.82 27.54
C GLU L 71 79.88 -59.38 28.92
N ALA L 72 78.59 -59.53 29.19
CA ALA L 72 78.11 -60.14 30.42
C ALA L 72 76.74 -60.77 30.15
N ALA L 73 76.21 -61.47 31.16
CA ALA L 73 75.03 -62.30 31.00
C ALA L 73 73.78 -61.56 31.45
N ARG L 74 72.68 -61.74 30.70
CA ARG L 74 71.47 -60.98 30.98
C ARG L 74 70.78 -61.47 32.25
N SER L 75 71.00 -62.72 32.63
CA SER L 75 70.30 -63.30 33.78
C SER L 75 70.75 -62.76 35.10
N THR L 76 71.57 -61.72 35.22
CA THR L 76 71.80 -61.09 36.50
C THR L 76 71.57 -59.60 36.34
N LEU L 77 70.43 -59.22 35.77
CA LEU L 77 70.05 -57.81 35.59
C LEU L 77 69.01 -57.49 36.67
N LYS L 78 69.33 -56.54 37.54
CA LYS L 78 68.51 -56.23 38.70
C LYS L 78 68.10 -54.76 38.68
N VAL L 79 66.88 -54.47 39.14
CA VAL L 79 66.48 -53.11 39.45
C VAL L 79 65.85 -53.10 40.84
N HIS L 80 65.82 -51.92 41.44
CA HIS L 80 65.20 -51.72 42.74
C HIS L 80 64.59 -50.34 42.81
N SER L 81 63.40 -50.25 43.40
CA SER L 81 62.79 -48.96 43.67
C SER L 81 62.66 -48.68 45.16
N SER L 82 61.92 -49.53 45.88
CA SER L 82 62.16 -49.69 47.30
C SER L 82 62.12 -51.15 47.72
N SER L 83 61.45 -52.01 46.97
CA SER L 83 61.59 -53.45 46.99
C SER L 83 62.01 -53.89 45.61
N GLU L 84 62.01 -55.19 45.37
CA GLU L 84 62.32 -55.68 44.03
C GLU L 84 61.14 -55.43 43.10
N CYS L 85 61.43 -55.35 41.81
CA CYS L 85 60.39 -55.22 40.80
C CYS L 85 60.89 -55.79 39.49
N ALA L 86 60.01 -56.49 38.79
CA ALA L 86 60.41 -57.35 37.69
C ALA L 86 60.44 -56.61 36.37
N VAL L 87 61.22 -57.14 35.44
CA VAL L 87 61.35 -56.61 34.09
C VAL L 87 60.45 -57.43 33.17
N THR L 88 59.91 -56.78 32.14
CA THR L 88 58.88 -57.39 31.31
C THR L 88 59.20 -57.35 29.81
N GLY L 89 60.47 -57.40 29.44
CA GLY L 89 60.81 -57.53 28.03
C GLY L 89 61.49 -56.28 27.50
N THR L 90 62.65 -56.44 26.87
CA THR L 90 63.59 -55.34 26.64
C THR L 90 64.38 -55.58 25.37
N MET L 91 64.89 -54.49 24.79
CA MET L 91 65.93 -54.51 23.75
C MET L 91 66.44 -53.09 23.59
N GLY L 92 67.61 -52.97 22.95
CA GLY L 92 68.10 -51.65 22.53
C GLY L 92 68.86 -50.94 23.61
N HIS L 93 68.60 -49.64 23.77
CA HIS L 93 69.13 -48.83 24.85
C HIS L 93 68.21 -48.74 26.07
N PHE L 94 67.07 -49.43 26.03
CA PHE L 94 65.95 -49.10 26.90
C PHE L 94 65.57 -50.31 27.74
N ILE L 95 65.15 -50.09 28.98
CA ILE L 95 64.46 -51.14 29.72
C ILE L 95 63.19 -50.52 30.29
N LEU L 96 62.25 -51.38 30.69
CA LEU L 96 60.95 -50.89 31.13
C LEU L 96 60.33 -51.83 32.14
N ALA L 97 59.75 -51.27 33.20
CA ALA L 97 59.48 -52.02 34.42
C ALA L 97 58.16 -51.62 35.07
N LYS L 98 57.79 -52.41 36.09
CA LYS L 98 56.57 -52.29 36.90
C LYS L 98 56.99 -52.20 38.36
N CYS L 99 57.01 -51.00 38.93
CA CYS L 99 57.65 -50.96 40.24
C CYS L 99 56.80 -50.26 41.30
N PRO L 100 56.84 -50.76 42.54
CA PRO L 100 56.08 -50.14 43.65
C PRO L 100 56.66 -48.79 44.05
N PRO L 101 55.92 -47.95 44.79
CA PRO L 101 56.37 -46.57 44.99
C PRO L 101 57.59 -46.43 45.88
N GLY L 102 58.18 -45.23 45.84
CA GLY L 102 59.41 -44.95 46.56
C GLY L 102 59.99 -43.62 46.13
N GLU L 103 61.30 -43.49 46.29
CA GLU L 103 62.01 -42.26 45.98
C GLU L 103 63.25 -42.42 45.12
N VAL L 104 63.76 -43.64 44.91
CA VAL L 104 64.91 -43.87 44.05
C VAL L 104 64.56 -44.99 43.08
N ILE L 105 65.32 -45.05 42.00
CA ILE L 105 65.29 -46.17 41.06
C ILE L 105 66.73 -46.52 40.73
N SER L 106 67.10 -47.78 40.93
CA SER L 106 68.47 -48.22 40.74
C SER L 106 68.51 -49.40 39.77
N VAL L 107 69.51 -49.38 38.89
CA VAL L 107 69.70 -50.37 37.85
C VAL L 107 71.11 -50.92 37.98
N SER L 108 71.25 -52.25 37.99
CA SER L 108 72.55 -52.84 38.18
C SER L 108 72.64 -54.19 37.47
N PHE L 109 73.87 -54.67 37.31
CA PHE L 109 74.15 -56.00 36.80
C PHE L 109 75.53 -56.41 37.30
N VAL L 110 76.07 -57.49 36.73
CA VAL L 110 77.38 -58.01 37.10
C VAL L 110 78.30 -57.92 35.88
N ASP L 111 79.46 -57.29 36.06
CA ASP L 111 80.43 -57.19 34.98
C ASP L 111 81.31 -58.43 34.90
N SER L 112 82.46 -58.31 34.20
CA SER L 112 83.25 -59.46 33.77
C SER L 112 83.78 -60.28 34.94
N LYS L 113 84.63 -59.69 35.79
CA LYS L 113 85.39 -60.46 36.78
C LYS L 113 84.73 -60.45 38.15
N ASN L 114 83.39 -60.53 38.16
CA ASN L 114 82.55 -60.69 39.35
C ASN L 114 82.70 -59.49 40.28
N GLU L 115 82.26 -58.34 39.76
CA GLU L 115 82.06 -57.13 40.54
C GLU L 115 80.67 -56.58 40.21
N GLN L 116 80.33 -55.46 40.83
CA GLN L 116 79.00 -54.87 40.66
C GLN L 116 79.10 -53.42 40.21
N ARG L 117 78.08 -52.97 39.50
CA ARG L 117 78.02 -51.63 38.92
C ARG L 117 76.66 -51.04 39.25
N THR L 118 76.62 -50.02 40.11
CA THR L 118 75.36 -49.45 40.54
C THR L 118 75.26 -47.99 40.13
N CYS L 119 74.06 -47.45 40.30
CA CYS L 119 73.71 -46.04 40.09
C CYS L 119 72.34 -45.81 40.71
N ARG L 120 72.19 -44.67 41.39
CA ARG L 120 70.93 -44.34 42.05
C ARG L 120 70.59 -42.88 41.76
N ILE L 121 69.44 -42.65 41.13
CA ILE L 121 68.98 -41.30 40.90
C ILE L 121 67.68 -41.10 41.66
N ALA L 122 67.11 -39.90 41.57
CA ALA L 122 65.92 -39.55 42.33
C ALA L 122 64.73 -39.38 41.40
N TYR L 123 63.59 -39.98 41.79
CA TYR L 123 62.34 -39.90 41.04
C TYR L 123 61.19 -40.28 41.95
N HIS L 124 59.99 -39.78 41.65
CA HIS L 124 58.83 -39.86 42.54
C HIS L 124 57.57 -40.16 41.74
N HIS L 125 56.78 -41.14 42.17
CA HIS L 125 55.54 -41.46 41.49
C HIS L 125 54.56 -42.16 42.43
N GLU L 126 53.35 -42.42 41.93
CA GLU L 126 52.28 -43.12 42.64
C GLU L 126 51.46 -43.90 41.60
N GLN L 127 50.26 -44.35 41.97
CA GLN L 127 49.54 -45.36 41.22
C GLN L 127 48.47 -44.83 40.26
N ARG L 128 48.16 -43.53 40.30
CA ARG L 128 47.34 -42.79 39.34
C ARG L 128 45.83 -43.07 39.36
N LEU L 129 45.38 -44.12 40.06
CA LEU L 129 44.00 -44.33 40.54
C LEU L 129 42.96 -44.23 39.42
N ILE L 130 43.04 -45.16 38.48
CA ILE L 130 42.07 -45.21 37.39
C ILE L 130 40.83 -45.96 37.86
N GLY L 131 39.67 -45.33 37.72
CA GLY L 131 38.47 -45.78 38.40
C GLY L 131 38.09 -44.85 39.52
N ARG L 132 37.34 -45.34 40.53
CA ARG L 132 37.14 -44.60 41.78
C ARG L 132 37.38 -45.55 42.96
N GLU L 133 38.65 -45.82 43.26
CA GLU L 133 39.10 -46.73 44.31
C GLU L 133 40.63 -46.73 44.36
N ARG L 134 41.24 -47.53 45.24
CA ARG L 134 42.71 -47.70 45.24
C ARG L 134 43.05 -49.16 45.53
N PHE L 135 43.48 -49.90 44.51
CA PHE L 135 43.87 -51.31 44.64
C PHE L 135 45.36 -51.47 44.33
N THR L 136 45.83 -52.72 44.29
CA THR L 136 47.16 -52.96 43.75
C THR L 136 47.20 -53.96 42.61
N VAL L 137 46.48 -55.08 42.72
CA VAL L 137 46.49 -56.12 41.69
C VAL L 137 45.08 -56.32 41.17
N ARG L 138 44.97 -56.68 39.90
CA ARG L 138 43.65 -56.74 39.27
C ARG L 138 42.88 -57.97 39.74
N PRO L 139 41.65 -57.80 40.17
CA PRO L 139 40.83 -58.95 40.61
C PRO L 139 40.14 -59.64 39.46
N HIS L 140 39.21 -60.54 39.78
CA HIS L 140 38.67 -61.49 38.81
C HIS L 140 37.17 -61.37 38.57
N HIS L 141 36.62 -60.16 38.69
CA HIS L 141 35.33 -59.77 38.10
C HIS L 141 35.20 -58.25 38.19
N GLY L 142 34.47 -57.67 37.25
CA GLY L 142 34.16 -56.27 37.32
C GLY L 142 34.18 -55.60 35.96
N ILE L 143 34.08 -54.27 36.00
CA ILE L 143 33.94 -53.46 34.80
C ILE L 143 35.30 -53.35 34.09
N GLU L 144 35.25 -53.17 32.78
CA GLU L 144 36.40 -52.78 31.98
C GLU L 144 36.29 -51.32 31.56
N LEU L 145 37.42 -50.63 31.57
CA LEU L 145 37.53 -49.19 31.36
C LEU L 145 38.56 -48.94 30.28
N PRO L 146 38.65 -47.73 29.74
CA PRO L 146 39.76 -47.42 28.82
C PRO L 146 41.06 -47.06 29.54
N CYS L 147 42.17 -47.62 29.06
CA CYS L 147 43.51 -47.39 29.59
C CYS L 147 44.48 -47.33 28.41
N THR L 148 45.74 -46.95 28.67
CA THR L 148 46.75 -46.79 27.62
C THR L 148 48.05 -47.46 28.03
N THR L 149 48.64 -48.26 27.12
CA THR L 149 49.80 -49.06 27.51
C THR L 149 50.80 -49.18 26.37
N TYR L 150 51.94 -49.81 26.67
CA TYR L 150 53.05 -49.97 25.75
C TYR L 150 52.96 -51.28 24.95
N GLN L 151 53.30 -51.19 23.66
CA GLN L 151 53.48 -52.36 22.81
C GLN L 151 54.83 -53.00 23.08
N LEU L 152 54.97 -54.23 22.57
CA LEU L 152 56.21 -55.00 22.64
C LEU L 152 56.64 -55.45 21.26
N THR L 153 56.55 -54.55 20.28
CA THR L 153 56.89 -54.80 18.89
C THR L 153 58.22 -54.11 18.57
N THR L 154 58.60 -54.06 17.29
CA THR L 154 59.89 -53.55 16.85
C THR L 154 59.78 -52.45 15.81
N ALA L 155 58.84 -52.56 14.87
CA ALA L 155 58.65 -51.53 13.86
C ALA L 155 58.04 -50.28 14.48
N GLU L 156 58.42 -49.12 13.93
CA GLU L 156 58.26 -47.86 14.62
C GLU L 156 57.55 -46.84 13.73
N THR L 157 56.91 -45.85 14.35
CA THR L 157 56.03 -44.91 13.68
C THR L 157 56.60 -43.49 13.81
N SER L 158 57.88 -43.35 13.45
CA SER L 158 58.53 -42.06 13.18
C SER L 158 58.65 -41.17 14.41
N GLU L 159 59.40 -41.63 15.41
CA GLU L 159 60.03 -40.75 16.39
C GLU L 159 61.37 -41.35 16.79
N GLU L 160 62.38 -40.50 16.93
CA GLU L 160 63.77 -40.92 16.93
C GLU L 160 64.58 -40.10 17.92
N ILE L 161 65.88 -40.40 18.03
CA ILE L 161 66.81 -39.61 18.82
C ILE L 161 68.03 -39.25 18.00
N ASP L 162 68.78 -38.27 18.48
CA ASP L 162 69.92 -37.75 17.75
C ASP L 162 71.13 -38.68 17.90
N MET L 163 72.15 -38.42 17.08
CA MET L 163 73.33 -39.27 17.05
C MET L 163 74.50 -38.41 16.58
N HIS L 164 75.72 -38.77 16.98
CA HIS L 164 76.85 -37.86 16.82
C HIS L 164 78.12 -38.69 16.74
N MET L 165 79.24 -38.04 16.40
CA MET L 165 80.54 -38.71 16.30
C MET L 165 81.43 -38.34 17.48
N PRO L 166 82.18 -39.30 18.03
CA PRO L 166 82.77 -39.11 19.36
C PRO L 166 83.96 -38.17 19.33
N PRO L 167 84.27 -37.53 20.46
CA PRO L 167 85.42 -36.62 20.50
C PRO L 167 86.71 -37.35 20.88
N ASP L 168 87.79 -36.59 20.95
CA ASP L 168 89.10 -37.14 21.25
C ASP L 168 89.21 -37.47 22.73
N ILE L 169 90.10 -38.42 23.05
CA ILE L 169 90.28 -38.86 24.42
C ILE L 169 91.76 -38.80 24.80
N PRO L 170 92.10 -38.15 25.91
CA PRO L 170 93.49 -38.15 26.37
C PRO L 170 93.78 -39.37 27.25
N ASP L 171 95.08 -39.63 27.41
CA ASP L 171 95.54 -40.79 28.17
C ASP L 171 96.95 -40.54 28.67
N ARG L 172 97.27 -41.11 29.83
CA ARG L 172 98.60 -41.06 30.40
C ARG L 172 99.17 -42.43 30.73
N THR L 173 98.56 -43.51 30.24
CA THR L 173 99.22 -44.81 30.29
C THR L 173 100.20 -44.95 29.13
N ILE L 174 100.02 -44.14 28.08
CA ILE L 174 100.91 -44.14 26.93
C ILE L 174 102.30 -43.62 27.31
N LEU L 175 102.34 -42.58 28.14
CA LEU L 175 103.57 -41.85 28.39
C LEU L 175 104.54 -42.63 29.29
N SER L 176 105.83 -42.41 29.06
CA SER L 176 106.93 -42.92 29.89
C SER L 176 108.20 -42.16 29.53
N GLN L 177 109.19 -42.25 30.41
CA GLN L 177 110.52 -41.71 30.19
C GLN L 177 111.43 -42.80 29.65
N GLN L 178 112.63 -42.40 29.24
CA GLN L 178 113.66 -43.37 28.86
C GLN L 178 114.99 -42.91 29.44
N SER L 179 114.96 -42.40 30.68
CA SER L 179 116.09 -41.76 31.37
C SER L 179 116.70 -40.66 30.51
N GLY L 180 115.90 -39.63 30.25
CA GLY L 180 116.25 -38.70 29.20
C GLY L 180 115.09 -38.43 28.26
N ASN L 181 115.21 -38.90 27.02
CA ASN L 181 114.32 -38.55 25.94
C ASN L 181 112.91 -39.13 26.16
N VAL L 182 111.99 -38.68 25.32
CA VAL L 182 110.57 -38.94 25.50
C VAL L 182 110.13 -39.95 24.44
N LYS L 183 109.22 -40.86 24.82
CA LYS L 183 108.71 -41.81 23.84
C LYS L 183 107.22 -42.06 24.00
N ILE L 184 106.50 -41.96 22.89
CA ILE L 184 105.10 -42.33 22.82
C ILE L 184 105.00 -43.82 22.53
N THR L 185 104.37 -44.56 23.45
CA THR L 185 104.24 -46.01 23.34
C THR L 185 102.81 -46.32 22.87
N VAL L 186 102.67 -46.57 21.58
CA VAL L 186 101.38 -46.85 20.96
C VAL L 186 101.15 -48.35 21.01
N ASN L 187 99.89 -48.77 21.22
CA ASN L 187 99.53 -50.17 21.17
C ASN L 187 98.69 -50.50 19.93
N GLY L 188 98.78 -49.67 18.89
CA GLY L 188 98.25 -50.06 17.60
C GLY L 188 97.02 -49.33 17.10
N ARG L 189 96.81 -48.09 17.52
CA ARG L 189 95.75 -47.25 16.98
C ARG L 189 96.27 -45.84 16.79
N THR L 190 95.62 -45.09 15.90
CA THR L 190 96.16 -43.81 15.43
C THR L 190 96.11 -42.74 16.52
N VAL L 191 97.22 -42.03 16.67
CA VAL L 191 97.43 -41.09 17.78
C VAL L 191 98.09 -39.84 17.22
N LYS L 192 97.49 -38.68 17.46
CA LYS L 192 98.11 -37.39 17.15
C LYS L 192 98.08 -36.55 18.42
N TYR L 193 99.22 -35.93 18.74
CA TYR L 193 99.48 -35.48 20.10
C TYR L 193 100.23 -34.15 20.06
N SER L 194 100.75 -33.73 21.22
CA SER L 194 101.45 -32.45 21.30
C SER L 194 102.42 -32.38 22.47
N CYS L 195 103.59 -31.78 22.21
CA CYS L 195 104.47 -31.19 23.23
C CYS L 195 105.15 -29.92 22.74
N SER L 196 105.40 -29.05 23.72
CA SER L 196 105.78 -27.66 23.53
C SER L 196 107.00 -27.34 24.38
N CYS L 197 108.01 -28.19 24.27
CA CYS L 197 109.09 -28.25 25.25
C CYS L 197 110.43 -27.91 24.64
N PRO L 201 104.32 -33.45 17.00
CA PRO L 201 102.87 -33.19 16.87
C PRO L 201 102.36 -33.20 15.43
N SER L 202 102.17 -34.39 14.87
CA SER L 202 101.53 -34.56 13.56
C SER L 202 100.92 -35.95 13.52
N GLY L 203 100.18 -36.22 12.45
CA GLY L 203 99.44 -37.46 12.34
C GLY L 203 100.30 -38.67 12.03
N THR L 204 100.51 -39.51 13.05
CA THR L 204 101.44 -40.65 12.97
C THR L 204 100.65 -41.93 13.18
N THR L 205 100.09 -42.47 12.10
CA THR L 205 99.30 -43.69 12.19
C THR L 205 100.19 -44.92 12.17
N THR L 206 99.94 -45.81 13.14
CA THR L 206 100.56 -47.14 13.30
C THR L 206 102.08 -47.12 13.21
N THR L 207 102.68 -46.18 13.96
CA THR L 207 104.13 -46.02 13.95
C THR L 207 104.56 -45.53 15.34
N ASP L 208 105.31 -46.38 16.04
CA ASP L 208 105.77 -46.09 17.39
C ASP L 208 107.04 -45.24 17.35
N LYS L 209 106.93 -43.93 17.59
CA LYS L 209 108.04 -43.00 17.45
C LYS L 209 108.60 -42.58 18.79
N THR L 210 109.71 -41.83 18.73
CA THR L 210 110.44 -41.37 19.91
C THR L 210 111.06 -40.00 19.60
N ILE L 211 110.57 -38.95 20.27
CA ILE L 211 111.07 -37.60 20.06
C ILE L 211 111.80 -37.12 21.31
N ASN L 212 112.96 -36.47 21.12
CA ASN L 212 114.00 -36.38 22.12
C ASN L 212 113.90 -35.13 23.01
N SER L 213 114.57 -35.21 24.15
CA SER L 213 114.98 -34.06 24.98
C SER L 213 113.81 -33.30 25.61
N CYS L 214 113.08 -33.98 26.51
CA CYS L 214 112.13 -33.28 27.38
C CYS L 214 111.85 -34.12 28.61
N THR L 215 111.04 -33.57 29.50
CA THR L 215 110.56 -34.20 30.72
C THR L 215 109.10 -34.64 30.51
N VAL L 216 108.60 -35.52 31.38
CA VAL L 216 107.16 -35.72 31.44
C VAL L 216 106.62 -34.64 32.37
N ASP L 217 106.50 -33.45 31.83
CA ASP L 217 105.71 -32.37 32.38
C ASP L 217 105.11 -31.55 31.27
N LYS L 218 105.37 -31.90 30.01
CA LYS L 218 105.13 -31.00 28.89
C LYS L 218 104.55 -31.68 27.66
N CYS L 219 104.21 -32.97 27.69
CA CYS L 219 103.75 -33.62 26.46
C CYS L 219 102.40 -34.28 26.69
N GLN L 220 101.53 -34.13 25.69
CA GLN L 220 100.09 -34.24 25.79
C GLN L 220 99.60 -35.12 24.66
N ALA L 221 98.83 -36.16 24.96
CA ALA L 221 98.42 -37.13 23.95
C ALA L 221 96.90 -37.17 23.77
N TYR L 222 96.47 -37.60 22.58
CA TYR L 222 95.06 -37.74 22.24
C TYR L 222 94.87 -38.88 21.26
N VAL L 223 93.82 -39.68 21.48
CA VAL L 223 93.48 -40.81 20.63
C VAL L 223 92.13 -40.53 20.00
N THR L 224 92.02 -40.77 18.68
CA THR L 224 90.75 -40.59 18.00
C THR L 224 90.07 -41.93 17.75
N SER L 225 88.76 -41.87 17.53
CA SER L 225 87.91 -43.05 17.39
C SER L 225 86.94 -42.88 16.22
N HIS L 226 87.49 -42.54 15.07
CA HIS L 226 86.78 -42.07 13.88
C HIS L 226 85.81 -43.17 13.23
N THR L 227 85.62 -44.39 13.73
CA THR L 227 84.82 -45.37 13.01
C THR L 227 83.33 -45.34 13.39
N LYS L 228 82.99 -45.54 14.66
CA LYS L 228 81.60 -45.68 15.09
C LYS L 228 81.07 -44.35 15.65
N TRP L 229 79.80 -44.37 16.08
CA TRP L 229 79.10 -43.17 16.55
C TRP L 229 78.71 -43.32 18.03
N GLN L 230 78.08 -42.27 18.57
CA GLN L 230 77.79 -42.17 19.99
C GLN L 230 76.63 -41.20 20.20
N PHE L 231 75.90 -41.38 21.30
CA PHE L 231 74.72 -40.58 21.62
C PHE L 231 75.08 -39.10 21.84
N ASN L 232 74.09 -38.23 21.65
CA ASN L 232 74.22 -36.79 21.87
C ASN L 232 73.89 -36.48 23.33
N SER L 233 74.85 -36.81 24.24
CA SER L 233 74.63 -36.75 25.69
C SER L 233 75.24 -35.47 26.27
N PRO L 234 74.66 -34.93 27.36
CA PRO L 234 75.23 -33.71 27.97
C PRO L 234 76.31 -33.95 29.00
N PHE L 235 76.88 -35.15 29.08
CA PHE L 235 77.97 -35.42 30.01
C PHE L 235 79.30 -35.67 29.34
N VAL L 236 79.40 -35.54 28.02
CA VAL L 236 80.68 -35.65 27.34
C VAL L 236 80.88 -34.42 26.47
N PRO L 237 82.11 -34.00 26.19
CA PRO L 237 82.33 -32.84 25.31
C PRO L 237 81.94 -33.15 23.88
N ARG L 238 81.90 -32.09 23.07
CA ARG L 238 81.07 -32.12 21.85
C ARG L 238 81.80 -32.60 20.61
N ALA L 239 82.63 -31.74 20.00
CA ALA L 239 83.17 -31.92 18.66
C ALA L 239 83.93 -30.66 18.29
N GLU L 240 84.43 -30.63 17.06
CA GLU L 240 84.63 -29.37 16.36
C GLU L 240 83.29 -28.62 16.26
N GLN L 241 83.35 -27.28 16.26
CA GLN L 241 82.22 -26.43 16.62
C GLN L 241 81.06 -26.44 15.61
N ALA L 242 81.22 -27.10 14.47
CA ALA L 242 80.10 -27.21 13.54
C ALA L 242 79.04 -28.19 14.07
N GLU L 243 77.85 -28.09 13.50
CA GLU L 243 76.67 -28.83 13.93
C GLU L 243 76.41 -30.00 12.99
N ARG L 244 77.09 -31.11 13.25
CA ARG L 244 76.89 -32.35 12.49
C ARG L 244 76.28 -33.41 13.40
N LYS L 245 75.43 -34.26 12.82
CA LYS L 245 74.64 -35.21 13.59
C LYS L 245 74.12 -36.30 12.65
N GLY L 246 73.25 -37.15 13.18
CA GLY L 246 72.58 -38.20 12.43
C GLY L 246 71.26 -38.53 13.12
N LYS L 247 70.83 -39.79 12.98
CA LYS L 247 69.55 -40.21 13.55
C LYS L 247 69.45 -41.73 13.61
N VAL L 248 68.70 -42.21 14.61
CA VAL L 248 68.26 -43.61 14.72
C VAL L 248 67.02 -43.60 15.62
N HIS L 249 66.19 -44.64 15.49
CA HIS L 249 64.83 -44.66 16.04
C HIS L 249 64.78 -45.29 17.43
N ILE L 250 63.69 -45.01 18.13
CA ILE L 250 63.46 -45.49 19.49
C ILE L 250 62.27 -46.44 19.47
N PRO L 251 62.36 -47.61 20.07
CA PRO L 251 61.24 -48.55 20.00
C PRO L 251 60.13 -48.25 21.00
N PHE L 252 59.18 -49.17 21.12
CA PHE L 252 58.04 -49.18 22.05
C PHE L 252 57.08 -48.00 21.86
N PRO L 253 56.21 -48.02 20.84
CA PRO L 253 55.15 -47.02 20.73
C PRO L 253 53.99 -47.28 21.68
N LEU L 254 52.90 -46.53 21.52
CA LEU L 254 51.77 -46.57 22.44
C LEU L 254 50.50 -46.95 21.70
N ILE L 255 49.57 -47.60 22.41
CA ILE L 255 48.21 -47.84 21.94
C ILE L 255 47.25 -47.82 23.13
N ASN L 256 45.96 -47.90 22.80
CA ASN L 256 44.88 -47.80 23.76
C ASN L 256 44.22 -49.17 23.93
N THR L 257 43.98 -49.57 25.18
CA THR L 257 43.44 -50.89 25.49
C THR L 257 42.52 -50.79 26.68
N THR L 258 42.20 -51.94 27.27
CA THR L 258 41.32 -52.06 28.40
C THR L 258 42.07 -52.62 29.60
N CYS L 259 41.38 -52.66 30.73
CA CYS L 259 41.96 -52.85 32.06
C CYS L 259 40.80 -53.12 33.01
N ARG L 260 41.09 -53.78 34.14
CA ARG L 260 40.02 -54.28 34.99
C ARG L 260 40.05 -53.57 36.34
N VAL L 261 38.88 -53.46 36.97
CA VAL L 261 38.56 -52.55 38.08
C VAL L 261 37.82 -53.30 39.18
N PRO L 262 38.08 -53.04 40.47
CA PRO L 262 37.61 -53.95 41.54
C PRO L 262 36.10 -54.02 41.81
N LEU L 263 35.32 -52.96 41.62
CA LEU L 263 33.85 -52.94 41.83
C LEU L 263 33.49 -53.26 43.29
N ALA L 264 33.72 -52.27 44.15
CA ALA L 264 33.35 -52.20 45.57
C ALA L 264 31.92 -52.66 45.85
N PRO L 265 31.63 -53.27 47.05
CA PRO L 265 30.34 -53.95 47.23
C PRO L 265 29.12 -53.05 47.39
N GLU L 266 27.97 -53.67 47.67
CA GLU L 266 26.67 -53.05 47.53
C GLU L 266 26.40 -52.09 48.68
N ALA L 267 25.62 -51.05 48.39
CA ALA L 267 25.14 -50.09 49.38
C ALA L 267 23.64 -50.23 49.48
N LEU L 268 23.15 -50.56 50.68
CA LEU L 268 21.73 -50.76 50.91
C LEU L 268 21.14 -49.53 51.59
N VAL L 269 19.93 -49.16 51.17
CA VAL L 269 19.35 -47.85 51.48
C VAL L 269 18.24 -48.03 52.51
N ARG L 270 17.97 -46.98 53.28
CA ARG L 270 16.92 -46.96 54.28
C ARG L 270 16.24 -45.60 54.24
N SER L 271 14.93 -45.58 54.52
CA SER L 271 14.09 -44.41 54.32
C SER L 271 13.70 -43.76 55.63
N GLY L 272 13.40 -42.46 55.56
CA GLY L 272 12.77 -41.77 56.67
C GLY L 272 12.03 -40.58 56.09
N LYS L 273 11.13 -40.01 56.88
CA LYS L 273 10.22 -39.01 56.34
C LYS L 273 10.99 -37.75 56.01
N ARG L 274 11.00 -37.44 54.71
CA ARG L 274 11.62 -36.34 53.99
C ARG L 274 13.13 -36.55 53.80
N GLU L 275 13.74 -37.61 54.35
CA GLU L 275 15.15 -37.83 54.05
C GLU L 275 15.53 -39.30 54.05
N ALA L 276 16.38 -39.67 53.10
CA ALA L 276 16.84 -41.05 52.98
C ALA L 276 18.26 -41.13 53.52
N THR L 277 18.53 -42.18 54.28
CA THR L 277 19.85 -42.36 54.87
C THR L 277 20.53 -43.55 54.21
N LEU L 278 21.83 -43.66 54.40
CA LEU L 278 22.61 -44.72 53.79
C LEU L 278 23.34 -45.52 54.87
N SER L 279 23.88 -46.65 54.44
CA SER L 279 24.85 -47.40 55.22
C SER L 279 25.86 -47.99 54.25
N LEU L 280 27.13 -48.00 54.65
CA LEU L 280 28.19 -48.39 53.74
C LEU L 280 29.05 -49.45 54.41
N HIS L 281 29.73 -50.25 53.58
CA HIS L 281 30.68 -51.24 54.08
C HIS L 281 31.82 -51.38 53.09
N PRO L 282 32.83 -50.52 53.20
CA PRO L 282 33.94 -50.56 52.24
C PRO L 282 35.02 -51.54 52.61
N ILE L 283 35.64 -52.11 51.57
CA ILE L 283 36.82 -52.96 51.77
C ILE L 283 38.09 -52.13 51.77
N HIS L 284 38.14 -51.18 50.83
CA HIS L 284 39.30 -50.34 50.57
C HIS L 284 38.78 -49.13 49.78
N PRO L 285 39.39 -47.93 49.92
CA PRO L 285 38.62 -46.67 49.87
C PRO L 285 37.85 -46.40 48.58
N THR L 286 36.79 -45.60 48.71
CA THR L 286 35.75 -45.48 47.71
C THR L 286 35.43 -43.99 47.59
N LEU L 287 34.29 -43.62 46.99
CA LEU L 287 33.88 -42.24 46.81
C LEU L 287 32.37 -42.14 46.86
N LEU L 288 31.86 -41.01 47.34
CA LEU L 288 30.45 -40.64 47.20
C LEU L 288 30.33 -39.29 46.49
N SER L 289 29.09 -38.99 46.10
CA SER L 289 28.66 -37.72 45.54
C SER L 289 27.14 -37.77 45.45
N TYR L 290 26.52 -36.59 45.38
CA TYR L 290 25.08 -36.51 45.20
C TYR L 290 24.70 -35.16 44.64
N ARG L 291 23.81 -35.15 43.66
CA ARG L 291 23.28 -33.89 43.16
C ARG L 291 21.88 -33.64 43.70
N THR L 292 21.33 -32.49 43.33
CA THR L 292 19.93 -32.21 43.57
C THR L 292 19.37 -31.59 42.28
N LEU L 293 18.19 -32.04 41.87
CA LEU L 293 17.68 -31.78 40.55
C LEU L 293 16.76 -30.57 40.53
N GLY L 294 17.05 -29.57 41.33
CA GLY L 294 16.38 -28.28 41.30
C GLY L 294 17.10 -27.29 40.40
N ARG L 295 17.12 -26.03 40.81
CA ARG L 295 17.83 -25.03 40.03
C ARG L 295 19.21 -24.71 40.58
N GLU L 296 19.44 -24.85 41.88
CA GLU L 296 20.75 -24.66 42.45
C GLU L 296 21.13 -25.88 43.29
N PRO L 297 22.17 -26.59 42.92
CA PRO L 297 22.47 -27.87 43.59
C PRO L 297 23.16 -27.65 44.93
N VAL L 298 23.56 -28.76 45.56
CA VAL L 298 24.27 -28.68 46.83
C VAL L 298 25.60 -29.45 46.81
N PHE L 299 25.70 -30.45 45.93
CA PHE L 299 26.92 -31.06 45.37
C PHE L 299 28.07 -31.34 46.35
N ASP L 300 27.76 -31.76 47.57
CA ASP L 300 28.85 -32.15 48.47
C ASP L 300 29.31 -33.57 48.17
N GLU L 301 30.62 -33.82 48.38
CA GLU L 301 31.21 -35.11 48.08
C GLU L 301 32.52 -35.27 48.83
N GLN L 302 32.84 -36.49 49.26
CA GLN L 302 33.93 -36.71 50.19
C GLN L 302 34.32 -38.19 50.26
N TRP L 303 35.62 -38.45 50.44
CA TRP L 303 36.20 -39.79 50.48
C TRP L 303 35.92 -40.47 51.80
N ILE L 304 35.71 -41.79 51.77
CA ILE L 304 35.50 -42.57 52.99
C ILE L 304 36.45 -43.75 53.00
N THR L 305 36.82 -44.21 54.19
CA THR L 305 37.76 -45.32 54.34
C THR L 305 37.23 -46.43 55.24
N THR L 306 36.52 -46.09 56.30
CA THR L 306 36.02 -47.04 57.28
C THR L 306 34.50 -46.95 57.33
N GLN L 307 33.86 -47.97 57.89
CA GLN L 307 32.41 -48.10 57.69
C GLN L 307 31.68 -47.15 58.65
N THR L 308 30.86 -46.30 58.07
CA THR L 308 30.08 -45.28 58.79
C THR L 308 28.73 -45.21 58.11
N GLU L 309 28.00 -44.12 58.37
CA GLU L 309 26.78 -43.83 57.64
C GLU L 309 26.70 -42.33 57.42
N VAL L 310 26.13 -41.93 56.29
CA VAL L 310 25.94 -40.53 55.96
C VAL L 310 24.52 -40.35 55.46
N THR L 311 23.98 -39.14 55.63
CA THR L 311 22.62 -38.84 55.24
C THR L 311 22.60 -37.81 54.13
N ILE L 312 21.57 -37.88 53.30
CA ILE L 312 21.37 -36.96 52.18
C ILE L 312 20.13 -36.17 52.55
N PRO L 313 19.83 -35.03 51.93
CA PRO L 313 18.45 -34.59 51.91
C PRO L 313 17.77 -35.06 50.64
N VAL L 314 16.44 -35.04 50.58
CA VAL L 314 15.76 -35.35 49.33
C VAL L 314 14.47 -34.55 49.20
N PRO L 315 14.43 -33.59 48.29
CA PRO L 315 13.22 -32.76 48.11
C PRO L 315 12.18 -33.46 47.27
N VAL L 316 11.16 -32.71 46.86
CA VAL L 316 10.06 -33.24 46.08
C VAL L 316 10.40 -33.14 44.59
N GLU L 317 11.64 -32.80 44.28
CA GLU L 317 12.10 -32.74 42.90
C GLU L 317 13.06 -33.84 42.51
N GLY L 318 13.86 -34.36 43.45
CA GLY L 318 14.64 -35.56 43.16
C GLY L 318 16.12 -35.42 43.34
N VAL L 319 16.81 -36.45 43.85
CA VAL L 319 18.26 -36.43 43.98
C VAL L 319 18.81 -37.76 43.49
N GLU L 320 20.13 -37.80 43.33
CA GLU L 320 20.78 -39.01 42.86
C GLU L 320 22.22 -39.05 43.32
N TYR L 321 22.67 -40.24 43.69
CA TYR L 321 23.98 -40.54 44.23
C TYR L 321 24.73 -41.49 43.30
N ARG L 322 25.98 -41.77 43.65
CA ARG L 322 26.81 -42.68 42.84
C ARG L 322 27.93 -43.21 43.72
N TRP L 323 27.89 -44.52 44.00
CA TRP L 323 28.77 -45.18 44.95
C TRP L 323 29.73 -46.10 44.20
N GLY L 324 30.96 -45.65 44.01
CA GLY L 324 31.97 -46.52 43.44
C GLY L 324 31.93 -46.55 41.95
N ASN L 325 32.13 -47.73 41.36
CA ASN L 325 32.14 -47.91 39.92
C ASN L 325 30.80 -48.45 39.43
N HIS L 326 29.70 -47.77 39.76
CA HIS L 326 28.36 -48.19 39.40
C HIS L 326 27.64 -47.14 38.57
N LYS L 327 26.72 -47.60 37.76
CA LYS L 327 25.88 -46.63 37.07
C LYS L 327 24.85 -46.06 38.05
N PRO L 328 24.53 -44.77 37.94
CA PRO L 328 23.90 -44.07 39.06
C PRO L 328 22.44 -44.44 39.27
N GLN L 329 21.93 -44.08 40.44
CA GLN L 329 20.58 -44.42 40.86
C GLN L 329 19.84 -43.16 41.25
N ARG L 330 18.75 -42.88 40.56
CA ARG L 330 17.92 -41.71 40.83
C ARG L 330 16.91 -42.05 41.90
N LEU L 331 16.41 -41.02 42.61
CA LEU L 331 15.66 -41.27 43.82
C LEU L 331 14.84 -40.03 44.15
N TRP L 332 13.51 -40.10 44.02
CA TRP L 332 12.61 -38.99 44.28
C TRP L 332 12.01 -39.12 45.68
N SER L 333 10.99 -38.30 45.96
CA SER L 333 10.26 -38.39 47.21
C SER L 333 8.78 -38.19 46.96
N GLN L 334 7.96 -38.87 47.76
CA GLN L 334 6.54 -39.01 47.47
C GLN L 334 5.74 -38.12 48.42
N LEU L 335 4.56 -37.69 47.97
CA LEU L 335 3.78 -36.70 48.71
C LEU L 335 3.05 -37.39 49.84
N THR L 336 3.53 -37.19 51.07
CA THR L 336 2.91 -37.79 52.25
C THR L 336 2.67 -36.75 53.33
N THR L 337 1.65 -37.00 54.15
CA THR L 337 1.30 -36.07 55.23
C THR L 337 1.56 -36.72 56.59
N GLU L 338 0.61 -36.56 57.51
CA GLU L 338 0.73 -37.13 58.85
C GLU L 338 -0.62 -37.22 59.54
N GLY L 339 -1.56 -36.39 59.11
CA GLY L 339 -2.90 -36.39 59.67
C GLY L 339 -3.93 -37.02 58.77
N ARG L 340 -5.20 -36.68 58.99
CA ARG L 340 -6.29 -37.21 58.18
C ARG L 340 -6.60 -36.31 56.99
N ALA L 341 -7.87 -36.25 56.61
CA ALA L 341 -8.30 -35.42 55.50
C ALA L 341 -9.78 -35.10 55.57
N HIS L 342 -10.40 -35.39 56.71
CA HIS L 342 -11.81 -35.13 56.90
C HIS L 342 -12.04 -35.11 58.40
N GLY L 343 -12.90 -34.21 58.86
CA GLY L 343 -13.33 -34.27 60.24
C GLY L 343 -13.43 -32.95 60.97
N TRP L 344 -12.77 -32.86 62.10
CA TRP L 344 -12.85 -31.67 62.90
C TRP L 344 -11.81 -30.67 62.41
N PRO L 345 -12.16 -29.39 62.36
CA PRO L 345 -11.31 -28.41 61.67
C PRO L 345 -10.03 -28.09 62.41
N HIS L 346 -9.81 -28.67 63.59
CA HIS L 346 -8.51 -28.52 64.22
C HIS L 346 -7.53 -29.35 63.43
N GLU L 347 -8.02 -30.40 62.80
CA GLU L 347 -7.14 -31.35 62.16
C GLU L 347 -6.83 -30.95 60.74
N ILE L 348 -7.76 -30.29 60.07
CA ILE L 348 -7.59 -30.05 58.65
C ILE L 348 -6.52 -29.02 58.40
N ILE L 349 -6.42 -28.04 59.30
CA ILE L 349 -5.45 -26.99 59.12
C ILE L 349 -4.03 -27.49 59.28
N GLU L 350 -3.80 -28.42 60.19
CA GLU L 350 -2.46 -28.94 60.30
C GLU L 350 -2.16 -29.99 59.27
N TYR L 351 -3.18 -30.55 58.63
CA TYR L 351 -2.95 -31.42 57.50
C TYR L 351 -2.23 -30.72 56.37
N TYR L 352 -2.54 -29.46 56.13
CA TYR L 352 -1.80 -28.70 55.13
C TYR L 352 -0.43 -28.29 55.62
N TYR L 353 -0.23 -28.17 56.92
CA TYR L 353 1.03 -27.71 57.48
C TYR L 353 2.19 -28.63 57.18
N GLY L 354 1.93 -29.91 57.01
CA GLY L 354 2.96 -30.79 56.49
C GLY L 354 3.18 -30.70 55.01
N LEU L 355 2.54 -29.78 54.33
CA LEU L 355 2.67 -29.71 52.89
C LEU L 355 3.18 -28.38 52.38
N HIS L 356 2.63 -27.28 52.82
CA HIS L 356 3.08 -25.98 52.36
C HIS L 356 3.34 -25.07 53.54
N PRO L 357 4.28 -25.42 54.41
CA PRO L 357 4.28 -24.87 55.77
C PRO L 357 4.56 -23.40 55.87
N THR L 358 4.81 -22.73 54.76
CA THR L 358 4.93 -21.29 54.71
C THR L 358 3.55 -20.67 54.72
N THR L 359 2.79 -20.94 53.67
CA THR L 359 1.58 -20.20 53.39
C THR L 359 0.44 -20.61 54.30
N THR L 360 0.63 -21.72 55.01
CA THR L 360 -0.28 -22.15 56.06
C THR L 360 -0.48 -21.08 57.10
N ILE L 361 0.59 -20.38 57.42
CA ILE L 361 0.47 -19.26 58.33
C ILE L 361 -0.24 -18.12 57.63
N VAL L 362 0.11 -17.91 56.37
CA VAL L 362 -0.32 -16.75 55.61
C VAL L 362 -1.81 -16.76 55.39
N VAL L 363 -2.42 -17.93 55.39
CA VAL L 363 -3.87 -17.92 55.41
C VAL L 363 -4.40 -17.71 56.80
N VAL L 364 -3.81 -18.32 57.82
CA VAL L 364 -4.52 -18.50 59.07
C VAL L 364 -4.55 -17.21 59.87
N ILE L 365 -3.62 -16.31 59.58
CA ILE L 365 -3.58 -15.10 60.38
C ILE L 365 -4.53 -14.08 59.78
N ARG L 366 -4.70 -14.11 58.47
CA ARG L 366 -5.59 -13.13 57.86
C ARG L 366 -7.04 -13.46 58.10
N VAL L 367 -7.36 -14.75 58.22
CA VAL L 367 -8.75 -15.08 58.49
C VAL L 367 -9.08 -14.78 59.95
N SER L 368 -8.08 -14.80 60.80
CA SER L 368 -8.32 -14.49 62.20
C SER L 368 -8.55 -13.00 62.40
N VAL L 369 -8.00 -12.18 61.51
CA VAL L 369 -8.11 -10.77 61.77
C VAL L 369 -9.30 -10.17 61.04
N VAL L 370 -9.78 -10.84 60.00
CA VAL L 370 -10.97 -10.33 59.35
C VAL L 370 -12.20 -10.71 60.15
N VAL L 371 -12.07 -11.68 61.06
CA VAL L 371 -13.26 -12.08 61.79
C VAL L 371 -13.42 -11.21 63.04
N LEU L 372 -12.31 -10.82 63.66
CA LEU L 372 -12.45 -10.29 65.00
C LEU L 372 -12.81 -8.82 64.95
N LEU L 373 -12.42 -8.13 63.87
CA LEU L 373 -12.72 -6.71 63.82
C LEU L 373 -14.18 -6.52 63.50
N SER L 374 -14.77 -7.50 62.83
CA SER L 374 -16.18 -7.45 62.53
C SER L 374 -16.98 -7.77 63.77
N PHE L 375 -16.47 -8.70 64.58
CA PHE L 375 -16.90 -8.82 65.95
C PHE L 375 -16.74 -7.50 66.68
N ALA L 376 -15.59 -6.85 66.49
CA ALA L 376 -15.37 -5.58 67.13
C ALA L 376 -16.23 -4.49 66.50
N ALA L 377 -16.55 -4.64 65.22
CA ALA L 377 -17.43 -3.66 64.59
C ALA L 377 -18.83 -3.79 65.13
N SER L 378 -19.30 -5.03 65.24
CA SER L 378 -20.70 -5.30 65.55
C SER L 378 -21.08 -4.79 66.92
N VAL L 379 -20.16 -4.89 67.86
CA VAL L 379 -20.43 -4.38 69.19
C VAL L 379 -20.29 -2.87 69.20
N TYR L 380 -19.56 -2.32 68.24
CA TYR L 380 -19.20 -0.91 68.32
C TYR L 380 -20.38 -0.03 67.98
N MET L 381 -21.23 -0.46 67.06
CA MET L 381 -22.32 0.43 66.68
C MET L 381 -23.61 0.07 67.40
N CYS L 382 -23.67 -1.11 68.00
CA CYS L 382 -24.92 -1.47 68.66
C CYS L 382 -25.07 -0.68 69.94
N VAL L 383 -23.96 -0.28 70.54
CA VAL L 383 -24.02 0.42 71.81
C VAL L 383 -24.42 1.87 71.59
N VAL L 384 -23.97 2.45 70.48
CA VAL L 384 -24.23 3.87 70.28
C VAL L 384 -25.67 4.07 69.87
N ALA L 385 -26.29 3.02 69.34
CA ALA L 385 -27.72 3.02 69.22
C ALA L 385 -28.38 2.98 70.57
N ARG L 386 -27.90 2.13 71.47
CA ARG L 386 -28.40 2.08 72.82
C ARG L 386 -28.15 3.39 73.53
N THR L 387 -27.06 4.06 73.19
CA THR L 387 -26.84 5.40 73.69
C THR L 387 -27.91 6.36 73.23
N LYS L 388 -28.10 6.50 71.93
CA LYS L 388 -29.08 7.44 71.41
C LYS L 388 -30.50 7.06 71.76
N CYS L 389 -30.78 5.76 71.90
CA CYS L 389 -32.12 5.37 72.28
C CYS L 389 -32.38 5.67 73.73
N LEU L 390 -31.32 5.73 74.52
CA LEU L 390 -31.50 6.03 75.93
C LEU L 390 -31.39 7.49 76.25
N THR L 391 -30.45 8.21 75.65
CA THR L 391 -29.92 9.41 76.28
C THR L 391 -30.86 10.59 76.54
N PRO L 392 -31.96 10.86 75.79
CA PRO L 392 -32.77 12.00 76.20
C PRO L 392 -33.53 11.70 77.47
N TYR L 393 -33.78 10.42 77.71
CA TYR L 393 -34.45 9.99 78.94
C TYR L 393 -33.58 10.27 80.15
N ALA L 394 -32.28 10.38 79.96
CA ALA L 394 -31.39 10.66 81.07
C ALA L 394 -31.51 12.11 81.52
N LEU L 395 -32.05 12.96 80.67
CA LEU L 395 -31.83 14.38 80.83
C LEU L 395 -32.90 15.09 81.64
N THR L 396 -34.12 14.63 81.58
CA THR L 396 -35.22 15.31 82.21
C THR L 396 -35.11 15.24 83.72
N PRO L 397 -35.66 16.18 84.42
CA PRO L 397 -35.91 15.98 85.85
C PRO L 397 -37.15 15.14 86.08
N GLY L 398 -37.04 13.86 85.80
CA GLY L 398 -38.13 12.94 85.98
C GLY L 398 -37.75 11.62 85.38
N ALA L 399 -37.98 10.55 86.15
CA ALA L 399 -37.36 9.28 85.81
C ALA L 399 -38.38 8.32 85.24
N VAL L 400 -39.29 8.85 84.45
CA VAL L 400 -40.35 8.01 83.91
C VAL L 400 -39.84 7.32 82.66
N VAL L 401 -39.05 6.28 82.88
CA VAL L 401 -38.63 5.43 81.78
C VAL L 401 -39.76 4.43 81.52
N PRO L 402 -40.17 4.25 80.27
CA PRO L 402 -41.25 3.30 79.98
C PRO L 402 -40.78 1.87 80.06
N VAL L 403 -41.69 0.94 79.85
CA VAL L 403 -41.31 -0.46 79.85
C VAL L 403 -40.76 -0.81 78.48
N THR L 404 -39.49 -0.48 78.26
CA THR L 404 -38.83 -0.76 77.01
C THR L 404 -37.58 -1.54 77.38
N ILE L 405 -37.72 -2.39 78.38
CA ILE L 405 -36.56 -3.14 78.82
C ILE L 405 -36.35 -4.30 77.87
N GLY L 406 -35.55 -4.02 76.87
CA GLY L 406 -34.90 -5.02 76.09
C GLY L 406 -33.56 -4.41 75.81
N VAL L 407 -33.29 -3.30 76.50
CA VAL L 407 -32.18 -2.44 76.11
C VAL L 407 -31.37 -2.10 77.35
N LEU L 408 -31.56 -2.91 78.41
CA LEU L 408 -30.77 -2.88 79.65
C LEU L 408 -30.90 -1.54 80.36
N CYS L 409 -32.12 -1.26 80.77
CA CYS L 409 -32.49 0.01 81.35
C CYS L 409 -31.86 0.18 82.72
N CYS L 410 -31.53 1.41 83.08
CA CYS L 410 -31.00 1.71 84.41
C CYS L 410 -32.09 1.65 85.47
#